data_4QOY
#
_entry.id   4QOY
#
_cell.length_a   210.940
_cell.length_b   326.840
_cell.length_c   77.210
_cell.angle_alpha   90.000
_cell.angle_beta   90.000
_cell.angle_gamma   90.000
#
_symmetry.space_group_name_H-M   'P 21 21 2'
#
loop_
_entity.id
_entity.type
_entity.pdbx_description
1 polymer 'Pyruvate dehydrogenase E1 component'
2 polymer 'Pyruvate dehydrogenase (Dihydrolipoyltransacetylase component)'
3 water water
#
loop_
_entity_poly.entity_id
_entity_poly.type
_entity_poly.pdbx_seq_one_letter_code
_entity_poly.pdbx_strand_id
1 'polypeptide(L)'
;SERFPNDVDPIETRDWLQAIESVIREEGVERAQYLIDQLLAEARKGGVNVAAGTGISNYINTIPVEEQPEYPGNLELERR
IRSAIRWNAIMTVLRASKKDLELGGHMASFQSSATIYDVCFNHFFRARNEQDGGDLVYFQGHISPGVYARAFLEGRLTQE
QLDNFRQEVHGNGLSSYPHPKLMPEFWQFPTVSMGLGPIGAIYQAKFLKYLEHRGLKDTSKQTVYAFLGDGEMDEPESKG
AITIATREKLDNLVFVINCNLQRLDGPVTGNGKIINELEGIFEGAGWNVIKVMWGSRWDELLRKDTSGKLIQLMNETVDG
DYQTFKSKDGAYVREHFFGKYPETAALVADWTDEQIWALNRGGHDPKKIYAAFKKAQETKGKATVILAHTIKGYGMGDAA
EGKNIAHQVKKMNMDGVRHIRDRFNVPVSDADIEKLPYITFPEGSEEHTYLHAQRQKLHGYLPSRQPNFTEKLELPSLQD
FGALLEEQSKEISTTIAFVRALNVMLKNKSIKDRLVPIIADEARTFGMEGLFRQIGIYSPNGQQYTPQDREQVAYYKEDE
KGQILQEGINELGAGCSWLAAATSYSTNNLPMIPFYIYYSMFGFQRIGDLCWAAGDQQARGFLIGGTSGRTTLNGEGLQH
EDGHSHIQSLTIPNCISYDPAYAYEVAVIMHDGLERMYGEKQENVYYYITTLNENYHMPAMPEGAEEGIRKGIYKLETIE
GSKGKVQLLGSGSILRHVREAAEILAKDYGVGSDVYSVTSFTELARDGQDCERWNMLHPLETPRVPYIAQVMNDAPAVAS
TDYMKLFAEQVRTYVPADDYRVLGTDGFGRSDSRENLRHHFEVDASYVVVAALGELAKRGEIDKKVVADAIAKFNIDADK
VNPRLA
;
A,B,C,D
2 'polypeptide(L)' VHATPLIRRLAREFGVNLAKVKGTGRKGRILREDVQAYVKEAIKRA E,F
#
# COMPACT_ATOMS: atom_id res chain seq x y z
N PRO A 5 -48.71 7.75 -10.83
CA PRO A 5 -48.01 6.70 -11.60
C PRO A 5 -46.68 6.32 -10.91
N ASN A 6 -45.65 7.21 -10.99
CA ASN A 6 -44.30 7.15 -10.39
C ASN A 6 -43.37 5.97 -10.87
N ASP A 7 -43.89 5.03 -11.69
CA ASP A 7 -43.14 3.86 -12.21
C ASP A 7 -43.14 3.77 -13.74
N VAL A 8 -44.22 4.26 -14.40
CA VAL A 8 -44.48 4.24 -15.87
C VAL A 8 -44.68 2.78 -16.31
N ASP A 9 -43.59 2.00 -16.30
CA ASP A 9 -43.53 0.57 -16.66
C ASP A 9 -42.41 -0.04 -15.83
N PRO A 10 -42.72 -0.81 -14.76
CA PRO A 10 -41.64 -1.35 -13.92
C PRO A 10 -41.03 -2.66 -14.46
N ILE A 11 -41.71 -3.33 -15.42
CA ILE A 11 -41.28 -4.57 -16.07
C ILE A 11 -40.10 -4.27 -17.03
N GLU A 12 -40.14 -3.11 -17.72
CA GLU A 12 -39.09 -2.63 -18.63
C GLU A 12 -37.84 -2.27 -17.81
N THR A 13 -38.03 -1.67 -16.62
CA THR A 13 -36.99 -1.31 -15.65
C THR A 13 -36.27 -2.59 -15.19
N ARG A 14 -37.03 -3.71 -14.96
CA ARG A 14 -36.50 -5.02 -14.55
C ARG A 14 -35.54 -5.54 -15.61
N ASP A 15 -35.92 -5.45 -16.91
CA ASP A 15 -35.13 -5.91 -18.06
C ASP A 15 -33.80 -5.16 -18.17
N TRP A 16 -33.85 -3.84 -17.99
CA TRP A 16 -32.67 -2.97 -18.09
C TRP A 16 -31.68 -3.23 -16.95
N LEU A 17 -32.19 -3.29 -15.70
CA LEU A 17 -31.41 -3.57 -14.50
C LEU A 17 -30.92 -5.03 -14.46
N GLN A 18 -31.65 -5.98 -15.10
CA GLN A 18 -31.22 -7.38 -15.19
C GLN A 18 -30.16 -7.54 -16.31
N ALA A 19 -30.09 -6.58 -17.25
CA ALA A 19 -29.12 -6.58 -18.36
C ALA A 19 -27.71 -6.15 -17.88
N ILE A 20 -27.60 -5.12 -17.01
CA ILE A 20 -26.31 -4.63 -16.46
C ILE A 20 -25.78 -5.59 -15.38
N GLU A 21 -26.68 -6.25 -14.62
CA GLU A 21 -26.32 -7.23 -13.58
C GLU A 21 -25.67 -8.46 -14.24
N SER A 22 -26.23 -8.87 -15.40
CA SER A 22 -25.75 -9.99 -16.21
C SER A 22 -24.48 -9.59 -16.97
N VAL A 23 -24.29 -8.28 -17.27
CA VAL A 23 -23.09 -7.73 -17.91
C VAL A 23 -21.92 -7.79 -16.89
N ILE A 24 -22.22 -7.65 -15.59
CA ILE A 24 -21.25 -7.73 -14.49
C ILE A 24 -20.82 -9.23 -14.29
N ARG A 25 -21.70 -10.20 -14.68
CA ARG A 25 -21.45 -11.65 -14.69
C ARG A 25 -20.78 -12.08 -16.04
N GLU A 26 -20.38 -11.08 -16.85
CA GLU A 26 -19.72 -11.16 -18.16
C GLU A 26 -18.47 -10.26 -18.07
N GLU A 27 -17.60 -10.56 -17.08
CA GLU A 27 -16.39 -9.81 -16.74
C GLU A 27 -16.69 -8.30 -16.73
N GLY A 28 -17.68 -7.93 -15.92
CA GLY A 28 -18.17 -6.57 -15.79
C GLY A 28 -17.27 -5.64 -15.02
N VAL A 29 -17.89 -4.64 -14.34
CA VAL A 29 -17.23 -3.58 -13.57
C VAL A 29 -16.46 -2.68 -14.57
N GLU A 30 -15.53 -3.27 -15.37
CA GLU A 30 -14.76 -2.62 -16.43
C GLU A 30 -15.59 -2.54 -17.73
N ARG A 31 -16.21 -3.70 -18.13
CA ARG A 31 -17.09 -3.82 -19.31
C ARG A 31 -18.38 -3.06 -19.07
N ALA A 32 -18.89 -3.11 -17.81
CA ALA A 32 -20.12 -2.44 -17.36
C ALA A 32 -19.97 -0.92 -17.45
N GLN A 33 -18.77 -0.39 -17.06
CA GLN A 33 -18.43 1.04 -17.10
C GLN A 33 -18.35 1.55 -18.56
N TYR A 34 -17.70 0.77 -19.45
CA TYR A 34 -17.55 1.10 -20.88
C TYR A 34 -18.93 1.19 -21.56
N LEU A 35 -19.86 0.27 -21.19
CA LEU A 35 -21.23 0.23 -21.72
C LEU A 35 -22.08 1.39 -21.18
N ILE A 36 -21.93 1.74 -19.88
CA ILE A 36 -22.65 2.84 -19.23
C ILE A 36 -22.20 4.19 -19.84
N ASP A 37 -20.89 4.35 -20.12
CA ASP A 37 -20.34 5.58 -20.72
C ASP A 37 -20.78 5.73 -22.17
N GLN A 38 -20.89 4.61 -22.91
CA GLN A 38 -21.33 4.62 -24.31
C GLN A 38 -22.86 4.84 -24.38
N LEU A 39 -23.59 4.37 -23.34
CA LEU A 39 -25.05 4.54 -23.17
C LEU A 39 -25.35 6.02 -22.96
N LEU A 40 -24.70 6.63 -21.95
CA LEU A 40 -24.85 8.04 -21.54
C LEU A 40 -24.36 9.01 -22.64
N ALA A 41 -23.38 8.59 -23.48
CA ALA A 41 -22.89 9.38 -24.60
C ALA A 41 -23.99 9.44 -25.67
N GLU A 42 -24.69 8.30 -25.89
CA GLU A 42 -25.80 8.14 -26.82
C GLU A 42 -27.06 8.91 -26.33
N ALA A 43 -27.06 9.36 -25.05
CA ALA A 43 -28.12 10.18 -24.45
C ALA A 43 -27.98 11.65 -24.92
N ARG A 44 -27.46 11.82 -26.15
CA ARG A 44 -27.27 13.06 -26.90
C ARG A 44 -28.60 13.50 -27.51
N LYS A 45 -29.48 12.51 -27.80
CA LYS A 45 -30.83 12.72 -28.34
C LYS A 45 -31.85 12.81 -27.17
N GLY A 46 -31.31 12.96 -25.95
CA GLY A 46 -32.03 13.10 -24.69
C GLY A 46 -31.25 13.93 -23.68
N GLY A 47 -31.49 13.66 -22.39
CA GLY A 47 -30.84 14.39 -21.30
C GLY A 47 -29.97 13.54 -20.38
N VAL A 48 -29.31 14.21 -19.39
CA VAL A 48 -28.42 13.58 -18.39
C VAL A 48 -28.73 14.17 -16.97
N ASN A 49 -28.46 13.37 -15.91
CA ASN A 49 -28.70 13.75 -14.50
C ASN A 49 -27.74 12.99 -13.54
N VAL A 50 -27.71 13.41 -12.25
CA VAL A 50 -26.90 12.85 -11.17
C VAL A 50 -27.37 11.41 -10.83
N THR A 54 -30.86 11.48 -8.94
CA THR A 54 -31.08 11.07 -7.54
C THR A 54 -30.34 9.74 -7.26
N GLY A 55 -30.66 8.69 -8.04
CA GLY A 55 -30.05 7.38 -7.89
C GLY A 55 -30.34 6.68 -6.56
N ILE A 56 -31.58 6.15 -6.43
CA ILE A 56 -32.01 5.37 -5.28
C ILE A 56 -32.09 3.92 -5.75
N SER A 57 -31.41 3.03 -5.03
CA SER A 57 -31.39 1.62 -5.38
C SER A 57 -32.66 0.92 -4.86
N ASN A 58 -32.84 -0.37 -5.19
CA ASN A 58 -33.99 -1.14 -4.76
C ASN A 58 -34.06 -1.25 -3.23
N TYR A 59 -35.29 -1.43 -2.70
CA TYR A 59 -35.55 -1.55 -1.27
C TYR A 59 -35.16 -2.97 -0.76
N ILE A 60 -33.90 -3.37 -1.01
CA ILE A 60 -33.30 -4.64 -0.62
C ILE A 60 -31.89 -4.37 -0.10
N ASN A 61 -31.22 -5.40 0.48
CA ASN A 61 -29.86 -5.30 1.00
C ASN A 61 -28.87 -4.90 -0.07
N THR A 62 -27.91 -4.04 0.31
CA THR A 62 -26.85 -3.60 -0.59
C THR A 62 -25.92 -4.78 -0.89
N ILE A 63 -25.59 -5.56 0.14
CA ILE A 63 -24.66 -6.69 0.04
C ILE A 63 -25.46 -7.97 -0.16
N PRO A 64 -25.39 -8.57 -1.37
CA PRO A 64 -26.08 -9.85 -1.58
C PRO A 64 -25.36 -10.97 -0.85
N VAL A 65 -26.08 -12.07 -0.55
CA VAL A 65 -25.57 -13.26 0.16
C VAL A 65 -24.25 -13.76 -0.47
N GLU A 66 -24.18 -13.74 -1.82
CA GLU A 66 -23.05 -14.16 -2.65
C GLU A 66 -21.74 -13.46 -2.23
N GLU A 67 -21.83 -12.18 -1.81
CA GLU A 67 -20.70 -11.34 -1.42
C GLU A 67 -20.61 -11.14 0.10
N GLN A 68 -21.42 -11.86 0.87
CA GLN A 68 -21.48 -11.77 2.31
C GLN A 68 -20.35 -12.59 2.97
N PRO A 69 -19.55 -12.00 3.90
CA PRO A 69 -18.47 -12.79 4.54
C PRO A 69 -19.01 -13.81 5.55
N GLU A 70 -18.18 -14.80 5.88
CA GLU A 70 -18.48 -15.84 6.88
C GLU A 70 -18.56 -15.17 8.24
N TYR A 71 -19.65 -15.39 9.01
CA TYR A 71 -19.78 -14.81 10.35
C TYR A 71 -18.74 -15.45 11.29
N PRO A 72 -17.80 -14.66 11.88
CA PRO A 72 -16.72 -15.25 12.69
C PRO A 72 -17.09 -15.66 14.11
N GLY A 73 -18.23 -15.20 14.61
CA GLY A 73 -18.65 -15.48 15.97
C GLY A 73 -19.49 -16.73 16.15
N ASN A 74 -19.72 -17.09 17.42
CA ASN A 74 -20.55 -18.22 17.84
C ASN A 74 -21.94 -17.66 18.07
N LEU A 75 -22.78 -17.67 17.03
CA LEU A 75 -24.13 -17.11 17.04
C LEU A 75 -25.02 -17.57 18.21
N GLU A 76 -25.03 -18.88 18.57
CA GLU A 76 -25.85 -19.37 19.69
C GLU A 76 -25.35 -18.81 21.05
N LEU A 77 -24.01 -18.76 21.29
CA LEU A 77 -23.47 -18.16 22.52
C LEU A 77 -23.79 -16.67 22.59
N GLU A 78 -23.64 -15.97 21.46
CA GLU A 78 -23.90 -14.53 21.34
C GLU A 78 -25.36 -14.21 21.62
N ARG A 79 -26.28 -15.03 21.09
CA ARG A 79 -27.73 -14.90 21.29
C ARG A 79 -28.04 -14.98 22.82
N ARG A 80 -27.41 -15.93 23.56
CA ARG A 80 -27.57 -16.15 25.01
C ARG A 80 -27.09 -14.94 25.83
N ILE A 81 -25.92 -14.37 25.46
CA ILE A 81 -25.32 -13.22 26.13
C ILE A 81 -26.21 -12.00 25.86
N ARG A 82 -26.65 -11.80 24.61
CA ARG A 82 -27.51 -10.68 24.21
C ARG A 82 -28.85 -10.69 24.94
N SER A 83 -29.44 -11.88 25.21
CA SER A 83 -30.72 -11.97 25.91
C SER A 83 -30.60 -11.52 27.37
N ALA A 84 -29.43 -11.78 27.99
CA ALA A 84 -29.14 -11.34 29.36
C ALA A 84 -28.98 -9.83 29.40
N ILE A 85 -28.34 -9.24 28.35
CA ILE A 85 -28.15 -7.80 28.21
C ILE A 85 -29.56 -7.16 28.07
N ARG A 86 -30.39 -7.72 27.19
CA ARG A 86 -31.77 -7.27 26.94
C ARG A 86 -32.58 -7.28 28.24
N TRP A 87 -32.53 -8.40 28.99
CA TRP A 87 -33.26 -8.60 30.23
C TRP A 87 -32.80 -7.62 31.30
N ASN A 88 -31.49 -7.56 31.62
CA ASN A 88 -30.95 -6.63 32.63
C ASN A 88 -31.26 -5.15 32.27
N ALA A 89 -31.30 -4.79 30.97
CA ALA A 89 -31.66 -3.44 30.55
C ALA A 89 -33.11 -3.13 30.93
N ILE A 90 -34.05 -4.08 30.65
CA ILE A 90 -35.47 -3.96 30.97
C ILE A 90 -35.66 -3.95 32.51
N MET A 91 -34.93 -4.82 33.24
CA MET A 91 -34.98 -4.91 34.71
C MET A 91 -34.56 -3.60 35.36
N THR A 92 -33.51 -2.95 34.86
CA THR A 92 -32.97 -1.69 35.38
C THR A 92 -34.05 -0.60 35.35
N VAL A 93 -34.71 -0.43 34.17
CA VAL A 93 -35.77 0.55 33.91
C VAL A 93 -37.04 0.22 34.74
N LEU A 94 -37.46 -1.05 34.77
CA LEU A 94 -38.66 -1.46 35.52
C LEU A 94 -38.49 -1.28 37.01
N ARG A 95 -37.30 -1.59 37.55
CA ARG A 95 -37.02 -1.43 38.98
C ARG A 95 -37.07 0.05 39.37
N ALA A 96 -36.58 0.95 38.48
CA ALA A 96 -36.62 2.41 38.65
C ALA A 96 -38.07 2.92 38.63
N SER A 97 -38.90 2.32 37.77
CA SER A 97 -40.32 2.64 37.60
C SER A 97 -41.13 2.28 38.86
N LYS A 98 -40.79 1.13 39.50
CA LYS A 98 -41.43 0.60 40.71
C LYS A 98 -41.35 1.60 41.87
N LYS A 99 -40.28 2.43 41.92
CA LYS A 99 -40.03 3.44 42.94
C LYS A 99 -41.10 4.55 42.95
N ASP A 100 -41.75 4.78 41.80
CA ASP A 100 -42.82 5.78 41.60
C ASP A 100 -42.30 7.19 41.99
N LEU A 101 -41.18 7.60 41.36
CA LEU A 101 -40.49 8.87 41.62
C LEU A 101 -40.30 9.66 40.32
N GLU A 102 -41.01 9.25 39.24
CA GLU A 102 -40.99 9.86 37.90
C GLU A 102 -39.55 9.93 37.39
N LEU A 103 -38.82 8.82 37.54
CA LEU A 103 -37.41 8.72 37.16
C LEU A 103 -37.23 8.65 35.64
N GLY A 104 -38.05 7.86 34.96
CA GLY A 104 -37.95 7.71 33.51
C GLY A 104 -37.09 6.56 33.06
N GLY A 105 -36.77 6.55 31.77
CA GLY A 105 -35.96 5.51 31.15
C GLY A 105 -36.66 4.86 29.99
N HIS A 106 -35.89 4.50 28.95
CA HIS A 106 -36.43 3.89 27.73
C HIS A 106 -36.13 2.39 27.65
N MET A 107 -36.99 1.65 26.95
CA MET A 107 -36.84 0.21 26.76
C MET A 107 -36.92 -0.18 25.30
N ALA A 108 -37.89 0.39 24.55
CA ALA A 108 -38.15 0.11 23.14
C ALA A 108 -36.95 0.40 22.25
N SER A 109 -36.25 1.54 22.50
CA SER A 109 -35.12 2.01 21.73
C SER A 109 -33.99 0.99 21.72
N PHE A 110 -33.57 0.49 22.90
CA PHE A 110 -32.49 -0.49 22.94
C PHE A 110 -32.94 -1.83 22.35
N GLN A 111 -34.23 -2.20 22.50
CA GLN A 111 -34.72 -3.47 21.96
C GLN A 111 -34.58 -3.54 20.44
N SER A 112 -34.82 -2.42 19.74
CA SER A 112 -34.70 -2.40 18.29
C SER A 112 -33.24 -2.42 17.80
N SER A 113 -32.29 -1.86 18.57
CA SER A 113 -30.90 -1.75 18.13
C SER A 113 -29.92 -2.67 18.87
N ALA A 114 -30.39 -3.50 19.82
CA ALA A 114 -29.53 -4.37 20.62
C ALA A 114 -28.58 -5.22 19.79
N THR A 115 -29.07 -5.88 18.71
CA THR A 115 -28.25 -6.78 17.87
C THR A 115 -27.16 -5.98 17.10
N ILE A 116 -27.43 -4.71 16.72
CA ILE A 116 -26.46 -3.86 16.00
C ILE A 116 -25.25 -3.56 16.91
N TYR A 117 -25.52 -3.15 18.16
CA TYR A 117 -24.48 -2.86 19.15
C TYR A 117 -23.73 -4.13 19.54
N ASP A 118 -24.47 -5.26 19.64
CA ASP A 118 -23.92 -6.55 20.03
C ASP A 118 -22.85 -7.05 19.05
N VAL A 119 -23.12 -7.02 17.73
CA VAL A 119 -22.17 -7.43 16.67
C VAL A 119 -20.90 -6.57 16.80
N CYS A 120 -21.08 -5.26 17.06
CA CYS A 120 -20.00 -4.30 17.22
C CYS A 120 -19.14 -4.63 18.45
N PHE A 121 -19.77 -4.87 19.61
CA PHE A 121 -19.07 -5.19 20.85
C PHE A 121 -18.32 -6.51 20.76
N ASN A 122 -18.88 -7.48 20.03
CA ASN A 122 -18.26 -8.79 19.87
C ASN A 122 -17.19 -8.81 18.79
N HIS A 123 -17.31 -7.96 17.72
CA HIS A 123 -16.38 -8.06 16.59
C HIS A 123 -15.75 -6.74 16.06
N PHE A 124 -16.19 -5.54 16.47
CA PHE A 124 -15.63 -4.31 15.87
C PHE A 124 -15.06 -3.28 16.85
N PHE A 125 -15.81 -2.85 17.89
CA PHE A 125 -15.37 -1.80 18.81
C PHE A 125 -14.02 -2.08 19.46
N ARG A 126 -13.00 -1.25 19.12
CA ARG A 126 -11.66 -1.27 19.71
C ARG A 126 -11.68 -0.41 20.97
N ALA A 127 -11.27 -0.98 22.09
CA ALA A 127 -11.22 -0.21 23.33
C ALA A 127 -9.91 0.57 23.42
N ARG A 128 -9.80 1.47 24.42
CA ARG A 128 -8.57 2.23 24.67
C ARG A 128 -7.41 1.26 24.86
N ASN A 129 -6.29 1.52 24.20
CA ASN A 129 -5.11 0.66 24.24
C ASN A 129 -3.79 1.49 24.34
N GLU A 130 -2.65 0.84 24.08
CA GLU A 130 -1.32 1.44 24.18
C GLU A 130 -1.07 2.46 23.05
N GLN A 131 -1.40 2.09 21.79
CA GLN A 131 -1.19 2.94 20.62
C GLN A 131 -2.18 4.10 20.52
N ASP A 132 -3.48 3.90 20.86
CA ASP A 132 -4.47 4.96 20.72
C ASP A 132 -5.66 4.82 21.71
N GLY A 133 -6.60 5.78 21.69
CA GLY A 133 -7.78 5.75 22.54
C GLY A 133 -8.91 4.88 22.03
N GLY A 134 -8.58 3.97 21.10
CA GLY A 134 -9.50 3.01 20.46
C GLY A 134 -10.53 3.67 19.58
N ASP A 135 -11.69 2.98 19.37
CA ASP A 135 -12.83 3.49 18.60
C ASP A 135 -13.61 4.50 19.43
N LEU A 136 -14.08 5.58 18.79
CA LEU A 136 -14.82 6.63 19.47
C LEU A 136 -16.28 6.50 19.10
N VAL A 137 -17.07 5.90 20.01
CA VAL A 137 -18.47 5.60 19.79
C VAL A 137 -19.41 6.65 20.42
N TYR A 138 -20.28 7.20 19.57
CA TYR A 138 -21.34 8.14 19.93
C TYR A 138 -22.60 7.31 20.03
N PHE A 139 -22.79 6.66 21.20
CA PHE A 139 -23.94 5.81 21.50
C PHE A 139 -25.20 6.63 21.52
N GLN A 140 -26.34 6.07 21.08
CA GLN A 140 -27.61 6.78 21.22
C GLN A 140 -27.87 6.94 22.69
N GLY A 141 -28.25 8.14 23.10
CA GLY A 141 -28.52 8.44 24.50
C GLY A 141 -29.52 7.51 25.16
N HIS A 142 -30.64 7.26 24.48
CA HIS A 142 -31.77 6.45 24.94
C HIS A 142 -31.43 4.97 25.16
N ILE A 143 -30.35 4.42 24.54
CA ILE A 143 -29.98 3.01 24.72
C ILE A 143 -29.00 2.82 25.92
N SER A 144 -28.81 3.86 26.77
CA SER A 144 -27.92 3.78 27.94
C SER A 144 -28.22 2.58 28.85
N PRO A 145 -29.49 2.14 29.16
CA PRO A 145 -29.68 0.94 30.01
C PRO A 145 -29.09 -0.33 29.40
N GLY A 146 -28.96 -0.35 28.07
CA GLY A 146 -28.36 -1.45 27.33
C GLY A 146 -26.85 -1.49 27.51
N VAL A 147 -26.22 -0.31 27.61
CA VAL A 147 -24.77 -0.18 27.81
C VAL A 147 -24.45 -0.59 29.27
N TYR A 148 -25.26 -0.10 30.22
CA TYR A 148 -25.13 -0.42 31.64
C TYR A 148 -25.30 -1.92 31.89
N ALA A 149 -26.31 -2.55 31.24
CA ALA A 149 -26.61 -3.98 31.35
C ALA A 149 -25.43 -4.84 30.89
N ARG A 150 -24.72 -4.42 29.80
CA ARG A 150 -23.53 -5.12 29.30
C ARG A 150 -22.34 -4.92 30.25
N ALA A 151 -22.13 -3.67 30.71
CA ALA A 151 -21.07 -3.30 31.63
C ALA A 151 -21.19 -4.08 32.93
N PHE A 152 -22.46 -4.36 33.36
CA PHE A 152 -22.76 -5.14 34.57
C PHE A 152 -22.37 -6.60 34.36
N LEU A 153 -22.69 -7.18 33.18
CA LEU A 153 -22.34 -8.56 32.83
C LEU A 153 -20.83 -8.72 32.74
N GLU A 154 -20.12 -7.67 32.27
CA GLU A 154 -18.66 -7.59 32.16
C GLU A 154 -18.00 -7.41 33.56
N GLY A 155 -18.81 -7.17 34.59
CA GLY A 155 -18.38 -6.99 35.96
C GLY A 155 -17.80 -5.62 36.27
N ARG A 156 -18.15 -4.62 35.46
CA ARG A 156 -17.71 -3.22 35.56
C ARG A 156 -18.66 -2.34 36.37
N LEU A 157 -19.90 -2.81 36.52
CA LEU A 157 -20.93 -2.14 37.29
C LEU A 157 -21.54 -3.15 38.23
N THR A 158 -21.95 -2.71 39.42
CA THR A 158 -22.57 -3.60 40.41
C THR A 158 -24.09 -3.55 40.29
N GLN A 159 -24.77 -4.45 41.01
CA GLN A 159 -26.23 -4.51 41.07
C GLN A 159 -26.74 -3.24 41.76
N GLU A 160 -25.97 -2.73 42.74
CA GLU A 160 -26.24 -1.52 43.54
C GLU A 160 -26.38 -0.32 42.64
N GLN A 161 -25.49 -0.20 41.62
CA GLN A 161 -25.47 0.88 40.65
C GLN A 161 -26.68 0.77 39.74
N LEU A 162 -27.04 -0.45 39.27
CA LEU A 162 -28.22 -0.68 38.41
C LEU A 162 -29.50 -0.29 39.15
N ASP A 163 -29.55 -0.63 40.47
CA ASP A 163 -30.69 -0.33 41.34
C ASP A 163 -30.79 1.17 41.65
N ASN A 164 -29.74 1.97 41.30
CA ASN A 164 -29.73 3.41 41.49
C ASN A 164 -29.61 4.12 40.15
N PHE A 165 -30.17 3.49 39.10
CA PHE A 165 -30.23 4.05 37.76
C PHE A 165 -31.14 5.26 37.85
N ARG A 166 -30.65 6.41 37.35
CA ARG A 166 -31.32 7.71 37.37
C ARG A 166 -31.54 8.23 38.81
N GLN A 167 -30.67 7.83 39.76
CA GLN A 167 -30.65 8.29 41.16
C GLN A 167 -29.17 8.44 41.52
N GLU A 168 -28.54 9.51 41.00
CA GLU A 168 -27.10 9.71 41.11
C GLU A 168 -26.63 10.82 42.07
N VAL A 169 -27.54 11.59 42.72
CA VAL A 169 -27.15 12.67 43.65
C VAL A 169 -26.26 12.13 44.78
N HIS A 170 -26.59 10.96 45.34
CA HIS A 170 -25.86 10.38 46.48
C HIS A 170 -24.63 9.53 46.09
N GLY A 171 -24.18 9.65 44.84
CA GLY A 171 -22.98 9.01 44.30
C GLY A 171 -22.94 7.52 44.04
N ASN A 172 -23.98 6.75 44.38
CA ASN A 172 -23.92 5.31 44.12
C ASN A 172 -24.84 4.89 42.96
N GLY A 173 -25.01 5.78 41.98
CA GLY A 173 -25.91 5.54 40.86
C GLY A 173 -25.37 5.74 39.46
N LEU A 174 -26.30 5.74 38.48
CA LEU A 174 -25.99 5.87 37.06
C LEU A 174 -26.79 6.99 36.40
N SER A 175 -26.15 7.73 35.49
CA SER A 175 -26.75 8.84 34.73
C SER A 175 -27.80 8.31 33.80
N SER A 176 -28.79 9.14 33.49
CA SER A 176 -29.83 8.78 32.54
C SER A 176 -29.21 8.49 31.16
N TYR A 177 -28.30 9.37 30.71
CA TYR A 177 -27.67 9.33 29.39
C TYR A 177 -26.12 9.53 29.41
N PRO A 178 -25.39 9.43 28.24
CA PRO A 178 -23.92 9.63 28.27
C PRO A 178 -23.51 11.05 28.71
N HIS A 179 -23.14 11.18 30.01
CA HIS A 179 -22.70 12.46 30.59
C HIS A 179 -21.34 12.30 31.30
N PRO A 180 -20.22 12.58 30.57
CA PRO A 180 -18.89 12.45 31.17
C PRO A 180 -18.66 13.26 32.46
N LYS A 181 -19.26 14.46 32.60
CA LYS A 181 -19.14 15.29 33.82
C LYS A 181 -19.67 14.52 35.06
N LEU A 182 -20.72 13.71 34.87
CA LEU A 182 -21.35 12.94 35.95
C LEU A 182 -20.70 11.57 36.18
N MET A 183 -20.20 10.92 35.10
CA MET A 183 -19.54 9.60 35.14
C MET A 183 -18.21 9.73 34.38
N PRO A 184 -17.20 10.41 35.01
CA PRO A 184 -15.96 10.75 34.28
C PRO A 184 -15.02 9.60 33.95
N GLU A 185 -15.32 8.38 34.39
CA GLU A 185 -14.48 7.24 34.08
C GLU A 185 -15.21 6.23 33.19
N PHE A 186 -16.49 6.53 32.84
CA PHE A 186 -17.32 5.65 32.01
C PHE A 186 -17.68 6.28 30.67
N TRP A 187 -18.52 7.34 30.68
CA TRP A 187 -18.97 7.98 29.45
C TRP A 187 -17.94 8.92 28.86
N GLN A 188 -17.93 9.06 27.51
CA GLN A 188 -16.99 9.89 26.78
C GLN A 188 -17.62 10.99 25.93
N PHE A 189 -18.73 10.68 25.21
CA PHE A 189 -19.32 11.67 24.30
C PHE A 189 -20.81 11.91 24.54
N PRO A 190 -21.23 13.14 24.94
CA PRO A 190 -22.66 13.43 25.10
C PRO A 190 -23.43 13.36 23.76
N THR A 191 -24.56 12.65 23.72
CA THR A 191 -25.33 12.49 22.49
C THR A 191 -26.84 12.70 22.63
N VAL A 192 -27.36 12.74 23.88
CA VAL A 192 -28.80 12.82 24.11
C VAL A 192 -29.44 14.13 23.53
N SER A 193 -28.68 15.23 23.34
CA SER A 193 -29.19 16.40 22.63
C SER A 193 -28.97 16.07 21.15
N MET A 194 -30.04 15.62 20.51
CA MET A 194 -30.08 15.11 19.14
C MET A 194 -29.51 16.10 18.14
N GLY A 195 -28.80 15.58 17.14
CA GLY A 195 -28.18 16.36 16.09
C GLY A 195 -26.76 16.76 16.42
N LEU A 196 -26.42 16.85 17.73
CA LEU A 196 -25.08 17.24 18.15
C LEU A 196 -24.05 16.07 18.02
N GLY A 197 -24.53 14.83 18.17
CA GLY A 197 -23.69 13.64 18.00
C GLY A 197 -23.20 13.45 16.57
N PRO A 198 -24.07 13.49 15.53
CA PRO A 198 -23.56 13.30 14.15
C PRO A 198 -22.55 14.36 13.71
N ILE A 199 -22.79 15.66 13.96
CA ILE A 199 -21.87 16.73 13.58
C ILE A 199 -20.59 16.67 14.45
N GLY A 200 -20.73 16.32 15.73
CA GLY A 200 -19.58 16.18 16.61
C GLY A 200 -18.66 15.10 16.10
N ALA A 201 -19.26 13.95 15.69
CA ALA A 201 -18.54 12.79 15.17
C ALA A 201 -17.82 13.11 13.88
N ILE A 202 -18.43 13.90 12.97
CA ILE A 202 -17.81 14.32 11.70
C ILE A 202 -16.49 15.05 12.00
N TYR A 203 -16.51 16.03 12.92
CA TYR A 203 -15.34 16.84 13.24
C TYR A 203 -14.38 16.10 14.18
N GLN A 204 -14.86 15.06 14.89
CA GLN A 204 -13.99 14.19 15.69
C GLN A 204 -13.12 13.36 14.75
N ALA A 205 -13.75 12.72 13.74
CA ALA A 205 -13.08 11.94 12.69
C ALA A 205 -12.03 12.81 11.96
N LYS A 206 -12.41 14.05 11.61
CA LYS A 206 -11.54 15.02 10.94
C LYS A 206 -10.32 15.33 11.83
N PHE A 207 -10.56 15.53 13.15
CA PHE A 207 -9.50 15.84 14.12
C PHE A 207 -8.51 14.70 14.23
N LEU A 208 -8.98 13.44 14.20
CA LEU A 208 -8.07 12.27 14.26
C LEU A 208 -7.12 12.26 13.06
N LYS A 209 -7.63 12.63 11.87
CA LYS A 209 -6.80 12.72 10.65
C LYS A 209 -5.76 13.84 10.81
N TYR A 210 -6.16 14.98 11.43
CA TYR A 210 -5.31 16.13 11.69
C TYR A 210 -4.14 15.73 12.57
N LEU A 211 -4.39 14.93 13.62
CA LEU A 211 -3.34 14.45 14.52
C LEU A 211 -2.32 13.57 13.81
N GLU A 212 -2.77 12.75 12.83
CA GLU A 212 -1.88 11.88 12.07
C GLU A 212 -1.02 12.69 11.10
N HIS A 213 -1.67 13.56 10.27
CA HIS A 213 -0.98 14.39 9.28
C HIS A 213 0.02 15.33 9.92
N ARG A 214 -0.29 15.82 11.13
CA ARG A 214 0.60 16.72 11.87
C ARG A 214 1.73 15.94 12.59
N GLY A 215 1.66 14.60 12.53
CA GLY A 215 2.63 13.71 13.13
C GLY A 215 2.63 13.71 14.65
N LEU A 216 1.46 13.93 15.26
CA LEU A 216 1.35 14.00 16.71
C LEU A 216 0.93 12.65 17.33
N LYS A 217 0.09 11.87 16.60
CA LYS A 217 -0.34 10.56 17.06
C LYS A 217 -0.83 9.71 15.87
N ASP A 218 -0.44 8.42 15.84
CA ASP A 218 -0.93 7.49 14.82
C ASP A 218 -2.33 7.03 15.24
N THR A 219 -3.35 7.72 14.68
CA THR A 219 -4.77 7.53 14.92
C THR A 219 -5.42 6.65 13.84
N SER A 220 -4.60 6.12 12.90
CA SER A 220 -5.03 5.31 11.75
C SER A 220 -5.90 4.09 12.10
N LYS A 221 -5.69 3.46 13.28
CA LYS A 221 -6.44 2.29 13.68
C LYS A 221 -7.78 2.65 14.40
N GLN A 222 -8.08 3.96 14.59
CA GLN A 222 -9.29 4.44 15.27
C GLN A 222 -10.43 4.74 14.31
N THR A 223 -11.66 4.37 14.68
CA THR A 223 -12.88 4.62 13.91
C THR A 223 -13.88 5.35 14.78
N VAL A 224 -14.51 6.39 14.18
CA VAL A 224 -15.52 7.17 14.86
C VAL A 224 -16.87 6.61 14.42
N TYR A 225 -17.65 6.07 15.39
CA TYR A 225 -18.99 5.52 15.17
C TYR A 225 -20.03 6.46 15.71
N ALA A 226 -20.95 6.93 14.87
CA ALA A 226 -22.04 7.79 15.31
C ALA A 226 -23.35 7.02 15.13
N PHE A 227 -23.94 6.56 16.26
CA PHE A 227 -25.20 5.80 16.29
C PHE A 227 -26.38 6.75 16.41
N LEU A 228 -27.23 6.75 15.37
CA LEU A 228 -28.37 7.67 15.25
C LEU A 228 -29.67 6.96 14.97
N GLY A 229 -30.76 7.68 15.20
CA GLY A 229 -32.11 7.25 14.90
C GLY A 229 -32.56 8.03 13.69
N ASP A 230 -33.53 7.48 12.95
CA ASP A 230 -34.02 8.11 11.74
C ASP A 230 -34.73 9.47 12.02
N GLY A 231 -35.40 9.58 13.17
CA GLY A 231 -36.08 10.81 13.61
C GLY A 231 -35.13 11.95 13.93
N GLU A 232 -33.96 11.63 14.50
CA GLU A 232 -32.89 12.56 14.84
C GLU A 232 -32.32 13.23 13.59
N MET A 233 -32.42 12.56 12.42
CA MET A 233 -31.91 13.04 11.14
C MET A 233 -32.65 14.28 10.66
N ASP A 234 -33.82 14.60 11.26
CA ASP A 234 -34.58 15.82 10.93
C ASP A 234 -33.90 17.08 11.49
N GLU A 235 -32.96 16.92 12.44
CA GLU A 235 -32.21 18.02 13.02
C GLU A 235 -31.27 18.60 11.96
N PRO A 236 -31.29 19.93 11.74
CA PRO A 236 -30.41 20.51 10.69
C PRO A 236 -28.93 20.14 10.86
N GLU A 237 -28.49 19.97 12.10
CA GLU A 237 -27.13 19.62 12.49
C GLU A 237 -26.76 18.19 12.06
N SER A 238 -27.76 17.30 11.91
CA SER A 238 -27.55 15.89 11.56
C SER A 238 -27.04 15.71 10.13
N LYS A 239 -27.60 16.45 9.13
CA LYS A 239 -27.16 16.31 7.74
C LYS A 239 -26.49 17.58 7.18
N GLY A 240 -26.56 18.69 7.91
CA GLY A 240 -25.99 19.96 7.48
C GLY A 240 -24.49 20.02 7.21
N ALA A 241 -23.72 19.06 7.76
CA ALA A 241 -22.27 19.01 7.57
C ALA A 241 -21.78 17.68 6.95
N ILE A 242 -22.67 16.90 6.32
CA ILE A 242 -22.29 15.59 5.78
C ILE A 242 -21.39 15.71 4.53
N THR A 243 -21.38 16.85 3.80
CA THR A 243 -20.48 17.01 2.63
C THR A 243 -19.01 17.15 3.08
N ILE A 244 -18.78 17.54 4.35
CA ILE A 244 -17.43 17.69 4.92
C ILE A 244 -16.71 16.32 4.97
N ALA A 245 -17.47 15.23 5.27
CA ALA A 245 -16.90 13.89 5.34
C ALA A 245 -16.36 13.45 3.97
N THR A 246 -16.99 13.90 2.88
CA THR A 246 -16.57 13.60 1.50
C THR A 246 -15.36 14.47 1.11
N ARG A 247 -15.39 15.77 1.43
CA ARG A 247 -14.32 16.73 1.17
C ARG A 247 -13.03 16.32 1.83
N GLU A 248 -13.14 15.91 3.10
CA GLU A 248 -12.00 15.55 3.95
C GLU A 248 -11.71 14.04 3.92
N LYS A 249 -12.36 13.29 3.01
CA LYS A 249 -12.14 11.84 2.79
C LYS A 249 -12.09 11.08 4.14
N LEU A 250 -13.15 11.22 4.95
CA LEU A 250 -13.19 10.64 6.29
C LEU A 250 -13.61 9.17 6.27
N ASP A 251 -12.70 8.28 5.79
CA ASP A 251 -12.91 6.82 5.77
C ASP A 251 -12.69 6.21 7.19
N ASN A 252 -12.67 7.07 8.22
CA ASN A 252 -12.55 6.70 9.64
C ASN A 252 -13.86 7.05 10.36
N LEU A 253 -14.89 7.36 9.58
CA LEU A 253 -16.21 7.73 10.09
C LEU A 253 -17.27 6.77 9.56
N VAL A 254 -18.15 6.29 10.47
CA VAL A 254 -19.28 5.38 10.19
C VAL A 254 -20.51 5.92 10.91
N PHE A 255 -21.56 6.26 10.14
CA PHE A 255 -22.87 6.67 10.64
C PHE A 255 -23.75 5.45 10.62
N VAL A 256 -24.33 5.10 11.78
CA VAL A 256 -25.23 3.94 11.87
C VAL A 256 -26.61 4.50 12.18
N ILE A 257 -27.50 4.48 11.19
CA ILE A 257 -28.84 5.02 11.35
C ILE A 257 -29.80 3.87 11.53
N ASN A 258 -30.43 3.83 12.72
CA ASN A 258 -31.41 2.82 13.09
C ASN A 258 -32.78 3.28 12.59
N CYS A 259 -33.25 2.67 11.48
CA CYS A 259 -34.51 3.03 10.86
C CYS A 259 -35.60 2.09 11.27
N ASN A 260 -36.24 2.39 12.41
CA ASN A 260 -37.35 1.63 12.95
C ASN A 260 -38.63 2.28 12.47
N LEU A 261 -38.45 3.17 11.48
CA LEU A 261 -39.41 3.97 10.71
C LEU A 261 -40.30 4.84 11.62
N GLN A 262 -39.85 5.07 12.89
CA GLN A 262 -40.59 5.89 13.86
C GLN A 262 -39.71 6.80 14.71
N ARG A 263 -40.36 7.85 15.28
CA ARG A 263 -39.83 8.79 16.26
C ARG A 263 -40.61 8.53 17.60
N LEU A 264 -40.94 9.57 18.41
CA LEU A 264 -41.65 9.38 19.68
C LEU A 264 -43.13 9.74 19.55
N ASP A 265 -43.54 10.32 18.40
CA ASP A 265 -44.93 10.70 18.13
C ASP A 265 -45.36 10.26 16.71
N GLY A 266 -45.14 8.97 16.42
CA GLY A 266 -45.47 8.35 15.14
C GLY A 266 -44.29 8.19 14.20
N PRO A 267 -44.56 7.87 12.89
CA PRO A 267 -43.44 7.69 11.94
C PRO A 267 -42.78 9.01 11.52
N VAL A 268 -41.57 8.93 10.91
CA VAL A 268 -40.80 10.08 10.43
C VAL A 268 -41.48 10.65 9.15
N THR A 269 -41.63 9.80 8.11
CA THR A 269 -42.27 10.14 6.84
C THR A 269 -43.15 8.95 6.42
N GLY A 270 -44.41 8.96 6.84
CA GLY A 270 -45.39 7.91 6.56
C GLY A 270 -45.72 7.72 5.10
N ASN A 271 -46.00 8.83 4.37
CA ASN A 271 -46.38 8.87 2.94
C ASN A 271 -45.17 8.58 2.01
N GLY A 272 -43.97 8.60 2.58
CA GLY A 272 -42.74 8.36 1.85
C GLY A 272 -41.90 7.25 2.45
N LYS A 273 -40.61 7.25 2.13
CA LYS A 273 -39.69 6.23 2.59
C LYS A 273 -38.41 6.88 3.10
N ILE A 274 -38.32 7.05 4.43
CA ILE A 274 -37.18 7.71 5.07
C ILE A 274 -35.85 7.03 4.68
N ILE A 275 -35.81 5.70 4.47
CA ILE A 275 -34.57 5.01 4.07
C ILE A 275 -34.17 5.49 2.65
N ASN A 276 -35.14 5.74 1.74
CA ASN A 276 -34.84 6.26 0.40
C ASN A 276 -34.37 7.72 0.49
N GLU A 277 -35.00 8.54 1.34
CA GLU A 277 -34.63 9.95 1.55
C GLU A 277 -33.18 10.04 2.03
N LEU A 278 -32.83 9.21 3.03
CA LEU A 278 -31.49 9.16 3.62
C LEU A 278 -30.49 8.66 2.58
N GLU A 279 -30.80 7.55 1.86
CA GLU A 279 -29.94 7.01 0.80
C GLU A 279 -29.67 8.07 -0.29
N GLY A 280 -30.72 8.79 -0.72
CA GLY A 280 -30.65 9.83 -1.74
C GLY A 280 -29.70 10.95 -1.43
N ILE A 281 -29.87 11.58 -0.24
CA ILE A 281 -29.06 12.71 0.21
C ILE A 281 -27.63 12.27 0.54
N PHE A 282 -27.42 11.14 1.26
CA PHE A 282 -26.09 10.67 1.62
C PHE A 282 -25.30 10.24 0.38
N GLU A 283 -25.95 9.60 -0.59
CA GLU A 283 -25.33 9.21 -1.86
C GLU A 283 -24.96 10.47 -2.69
N GLY A 284 -25.85 11.47 -2.67
CA GLY A 284 -25.64 12.74 -3.35
C GLY A 284 -24.55 13.57 -2.70
N ALA A 285 -24.32 13.33 -1.40
CA ALA A 285 -23.29 14.00 -0.60
C ALA A 285 -21.95 13.29 -0.69
N GLY A 286 -21.88 12.21 -1.46
CA GLY A 286 -20.64 11.45 -1.74
C GLY A 286 -20.27 10.36 -0.76
N TRP A 287 -21.22 9.94 0.09
CA TRP A 287 -21.01 8.90 1.08
C TRP A 287 -21.24 7.52 0.47
N ASN A 288 -20.75 6.47 1.18
CA ASN A 288 -20.97 5.07 0.81
C ASN A 288 -22.20 4.65 1.58
N VAL A 289 -23.28 4.30 0.90
CA VAL A 289 -24.51 3.92 1.58
C VAL A 289 -24.67 2.38 1.53
N ILE A 290 -24.85 1.77 2.72
CA ILE A 290 -25.08 0.33 2.89
C ILE A 290 -26.44 0.17 3.55
N LYS A 291 -27.42 -0.39 2.83
CA LYS A 291 -28.76 -0.67 3.35
C LYS A 291 -28.83 -2.09 3.83
N VAL A 292 -29.21 -2.27 5.12
CA VAL A 292 -29.40 -3.58 5.78
C VAL A 292 -30.90 -3.65 5.99
N MET A 293 -31.59 -4.10 4.95
CA MET A 293 -33.05 -4.12 4.84
C MET A 293 -33.71 -5.39 5.38
N TRP A 294 -33.33 -6.56 4.85
CA TRP A 294 -33.97 -7.83 5.16
C TRP A 294 -33.02 -8.89 5.70
N GLY A 295 -33.55 -9.72 6.59
CA GLY A 295 -32.82 -10.84 7.13
C GLY A 295 -32.78 -11.98 6.14
N SER A 296 -32.14 -13.08 6.54
CA SER A 296 -31.92 -14.28 5.72
C SER A 296 -33.22 -15.04 5.35
N ARG A 297 -34.30 -14.91 6.16
CA ARG A 297 -35.55 -15.63 5.90
C ARG A 297 -36.16 -15.22 4.56
N TRP A 298 -35.71 -14.05 4.04
CA TRP A 298 -36.11 -13.46 2.77
C TRP A 298 -35.24 -13.86 1.56
N ASP A 299 -34.03 -14.42 1.78
CA ASP A 299 -33.01 -14.70 0.75
C ASP A 299 -33.49 -15.59 -0.40
N GLU A 300 -34.22 -16.68 -0.08
CA GLU A 300 -34.74 -17.56 -1.13
C GLU A 300 -35.84 -16.90 -1.88
N LEU A 301 -36.78 -16.26 -1.16
CA LEU A 301 -37.90 -15.62 -1.81
C LEU A 301 -37.39 -14.66 -2.88
N LEU A 302 -36.33 -13.92 -2.58
CA LEU A 302 -35.77 -12.96 -3.49
C LEU A 302 -35.04 -13.65 -4.64
N ARG A 303 -34.12 -14.60 -4.33
CA ARG A 303 -33.36 -15.36 -5.31
C ARG A 303 -34.28 -16.07 -6.30
N LYS A 304 -35.34 -16.76 -5.81
CA LYS A 304 -36.27 -17.54 -6.63
C LYS A 304 -37.29 -16.70 -7.46
N ASP A 305 -37.49 -15.41 -7.14
CA ASP A 305 -38.47 -14.54 -7.82
C ASP A 305 -37.93 -13.95 -9.14
N THR A 306 -38.24 -14.66 -10.24
CA THR A 306 -37.86 -14.30 -11.61
C THR A 306 -38.65 -13.06 -12.09
N SER A 307 -39.91 -12.88 -11.61
CA SER A 307 -40.80 -11.79 -11.98
C SER A 307 -40.31 -10.42 -11.53
N GLY A 308 -39.59 -10.38 -10.40
CA GLY A 308 -39.09 -9.15 -9.79
C GLY A 308 -40.22 -8.34 -9.17
N LYS A 309 -41.40 -8.99 -8.98
CA LYS A 309 -42.60 -8.37 -8.42
C LYS A 309 -42.47 -8.11 -6.93
N LEU A 310 -41.70 -8.94 -6.19
CA LEU A 310 -41.44 -8.78 -4.76
C LEU A 310 -40.60 -7.53 -4.55
N ILE A 311 -39.52 -7.36 -5.34
CA ILE A 311 -38.67 -6.17 -5.27
C ILE A 311 -39.52 -4.93 -5.61
N GLN A 312 -40.38 -5.03 -6.65
CA GLN A 312 -41.27 -3.94 -7.06
C GLN A 312 -42.23 -3.56 -5.93
N LEU A 313 -42.85 -4.58 -5.30
CA LEU A 313 -43.77 -4.45 -4.16
C LEU A 313 -43.06 -3.78 -2.98
N MET A 314 -41.82 -4.23 -2.71
CA MET A 314 -40.98 -3.69 -1.65
C MET A 314 -40.68 -2.22 -1.91
N ASN A 315 -40.41 -1.85 -3.19
CA ASN A 315 -40.10 -0.48 -3.61
C ASN A 315 -41.31 0.44 -3.45
N GLU A 316 -42.48 0.06 -3.94
CA GLU A 316 -43.68 0.90 -3.89
C GLU A 316 -44.35 1.06 -2.50
N THR A 317 -44.24 0.06 -1.59
CA THR A 317 -44.82 0.08 -0.25
C THR A 317 -44.14 1.18 0.55
N VAL A 318 -44.92 2.11 1.08
CA VAL A 318 -44.42 3.27 1.85
C VAL A 318 -44.26 2.95 3.35
N ASP A 319 -43.61 3.85 4.10
CA ASP A 319 -43.32 3.66 5.54
C ASP A 319 -44.56 3.40 6.36
N GLY A 320 -45.63 4.10 6.05
CA GLY A 320 -46.94 3.95 6.69
C GLY A 320 -47.43 2.53 6.71
N ASP A 321 -47.47 1.90 5.50
CA ASP A 321 -47.88 0.51 5.25
C ASP A 321 -47.02 -0.47 6.04
N TYR A 322 -45.70 -0.26 6.04
CA TYR A 322 -44.77 -1.09 6.79
C TYR A 322 -44.99 -1.03 8.30
N GLN A 323 -45.42 0.15 8.82
CA GLN A 323 -45.73 0.37 10.24
C GLN A 323 -47.00 -0.34 10.61
N THR A 324 -48.04 -0.18 9.77
CA THR A 324 -49.34 -0.84 9.87
C THR A 324 -49.13 -2.34 9.95
N PHE A 325 -48.32 -2.91 9.00
CA PHE A 325 -48.01 -4.33 8.88
C PHE A 325 -47.46 -4.93 10.14
N LYS A 326 -46.46 -4.29 10.78
CA LYS A 326 -45.82 -4.86 11.98
C LYS A 326 -46.66 -4.63 13.24
N SER A 327 -47.78 -3.87 13.12
CA SER A 327 -48.72 -3.68 14.24
C SER A 327 -49.83 -4.79 14.20
N LYS A 328 -49.93 -5.54 13.07
CA LYS A 328 -50.95 -6.56 12.84
C LYS A 328 -50.40 -7.99 13.01
N ASP A 329 -50.72 -8.87 12.04
CA ASP A 329 -50.40 -10.30 12.05
C ASP A 329 -50.03 -10.83 10.65
N GLY A 330 -49.65 -12.09 10.58
CA GLY A 330 -49.25 -12.77 9.35
C GLY A 330 -50.34 -12.82 8.30
N ALA A 331 -51.61 -12.94 8.74
CA ALA A 331 -52.78 -13.00 7.86
C ALA A 331 -52.95 -11.68 7.12
N TYR A 332 -52.65 -10.57 7.80
CA TYR A 332 -52.73 -9.22 7.26
C TYR A 332 -51.66 -8.98 6.18
N VAL A 333 -50.42 -9.43 6.45
CA VAL A 333 -49.27 -9.26 5.56
C VAL A 333 -49.52 -10.04 4.25
N ARG A 334 -50.09 -11.26 4.34
CA ARG A 334 -50.42 -12.11 3.20
C ARG A 334 -51.37 -11.43 2.21
N GLU A 335 -52.33 -10.64 2.74
CA GLU A 335 -53.35 -9.99 1.94
C GLU A 335 -52.93 -8.62 1.46
N HIS A 336 -52.38 -7.79 2.36
CA HIS A 336 -52.06 -6.41 2.08
C HIS A 336 -50.64 -6.16 1.54
N PHE A 337 -49.69 -7.08 1.81
CA PHE A 337 -48.34 -6.97 1.25
C PHE A 337 -48.28 -7.91 0.00
N PHE A 338 -48.08 -9.23 0.19
CA PHE A 338 -47.96 -10.21 -0.89
C PHE A 338 -49.18 -10.30 -1.82
N GLY A 339 -50.37 -10.04 -1.30
CA GLY A 339 -51.60 -10.11 -2.07
C GLY A 339 -51.77 -9.05 -3.16
N LYS A 340 -50.87 -8.05 -3.21
CA LYS A 340 -50.88 -6.94 -4.17
C LYS A 340 -50.73 -7.44 -5.63
N TYR A 341 -49.99 -8.54 -5.83
CA TYR A 341 -49.70 -9.13 -7.14
C TYR A 341 -49.87 -10.63 -7.12
N PRO A 342 -50.30 -11.27 -8.26
CA PRO A 342 -50.44 -12.73 -8.26
C PRO A 342 -49.10 -13.45 -8.05
N GLU A 343 -48.00 -12.88 -8.58
CA GLU A 343 -46.65 -13.43 -8.49
C GLU A 343 -46.17 -13.52 -7.02
N THR A 344 -46.38 -12.43 -6.22
CA THR A 344 -45.99 -12.34 -4.81
C THR A 344 -46.97 -13.14 -3.91
N ALA A 345 -48.23 -13.30 -4.33
CA ALA A 345 -49.23 -14.08 -3.58
C ALA A 345 -48.91 -15.56 -3.70
N ALA A 346 -48.39 -15.99 -4.88
CA ALA A 346 -48.00 -17.37 -5.21
C ALA A 346 -46.76 -17.78 -4.42
N LEU A 347 -45.85 -16.82 -4.14
CA LEU A 347 -44.62 -17.04 -3.40
C LEU A 347 -44.89 -17.56 -1.99
N VAL A 348 -45.93 -17.03 -1.32
CA VAL A 348 -46.31 -17.40 0.04
C VAL A 348 -47.66 -18.15 0.10
N ALA A 349 -48.16 -18.63 -1.05
CA ALA A 349 -49.43 -19.34 -1.16
C ALA A 349 -49.49 -20.56 -0.25
N ASP A 350 -48.34 -21.28 -0.10
CA ASP A 350 -48.24 -22.50 0.73
C ASP A 350 -47.66 -22.22 2.12
N TRP A 351 -47.23 -20.98 2.39
CA TRP A 351 -46.71 -20.55 3.69
C TRP A 351 -47.83 -20.36 4.70
N THR A 352 -47.56 -20.57 5.98
CA THR A 352 -48.56 -20.35 7.03
C THR A 352 -48.45 -18.90 7.46
N ASP A 353 -49.48 -18.38 8.18
CA ASP A 353 -49.45 -16.99 8.64
C ASP A 353 -48.27 -16.75 9.58
N GLU A 354 -47.97 -17.74 10.44
CA GLU A 354 -46.86 -17.69 11.41
C GLU A 354 -45.53 -17.65 10.66
N GLN A 355 -45.42 -18.43 9.55
CA GLN A 355 -44.26 -18.52 8.67
C GLN A 355 -44.01 -17.19 7.96
N ILE A 356 -45.08 -16.52 7.50
CA ILE A 356 -45.01 -15.19 6.86
C ILE A 356 -44.58 -14.15 7.91
N TRP A 357 -45.18 -14.20 9.11
CA TRP A 357 -44.91 -13.27 10.21
C TRP A 357 -43.47 -13.37 10.72
N ALA A 358 -42.83 -14.55 10.54
CA ALA A 358 -41.46 -14.79 10.98
C ALA A 358 -40.42 -14.02 10.14
N LEU A 359 -40.75 -13.62 8.89
CA LEU A 359 -39.86 -12.90 7.99
C LEU A 359 -39.27 -11.68 8.72
N ASN A 360 -37.94 -11.66 8.85
CA ASN A 360 -37.19 -10.67 9.64
C ASN A 360 -36.60 -9.49 8.84
N ARG A 361 -36.34 -8.40 9.60
CA ARG A 361 -35.74 -7.16 9.12
C ARG A 361 -34.23 -7.26 9.31
N GLY A 362 -33.49 -6.70 8.36
CA GLY A 362 -32.03 -6.77 8.32
C GLY A 362 -31.29 -6.44 9.59
N GLY A 363 -31.72 -5.38 10.27
CA GLY A 363 -31.14 -4.89 11.51
C GLY A 363 -31.31 -5.79 12.72
N HIS A 364 -31.89 -6.97 12.52
CA HIS A 364 -32.10 -7.97 13.56
C HIS A 364 -31.32 -9.26 13.24
N ASP A 365 -30.60 -9.28 12.09
CA ASP A 365 -29.81 -10.41 11.60
C ASP A 365 -28.32 -10.12 11.77
N PRO A 366 -27.63 -10.78 12.74
CA PRO A 366 -26.18 -10.55 12.92
C PRO A 366 -25.35 -10.74 11.67
N LYS A 367 -25.72 -11.72 10.80
CA LYS A 367 -24.99 -12.01 9.57
C LYS A 367 -25.06 -10.80 8.61
N LYS A 368 -26.23 -10.17 8.49
CA LYS A 368 -26.45 -9.01 7.63
C LYS A 368 -25.77 -7.76 8.21
N ILE A 369 -25.84 -7.58 9.55
CA ILE A 369 -25.21 -6.47 10.28
C ILE A 369 -23.67 -6.56 10.12
N TYR A 370 -23.07 -7.75 10.39
CA TYR A 370 -21.63 -7.97 10.28
C TYR A 370 -21.12 -7.59 8.89
N ALA A 371 -21.78 -8.07 7.81
CA ALA A 371 -21.42 -7.78 6.41
C ALA A 371 -21.30 -6.28 6.16
N ALA A 372 -22.24 -5.47 6.71
CA ALA A 372 -22.28 -4.01 6.58
C ALA A 372 -21.08 -3.36 7.25
N PHE A 373 -20.80 -3.73 8.53
CA PHE A 373 -19.69 -3.17 9.30
C PHE A 373 -18.34 -3.59 8.71
N LYS A 374 -18.23 -4.80 8.12
CA LYS A 374 -17.02 -5.25 7.45
C LYS A 374 -16.79 -4.45 6.16
N LYS A 375 -17.84 -4.24 5.33
CA LYS A 375 -17.70 -3.45 4.09
C LYS A 375 -17.38 -1.98 4.43
N ALA A 376 -17.92 -1.44 5.55
CA ALA A 376 -17.60 -0.07 5.99
C ALA A 376 -16.11 0.03 6.32
N GLN A 377 -15.60 -0.96 7.06
CA GLN A 377 -14.21 -1.09 7.48
C GLN A 377 -13.26 -1.11 6.27
N GLU A 378 -13.69 -1.72 5.15
CA GLU A 378 -12.91 -1.86 3.91
C GLU A 378 -12.97 -0.64 3.02
N THR A 379 -14.07 0.13 3.06
CA THR A 379 -14.30 1.33 2.24
C THR A 379 -13.23 2.41 2.54
N LYS A 380 -12.67 2.99 1.46
CA LYS A 380 -11.64 4.03 1.56
C LYS A 380 -12.02 5.27 0.73
N GLY A 381 -11.57 6.46 1.16
CA GLY A 381 -11.76 7.74 0.48
C GLY A 381 -13.00 8.55 0.78
N LYS A 382 -13.94 7.94 1.50
CA LYS A 382 -15.23 8.53 1.85
C LYS A 382 -15.75 7.90 3.14
N ALA A 383 -16.78 8.51 3.74
CA ALA A 383 -17.39 7.95 4.94
C ALA A 383 -18.53 7.02 4.54
N THR A 384 -18.89 6.04 5.41
CA THR A 384 -19.99 5.11 5.15
C THR A 384 -21.16 5.37 6.06
N VAL A 385 -22.38 5.36 5.52
CA VAL A 385 -23.59 5.43 6.32
C VAL A 385 -24.24 4.04 6.19
N ILE A 386 -24.57 3.42 7.33
CA ILE A 386 -25.26 2.12 7.39
C ILE A 386 -26.69 2.42 7.76
N LEU A 387 -27.63 2.11 6.85
CA LEU A 387 -29.06 2.29 7.11
C LEU A 387 -29.64 0.93 7.54
N ALA A 388 -29.83 0.74 8.87
CA ALA A 388 -30.31 -0.52 9.44
C ALA A 388 -31.81 -0.48 9.68
N HIS A 389 -32.52 -1.42 9.06
CA HIS A 389 -33.97 -1.54 9.14
C HIS A 389 -34.33 -2.41 10.35
N THR A 390 -34.99 -1.83 11.37
CA THR A 390 -35.36 -2.55 12.59
C THR A 390 -36.86 -2.35 12.94
N ILE A 391 -37.36 -3.05 13.98
CA ILE A 391 -38.74 -2.99 14.45
C ILE A 391 -38.78 -2.23 15.79
N LYS A 392 -39.61 -1.15 15.86
CA LYS A 392 -39.76 -0.37 17.09
C LYS A 392 -40.46 -1.21 18.16
N GLY A 393 -39.80 -1.35 19.31
CA GLY A 393 -40.31 -2.14 20.43
C GLY A 393 -40.33 -3.61 20.11
N TYR A 394 -39.22 -4.09 19.52
CA TYR A 394 -38.99 -5.46 19.09
C TYR A 394 -39.05 -6.43 20.29
N GLY A 395 -39.81 -7.51 20.10
CA GLY A 395 -39.99 -8.57 21.10
C GLY A 395 -40.71 -8.17 22.38
N MET A 396 -41.44 -7.04 22.35
CA MET A 396 -42.16 -6.51 23.52
C MET A 396 -43.68 -6.78 23.47
N GLY A 397 -44.22 -7.22 22.32
CA GLY A 397 -45.63 -7.55 22.12
C GLY A 397 -46.66 -6.47 22.39
N ASP A 398 -46.61 -5.38 21.59
CA ASP A 398 -47.46 -4.16 21.60
C ASP A 398 -47.24 -3.27 22.85
N ALA A 399 -47.33 -3.86 24.09
CA ALA A 399 -47.13 -3.15 25.36
C ALA A 399 -45.66 -2.71 25.51
N ALA A 400 -45.30 -1.59 24.82
CA ALA A 400 -43.96 -0.99 24.78
C ALA A 400 -43.91 0.36 25.49
N ILE A 405 -46.24 0.62 27.72
CA ILE A 405 -47.30 0.26 28.67
C ILE A 405 -46.80 -0.93 29.57
N ALA A 406 -45.51 -1.35 29.43
CA ALA A 406 -44.90 -2.43 30.24
C ALA A 406 -44.65 -1.97 31.70
N HIS A 407 -45.17 -0.79 32.07
CA HIS A 407 -45.14 -0.16 33.39
C HIS A 407 -46.45 -0.47 34.12
N GLN A 408 -47.06 -1.62 33.73
CA GLN A 408 -48.25 -2.29 34.27
C GLN A 408 -47.82 -3.09 35.49
N VAL A 409 -46.50 -3.12 35.73
CA VAL A 409 -45.79 -3.78 36.83
C VAL A 409 -46.24 -3.10 38.16
N LYS A 410 -46.61 -1.78 38.09
CA LYS A 410 -47.15 -1.01 39.22
C LYS A 410 -48.54 -1.55 39.57
N LYS A 411 -49.29 -2.04 38.52
CA LYS A 411 -50.61 -2.66 38.61
C LYS A 411 -50.48 -4.15 39.03
N MET A 412 -49.21 -4.63 39.19
CA MET A 412 -48.78 -5.98 39.60
C MET A 412 -49.00 -7.00 38.45
N ASN A 413 -49.03 -6.48 37.22
CA ASN A 413 -49.22 -7.24 36.00
C ASN A 413 -47.85 -7.51 35.38
N MET A 414 -47.46 -8.80 35.35
CA MET A 414 -46.17 -9.24 34.79
C MET A 414 -46.37 -9.98 33.47
N ASP A 415 -47.54 -9.83 32.83
CA ASP A 415 -47.84 -10.48 31.56
C ASP A 415 -46.91 -9.98 30.44
N GLY A 416 -46.40 -8.77 30.61
CA GLY A 416 -45.45 -8.19 29.66
C GLY A 416 -44.05 -8.73 29.89
N VAL A 417 -43.67 -8.90 31.19
CA VAL A 417 -42.36 -9.39 31.66
C VAL A 417 -42.19 -10.86 31.23
N ARG A 418 -43.30 -11.65 31.35
CA ARG A 418 -43.38 -13.06 30.95
C ARG A 418 -43.15 -13.21 29.45
N HIS A 419 -43.84 -12.38 28.64
CA HIS A 419 -43.70 -12.40 27.19
C HIS A 419 -42.23 -12.18 26.78
N ILE A 420 -41.55 -11.15 27.36
CA ILE A 420 -40.15 -10.82 27.07
C ILE A 420 -39.25 -11.99 27.48
N ARG A 421 -39.59 -12.65 28.61
CA ARG A 421 -38.83 -13.80 29.11
C ARG A 421 -38.92 -14.95 28.11
N ASP A 422 -40.14 -15.21 27.62
CA ASP A 422 -40.46 -16.25 26.66
C ASP A 422 -39.83 -15.97 25.30
N ARG A 423 -40.00 -14.74 24.78
CA ARG A 423 -39.50 -14.30 23.47
C ARG A 423 -37.98 -14.48 23.31
N PHE A 424 -37.21 -14.18 24.38
CA PHE A 424 -35.75 -14.23 24.31
C PHE A 424 -35.16 -15.39 25.13
N ASN A 425 -36.02 -16.38 25.51
CA ASN A 425 -35.67 -17.59 26.26
C ASN A 425 -34.69 -17.25 27.39
N VAL A 426 -35.15 -16.37 28.28
CA VAL A 426 -34.40 -15.87 29.42
C VAL A 426 -34.46 -16.90 30.58
N PRO A 427 -33.30 -17.31 31.15
CA PRO A 427 -33.33 -18.29 32.26
C PRO A 427 -33.78 -17.70 33.62
N VAL A 428 -35.08 -17.33 33.71
CA VAL A 428 -35.74 -16.78 34.90
C VAL A 428 -37.05 -17.57 35.08
N SER A 429 -37.26 -18.17 36.27
CA SER A 429 -38.48 -18.95 36.55
C SER A 429 -39.72 -18.05 36.67
N ASP A 430 -40.93 -18.66 36.57
CA ASP A 430 -42.20 -17.92 36.68
C ASP A 430 -42.38 -17.31 38.06
N ALA A 431 -41.84 -17.98 39.11
CA ALA A 431 -41.90 -17.55 40.51
C ALA A 431 -40.99 -16.34 40.77
N ASP A 432 -39.76 -16.38 40.22
CA ASP A 432 -38.75 -15.34 40.38
C ASP A 432 -39.00 -14.09 39.51
N ILE A 433 -39.92 -14.16 38.53
CA ILE A 433 -40.21 -13.06 37.61
C ILE A 433 -40.74 -11.78 38.33
N GLU A 434 -41.45 -11.94 39.47
CA GLU A 434 -42.01 -10.81 40.23
C GLU A 434 -40.92 -10.05 40.98
N LYS A 435 -39.81 -10.75 41.31
CA LYS A 435 -38.65 -10.20 42.01
C LYS A 435 -37.85 -9.25 41.10
N LEU A 436 -38.11 -9.29 39.75
CA LEU A 436 -37.41 -8.55 38.68
C LEU A 436 -35.90 -8.78 38.83
N PRO A 437 -35.43 -10.05 38.67
CA PRO A 437 -34.02 -10.35 38.93
C PRO A 437 -33.05 -10.04 37.80
N TYR A 438 -31.80 -9.77 38.18
CA TYR A 438 -30.73 -9.57 37.20
C TYR A 438 -30.10 -10.93 36.90
N ILE A 439 -29.61 -11.10 35.67
CA ILE A 439 -28.94 -12.32 35.23
C ILE A 439 -27.43 -12.04 35.13
N THR A 440 -26.61 -12.98 35.58
CA THR A 440 -25.16 -12.88 35.48
C THR A 440 -24.59 -14.19 34.98
N PHE A 441 -23.43 -14.12 34.29
CA PHE A 441 -22.75 -15.33 33.84
C PHE A 441 -21.57 -15.61 34.79
N PRO A 442 -21.58 -16.74 35.49
CA PRO A 442 -20.50 -17.00 36.47
C PRO A 442 -19.18 -17.40 35.81
N GLU A 443 -18.06 -17.24 36.55
CA GLU A 443 -16.73 -17.67 36.12
C GLU A 443 -16.77 -19.16 35.79
N GLY A 444 -16.26 -19.54 34.62
CA GLY A 444 -16.26 -20.93 34.22
C GLY A 444 -17.40 -21.31 33.29
N SER A 445 -18.36 -20.39 33.10
CA SER A 445 -19.45 -20.64 32.17
C SER A 445 -18.98 -20.27 30.76
N GLU A 446 -19.57 -20.93 29.76
CA GLU A 446 -19.29 -20.70 28.34
C GLU A 446 -19.44 -19.23 27.97
N GLU A 447 -20.54 -18.61 28.47
CA GLU A 447 -20.95 -17.24 28.21
C GLU A 447 -20.00 -16.25 28.84
N HIS A 448 -19.61 -16.43 30.11
CA HIS A 448 -18.66 -15.54 30.79
C HIS A 448 -17.34 -15.52 30.03
N THR A 449 -16.82 -16.71 29.69
CA THR A 449 -15.57 -16.87 28.94
C THR A 449 -15.63 -16.12 27.61
N TYR A 450 -16.68 -16.38 26.78
CA TYR A 450 -16.89 -15.78 25.47
C TYR A 450 -17.04 -14.26 25.55
N LEU A 451 -17.91 -13.77 26.46
CA LEU A 451 -18.16 -12.34 26.67
C LEU A 451 -16.84 -11.58 26.84
N HIS A 452 -15.95 -12.06 27.72
CA HIS A 452 -14.67 -11.45 28.02
C HIS A 452 -13.61 -11.68 26.95
N ALA A 453 -13.59 -12.88 26.33
CA ALA A 453 -12.61 -13.23 25.28
C ALA A 453 -12.73 -12.31 24.06
N GLN A 454 -13.98 -11.98 23.64
CA GLN A 454 -14.23 -11.09 22.50
C GLN A 454 -13.72 -9.69 22.78
N ARG A 455 -13.97 -9.17 23.99
CA ARG A 455 -13.51 -7.85 24.39
C ARG A 455 -11.97 -7.81 24.58
N GLN A 456 -11.37 -8.90 25.07
CA GLN A 456 -9.92 -8.92 25.25
C GLN A 456 -9.20 -8.83 23.90
N LYS A 457 -9.76 -9.47 22.86
CA LYS A 457 -9.25 -9.46 21.48
C LYS A 457 -9.32 -8.05 20.91
N LEU A 458 -10.31 -7.27 21.36
CA LEU A 458 -10.55 -5.91 20.93
C LEU A 458 -10.07 -4.88 21.97
N HIS A 459 -8.98 -5.24 22.68
CA HIS A 459 -8.20 -4.47 23.65
C HIS A 459 -8.92 -3.99 24.92
N GLY A 460 -10.00 -4.65 25.31
CA GLY A 460 -10.66 -4.30 26.58
C GLY A 460 -12.08 -3.81 26.52
N TYR A 461 -12.47 -3.06 27.56
CA TYR A 461 -13.83 -2.56 27.72
C TYR A 461 -14.06 -1.16 27.20
N LEU A 462 -15.26 -0.97 26.66
CA LEU A 462 -15.79 0.23 26.06
C LEU A 462 -17.25 0.41 26.49
N PRO A 463 -17.74 1.63 26.88
CA PRO A 463 -16.99 2.88 27.03
C PRO A 463 -16.22 2.96 28.33
N SER A 464 -15.14 3.74 28.35
CA SER A 464 -14.31 4.04 29.51
C SER A 464 -13.60 5.36 29.25
N ARG A 465 -13.29 6.11 30.31
CA ARG A 465 -12.69 7.41 30.12
C ARG A 465 -11.54 7.64 31.09
N GLN A 466 -10.50 8.32 30.61
CA GLN A 466 -9.35 8.74 31.40
C GLN A 466 -9.60 10.22 31.75
N PRO A 467 -9.86 10.56 33.04
CA PRO A 467 -10.16 11.98 33.36
C PRO A 467 -8.99 12.94 33.18
N ASN A 468 -7.74 12.46 33.22
CA ASN A 468 -6.55 13.30 33.11
C ASN A 468 -5.51 12.75 32.14
N PHE A 469 -4.65 13.63 31.59
CA PHE A 469 -3.55 13.23 30.72
C PHE A 469 -2.29 12.95 31.59
N THR A 470 -1.44 12.01 31.13
CA THR A 470 -0.26 11.57 31.87
C THR A 470 0.99 12.45 31.72
N GLU A 471 1.22 13.07 30.55
CA GLU A 471 2.45 13.86 30.35
C GLU A 471 2.47 15.18 31.13
N LYS A 472 3.68 15.71 31.38
CA LYS A 472 3.90 16.97 32.07
C LYS A 472 4.37 18.00 31.06
N LEU A 473 3.54 19.01 30.82
CA LEU A 473 3.86 20.08 29.88
C LEU A 473 4.67 21.15 30.60
N GLU A 474 5.74 21.66 29.95
CA GLU A 474 6.56 22.74 30.52
C GLU A 474 6.04 24.05 29.93
N LEU A 475 4.97 24.56 30.54
CA LEU A 475 4.20 25.73 30.10
C LEU A 475 4.99 27.04 30.14
N PRO A 476 4.66 28.04 29.27
CA PRO A 476 5.38 29.32 29.33
C PRO A 476 5.07 30.07 30.63
N SER A 477 6.06 30.75 31.20
CA SER A 477 5.90 31.55 32.42
C SER A 477 5.16 32.84 32.08
N LEU A 478 4.75 33.63 33.10
CA LEU A 478 4.08 34.89 32.81
C LEU A 478 5.09 35.85 32.24
N GLN A 479 6.36 35.72 32.67
CA GLN A 479 7.46 36.56 32.21
C GLN A 479 7.78 36.29 30.74
N ASP A 480 7.40 35.10 30.20
CA ASP A 480 7.60 34.74 28.79
C ASP A 480 6.74 35.63 27.86
N PHE A 481 5.64 36.19 28.41
CA PHE A 481 4.73 37.09 27.71
C PHE A 481 5.27 38.53 27.77
N GLY A 482 6.28 38.73 28.62
CA GLY A 482 7.01 39.97 28.87
C GLY A 482 6.53 41.26 28.25
N ALA A 483 6.72 41.40 26.93
CA ALA A 483 6.38 42.61 26.15
C ALA A 483 4.90 43.04 26.28
N LEU A 484 3.96 42.08 26.43
CA LEU A 484 2.54 42.36 26.59
C LEU A 484 2.25 43.01 27.95
N LEU A 485 3.05 42.66 28.98
CA LEU A 485 2.94 43.20 30.34
C LEU A 485 3.45 44.64 30.43
N GLU A 486 4.24 45.10 29.43
CA GLU A 486 4.78 46.46 29.36
C GLU A 486 3.84 47.38 28.54
N GLU A 487 4.07 48.70 28.60
CA GLU A 487 3.30 49.70 27.85
C GLU A 487 3.53 49.49 26.37
N GLN A 488 2.49 49.68 25.56
CA GLN A 488 2.59 49.50 24.11
C GLN A 488 3.04 50.80 23.45
N SER A 489 4.01 50.68 22.52
CA SER A 489 4.59 51.78 21.72
C SER A 489 3.52 52.44 20.85
N LYS A 490 2.65 51.62 20.21
CA LYS A 490 1.54 52.07 19.37
C LYS A 490 0.20 51.61 19.96
N GLU A 491 -0.91 52.23 19.52
CA GLU A 491 -2.25 51.85 19.96
C GLU A 491 -2.60 50.53 19.35
N ILE A 492 -3.00 49.56 20.17
CA ILE A 492 -3.40 48.22 19.70
C ILE A 492 -4.74 47.84 20.35
N SER A 493 -5.29 46.68 19.97
CA SER A 493 -6.56 46.13 20.48
C SER A 493 -6.27 44.88 21.31
N THR A 494 -7.28 44.40 22.05
CA THR A 494 -7.14 43.17 22.85
C THR A 494 -7.11 41.93 21.92
N THR A 495 -7.53 42.07 20.63
CA THR A 495 -7.45 40.96 19.66
C THR A 495 -6.00 40.85 19.22
N ILE A 496 -5.30 42.01 19.02
CA ILE A 496 -3.87 42.06 18.65
C ILE A 496 -3.07 41.42 19.79
N ALA A 497 -3.44 41.75 21.04
CA ALA A 497 -2.84 41.20 22.26
C ALA A 497 -3.00 39.69 22.30
N PHE A 498 -4.20 39.19 21.94
CA PHE A 498 -4.50 37.75 21.89
C PHE A 498 -3.56 37.03 20.89
N VAL A 499 -3.40 37.58 19.67
CA VAL A 499 -2.58 36.99 18.61
C VAL A 499 -1.09 36.98 19.03
N ARG A 500 -0.65 38.01 19.77
CA ARG A 500 0.71 38.11 20.27
C ARG A 500 0.97 37.07 21.36
N ALA A 501 -0.05 36.78 22.20
CA ALA A 501 0.03 35.75 23.23
C ALA A 501 0.17 34.38 22.55
N LEU A 502 -0.55 34.16 21.41
CA LEU A 502 -0.43 32.91 20.63
C LEU A 502 1.00 32.71 20.15
N ASN A 503 1.62 33.81 19.69
CA ASN A 503 3.01 33.79 19.20
C ASN A 503 3.99 33.44 20.32
N VAL A 504 3.66 33.86 21.58
CA VAL A 504 4.49 33.55 22.75
C VAL A 504 4.42 32.03 23.00
N MET A 505 3.20 31.45 22.90
CA MET A 505 2.97 30.01 23.10
C MET A 505 3.55 29.20 21.93
N LEU A 506 3.61 29.79 20.71
CA LEU A 506 4.16 29.12 19.53
C LEU A 506 5.69 29.08 19.57
N LYS A 507 6.30 29.69 20.61
CA LYS A 507 7.75 29.71 20.88
C LYS A 507 8.12 28.65 21.93
N ASN A 508 7.14 28.23 22.78
CA ASN A 508 7.34 27.24 23.83
C ASN A 508 7.44 25.85 23.21
N LYS A 509 8.61 25.18 23.36
CA LYS A 509 8.88 23.85 22.77
C LYS A 509 7.87 22.80 23.19
N SER A 510 7.42 22.83 24.44
CA SER A 510 6.49 21.87 25.01
C SER A 510 5.08 21.93 24.39
N ILE A 511 4.47 23.14 24.23
CA ILE A 511 3.09 23.24 23.72
C ILE A 511 2.94 23.86 22.30
N LYS A 512 4.01 24.33 21.65
CA LYS A 512 3.89 24.99 20.33
C LYS A 512 3.07 24.15 19.32
N ASP A 513 3.41 22.86 19.13
CA ASP A 513 2.73 22.01 18.16
C ASP A 513 1.39 21.44 18.68
N ARG A 514 1.02 21.75 19.94
CA ARG A 514 -0.23 21.31 20.57
C ARG A 514 -1.33 22.36 20.40
N LEU A 515 -0.94 23.62 20.08
CA LEU A 515 -1.90 24.69 19.88
C LEU A 515 -2.73 24.42 18.64
N VAL A 516 -4.05 24.60 18.75
CA VAL A 516 -4.97 24.37 17.65
C VAL A 516 -5.74 25.67 17.41
N PRO A 517 -5.19 26.64 16.65
CA PRO A 517 -5.95 27.86 16.35
C PRO A 517 -7.07 27.52 15.35
N ILE A 518 -8.33 27.80 15.71
CA ILE A 518 -9.50 27.51 14.87
C ILE A 518 -10.15 28.84 14.48
N ILE A 519 -10.45 29.02 13.18
CA ILE A 519 -11.08 30.24 12.64
C ILE A 519 -12.29 29.90 11.77
N ALA A 520 -13.39 30.66 11.92
CA ALA A 520 -14.61 30.48 11.11
C ALA A 520 -14.63 31.53 10.01
N ASP A 521 -13.85 31.26 8.95
CA ASP A 521 -13.67 32.06 7.74
C ASP A 521 -12.83 33.32 7.94
N GLU A 522 -13.49 34.44 8.34
CA GLU A 522 -12.98 35.82 8.43
C GLU A 522 -11.71 36.03 9.29
N ALA A 523 -10.50 35.70 8.74
CA ALA A 523 -9.20 35.78 9.40
C ALA A 523 -8.60 37.18 9.41
N ARG A 524 -8.86 37.95 8.34
CA ARG A 524 -8.40 39.33 8.18
C ARG A 524 -8.92 40.20 9.31
N THR A 525 -10.20 40.00 9.72
CA THR A 525 -10.86 40.73 10.80
C THR A 525 -10.12 40.55 12.13
N PHE A 526 -9.53 39.37 12.37
CA PHE A 526 -8.86 39.07 13.63
C PHE A 526 -7.32 39.11 13.53
N GLY A 527 -6.79 39.64 12.42
CA GLY A 527 -5.36 39.77 12.16
C GLY A 527 -4.56 38.50 12.31
N MET A 528 -5.15 37.35 11.89
CA MET A 528 -4.57 36.01 11.98
C MET A 528 -3.70 35.67 10.76
N GLU A 529 -3.77 36.49 9.68
CA GLU A 529 -3.04 36.30 8.42
C GLU A 529 -1.51 36.19 8.62
N GLY A 530 -1.01 36.72 9.75
CA GLY A 530 0.39 36.63 10.12
C GLY A 530 0.78 35.20 10.45
N LEU A 531 -0.08 34.53 11.25
CA LEU A 531 0.09 33.13 11.66
C LEU A 531 -0.03 32.16 10.47
N PHE A 532 -0.80 32.53 9.43
CA PHE A 532 -1.01 31.71 8.23
C PHE A 532 0.28 31.35 7.54
N ARG A 533 1.21 32.30 7.41
CA ARG A 533 2.45 32.00 6.73
C ARG A 533 3.46 31.37 7.71
N GLN A 534 3.29 31.61 9.02
CA GLN A 534 4.13 31.06 10.07
C GLN A 534 3.86 29.57 10.32
N ILE A 535 2.61 29.19 10.70
CA ILE A 535 2.25 27.80 11.05
C ILE A 535 1.37 27.06 10.01
N GLY A 536 0.79 27.77 9.04
CA GLY A 536 0.00 27.19 7.96
C GLY A 536 -1.46 26.90 8.26
N ILE A 537 -2.25 26.64 7.19
CA ILE A 537 -3.67 26.26 7.27
C ILE A 537 -3.75 24.78 6.91
N TYR A 538 -4.38 23.98 7.81
CA TYR A 538 -4.56 22.55 7.61
C TYR A 538 -5.44 22.33 6.39
N SER A 539 -4.87 21.74 5.33
CA SER A 539 -5.56 21.47 4.08
C SER A 539 -4.95 20.20 3.43
N PRO A 540 -5.41 18.99 3.82
CA PRO A 540 -4.79 17.78 3.26
C PRO A 540 -5.25 17.41 1.85
N ASN A 541 -6.34 18.06 1.35
CA ASN A 541 -6.97 17.76 0.07
C ASN A 541 -7.03 18.98 -0.93
N GLY A 542 -7.38 20.17 -0.44
CA GLY A 542 -7.48 21.36 -1.31
C GLY A 542 -7.75 22.65 -0.57
N TYR A 556 1.14 28.96 -1.67
CA TYR A 556 0.64 29.12 -0.30
C TYR A 556 1.06 27.92 0.60
N LYS A 557 1.07 28.14 1.95
CA LYS A 557 1.45 27.13 2.95
C LYS A 557 0.22 26.34 3.48
N GLU A 558 -0.71 25.99 2.54
CA GLU A 558 -1.89 25.16 2.77
C GLU A 558 -1.55 23.70 2.39
N ASP A 559 -1.18 22.89 3.41
CA ASP A 559 -0.83 21.47 3.24
C ASP A 559 -1.32 20.65 4.44
N GLU A 560 -1.06 19.32 4.43
CA GLU A 560 -1.48 18.39 5.49
C GLU A 560 -0.79 18.66 6.84
N LYS A 561 0.36 19.37 6.83
CA LYS A 561 1.09 19.69 8.06
C LYS A 561 0.62 21.05 8.67
N GLY A 562 -0.29 21.75 7.98
CA GLY A 562 -0.86 23.03 8.40
C GLY A 562 -1.46 22.94 9.79
N GLN A 563 -1.20 23.95 10.64
CA GLN A 563 -1.65 23.91 12.03
C GLN A 563 -3.01 24.57 12.28
N ILE A 564 -3.34 25.64 11.56
CA ILE A 564 -4.62 26.36 11.73
C ILE A 564 -5.76 25.60 11.07
N LEU A 565 -6.90 25.52 11.76
CA LEU A 565 -8.12 24.92 11.23
C LEU A 565 -9.06 26.02 10.74
N GLN A 566 -9.20 26.16 9.41
CA GLN A 566 -10.13 27.14 8.83
C GLN A 566 -11.38 26.40 8.44
N GLU A 567 -12.49 26.73 9.09
CA GLU A 567 -13.77 26.01 8.94
C GLU A 567 -14.83 26.75 8.12
N GLY A 568 -14.50 27.95 7.62
CA GLY A 568 -15.42 28.74 6.80
C GLY A 568 -16.60 29.29 7.57
N ILE A 569 -17.69 29.66 6.85
CA ILE A 569 -18.89 30.20 7.50
C ILE A 569 -19.64 28.98 8.05
N ASN A 570 -19.22 28.54 9.26
CA ASN A 570 -19.67 27.33 9.95
C ASN A 570 -19.22 27.35 11.39
N GLU A 571 -19.91 28.11 12.25
CA GLU A 571 -19.60 28.24 13.67
C GLU A 571 -19.74 26.90 14.39
N LEU A 572 -20.79 26.13 14.06
CA LEU A 572 -21.03 24.84 14.69
C LEU A 572 -19.95 23.84 14.34
N GLY A 573 -19.52 23.82 13.08
CA GLY A 573 -18.44 22.97 12.63
C GLY A 573 -17.13 23.30 13.33
N ALA A 574 -16.85 24.59 13.48
CA ALA A 574 -15.65 25.08 14.16
C ALA A 574 -15.71 24.76 15.66
N GLY A 575 -16.90 24.87 16.25
CA GLY A 575 -17.12 24.54 17.65
C GLY A 575 -16.89 23.06 17.90
N CYS A 576 -17.24 22.21 16.91
CA CYS A 576 -17.10 20.76 16.99
C CYS A 576 -15.62 20.35 16.83
N SER A 577 -14.83 21.14 16.08
CA SER A 577 -13.38 20.94 15.94
C SER A 577 -12.71 21.36 17.26
N TRP A 578 -13.18 22.48 17.85
CA TRP A 578 -12.72 23.00 19.13
C TRP A 578 -12.97 21.95 20.23
N LEU A 579 -14.17 21.37 20.26
CA LEU A 579 -14.56 20.36 21.25
C LEU A 579 -13.68 19.11 21.15
N ALA A 580 -13.37 18.64 19.91
CA ALA A 580 -12.52 17.47 19.68
C ALA A 580 -11.11 17.74 20.18
N ALA A 581 -10.58 18.95 19.93
CA ALA A 581 -9.26 19.37 20.36
C ALA A 581 -9.19 19.54 21.88
N ALA A 582 -10.20 20.23 22.48
CA ALA A 582 -10.28 20.52 23.91
C ALA A 582 -10.46 19.26 24.78
N THR A 583 -10.80 18.11 24.18
CA THR A 583 -11.00 16.84 24.91
C THR A 583 -10.02 15.76 24.43
N SER A 584 -9.03 16.16 23.62
CA SER A 584 -8.01 15.24 23.13
C SER A 584 -7.15 14.73 24.27
N TYR A 585 -7.01 15.53 25.36
CA TYR A 585 -6.23 15.19 26.56
C TYR A 585 -6.77 13.90 27.21
N SER A 586 -8.09 13.68 27.09
CA SER A 586 -8.79 12.55 27.66
C SER A 586 -8.94 11.39 26.66
N THR A 587 -9.47 11.71 25.46
CA THR A 587 -9.76 10.76 24.39
C THR A 587 -8.49 10.03 23.91
N ASN A 588 -7.37 10.75 23.68
CA ASN A 588 -6.15 10.15 23.16
C ASN A 588 -4.93 10.30 24.08
N ASN A 589 -5.12 10.84 25.31
CA ASN A 589 -4.04 11.12 26.26
C ASN A 589 -2.97 12.00 25.55
N LEU A 590 -3.47 12.96 24.74
CA LEU A 590 -2.66 13.89 23.97
C LEU A 590 -3.25 15.27 24.17
N PRO A 591 -2.76 16.04 25.17
CA PRO A 591 -3.32 17.39 25.40
C PRO A 591 -3.12 18.29 24.18
N MET A 592 -4.23 18.88 23.70
CA MET A 592 -4.26 19.82 22.57
C MET A 592 -4.94 21.09 23.08
N ILE A 593 -4.33 22.26 22.86
CA ILE A 593 -4.87 23.53 23.39
C ILE A 593 -5.52 24.34 22.25
N PRO A 594 -6.87 24.28 22.10
CA PRO A 594 -7.50 25.02 20.99
C PRO A 594 -7.88 26.46 21.35
N PHE A 595 -7.82 27.34 20.34
CA PHE A 595 -8.18 28.74 20.45
C PHE A 595 -9.14 29.06 19.32
N TYR A 596 -10.45 29.04 19.60
CA TYR A 596 -11.42 29.31 18.54
C TYR A 596 -11.86 30.79 18.60
N ILE A 597 -11.41 31.57 17.59
CA ILE A 597 -11.76 32.99 17.43
C ILE A 597 -12.81 33.12 16.31
N TYR A 598 -13.85 33.93 16.60
CA TYR A 598 -15.03 34.14 15.76
C TYR A 598 -15.73 35.43 16.21
N TYR A 599 -16.81 35.88 15.51
CA TYR A 599 -17.58 37.06 15.89
C TYR A 599 -18.38 36.69 17.11
N SER A 600 -18.08 37.29 18.28
CA SER A 600 -18.66 36.96 19.59
C SER A 600 -20.17 36.67 19.55
N MET A 601 -20.94 37.44 18.75
CA MET A 601 -22.39 37.28 18.61
C MET A 601 -22.79 35.84 18.21
N PHE A 602 -21.97 35.16 17.36
CA PHE A 602 -22.26 33.82 16.83
C PHE A 602 -21.56 32.72 17.65
N GLY A 603 -21.44 32.96 18.95
CA GLY A 603 -20.88 32.01 19.90
C GLY A 603 -22.01 31.31 20.62
N PHE A 604 -22.17 31.62 21.89
CA PHE A 604 -23.20 31.02 22.77
C PHE A 604 -24.61 31.19 22.24
N GLN A 605 -24.86 32.22 21.41
CA GLN A 605 -26.19 32.47 20.88
C GLN A 605 -26.51 31.48 19.80
N ARG A 606 -25.52 31.20 18.93
CA ARG A 606 -25.64 30.34 17.76
C ARG A 606 -25.30 28.86 18.04
N ILE A 607 -24.24 28.58 18.85
CA ILE A 607 -23.80 27.20 19.13
C ILE A 607 -23.93 26.87 20.65
N GLY A 608 -24.87 27.52 21.33
CA GLY A 608 -25.13 27.38 22.77
C GLY A 608 -25.23 25.99 23.33
N ASP A 609 -25.99 25.11 22.64
CA ASP A 609 -26.19 23.71 23.05
C ASP A 609 -24.87 22.92 22.95
N LEU A 610 -23.99 23.30 22.01
CA LEU A 610 -22.68 22.66 21.88
C LEU A 610 -21.76 23.11 23.05
N CYS A 611 -21.91 24.34 23.51
CA CYS A 611 -21.14 24.86 24.63
C CYS A 611 -21.58 24.20 25.94
N TRP A 612 -22.84 23.76 26.03
CA TRP A 612 -23.34 23.02 27.19
C TRP A 612 -22.76 21.59 27.14
N ALA A 613 -22.79 20.94 25.96
CA ALA A 613 -22.24 19.60 25.73
C ALA A 613 -20.75 19.61 25.95
N ALA A 614 -20.05 20.75 25.63
CA ALA A 614 -18.62 20.91 25.85
C ALA A 614 -18.33 20.88 27.33
N GLY A 615 -19.23 21.45 28.14
CA GLY A 615 -19.13 21.43 29.59
C GLY A 615 -19.21 20.02 30.15
N ASP A 616 -20.20 19.28 29.65
CA ASP A 616 -20.45 17.87 29.94
C ASP A 616 -19.25 17.02 29.53
N GLN A 617 -18.67 17.29 28.35
CA GLN A 617 -17.53 16.52 27.84
C GLN A 617 -16.22 16.91 28.50
N GLN A 618 -16.26 17.84 29.48
CA GLN A 618 -15.11 18.36 30.24
C GLN A 618 -14.05 18.97 29.29
N ALA A 619 -14.50 19.87 28.39
CA ALA A 619 -13.65 20.58 27.44
C ALA A 619 -12.70 21.52 28.17
N ARG A 620 -11.43 21.54 27.74
CA ARG A 620 -10.40 22.43 28.27
C ARG A 620 -9.77 23.14 27.07
N GLY A 621 -10.24 24.35 26.81
CA GLY A 621 -9.77 25.15 25.70
C GLY A 621 -10.26 26.57 25.85
N PHE A 622 -9.94 27.41 24.86
CA PHE A 622 -10.30 28.82 24.87
C PHE A 622 -11.25 29.19 23.74
N LEU A 623 -12.36 29.84 24.09
CA LEU A 623 -13.32 30.43 23.15
C LEU A 623 -13.03 31.92 23.15
N ILE A 624 -12.70 32.49 21.98
CA ILE A 624 -12.34 33.91 21.88
C ILE A 624 -13.42 34.64 21.10
N GLY A 625 -14.24 35.37 21.83
CA GLY A 625 -15.33 36.15 21.26
C GLY A 625 -14.82 37.44 20.68
N GLY A 626 -14.32 37.38 19.46
CA GLY A 626 -13.77 38.56 18.77
C GLY A 626 -14.85 39.55 18.39
N THR A 627 -14.44 40.77 17.98
CA THR A 627 -15.33 41.89 17.56
C THR A 627 -16.55 41.98 18.52
N SER A 628 -16.28 41.98 19.83
CA SER A 628 -17.30 42.00 20.88
C SER A 628 -17.67 43.44 21.32
N GLY A 629 -18.69 43.52 22.17
CA GLY A 629 -19.19 44.78 22.69
C GLY A 629 -20.18 45.42 21.74
N ARG A 630 -21.32 45.83 22.27
CA ARG A 630 -22.43 46.42 21.50
C ARG A 630 -22.06 47.64 20.70
N THR A 631 -21.24 48.52 21.26
CA THR A 631 -20.92 49.77 20.59
C THR A 631 -19.63 49.71 19.77
N THR A 632 -18.73 48.73 20.04
CA THR A 632 -17.40 48.63 19.40
C THR A 632 -17.49 48.10 17.96
N LEU A 633 -18.32 47.07 17.68
CA LEU A 633 -18.54 46.61 16.29
C LEU A 633 -19.66 47.50 15.72
N ASN A 634 -19.40 48.81 15.72
CA ASN A 634 -20.27 49.94 15.47
C ASN A 634 -21.07 49.99 14.15
N GLY A 635 -20.45 49.66 13.03
CA GLY A 635 -21.15 49.77 11.75
C GLY A 635 -21.99 48.58 11.36
N GLU A 636 -21.78 47.43 12.00
CA GLU A 636 -22.44 46.17 11.65
C GLU A 636 -23.90 46.08 12.04
N GLY A 637 -24.30 46.65 13.17
CA GLY A 637 -25.70 46.67 13.55
C GLY A 637 -26.28 45.50 14.32
N LEU A 638 -27.62 45.43 14.31
CA LEU A 638 -28.50 44.55 15.07
C LEU A 638 -28.05 43.10 15.23
N GLN A 639 -27.73 42.37 14.14
CA GLN A 639 -27.42 40.94 14.26
C GLN A 639 -25.94 40.66 14.53
N HIS A 640 -25.11 41.70 14.76
CA HIS A 640 -23.67 41.55 15.02
C HIS A 640 -23.22 42.17 16.32
N GLU A 641 -23.86 43.28 16.73
CA GLU A 641 -23.48 44.01 17.94
C GLU A 641 -23.84 43.20 19.20
N ASP A 642 -22.80 42.61 19.83
CA ASP A 642 -22.94 41.75 21.02
C ASP A 642 -22.73 42.50 22.34
N GLY A 643 -23.81 42.63 23.09
CA GLY A 643 -23.81 43.21 24.43
C GLY A 643 -24.42 42.22 25.41
N HIS A 644 -24.40 40.93 25.07
CA HIS A 644 -25.06 39.97 25.94
C HIS A 644 -24.45 38.55 25.98
N SER A 645 -23.38 38.24 25.18
CA SER A 645 -22.78 36.89 25.18
C SER A 645 -22.28 36.49 26.57
N HIS A 646 -21.89 37.48 27.40
CA HIS A 646 -21.44 37.23 28.77
C HIS A 646 -22.58 36.80 29.68
N ILE A 647 -23.83 37.20 29.36
CA ILE A 647 -25.04 36.81 30.10
C ILE A 647 -25.37 35.36 29.72
N GLN A 648 -25.05 34.96 28.50
CA GLN A 648 -25.27 33.58 28.05
C GLN A 648 -24.16 32.66 28.59
N SER A 649 -22.88 33.11 28.52
CA SER A 649 -21.73 32.33 28.96
C SER A 649 -21.73 32.07 30.48
N LEU A 650 -22.35 32.94 31.29
CA LEU A 650 -22.37 32.76 32.74
C LEU A 650 -23.31 31.63 33.18
N THR A 651 -24.15 31.10 32.26
CA THR A 651 -25.09 30.01 32.55
C THR A 651 -24.37 28.64 32.59
N ILE A 652 -23.14 28.55 32.03
CA ILE A 652 -22.34 27.31 31.96
C ILE A 652 -21.47 27.26 33.23
N PRO A 653 -21.69 26.28 34.13
CA PRO A 653 -20.93 26.24 35.39
C PRO A 653 -19.41 26.15 35.24
N ASN A 654 -18.88 25.40 34.24
CA ASN A 654 -17.43 25.24 34.09
C ASN A 654 -16.83 26.11 32.97
N CYS A 655 -17.50 27.23 32.65
CA CYS A 655 -16.96 28.21 31.73
C CYS A 655 -16.49 29.39 32.55
N ILE A 656 -15.25 29.85 32.32
CA ILE A 656 -14.66 30.99 33.02
C ILE A 656 -14.64 32.16 32.03
N SER A 657 -15.46 33.21 32.29
CA SER A 657 -15.61 34.34 31.36
C SER A 657 -14.87 35.59 31.82
N TYR A 658 -14.13 36.21 30.87
CA TYR A 658 -13.40 37.46 31.07
C TYR A 658 -13.75 38.45 29.95
N ASP A 659 -13.69 39.76 30.29
CA ASP A 659 -13.88 40.87 29.35
C ASP A 659 -12.72 41.87 29.60
N PRO A 660 -11.48 41.52 29.17
CA PRO A 660 -10.35 42.40 29.46
C PRO A 660 -10.40 43.70 28.68
N ALA A 661 -9.85 44.76 29.29
CA ALA A 661 -9.75 46.08 28.69
C ALA A 661 -8.37 46.31 28.10
N TYR A 662 -7.30 45.78 28.75
CA TYR A 662 -5.91 46.00 28.31
C TYR A 662 -5.18 44.74 27.87
N ALA A 663 -4.08 44.93 27.10
CA ALA A 663 -3.24 43.87 26.55
C ALA A 663 -2.60 43.01 27.63
N TYR A 664 -2.08 43.62 28.72
CA TYR A 664 -1.46 42.87 29.81
C TYR A 664 -2.49 41.97 30.52
N GLU A 665 -3.77 42.41 30.61
CA GLU A 665 -4.86 41.63 31.22
C GLU A 665 -5.06 40.35 30.42
N VAL A 666 -5.05 40.45 29.08
CA VAL A 666 -5.18 39.32 28.13
C VAL A 666 -4.07 38.30 28.43
N ALA A 667 -2.80 38.75 28.50
CA ALA A 667 -1.63 37.91 28.78
C ALA A 667 -1.78 37.16 30.12
N VAL A 668 -2.17 37.87 31.21
CA VAL A 668 -2.34 37.29 32.55
C VAL A 668 -3.48 36.25 32.56
N ILE A 669 -4.60 36.54 31.89
CA ILE A 669 -5.78 35.66 31.82
C ILE A 669 -5.45 34.39 31.01
N MET A 670 -4.81 34.56 29.83
CA MET A 670 -4.44 33.45 28.95
C MET A 670 -3.39 32.55 29.61
N HIS A 671 -2.41 33.14 30.32
CA HIS A 671 -1.39 32.37 31.04
C HIS A 671 -2.03 31.54 32.16
N ASP A 672 -2.91 32.17 32.98
CA ASP A 672 -3.59 31.51 34.09
C ASP A 672 -4.46 30.34 33.60
N GLY A 673 -5.20 30.57 32.50
CA GLY A 673 -6.06 29.56 31.88
C GLY A 673 -5.29 28.32 31.51
N LEU A 674 -4.18 28.53 30.81
CA LEU A 674 -3.22 27.53 30.37
C LEU A 674 -2.69 26.73 31.57
N GLU A 675 -2.25 27.42 32.62
CA GLU A 675 -1.73 26.80 33.85
C GLU A 675 -2.81 25.96 34.59
N ARG A 676 -4.03 26.51 34.73
CA ARG A 676 -5.16 25.85 35.40
C ARG A 676 -5.59 24.56 34.68
N MET A 677 -5.80 24.62 33.35
CA MET A 677 -6.29 23.52 32.53
C MET A 677 -5.22 22.54 32.08
N TYR A 678 -4.05 23.03 31.62
CA TYR A 678 -3.01 22.16 31.07
C TYR A 678 -1.75 22.08 31.94
N GLY A 679 -1.80 22.67 33.13
CA GLY A 679 -0.76 22.57 34.15
C GLY A 679 -1.05 21.36 35.00
N GLU A 680 -0.35 21.20 36.14
CA GLU A 680 -0.55 20.03 37.00
C GLU A 680 -1.93 19.99 37.70
N LYS A 681 -2.60 21.17 37.84
CA LYS A 681 -3.92 21.27 38.46
C LYS A 681 -4.97 20.49 37.66
N GLN A 682 -4.87 20.52 36.31
CA GLN A 682 -5.77 19.85 35.35
C GLN A 682 -7.24 20.09 35.73
N GLU A 683 -7.65 21.38 35.67
CA GLU A 683 -8.98 21.86 36.02
C GLU A 683 -9.94 21.64 34.88
N ASN A 684 -11.04 20.92 35.16
CA ASN A 684 -12.04 20.65 34.14
C ASN A 684 -12.92 21.89 34.02
N VAL A 685 -12.37 22.84 33.29
CA VAL A 685 -12.94 24.15 33.06
C VAL A 685 -12.51 24.62 31.66
N TYR A 686 -13.26 25.53 31.02
CA TYR A 686 -12.85 26.11 29.74
C TYR A 686 -13.06 27.62 29.84
N TYR A 687 -12.30 28.38 29.05
CA TYR A 687 -12.26 29.84 29.11
C TYR A 687 -13.01 30.51 27.99
N TYR A 688 -13.60 31.68 28.29
CA TYR A 688 -14.27 32.54 27.34
C TYR A 688 -13.75 33.96 27.54
N ILE A 689 -13.01 34.47 26.55
CA ILE A 689 -12.41 35.79 26.58
C ILE A 689 -12.97 36.61 25.41
N THR A 690 -13.62 37.73 25.71
CA THR A 690 -14.12 38.63 24.69
C THR A 690 -12.99 39.59 24.34
N THR A 691 -12.69 39.73 23.04
CA THR A 691 -11.62 40.60 22.54
C THR A 691 -12.25 41.66 21.63
N LEU A 692 -11.52 42.76 21.35
CA LEU A 692 -12.06 43.92 20.62
C LEU A 692 -11.30 44.25 19.34
N ASN A 693 -11.98 45.02 18.45
CA ASN A 693 -11.43 45.47 17.17
C ASN A 693 -11.06 46.98 17.20
N GLU A 694 -11.09 47.59 18.41
CA GLU A 694 -10.77 49.00 18.60
C GLU A 694 -9.37 49.15 19.20
N ASN A 695 -8.60 50.09 18.62
CA ASN A 695 -7.27 50.38 19.08
C ASN A 695 -7.28 51.56 20.03
N TYR A 696 -6.54 51.46 21.15
CA TYR A 696 -6.36 52.55 22.11
C TYR A 696 -5.06 52.36 22.89
N HIS A 697 -4.69 53.34 23.73
CA HIS A 697 -3.46 53.26 24.53
C HIS A 697 -3.52 52.08 25.47
N MET A 698 -2.47 51.28 25.44
CA MET A 698 -2.33 50.10 26.29
C MET A 698 -1.20 50.37 27.31
N PRO A 699 -1.57 50.70 28.56
CA PRO A 699 -0.53 50.99 29.58
C PRO A 699 0.13 49.71 30.08
N ALA A 700 1.22 49.87 30.86
CA ALA A 700 1.94 48.75 31.48
C ALA A 700 1.13 48.16 32.64
N MET A 701 1.42 46.89 33.00
CA MET A 701 0.74 46.21 34.10
C MET A 701 1.18 46.80 35.45
N PRO A 702 0.22 47.20 36.32
CA PRO A 702 0.60 47.68 37.66
C PRO A 702 1.25 46.57 38.48
N GLU A 703 2.26 46.91 39.31
CA GLU A 703 2.96 45.88 40.11
C GLU A 703 1.97 45.18 41.04
N GLY A 704 1.94 43.85 40.98
CA GLY A 704 1.08 43.03 41.83
C GLY A 704 -0.38 42.88 41.43
N ALA A 705 -0.75 43.35 40.23
CA ALA A 705 -2.11 43.28 39.73
C ALA A 705 -2.53 41.85 39.27
N GLU A 706 -1.56 40.92 39.11
CA GLU A 706 -1.79 39.55 38.63
C GLU A 706 -2.96 38.87 39.33
N GLU A 707 -2.99 38.85 40.68
CA GLU A 707 -4.08 38.20 41.46
C GLU A 707 -5.45 38.83 41.16
N GLY A 708 -5.51 40.17 41.19
CA GLY A 708 -6.71 40.95 40.90
C GLY A 708 -7.26 40.75 39.50
N ILE A 709 -6.36 40.64 38.49
CA ILE A 709 -6.72 40.39 37.09
C ILE A 709 -7.43 39.00 37.00
N ARG A 710 -6.77 37.93 37.55
CA ARG A 710 -7.27 36.55 37.62
C ARG A 710 -8.61 36.49 38.38
N LYS A 711 -8.71 37.14 39.55
CA LYS A 711 -9.90 37.07 40.40
C LYS A 711 -11.10 37.88 39.88
N GLY A 712 -10.84 38.95 39.11
CA GLY A 712 -11.92 39.73 38.51
C GLY A 712 -11.91 41.23 38.68
N ILE A 713 -11.16 41.77 39.65
CA ILE A 713 -11.14 43.22 39.89
C ILE A 713 -9.83 43.66 40.55
N TYR A 714 -9.40 44.90 40.27
CA TYR A 714 -8.23 45.53 40.90
C TYR A 714 -8.32 47.06 40.75
N LYS A 715 -7.83 47.80 41.78
CA LYS A 715 -7.77 49.25 41.80
C LYS A 715 -6.67 49.70 40.84
N LEU A 716 -7.04 50.45 39.79
CA LEU A 716 -6.11 50.97 38.79
C LEU A 716 -5.44 52.24 39.27
N GLU A 717 -6.23 53.15 39.84
CA GLU A 717 -5.83 54.49 40.21
C GLU A 717 -6.71 55.09 41.30
N THR A 718 -6.19 56.11 42.00
CA THR A 718 -6.90 56.91 42.98
C THR A 718 -6.63 58.36 42.57
N ILE A 719 -7.67 59.06 42.15
CA ILE A 719 -7.57 60.46 41.73
C ILE A 719 -8.10 61.32 42.89
N GLU A 720 -7.33 62.34 43.28
CA GLU A 720 -7.67 63.20 44.39
C GLU A 720 -8.76 64.22 44.03
N GLY A 721 -9.61 64.51 45.02
CA GLY A 721 -10.73 65.44 44.89
C GLY A 721 -11.31 65.84 46.24
N SER A 722 -11.34 67.17 46.49
CA SER A 722 -11.79 67.78 47.74
C SER A 722 -13.33 67.91 47.88
N LYS A 723 -14.09 67.88 46.76
CA LYS A 723 -15.55 68.09 46.80
C LYS A 723 -16.36 66.78 47.00
N GLY A 724 -15.71 65.62 46.96
CA GLY A 724 -16.36 64.34 47.15
C GLY A 724 -15.57 63.15 46.64
N LYS A 725 -16.08 61.92 46.89
CA LYS A 725 -15.43 60.69 46.46
C LYS A 725 -16.43 59.66 45.91
N VAL A 726 -16.04 59.04 44.79
CA VAL A 726 -16.81 58.00 44.12
C VAL A 726 -15.90 56.83 43.75
N GLN A 727 -16.49 55.72 43.35
CA GLN A 727 -15.80 54.55 42.85
C GLN A 727 -16.30 54.33 41.42
N LEU A 728 -15.38 54.14 40.48
CA LEU A 728 -15.78 53.96 39.09
C LEU A 728 -15.23 52.65 38.57
N LEU A 729 -16.14 51.80 38.06
CA LEU A 729 -15.87 50.47 37.52
C LEU A 729 -16.16 50.39 36.02
N GLY A 730 -15.27 49.74 35.29
CA GLY A 730 -15.38 49.57 33.85
C GLY A 730 -14.69 48.31 33.39
N SER A 731 -15.04 47.83 32.17
CA SER A 731 -14.47 46.63 31.55
C SER A 731 -14.51 46.77 30.04
N GLY A 732 -13.66 46.01 29.35
CA GLY A 732 -13.57 46.05 27.90
C GLY A 732 -13.27 47.42 27.35
N SER A 733 -13.84 47.75 26.20
CA SER A 733 -13.66 49.02 25.48
C SER A 733 -14.20 50.24 26.23
N ILE A 734 -15.14 50.03 27.15
CA ILE A 734 -15.78 51.11 27.90
C ILE A 734 -14.91 51.57 29.11
N LEU A 735 -13.92 50.79 29.56
CA LEU A 735 -13.07 51.21 30.69
C LEU A 735 -12.43 52.57 30.43
N ARG A 736 -11.80 52.76 29.24
CA ARG A 736 -11.12 54.03 28.90
C ARG A 736 -12.09 55.23 28.96
N HIS A 737 -13.40 54.99 28.78
CA HIS A 737 -14.43 56.02 28.88
C HIS A 737 -14.73 56.32 30.35
N VAL A 738 -14.77 55.30 31.20
CA VAL A 738 -14.92 55.51 32.63
C VAL A 738 -13.71 56.27 33.18
N ARG A 739 -12.53 55.93 32.67
CA ARG A 739 -11.27 56.59 33.05
C ARG A 739 -11.30 58.07 32.63
N GLU A 740 -11.86 58.37 31.43
CA GLU A 740 -12.05 59.72 30.89
C GLU A 740 -12.98 60.52 31.82
N ALA A 741 -14.11 59.89 32.24
CA ALA A 741 -15.10 60.42 33.16
C ALA A 741 -14.48 60.74 34.51
N ALA A 742 -13.51 59.92 34.97
CA ALA A 742 -12.78 60.15 36.23
C ALA A 742 -11.95 61.43 36.18
N GLU A 743 -11.39 61.75 35.02
CA GLU A 743 -10.60 62.96 34.80
C GLU A 743 -11.51 64.19 34.79
N ILE A 744 -12.71 64.07 34.17
CA ILE A 744 -13.75 65.12 34.08
C ILE A 744 -14.27 65.42 35.48
N LEU A 745 -14.68 64.37 36.24
CA LEU A 745 -15.16 64.53 37.62
C LEU A 745 -14.12 65.28 38.49
N ALA A 746 -12.84 64.92 38.38
CA ALA A 746 -11.77 65.54 39.15
C ALA A 746 -11.48 67.00 38.72
N LYS A 747 -11.28 67.24 37.40
CA LYS A 747 -10.93 68.56 36.87
C LYS A 747 -12.08 69.56 36.96
N ASP A 748 -13.25 69.19 36.41
CA ASP A 748 -14.39 70.08 36.34
C ASP A 748 -15.25 70.11 37.61
N TYR A 749 -15.33 69.01 38.38
CA TYR A 749 -16.23 69.00 39.54
C TYR A 749 -15.54 68.80 40.88
N GLY A 750 -14.23 68.56 40.89
CA GLY A 750 -13.42 68.39 42.09
C GLY A 750 -13.76 67.12 42.85
N VAL A 751 -14.29 66.10 42.14
CA VAL A 751 -14.70 64.82 42.69
C VAL A 751 -13.57 63.81 42.47
N GLY A 752 -13.06 63.29 43.58
CA GLY A 752 -12.03 62.28 43.56
C GLY A 752 -12.62 60.91 43.29
N SER A 753 -11.78 59.94 42.92
CA SER A 753 -12.30 58.60 42.66
C SER A 753 -11.26 57.50 42.76
N ASP A 754 -11.78 56.28 42.97
CA ASP A 754 -11.07 55.01 42.92
C ASP A 754 -11.48 54.40 41.59
N VAL A 755 -10.55 54.24 40.65
CA VAL A 755 -10.86 53.67 39.32
C VAL A 755 -10.47 52.19 39.34
N TYR A 756 -11.41 51.31 38.93
CA TYR A 756 -11.24 49.85 38.93
C TYR A 756 -11.45 49.22 37.56
N SER A 757 -10.53 48.32 37.17
CA SER A 757 -10.65 47.52 35.95
C SER A 757 -11.28 46.20 36.35
N VAL A 758 -12.50 45.94 35.86
CA VAL A 758 -13.20 44.70 36.19
C VAL A 758 -12.96 43.72 35.04
N THR A 759 -12.01 42.78 35.22
CA THR A 759 -11.67 41.77 34.21
C THR A 759 -12.78 40.70 34.10
N SER A 760 -13.56 40.44 35.18
CA SER A 760 -14.63 39.46 35.17
C SER A 760 -15.71 39.75 36.19
N PHE A 761 -16.85 40.30 35.76
CA PHE A 761 -17.96 40.55 36.67
C PHE A 761 -18.59 39.25 37.12
N THR A 762 -18.57 38.23 36.25
CA THR A 762 -19.13 36.90 36.47
C THR A 762 -18.37 36.15 37.56
N GLU A 763 -17.02 36.13 37.48
CA GLU A 763 -16.20 35.45 38.51
C GLU A 763 -16.36 36.12 39.87
N LEU A 764 -16.59 37.44 39.89
CA LEU A 764 -16.81 38.20 41.12
C LEU A 764 -18.19 37.89 41.70
N ALA A 765 -19.23 37.73 40.84
CA ALA A 765 -20.58 37.36 41.28
C ALA A 765 -20.57 35.95 41.83
N ARG A 766 -19.90 34.99 41.13
CA ARG A 766 -19.76 33.59 41.57
C ARG A 766 -19.05 33.52 42.94
N ASP A 767 -17.94 34.26 43.12
CA ASP A 767 -17.20 34.33 44.37
C ASP A 767 -18.11 34.87 45.49
N GLY A 768 -18.89 35.91 45.19
CA GLY A 768 -19.82 36.52 46.14
C GLY A 768 -20.89 35.55 46.57
N GLN A 769 -21.51 34.86 45.59
CA GLN A 769 -22.56 33.86 45.78
C GLN A 769 -22.06 32.71 46.66
N ASP A 770 -20.78 32.31 46.48
CA ASP A 770 -20.11 31.24 47.21
C ASP A 770 -19.92 31.61 48.67
N CYS A 771 -19.42 32.84 48.94
CA CYS A 771 -19.19 33.37 50.28
C CYS A 771 -20.50 33.49 51.04
N GLU A 772 -21.56 34.02 50.40
CA GLU A 772 -22.86 34.15 51.03
C GLU A 772 -23.52 32.79 51.28
N ARG A 773 -23.32 31.80 50.38
CA ARG A 773 -23.82 30.44 50.58
C ARG A 773 -23.17 29.85 51.83
N TRP A 774 -21.82 30.00 51.95
CA TRP A 774 -21.04 29.52 53.08
C TRP A 774 -21.54 30.19 54.35
N ASN A 775 -21.64 31.54 54.37
CA ASN A 775 -22.11 32.33 55.51
C ASN A 775 -23.49 31.88 55.99
N MET A 776 -24.39 31.52 55.07
CA MET A 776 -25.73 31.03 55.37
C MET A 776 -25.66 29.70 56.10
N LEU A 777 -24.82 28.77 55.59
CA LEU A 777 -24.67 27.40 56.11
C LEU A 777 -23.73 27.30 57.32
N HIS A 778 -23.04 28.41 57.71
CA HIS A 778 -22.16 28.46 58.89
C HIS A 778 -22.53 29.68 59.77
N PRO A 779 -23.76 29.70 60.38
CA PRO A 779 -24.17 30.87 61.18
C PRO A 779 -23.36 31.11 62.47
N LEU A 780 -22.66 30.07 62.96
CA LEU A 780 -21.89 30.14 64.19
C LEU A 780 -20.46 30.64 63.94
N GLU A 781 -20.06 30.84 62.67
CA GLU A 781 -18.72 31.29 62.31
C GLU A 781 -18.74 32.70 61.73
N THR A 782 -17.60 33.43 61.86
CA THR A 782 -17.37 34.78 61.36
C THR A 782 -17.65 34.80 59.85
N PRO A 783 -18.48 35.73 59.34
CA PRO A 783 -18.79 35.73 57.91
C PRO A 783 -17.57 36.00 57.03
N ARG A 784 -17.54 35.30 55.87
CA ARG A 784 -16.50 35.43 54.85
C ARG A 784 -16.86 36.64 53.98
N VAL A 785 -15.85 37.42 53.57
CA VAL A 785 -16.06 38.63 52.78
C VAL A 785 -15.75 38.36 51.28
N PRO A 786 -16.72 38.61 50.35
CA PRO A 786 -16.43 38.42 48.91
C PRO A 786 -15.24 39.25 48.43
N TYR A 787 -14.45 38.74 47.47
CA TYR A 787 -13.25 39.43 46.96
C TYR A 787 -13.57 40.86 46.47
N ILE A 788 -14.72 41.08 45.83
CA ILE A 788 -15.08 42.43 45.35
C ILE A 788 -15.23 43.38 46.58
N ALA A 789 -15.82 42.88 47.71
CA ALA A 789 -16.03 43.66 48.93
C ALA A 789 -14.72 43.89 49.69
N GLN A 790 -13.66 43.14 49.33
CA GLN A 790 -12.31 43.28 49.89
C GLN A 790 -11.54 44.39 49.15
N VAL A 791 -11.69 44.43 47.79
CA VAL A 791 -11.03 45.39 46.90
C VAL A 791 -11.70 46.77 46.98
N MET A 792 -13.04 46.80 46.88
CA MET A 792 -13.87 48.01 46.93
C MET A 792 -14.11 48.54 48.35
N ASN A 793 -14.65 49.77 48.45
CA ASN A 793 -14.98 50.45 49.71
C ASN A 793 -16.48 50.90 49.70
N ASP A 794 -16.88 51.72 50.70
CA ASP A 794 -18.27 52.16 50.91
C ASP A 794 -18.72 53.39 50.04
N ALA A 795 -17.79 54.10 49.37
CA ALA A 795 -18.07 55.26 48.52
C ALA A 795 -19.06 54.94 47.37
N PRO A 796 -20.03 55.83 47.05
CA PRO A 796 -20.97 55.56 45.94
C PRO A 796 -20.25 55.14 44.67
N ALA A 797 -20.72 54.07 44.01
CA ALA A 797 -20.06 53.52 42.81
C ALA A 797 -20.92 53.60 41.54
N VAL A 798 -20.23 53.74 40.39
CA VAL A 798 -20.83 53.72 39.05
C VAL A 798 -20.07 52.68 38.23
N ALA A 799 -20.80 51.80 37.54
CA ALA A 799 -20.23 50.77 36.66
C ALA A 799 -20.75 50.96 35.26
N SER A 800 -19.87 50.80 34.25
CA SER A 800 -20.25 50.90 32.83
C SER A 800 -19.47 49.88 31.99
N THR A 801 -20.19 49.11 31.18
CA THR A 801 -19.64 48.08 30.29
C THR A 801 -20.25 48.20 28.89
N ASP A 802 -19.77 47.41 27.93
CA ASP A 802 -20.29 47.39 26.56
C ASP A 802 -21.41 46.35 26.43
N TYR A 803 -21.75 45.70 27.57
CA TYR A 803 -22.78 44.67 27.72
C TYR A 803 -23.95 45.21 28.49
N MET A 804 -25.12 44.57 28.36
CA MET A 804 -26.35 44.97 29.07
C MET A 804 -26.11 45.08 30.59
N LYS A 805 -26.85 45.99 31.23
CA LYS A 805 -26.78 46.35 32.65
C LYS A 805 -26.64 45.16 33.59
N LEU A 806 -27.32 44.03 33.33
CA LEU A 806 -27.23 42.84 34.21
C LEU A 806 -25.78 42.33 34.37
N PHE A 807 -24.89 42.55 33.36
CA PHE A 807 -23.49 42.11 33.44
C PHE A 807 -22.77 42.76 34.63
N ALA A 808 -23.03 44.05 34.86
CA ALA A 808 -22.43 44.76 35.98
C ALA A 808 -23.30 44.67 37.22
N GLU A 809 -24.65 44.62 37.05
CA GLU A 809 -25.61 44.57 38.17
C GLU A 809 -25.53 43.28 38.99
N GLN A 810 -25.03 42.18 38.39
CA GLN A 810 -24.94 40.86 39.00
C GLN A 810 -24.09 40.82 40.29
N VAL A 811 -23.20 41.79 40.49
CA VAL A 811 -22.37 41.87 41.69
C VAL A 811 -23.02 42.75 42.78
N ARG A 812 -24.18 43.39 42.51
CA ARG A 812 -24.84 44.31 43.44
C ARG A 812 -24.79 43.88 44.91
N THR A 813 -25.32 42.68 45.25
CA THR A 813 -25.39 42.17 46.62
C THR A 813 -24.03 42.25 47.35
N TYR A 814 -22.93 42.05 46.61
CA TYR A 814 -21.56 41.94 47.12
C TYR A 814 -20.74 43.25 47.06
N VAL A 815 -21.29 44.31 46.43
CA VAL A 815 -20.66 45.64 46.34
C VAL A 815 -20.89 46.33 47.70
N PRO A 816 -19.83 46.71 48.45
CA PRO A 816 -20.04 47.27 49.80
C PRO A 816 -20.52 48.74 49.89
N ALA A 817 -20.95 49.37 48.77
CA ALA A 817 -21.43 50.75 48.76
C ALA A 817 -22.96 50.83 48.87
N ASP A 818 -23.49 51.94 49.47
CA ASP A 818 -24.94 52.18 49.60
C ASP A 818 -25.60 52.34 48.23
N ASP A 819 -24.91 53.06 47.32
CA ASP A 819 -25.35 53.32 45.95
C ASP A 819 -24.41 52.64 44.95
N TYR A 820 -25.00 51.91 43.98
CA TYR A 820 -24.27 51.23 42.91
C TYR A 820 -25.10 51.35 41.66
N ARG A 821 -24.77 52.38 40.85
CA ARG A 821 -25.44 52.71 39.59
C ARG A 821 -24.75 52.00 38.44
N VAL A 822 -25.52 51.29 37.63
CA VAL A 822 -25.00 50.52 36.51
C VAL A 822 -25.49 51.09 35.18
N LEU A 823 -24.53 51.30 34.25
CA LEU A 823 -24.77 51.74 32.88
C LEU A 823 -24.45 50.57 31.98
N GLY A 824 -25.26 50.35 30.96
CA GLY A 824 -25.06 49.22 30.06
C GLY A 824 -25.72 49.44 28.71
N THR A 825 -25.48 48.50 27.79
CA THR A 825 -25.93 48.57 26.39
C THR A 825 -27.21 47.70 26.12
N ASP A 826 -28.25 47.83 27.00
CA ASP A 826 -29.51 47.13 26.81
C ASP A 826 -30.19 47.65 25.55
N GLY A 827 -30.83 46.75 24.80
CA GLY A 827 -31.51 47.10 23.55
C GLY A 827 -30.83 46.57 22.30
N PHE A 828 -31.54 46.58 21.18
CA PHE A 828 -31.01 46.10 19.90
C PHE A 828 -29.95 47.05 19.33
N GLY A 829 -28.89 46.47 18.81
CA GLY A 829 -27.83 47.23 18.16
C GLY A 829 -28.28 47.89 16.86
N ARG A 830 -27.50 48.87 16.39
CA ARG A 830 -27.75 49.61 15.15
C ARG A 830 -26.44 50.15 14.60
N SER A 831 -26.45 50.56 13.32
CA SER A 831 -25.26 51.06 12.64
C SER A 831 -25.02 52.53 12.87
N ASP A 832 -23.81 52.89 13.35
CA ASP A 832 -23.36 54.29 13.56
C ASP A 832 -21.89 54.30 13.97
N SER A 833 -21.35 55.50 14.30
CA SER A 833 -19.97 55.64 14.81
C SER A 833 -19.91 55.14 16.23
N ARG A 834 -18.71 54.82 16.75
CA ARG A 834 -18.57 54.32 18.13
C ARG A 834 -19.04 55.43 19.11
N GLU A 835 -18.78 56.72 18.79
CA GLU A 835 -19.16 57.89 19.58
C GLU A 835 -20.68 57.98 19.70
N ASN A 836 -21.41 57.89 18.58
CA ASN A 836 -22.87 57.98 18.53
C ASN A 836 -23.53 56.80 19.22
N LEU A 837 -22.95 55.60 19.09
CA LEU A 837 -23.52 54.41 19.72
C LEU A 837 -23.35 54.43 21.23
N ARG A 838 -22.18 54.89 21.72
CA ARG A 838 -21.85 55.02 23.12
C ARG A 838 -22.72 56.09 23.80
N HIS A 839 -23.18 57.12 23.05
CA HIS A 839 -24.11 58.12 23.61
C HIS A 839 -25.54 57.52 23.61
N HIS A 840 -25.91 56.83 22.52
CA HIS A 840 -27.22 56.20 22.38
C HIS A 840 -27.46 55.16 23.47
N PHE A 841 -26.50 54.24 23.69
CA PHE A 841 -26.61 53.17 24.69
C PHE A 841 -26.29 53.67 26.10
N GLU A 842 -26.00 54.99 26.22
CA GLU A 842 -25.79 55.72 27.48
C GLU A 842 -24.70 55.08 28.36
N VAL A 843 -23.49 54.90 27.79
CA VAL A 843 -22.36 54.25 28.47
C VAL A 843 -21.05 55.10 28.41
N ASP A 844 -21.02 56.20 27.64
CA ASP A 844 -19.81 57.04 27.51
C ASP A 844 -19.47 57.82 28.81
N ALA A 845 -18.34 58.57 28.77
CA ALA A 845 -17.84 59.36 29.89
C ALA A 845 -18.90 60.33 30.41
N SER A 846 -19.66 60.99 29.51
CA SER A 846 -20.69 61.96 29.86
C SER A 846 -21.79 61.34 30.76
N TYR A 847 -22.22 60.09 30.47
CA TYR A 847 -23.24 59.41 31.27
C TYR A 847 -22.68 58.89 32.60
N VAL A 848 -21.37 58.56 32.65
CA VAL A 848 -20.70 58.08 33.88
C VAL A 848 -20.61 59.25 34.86
N VAL A 849 -20.27 60.46 34.37
CA VAL A 849 -20.16 61.69 35.15
C VAL A 849 -21.54 62.04 35.75
N VAL A 850 -22.61 62.07 34.91
CA VAL A 850 -23.98 62.41 35.35
C VAL A 850 -24.48 61.37 36.40
N ALA A 851 -24.08 60.10 36.25
CA ALA A 851 -24.46 59.04 37.19
C ALA A 851 -23.77 59.22 38.53
N ALA A 852 -22.46 59.63 38.52
CA ALA A 852 -21.64 59.87 39.70
C ALA A 852 -22.10 61.09 40.47
N LEU A 853 -22.30 62.24 39.78
CA LEU A 853 -22.75 63.49 40.40
C LEU A 853 -24.13 63.30 41.06
N GLY A 854 -25.00 62.54 40.40
CA GLY A 854 -26.35 62.23 40.86
C GLY A 854 -26.41 61.55 42.21
N GLU A 855 -25.40 60.70 42.50
CA GLU A 855 -25.28 59.96 43.77
C GLU A 855 -24.87 60.91 44.89
N LEU A 856 -23.90 61.80 44.60
CA LEU A 856 -23.37 62.78 45.53
C LEU A 856 -24.41 63.84 45.85
N ALA A 857 -25.29 64.16 44.88
CA ALA A 857 -26.37 65.12 45.08
C ALA A 857 -27.45 64.54 46.00
N LYS A 858 -27.70 63.21 45.90
CA LYS A 858 -28.63 62.47 46.77
C LYS A 858 -28.09 62.45 48.20
N ARG A 859 -26.76 62.28 48.34
CA ARG A 859 -26.03 62.28 49.62
C ARG A 859 -25.93 63.68 50.22
N GLY A 860 -26.26 64.69 49.41
CA GLY A 860 -26.21 66.09 49.81
C GLY A 860 -24.83 66.70 49.73
N GLU A 861 -23.85 65.97 49.17
CA GLU A 861 -22.46 66.42 49.03
C GLU A 861 -22.29 67.51 47.97
N ILE A 862 -23.14 67.51 46.93
CA ILE A 862 -23.20 68.53 45.87
C ILE A 862 -24.67 68.93 45.63
N ASP A 863 -24.89 70.11 45.03
CA ASP A 863 -26.23 70.61 44.72
C ASP A 863 -26.84 69.79 43.57
N LYS A 864 -28.19 69.65 43.58
CA LYS A 864 -28.96 68.95 42.54
C LYS A 864 -28.84 69.69 41.19
N LYS A 865 -28.62 71.03 41.23
CA LYS A 865 -28.45 71.86 40.04
C LYS A 865 -27.16 71.52 39.27
N VAL A 866 -26.13 70.99 39.94
CA VAL A 866 -24.86 70.64 39.30
C VAL A 866 -25.07 69.45 38.35
N VAL A 867 -25.91 68.48 38.76
CA VAL A 867 -26.27 67.29 37.97
C VAL A 867 -27.12 67.73 36.78
N ALA A 868 -28.11 68.59 37.05
CA ALA A 868 -29.00 69.15 36.05
C ALA A 868 -28.18 69.80 34.96
N ASP A 869 -27.25 70.69 35.36
CA ASP A 869 -26.41 71.47 34.50
C ASP A 869 -25.48 70.58 33.68
N ALA A 870 -24.97 69.50 34.27
CA ALA A 870 -24.12 68.53 33.58
C ALA A 870 -24.86 67.83 32.42
N ILE A 871 -26.15 67.45 32.64
CA ILE A 871 -27.02 66.83 31.63
C ILE A 871 -27.07 67.73 30.37
N ALA A 872 -27.27 69.05 30.57
CA ALA A 872 -27.32 70.04 29.49
C ALA A 872 -25.94 70.22 28.85
N LYS A 873 -24.91 70.41 29.68
CA LYS A 873 -23.52 70.58 29.28
C LYS A 873 -23.00 69.44 28.39
N PHE A 874 -23.35 68.19 28.74
CA PHE A 874 -22.93 66.98 28.04
C PHE A 874 -23.89 66.54 26.92
N ASN A 875 -24.86 67.40 26.57
CA ASN A 875 -25.85 67.17 25.53
C ASN A 875 -26.58 65.83 25.73
N ILE A 876 -27.08 65.59 26.95
CA ILE A 876 -27.82 64.38 27.28
C ILE A 876 -29.33 64.67 27.17
N ASP A 877 -30.05 63.88 26.32
CA ASP A 877 -31.50 63.97 26.17
C ASP A 877 -32.11 63.11 27.23
N ALA A 878 -32.52 63.73 28.34
CA ALA A 878 -33.08 63.03 29.50
C ALA A 878 -34.40 62.30 29.20
N ASP A 879 -35.10 62.69 28.13
CA ASP A 879 -36.41 62.11 27.80
C ASP A 879 -36.41 61.28 26.50
N LYS A 880 -35.23 60.89 25.99
CA LYS A 880 -35.15 60.03 24.80
C LYS A 880 -35.66 58.64 25.22
N VAL A 881 -36.13 57.81 24.28
CA VAL A 881 -36.66 56.48 24.62
C VAL A 881 -35.57 55.60 25.24
N ASN A 882 -35.93 54.72 26.20
CA ASN A 882 -35.01 53.76 26.83
C ASN A 882 -34.34 52.93 25.70
N PRO A 883 -32.99 52.92 25.60
CA PRO A 883 -32.33 52.16 24.51
C PRO A 883 -32.87 50.73 24.33
N ARG A 884 -33.38 50.09 25.41
CA ARG A 884 -33.98 48.74 25.35
C ARG A 884 -35.22 48.73 24.47
N LEU A 885 -36.00 49.82 24.51
CA LEU A 885 -37.23 49.96 23.75
C LEU A 885 -37.03 50.63 22.38
N ALA A 886 -35.88 51.30 22.16
CA ALA A 886 -35.52 52.00 20.91
C ALA A 886 -35.40 51.02 19.73
N PRO B 5 -6.11 -1.10 -32.88
CA PRO B 5 -7.13 -1.87 -32.16
C PRO B 5 -8.18 -0.97 -31.50
N ASN B 6 -9.45 -1.23 -31.78
CA ASN B 6 -10.54 -0.44 -31.21
C ASN B 6 -10.97 -0.94 -29.84
N ASP B 7 -11.99 -1.79 -29.82
CA ASP B 7 -12.50 -2.34 -28.57
C ASP B 7 -12.86 -3.82 -28.72
N VAL B 8 -13.81 -4.27 -27.92
CA VAL B 8 -14.26 -5.66 -27.97
C VAL B 8 -15.78 -5.75 -28.03
N ASP B 9 -16.28 -6.64 -28.90
CA ASP B 9 -17.72 -6.82 -29.04
C ASP B 9 -18.39 -5.53 -29.51
N PRO B 10 -18.74 -5.46 -30.79
CA PRO B 10 -19.37 -4.26 -31.35
C PRO B 10 -20.90 -4.37 -31.40
N ILE B 11 -21.39 -5.60 -31.58
CA ILE B 11 -22.82 -5.86 -31.68
C ILE B 11 -23.53 -5.58 -30.36
N GLU B 12 -23.05 -6.23 -29.30
CA GLU B 12 -23.64 -6.06 -27.96
C GLU B 12 -23.91 -4.58 -27.69
N THR B 13 -22.91 -3.71 -27.97
CA THR B 13 -22.98 -2.26 -27.77
C THR B 13 -24.05 -1.65 -28.70
N ARG B 14 -24.19 -2.18 -29.95
CA ARG B 14 -25.19 -1.78 -30.95
C ARG B 14 -26.62 -2.01 -30.40
N ASP B 15 -26.81 -3.13 -29.67
CA ASP B 15 -28.07 -3.52 -29.03
C ASP B 15 -28.42 -2.57 -27.89
N TRP B 16 -27.42 -2.25 -27.02
CA TRP B 16 -27.54 -1.35 -25.88
C TRP B 16 -27.89 0.10 -26.29
N LEU B 17 -27.22 0.62 -27.33
CA LEU B 17 -27.40 1.98 -27.84
C LEU B 17 -28.74 2.16 -28.60
N GLN B 18 -29.17 1.13 -29.35
CA GLN B 18 -30.42 1.13 -30.12
C GLN B 18 -31.65 0.98 -29.19
N ALA B 19 -31.49 0.28 -28.05
CA ALA B 19 -32.56 0.03 -27.07
C ALA B 19 -32.94 1.31 -26.32
N ILE B 20 -31.97 2.24 -26.08
CA ILE B 20 -32.24 3.54 -25.43
C ILE B 20 -32.94 4.47 -26.44
N GLU B 21 -32.67 4.26 -27.75
CA GLU B 21 -33.29 5.01 -28.86
C GLU B 21 -34.75 4.62 -28.98
N SER B 22 -35.04 3.32 -28.73
CA SER B 22 -36.38 2.74 -28.75
C SER B 22 -37.11 2.94 -27.38
N VAL B 23 -36.55 3.81 -26.51
CA VAL B 23 -37.10 4.24 -25.21
C VAL B 23 -37.64 5.68 -25.42
N ILE B 24 -36.94 6.50 -26.24
CA ILE B 24 -37.30 7.87 -26.58
C ILE B 24 -38.55 7.86 -27.53
N ARG B 25 -38.87 6.69 -28.16
CA ARG B 25 -40.09 6.50 -28.98
C ARG B 25 -41.28 6.16 -28.03
N GLU B 26 -41.02 5.34 -26.98
CA GLU B 26 -42.00 4.98 -25.96
C GLU B 26 -41.93 6.11 -24.88
N GLU B 27 -42.19 7.34 -25.37
CA GLU B 27 -42.17 8.62 -24.67
C GLU B 27 -40.98 8.69 -23.71
N GLY B 28 -39.79 8.82 -24.28
CA GLY B 28 -38.54 8.90 -23.54
C GLY B 28 -38.28 10.25 -22.92
N VAL B 29 -36.99 10.63 -22.86
CA VAL B 29 -36.46 11.87 -22.28
C VAL B 29 -36.69 11.83 -20.75
N GLU B 30 -37.97 11.73 -20.30
CA GLU B 30 -38.38 11.62 -18.90
C GLU B 30 -38.33 10.14 -18.48
N ARG B 31 -38.83 9.23 -19.35
CA ARG B 31 -38.80 7.78 -19.16
C ARG B 31 -37.36 7.26 -19.26
N ALA B 32 -36.58 7.82 -20.21
CA ALA B 32 -35.17 7.50 -20.46
C ALA B 32 -34.29 7.88 -19.27
N GLN B 33 -34.59 9.03 -18.62
CA GLN B 33 -33.89 9.53 -17.42
C GLN B 33 -34.14 8.61 -16.20
N TYR B 34 -35.42 8.17 -16.01
CA TYR B 34 -35.83 7.27 -14.93
C TYR B 34 -35.11 5.92 -15.04
N LEU B 35 -34.92 5.41 -16.28
CA LEU B 35 -34.23 4.15 -16.56
C LEU B 35 -32.72 4.29 -16.35
N ILE B 36 -32.12 5.43 -16.74
CA ILE B 36 -30.69 5.72 -16.59
C ILE B 36 -30.33 5.85 -15.09
N ASP B 37 -31.17 6.53 -14.28
CA ASP B 37 -30.94 6.73 -12.84
C ASP B 37 -31.03 5.43 -12.02
N GLN B 38 -31.93 4.50 -12.43
CA GLN B 38 -32.11 3.21 -11.77
C GLN B 38 -31.05 2.19 -12.24
N LEU B 39 -30.50 2.38 -13.46
CA LEU B 39 -29.43 1.54 -13.99
C LEU B 39 -28.12 1.92 -13.28
N LEU B 40 -27.93 3.23 -13.03
CA LEU B 40 -26.77 3.82 -12.35
C LEU B 40 -26.71 3.43 -10.85
N ALA B 41 -27.88 3.32 -10.17
CA ALA B 41 -27.97 2.92 -8.77
C ALA B 41 -27.63 1.42 -8.57
N GLU B 42 -28.02 0.56 -9.53
CA GLU B 42 -27.76 -0.89 -9.54
C GLU B 42 -26.31 -1.14 -9.99
N ALA B 43 -25.71 -0.19 -10.73
CA ALA B 43 -24.31 -0.26 -11.17
C ALA B 43 -23.36 -0.02 -9.99
N ARG B 44 -23.74 0.91 -9.05
CA ARG B 44 -23.01 1.28 -7.84
C ARG B 44 -22.73 0.06 -6.94
N LYS B 45 -23.74 -0.79 -6.77
CA LYS B 45 -23.59 -1.99 -5.95
C LYS B 45 -22.64 -2.99 -6.59
N GLY B 46 -22.45 -2.85 -7.91
CA GLY B 46 -21.57 -3.74 -8.65
C GLY B 46 -20.14 -3.25 -8.67
N GLY B 47 -19.96 -1.95 -8.51
CA GLY B 47 -18.64 -1.35 -8.51
C GLY B 47 -18.34 -0.61 -9.81
N VAL B 48 -19.10 0.44 -10.07
CA VAL B 48 -18.92 1.24 -11.28
C VAL B 48 -18.95 2.73 -10.97
N ASN B 49 -18.94 3.55 -12.01
CA ASN B 49 -18.97 5.00 -11.86
C ASN B 49 -17.61 5.56 -11.45
N ILE B 56 -23.74 13.20 -11.82
CA ILE B 56 -23.59 14.64 -12.06
C ILE B 56 -23.59 14.92 -13.58
N SER B 57 -24.32 15.99 -13.98
CA SER B 57 -24.41 16.43 -15.38
C SER B 57 -23.17 17.25 -15.79
N ASN B 58 -23.11 17.62 -17.09
CA ASN B 58 -22.01 18.39 -17.68
C ASN B 58 -21.91 19.81 -17.10
N TYR B 59 -20.71 20.38 -17.13
CA TYR B 59 -20.43 21.73 -16.62
C TYR B 59 -20.88 22.81 -17.63
N ILE B 60 -22.15 22.74 -18.04
CA ILE B 60 -22.79 23.64 -18.99
C ILE B 60 -24.19 24.00 -18.45
N ASN B 61 -24.86 24.96 -19.12
CA ASN B 61 -26.20 25.41 -18.75
C ASN B 61 -27.20 24.26 -18.82
N THR B 62 -28.13 24.21 -17.87
CA THR B 62 -29.19 23.20 -17.83
C THR B 62 -30.15 23.43 -19.01
N ILE B 63 -30.46 24.72 -19.28
CA ILE B 63 -31.41 25.13 -20.32
C ILE B 63 -30.65 25.47 -21.60
N PRO B 64 -30.77 24.62 -22.64
CA PRO B 64 -30.09 24.93 -23.90
C PRO B 64 -30.80 26.07 -24.62
N VAL B 65 -30.10 26.78 -25.52
CA VAL B 65 -30.62 27.91 -26.31
C VAL B 65 -31.95 27.56 -26.99
N GLU B 66 -32.04 26.31 -27.51
CA GLU B 66 -33.19 25.74 -28.21
C GLU B 66 -34.49 25.85 -27.39
N GLU B 67 -34.38 25.73 -26.05
CA GLU B 67 -35.48 25.76 -25.09
C GLU B 67 -35.55 27.07 -24.29
N GLN B 68 -34.70 28.04 -24.64
CA GLN B 68 -34.60 29.32 -23.96
C GLN B 68 -35.71 30.28 -24.44
N PRO B 69 -36.48 30.91 -23.52
CA PRO B 69 -37.50 31.88 -23.98
C PRO B 69 -36.90 33.19 -24.50
N GLU B 70 -37.66 33.94 -25.30
CA GLU B 70 -37.22 35.23 -25.79
C GLU B 70 -37.21 36.21 -24.62
N TYR B 71 -36.11 36.97 -24.45
CA TYR B 71 -35.98 37.93 -23.36
C TYR B 71 -37.01 39.06 -23.57
N PRO B 72 -37.96 39.28 -22.61
CA PRO B 72 -39.01 40.28 -22.82
C PRO B 72 -38.60 41.75 -22.61
N GLY B 73 -37.47 41.98 -21.94
CA GLY B 73 -37.02 43.32 -21.63
C GLY B 73 -36.18 44.00 -22.67
N ASN B 74 -35.95 45.32 -22.47
CA ASN B 74 -35.14 46.17 -23.31
C ASN B 74 -33.74 46.15 -22.70
N LEU B 75 -32.90 45.21 -23.15
CA LEU B 75 -31.54 44.98 -22.63
C LEU B 75 -30.68 46.24 -22.56
N GLU B 76 -30.74 47.16 -23.57
CA GLU B 76 -29.91 48.38 -23.49
C GLU B 76 -30.41 49.31 -22.39
N LEU B 77 -31.73 49.56 -22.32
CA LEU B 77 -32.25 50.41 -21.26
C LEU B 77 -31.95 49.83 -19.88
N GLU B 78 -32.07 48.51 -19.73
CA GLU B 78 -31.80 47.78 -18.48
C GLU B 78 -30.34 47.91 -18.07
N ARG B 79 -29.35 47.85 -19.02
CA ARG B 79 -27.95 47.99 -18.63
C ARG B 79 -27.67 49.41 -18.15
N ARG B 80 -28.32 50.41 -18.77
CA ARG B 80 -28.16 51.82 -18.37
C ARG B 80 -28.64 52.02 -16.93
N ILE B 81 -29.82 51.43 -16.59
CA ILE B 81 -30.41 51.54 -15.26
C ILE B 81 -29.56 50.79 -14.24
N ARG B 82 -29.12 49.56 -14.60
CA ARG B 82 -28.28 48.71 -13.75
C ARG B 82 -26.93 49.37 -13.45
N SER B 83 -26.34 50.05 -14.46
CA SER B 83 -25.05 50.74 -14.30
C SER B 83 -25.15 51.90 -13.31
N ALA B 84 -26.34 52.53 -13.16
CA ALA B 84 -26.58 53.63 -12.22
C ALA B 84 -26.81 53.08 -10.83
N ILE B 85 -27.43 51.87 -10.73
CA ILE B 85 -27.63 51.17 -9.45
C ILE B 85 -26.22 50.75 -8.94
N ARG B 86 -25.38 50.18 -9.83
CA ARG B 86 -24.01 49.76 -9.51
C ARG B 86 -23.19 50.93 -8.97
N TRP B 87 -23.24 52.06 -9.67
CA TRP B 87 -22.51 53.28 -9.33
C TRP B 87 -22.96 53.85 -7.98
N ASN B 88 -24.27 54.13 -7.80
CA ASN B 88 -24.82 54.64 -6.54
C ASN B 88 -24.52 53.70 -5.35
N ALA B 89 -24.49 52.36 -5.56
CA ALA B 89 -24.14 51.41 -4.51
C ALA B 89 -22.69 51.62 -4.06
N ILE B 90 -21.76 51.78 -5.03
CA ILE B 90 -20.33 52.00 -4.76
C ILE B 90 -20.15 53.39 -4.12
N MET B 91 -20.87 54.43 -4.61
CA MET B 91 -20.81 55.79 -4.07
C MET B 91 -21.25 55.84 -2.60
N THR B 92 -22.32 55.12 -2.24
CA THR B 92 -22.87 55.05 -0.89
C THR B 92 -21.80 54.56 0.10
N VAL B 93 -21.13 53.42 -0.25
CA VAL B 93 -20.09 52.77 0.55
C VAL B 93 -18.82 53.66 0.62
N LEU B 94 -18.39 54.22 -0.51
CA LEU B 94 -17.19 55.07 -0.55
C LEU B 94 -17.36 56.34 0.25
N ARG B 95 -18.55 56.96 0.19
CA ARG B 95 -18.82 58.20 0.93
C ARG B 95 -18.79 57.93 2.42
N ALA B 96 -19.29 56.75 2.86
CA ALA B 96 -19.30 56.30 4.26
C ALA B 96 -17.86 56.06 4.73
N SER B 97 -17.02 55.50 3.85
CA SER B 97 -15.61 55.19 4.10
C SER B 97 -14.79 56.47 4.31
N LYS B 98 -15.10 57.55 3.53
CA LYS B 98 -14.46 58.86 3.58
C LYS B 98 -14.56 59.49 4.97
N LYS B 99 -15.62 59.19 5.72
CA LYS B 99 -15.90 59.67 7.07
C LYS B 99 -14.85 59.19 8.09
N ASP B 100 -14.22 58.03 7.82
CA ASP B 100 -13.17 57.39 8.64
C ASP B 100 -13.70 57.20 10.09
N LEU B 101 -14.85 56.51 10.20
CA LEU B 101 -15.54 56.22 11.45
C LEU B 101 -15.76 54.71 11.64
N GLU B 102 -15.04 53.89 10.82
CA GLU B 102 -15.08 52.43 10.82
C GLU B 102 -16.52 51.95 10.60
N LEU B 103 -17.22 52.58 9.67
CA LEU B 103 -18.63 52.28 9.39
C LEU B 103 -18.81 50.93 8.69
N GLY B 104 -17.98 50.64 7.70
CA GLY B 104 -18.06 49.37 6.95
C GLY B 104 -18.89 49.45 5.70
N GLY B 105 -19.21 48.29 5.16
CA GLY B 105 -19.99 48.16 3.93
C GLY B 105 -19.26 47.39 2.83
N HIS B 106 -20.00 46.62 2.04
CA HIS B 106 -19.44 45.76 0.98
C HIS B 106 -19.74 46.31 -0.43
N MET B 107 -18.88 45.98 -1.40
CA MET B 107 -19.02 46.40 -2.79
C MET B 107 -18.94 45.23 -3.76
N ALA B 108 -17.96 44.32 -3.56
CA ALA B 108 -17.70 43.16 -4.42
C ALA B 108 -18.89 42.22 -4.53
N SER B 109 -19.58 41.98 -3.39
CA SER B 109 -20.74 41.09 -3.28
C SER B 109 -21.86 41.51 -4.22
N PHE B 110 -22.28 42.79 -4.19
CA PHE B 110 -23.33 43.24 -5.06
C PHE B 110 -22.88 43.27 -6.52
N GLN B 111 -21.60 43.55 -6.79
CA GLN B 111 -21.10 43.59 -8.16
C GLN B 111 -21.25 42.24 -8.87
N SER B 112 -21.00 41.12 -8.15
CA SER B 112 -21.13 39.80 -8.76
C SER B 112 -22.59 39.37 -8.97
N SER B 113 -23.51 39.84 -8.15
CA SER B 113 -24.92 39.41 -8.22
C SER B 113 -25.90 40.48 -8.74
N ALA B 114 -25.44 41.68 -9.08
CA ALA B 114 -26.28 42.78 -9.54
C ALA B 114 -27.23 42.39 -10.67
N THR B 115 -26.74 41.69 -11.72
CA THR B 115 -27.56 41.30 -12.88
C THR B 115 -28.65 40.29 -12.50
N ILE B 116 -28.39 39.42 -11.50
CA ILE B 116 -29.35 38.39 -11.03
C ILE B 116 -30.55 39.09 -10.37
N TYR B 117 -30.29 40.05 -9.48
CA TYR B 117 -31.32 40.82 -8.81
C TYR B 117 -32.05 41.73 -9.79
N ASP B 118 -31.32 42.29 -10.77
CA ASP B 118 -31.87 43.20 -11.77
C ASP B 118 -32.94 42.53 -12.62
N VAL B 119 -32.67 41.32 -13.17
CA VAL B 119 -33.63 40.55 -13.98
C VAL B 119 -34.89 40.31 -13.15
N CYS B 120 -34.72 39.98 -11.86
CA CYS B 120 -35.79 39.72 -10.91
C CYS B 120 -36.65 40.97 -10.70
N PHE B 121 -36.01 42.12 -10.43
CA PHE B 121 -36.71 43.38 -10.19
C PHE B 121 -37.46 43.87 -11.43
N ASN B 122 -36.91 43.61 -12.62
CA ASN B 122 -37.51 44.03 -13.87
C ASN B 122 -38.58 43.06 -14.34
N HIS B 123 -38.47 41.74 -14.04
CA HIS B 123 -39.41 40.76 -14.60
C HIS B 123 -40.05 39.73 -13.64
N PHE B 124 -39.62 39.59 -12.37
CA PHE B 124 -40.18 38.53 -11.52
C PHE B 124 -40.76 38.97 -10.17
N PHE B 125 -39.99 39.71 -9.33
CA PHE B 125 -40.46 40.09 -7.98
C PHE B 125 -41.82 40.81 -7.96
N ARG B 126 -42.85 40.14 -7.38
CA ARG B 126 -44.18 40.74 -7.20
C ARG B 126 -44.20 41.48 -5.90
N ALA B 127 -44.57 42.75 -5.92
CA ALA B 127 -44.66 43.55 -4.70
C ALA B 127 -45.97 43.22 -4.02
N ARG B 128 -46.18 43.72 -2.79
CA ARG B 128 -47.44 43.52 -2.07
C ARG B 128 -48.59 44.01 -2.94
N ASN B 129 -49.66 43.20 -3.04
CA ASN B 129 -50.79 43.52 -3.91
C ASN B 129 -52.15 43.21 -3.31
N GLU B 130 -53.19 43.19 -4.17
CA GLU B 130 -54.60 42.97 -3.83
C GLU B 130 -54.85 41.56 -3.29
N GLN B 131 -54.35 40.53 -4.02
CA GLN B 131 -54.54 39.12 -3.68
C GLN B 131 -53.68 38.64 -2.50
N ASP B 132 -52.37 38.98 -2.50
CA ASP B 132 -51.44 38.48 -1.47
C ASP B 132 -50.29 39.47 -1.13
N GLY B 133 -49.45 39.12 -0.16
CA GLY B 133 -48.32 39.95 0.25
C GLY B 133 -47.16 40.05 -0.75
N GLY B 134 -47.29 39.38 -1.89
CA GLY B 134 -46.28 39.41 -2.96
C GLY B 134 -45.19 38.40 -2.71
N ASP B 135 -44.10 38.49 -3.50
CA ASP B 135 -42.98 37.58 -3.36
C ASP B 135 -42.19 37.91 -2.10
N LEU B 136 -41.71 36.86 -1.41
CA LEU B 136 -40.99 37.03 -0.16
C LEU B 136 -39.54 36.76 -0.41
N VAL B 137 -38.76 37.84 -0.54
CA VAL B 137 -37.35 37.80 -0.91
C VAL B 137 -36.42 37.92 0.32
N TYR B 138 -35.55 36.92 0.47
CA TYR B 138 -34.50 36.84 1.46
C TYR B 138 -33.24 37.31 0.74
N PHE B 139 -33.06 38.64 0.66
CA PHE B 139 -31.91 39.28 0.02
C PHE B 139 -30.64 38.95 0.77
N GLN B 140 -29.50 38.80 0.09
CA GLN B 140 -28.23 38.64 0.79
C GLN B 140 -27.98 39.91 1.57
N GLY B 141 -27.63 39.79 2.84
CA GLY B 141 -27.38 40.95 3.69
C GLY B 141 -26.39 41.93 3.13
N HIS B 142 -25.26 41.43 2.64
CA HIS B 142 -24.13 42.19 2.10
C HIS B 142 -24.45 43.02 0.84
N ILE B 143 -25.50 42.68 0.07
CA ILE B 143 -25.87 43.43 -1.14
C ILE B 143 -26.85 44.61 -0.80
N SER B 144 -27.04 44.95 0.50
CA SER B 144 -27.94 46.05 0.93
C SER B 144 -27.65 47.38 0.22
N PRO B 145 -26.37 47.84 -0.02
CA PRO B 145 -26.17 49.11 -0.76
C PRO B 145 -26.75 49.08 -2.17
N GLY B 146 -26.87 47.88 -2.76
CA GLY B 146 -27.46 47.69 -4.08
C GLY B 146 -28.96 47.86 -4.04
N VAL B 147 -29.60 47.43 -2.93
CA VAL B 147 -31.07 47.58 -2.75
C VAL B 147 -31.38 49.09 -2.50
N TYR B 148 -30.58 49.75 -1.65
CA TYR B 148 -30.73 51.15 -1.35
C TYR B 148 -30.52 52.03 -2.59
N ALA B 149 -29.49 51.71 -3.42
CA ALA B 149 -29.18 52.42 -4.66
C ALA B 149 -30.36 52.38 -5.65
N ARG B 150 -31.07 51.23 -5.73
CA ARG B 150 -32.25 51.05 -6.60
C ARG B 150 -33.43 51.83 -6.02
N ALA B 151 -33.65 51.73 -4.69
CA ALA B 151 -34.72 52.42 -3.96
C ALA B 151 -34.59 53.93 -4.13
N PHE B 152 -33.33 54.45 -4.19
CA PHE B 152 -33.02 55.87 -4.40
C PHE B 152 -33.38 56.26 -5.80
N LEU B 153 -33.05 55.44 -6.82
CA LEU B 153 -33.41 55.71 -8.23
C LEU B 153 -34.91 55.69 -8.42
N GLU B 154 -35.62 54.83 -7.66
CA GLU B 154 -37.08 54.70 -7.64
C GLU B 154 -37.74 55.91 -6.93
N GLY B 155 -36.92 56.76 -6.28
CA GLY B 155 -37.35 57.94 -5.55
C GLY B 155 -37.95 57.65 -4.19
N ARG B 156 -37.64 56.47 -3.61
CA ARG B 156 -38.11 56.00 -2.30
C ARG B 156 -37.17 56.38 -1.17
N LEU B 157 -35.91 56.70 -1.51
CA LEU B 157 -34.88 57.09 -0.57
C LEU B 157 -34.27 58.38 -1.09
N THR B 158 -33.88 59.27 -0.17
CA THR B 158 -33.31 60.56 -0.50
C THR B 158 -31.77 60.45 -0.50
N GLN B 159 -31.07 61.43 -1.13
CA GLN B 159 -29.60 61.49 -1.12
C GLN B 159 -29.10 61.58 0.34
N GLU B 160 -29.86 62.30 1.19
CA GLU B 160 -29.57 62.51 2.62
C GLU B 160 -29.51 61.17 3.33
N GLN B 161 -30.45 60.25 3.03
CA GLN B 161 -30.48 58.90 3.60
C GLN B 161 -29.29 58.11 3.14
N LEU B 162 -28.98 58.11 1.83
CA LEU B 162 -27.81 57.42 1.27
C LEU B 162 -26.51 57.90 1.93
N ASP B 163 -26.38 59.24 2.17
CA ASP B 163 -25.23 59.87 2.83
C ASP B 163 -25.15 59.51 4.31
N ASN B 164 -26.22 58.86 4.84
CA ASN B 164 -26.25 58.44 6.23
C ASN B 164 -26.39 56.93 6.32
N PHE B 165 -25.81 56.25 5.32
CA PHE B 165 -25.74 54.79 5.28
C PHE B 165 -24.86 54.38 6.43
N ARG B 166 -25.37 53.45 7.26
CA ARG B 166 -24.70 52.92 8.46
C ARG B 166 -24.53 54.00 9.54
N GLN B 167 -25.39 55.04 9.53
CA GLN B 167 -25.42 56.11 10.54
C GLN B 167 -26.90 56.39 10.80
N GLU B 168 -27.56 55.47 11.53
CA GLU B 168 -29.00 55.51 11.74
C GLU B 168 -29.50 55.93 13.14
N VAL B 169 -28.61 56.22 14.11
CA VAL B 169 -28.99 56.59 15.47
C VAL B 169 -29.87 57.85 15.45
N HIS B 170 -29.54 58.84 14.62
CA HIS B 170 -30.28 60.10 14.58
C HIS B 170 -31.48 60.12 13.61
N GLY B 171 -31.93 58.94 13.19
CA GLY B 171 -33.13 58.77 12.37
C GLY B 171 -33.13 59.12 10.89
N ASN B 172 -32.07 59.72 10.36
CA ASN B 172 -32.11 60.09 8.94
C ASN B 172 -31.17 59.19 8.09
N GLY B 173 -31.04 57.93 8.50
CA GLY B 173 -30.12 57.01 7.82
C GLY B 173 -30.65 55.65 7.43
N LEU B 174 -29.72 54.76 7.05
CA LEU B 174 -30.02 53.40 6.61
C LEU B 174 -29.22 52.34 7.36
N SER B 175 -29.87 51.19 7.66
CA SER B 175 -29.27 50.05 8.35
C SER B 175 -28.20 49.44 7.50
N SER B 176 -27.22 48.81 8.12
CA SER B 176 -26.18 48.09 7.42
C SER B 176 -26.78 46.97 6.57
N TYR B 177 -27.72 46.18 7.16
CA TYR B 177 -28.33 45.00 6.55
C TYR B 177 -29.86 44.92 6.72
N PRO B 178 -30.57 43.89 6.15
CA PRO B 178 -32.03 43.81 6.32
C PRO B 178 -32.47 43.61 7.77
N HIS B 179 -32.87 44.72 8.45
CA HIS B 179 -33.31 44.72 9.84
C HIS B 179 -34.69 45.42 9.97
N PRO B 180 -35.79 44.64 9.89
CA PRO B 180 -37.15 45.21 10.03
C PRO B 180 -37.40 46.03 11.31
N LYS B 181 -36.79 45.66 12.46
CA LYS B 181 -36.96 46.42 13.72
C LYS B 181 -36.45 47.87 13.56
N LEU B 182 -35.37 48.05 12.76
CA LEU B 182 -34.75 49.35 12.52
C LEU B 182 -35.41 50.14 11.36
N MET B 183 -35.88 49.43 10.32
CA MET B 183 -36.54 50.03 9.14
C MET B 183 -37.87 49.27 8.91
N PRO B 184 -38.89 49.54 9.77
CA PRO B 184 -40.12 48.71 9.75
C PRO B 184 -41.06 48.88 8.57
N GLU B 185 -40.76 49.79 7.66
CA GLU B 185 -41.59 49.99 6.48
C GLU B 185 -40.82 49.61 5.21
N PHE B 186 -39.53 49.18 5.36
CA PHE B 186 -38.68 48.84 4.23
C PHE B 186 -38.31 47.35 4.23
N TRP B 187 -37.49 46.90 5.21
CA TRP B 187 -37.00 45.53 5.25
C TRP B 187 -38.03 44.60 5.83
N GLN B 188 -38.02 43.31 5.40
CA GLN B 188 -38.98 42.29 5.85
C GLN B 188 -38.36 41.05 6.51
N PHE B 189 -37.24 40.53 5.97
CA PHE B 189 -36.63 39.30 6.48
C PHE B 189 -35.13 39.44 6.78
N PRO B 190 -34.73 39.28 8.06
CA PRO B 190 -33.29 39.33 8.39
C PRO B 190 -32.51 38.15 7.78
N THR B 191 -31.37 38.44 7.15
CA THR B 191 -30.56 37.40 6.51
C THR B 191 -29.03 37.46 6.84
N VAL B 192 -28.57 38.54 7.46
CA VAL B 192 -27.15 38.71 7.77
C VAL B 192 -26.57 37.49 8.47
N SER B 193 -27.27 36.98 9.48
CA SER B 193 -26.75 35.86 10.24
C SER B 193 -26.94 34.66 9.29
N MET B 194 -25.84 34.26 8.63
CA MET B 194 -25.81 33.27 7.56
C MET B 194 -26.39 31.94 8.00
N GLY B 195 -27.07 31.26 7.08
CA GLY B 195 -27.67 29.97 7.36
C GLY B 195 -29.09 30.08 7.85
N LEU B 196 -29.45 31.22 8.48
CA LEU B 196 -30.80 31.44 8.99
C LEU B 196 -31.79 31.80 7.87
N GLY B 197 -31.31 32.47 6.80
CA GLY B 197 -32.12 32.82 5.64
C GLY B 197 -32.63 31.58 4.88
N PRO B 198 -31.74 30.62 4.46
CA PRO B 198 -32.23 29.44 3.72
C PRO B 198 -33.25 28.59 4.50
N ILE B 199 -33.00 28.27 5.79
CA ILE B 199 -33.93 27.48 6.60
C ILE B 199 -35.23 28.29 6.90
N GLY B 200 -35.09 29.60 7.13
CA GLY B 200 -36.24 30.47 7.35
C GLY B 200 -37.15 30.45 6.15
N ALA B 201 -36.55 30.54 4.93
CA ALA B 201 -37.26 30.55 3.66
C ALA B 201 -37.97 29.24 3.40
N ILE B 202 -37.35 28.09 3.75
CA ILE B 202 -37.97 26.77 3.58
C ILE B 202 -39.30 26.72 4.37
N TYR B 203 -39.27 27.11 5.69
CA TYR B 203 -40.46 27.07 6.52
C TYR B 203 -41.43 28.24 6.24
N GLN B 204 -40.94 29.31 5.58
CA GLN B 204 -41.82 30.41 5.13
C GLN B 204 -42.68 29.90 3.98
N ALA B 205 -42.04 29.26 2.95
CA ALA B 205 -42.71 28.64 1.81
C ALA B 205 -43.73 27.59 2.29
N LYS B 206 -43.37 26.76 3.28
CA LYS B 206 -44.22 25.73 3.87
C LYS B 206 -45.45 26.38 4.52
N PHE B 207 -45.23 27.50 5.25
CA PHE B 207 -46.31 28.22 5.92
C PHE B 207 -47.31 28.79 4.93
N LEU B 208 -46.84 29.33 3.78
CA LEU B 208 -47.74 29.86 2.74
C LEU B 208 -48.65 28.73 2.20
N LYS B 209 -48.13 27.51 2.06
CA LYS B 209 -48.93 26.34 1.62
C LYS B 209 -49.98 26.01 2.69
N TYR B 210 -49.60 26.09 3.98
CA TYR B 210 -50.47 25.83 5.13
C TYR B 210 -51.66 26.78 5.11
N LEU B 211 -51.42 28.07 4.81
CA LEU B 211 -52.49 29.09 4.73
C LEU B 211 -53.49 28.79 3.60
N GLU B 212 -53.00 28.24 2.47
CA GLU B 212 -53.88 27.90 1.34
C GLU B 212 -54.72 26.68 1.67
N HIS B 213 -54.08 25.57 2.13
CA HIS B 213 -54.75 24.33 2.45
C HIS B 213 -55.77 24.51 3.56
N ARG B 214 -55.49 25.41 4.52
CA ARG B 214 -56.40 25.70 5.63
C ARG B 214 -57.53 26.65 5.19
N GLY B 215 -57.46 27.15 3.95
CA GLY B 215 -58.44 28.05 3.34
C GLY B 215 -58.46 29.43 3.96
N LEU B 216 -57.32 29.91 4.46
CA LEU B 216 -57.23 31.20 5.11
C LEU B 216 -56.78 32.32 4.16
N LYS B 217 -55.94 32.00 3.17
CA LYS B 217 -55.48 32.97 2.16
C LYS B 217 -54.95 32.25 0.91
N ASP B 218 -55.33 32.74 -0.29
CA ASP B 218 -54.81 32.18 -1.54
C ASP B 218 -53.40 32.76 -1.77
N THR B 219 -52.39 31.99 -1.35
CA THR B 219 -50.96 32.32 -1.41
C THR B 219 -50.29 31.67 -2.63
N SER B 220 -51.08 31.02 -3.51
CA SER B 220 -50.63 30.26 -4.68
C SER B 220 -49.72 31.05 -5.63
N LYS B 221 -49.98 32.35 -5.81
CA LYS B 221 -49.19 33.19 -6.72
C LYS B 221 -47.93 33.78 -6.02
N GLN B 222 -47.67 33.40 -4.77
CA GLN B 222 -46.52 33.88 -4.02
C GLN B 222 -45.30 32.99 -4.19
N THR B 223 -44.08 33.60 -4.21
CA THR B 223 -42.84 32.83 -4.31
C THR B 223 -41.88 33.30 -3.28
N VAL B 224 -41.26 32.35 -2.58
CA VAL B 224 -40.24 32.62 -1.58
C VAL B 224 -38.87 32.48 -2.24
N TYR B 225 -38.12 33.59 -2.33
CA TYR B 225 -36.79 33.63 -2.91
C TYR B 225 -35.75 33.72 -1.82
N ALA B 226 -34.82 32.75 -1.76
CA ALA B 226 -33.74 32.80 -0.79
C ALA B 226 -32.42 32.97 -1.56
N PHE B 227 -31.82 34.19 -1.48
CA PHE B 227 -30.58 34.55 -2.17
C PHE B 227 -29.41 34.25 -1.27
N LEU B 228 -28.54 33.33 -1.71
CA LEU B 228 -27.40 32.84 -0.92
C LEU B 228 -26.10 32.89 -1.69
N GLY B 229 -25.01 32.83 -0.95
CA GLY B 229 -23.66 32.74 -1.48
C GLY B 229 -23.19 31.30 -1.30
N ASP B 230 -22.23 30.86 -2.11
CA ASP B 230 -21.72 29.48 -2.03
C ASP B 230 -21.04 29.19 -0.66
N GLY B 231 -20.37 30.20 -0.08
CA GLY B 231 -19.71 30.09 1.21
C GLY B 231 -20.66 29.90 2.39
N GLU B 232 -21.83 30.56 2.33
CA GLU B 232 -22.90 30.48 3.34
C GLU B 232 -23.46 29.06 3.44
N MET B 233 -23.37 28.29 2.34
CA MET B 233 -23.87 26.92 2.25
C MET B 233 -23.15 25.98 3.20
N ASP B 234 -21.99 26.40 3.75
CA ASP B 234 -21.22 25.58 4.71
C ASP B 234 -21.89 25.56 6.09
N GLU B 235 -22.83 26.48 6.35
CA GLU B 235 -23.61 26.53 7.58
C GLU B 235 -24.54 25.30 7.64
N PRO B 236 -24.50 24.52 8.74
CA PRO B 236 -25.37 23.33 8.83
C PRO B 236 -26.85 23.63 8.54
N GLU B 237 -27.33 24.83 8.92
CA GLU B 237 -28.69 25.32 8.76
C GLU B 237 -29.04 25.53 7.27
N SER B 238 -28.04 25.79 6.42
CA SER B 238 -28.24 26.06 4.98
C SER B 238 -28.71 24.84 4.20
N LYS B 239 -28.17 23.63 4.47
CA LYS B 239 -28.58 22.41 3.75
C LYS B 239 -29.26 21.36 4.68
N GLY B 240 -29.20 21.57 5.98
CA GLY B 240 -29.77 20.63 6.96
C GLY B 240 -31.25 20.38 6.90
N ALA B 241 -32.02 21.28 6.26
CA ALA B 241 -33.48 21.11 6.13
C ALA B 241 -33.96 21.10 4.67
N ILE B 242 -33.08 20.86 3.69
CA ILE B 242 -33.47 20.91 2.28
C ILE B 242 -34.36 19.72 1.87
N THR B 243 -34.35 18.57 2.60
CA THR B 243 -35.25 17.44 2.26
C THR B 243 -36.72 17.79 2.60
N ILE B 244 -36.96 18.79 3.48
CA ILE B 244 -38.30 19.23 3.87
C ILE B 244 -39.03 19.86 2.65
N ALA B 245 -38.27 20.58 1.79
CA ALA B 245 -38.84 21.19 0.59
C ALA B 245 -39.38 20.12 -0.40
N THR B 246 -38.75 18.94 -0.42
CA THR B 246 -39.16 17.82 -1.28
C THR B 246 -40.37 17.11 -0.65
N ARG B 247 -40.32 16.85 0.67
CA ARG B 247 -41.39 16.21 1.43
C ARG B 247 -42.70 16.98 1.32
N GLU B 248 -42.60 18.31 1.46
CA GLU B 248 -43.73 19.23 1.47
C GLU B 248 -44.01 19.82 0.07
N LYS B 249 -43.36 19.30 -0.99
CA LYS B 249 -43.55 19.71 -2.39
C LYS B 249 -43.61 21.26 -2.53
N LEU B 250 -42.58 21.94 -2.06
CA LEU B 250 -42.53 23.40 -2.04
C LEU B 250 -42.10 23.99 -3.39
N ASP B 251 -43.01 23.92 -4.40
CA ASP B 251 -42.82 24.50 -5.73
C ASP B 251 -43.03 26.04 -5.68
N ASN B 252 -43.05 26.63 -4.48
CA ASN B 252 -43.17 28.07 -4.24
C ASN B 252 -41.87 28.58 -3.62
N LEU B 253 -40.83 27.74 -3.65
CA LEU B 253 -39.53 28.06 -3.09
C LEU B 253 -38.45 27.99 -4.17
N VAL B 254 -37.58 29.04 -4.22
CA VAL B 254 -36.47 29.15 -5.15
C VAL B 254 -35.23 29.59 -4.35
N PHE B 255 -34.17 28.76 -4.38
CA PHE B 255 -32.86 29.03 -3.78
C PHE B 255 -31.97 29.55 -4.89
N VAL B 256 -31.40 30.76 -4.74
CA VAL B 256 -30.51 31.33 -5.74
C VAL B 256 -29.12 31.38 -5.11
N ILE B 257 -28.23 30.48 -5.54
CA ILE B 257 -26.87 30.42 -5.01
C ILE B 257 -25.89 31.05 -6.01
N ASN B 258 -25.29 32.15 -5.62
CA ASN B 258 -24.29 32.91 -6.37
C ASN B 258 -22.92 32.26 -6.14
N CYS B 259 -22.43 31.51 -7.12
CA CYS B 259 -21.16 30.77 -7.08
C CYS B 259 -20.05 31.57 -7.79
N ASN B 260 -19.37 32.48 -7.06
CA ASN B 260 -18.28 33.29 -7.62
C ASN B 260 -16.92 32.70 -7.31
N VAL B 268 -14.19 28.01 -1.88
CA VAL B 268 -14.96 27.21 -0.91
C VAL B 268 -14.34 25.77 -0.88
N THR B 269 -14.25 25.07 -2.06
CA THR B 269 -13.61 23.74 -2.23
C THR B 269 -12.45 23.89 -3.24
N GLY B 270 -11.21 23.67 -2.77
CA GLY B 270 -9.96 23.81 -3.53
C GLY B 270 -9.85 23.05 -4.84
N ASN B 271 -9.41 21.77 -4.77
CA ASN B 271 -9.21 20.87 -5.92
C ASN B 271 -10.57 20.54 -6.62
N GLY B 272 -11.63 20.32 -5.83
CA GLY B 272 -12.98 20.01 -6.32
C GLY B 272 -13.76 21.19 -6.86
N LYS B 273 -15.07 21.00 -7.14
CA LYS B 273 -15.98 22.00 -7.70
C LYS B 273 -17.25 22.15 -6.82
N ILE B 274 -17.40 23.29 -6.13
CA ILE B 274 -18.55 23.57 -5.25
C ILE B 274 -19.88 23.50 -6.03
N ILE B 275 -19.89 23.84 -7.34
CA ILE B 275 -21.11 23.77 -8.16
C ILE B 275 -21.54 22.29 -8.27
N ASN B 276 -20.57 21.34 -8.35
CA ASN B 276 -20.93 19.92 -8.42
C ASN B 276 -21.33 19.37 -7.05
N GLU B 277 -20.75 19.87 -5.97
CA GLU B 277 -21.12 19.46 -4.62
C GLU B 277 -22.57 19.85 -4.35
N LEU B 278 -22.92 21.11 -4.68
CA LEU B 278 -24.25 21.65 -4.46
C LEU B 278 -25.27 20.91 -5.32
N GLU B 279 -24.95 20.67 -6.60
CA GLU B 279 -25.83 19.95 -7.53
C GLU B 279 -26.09 18.52 -7.02
N GLY B 280 -25.04 17.84 -6.57
CA GLY B 280 -25.09 16.48 -6.03
C GLY B 280 -26.04 16.30 -4.87
N ILE B 281 -25.88 17.14 -3.81
CA ILE B 281 -26.68 17.08 -2.60
C ILE B 281 -28.11 17.55 -2.87
N PHE B 282 -28.32 18.68 -3.60
CA PHE B 282 -29.66 19.19 -3.89
C PHE B 282 -30.45 18.23 -4.80
N GLU B 283 -29.79 17.60 -5.80
CA GLU B 283 -30.40 16.62 -6.67
C GLU B 283 -30.76 15.35 -5.86
N GLY B 284 -29.87 14.95 -4.95
CA GLY B 284 -30.09 13.80 -4.09
C GLY B 284 -31.19 14.04 -3.08
N ALA B 285 -31.43 15.32 -2.75
CA ALA B 285 -32.45 15.76 -1.80
C ALA B 285 -33.81 15.95 -2.49
N GLY B 286 -33.88 15.68 -3.80
CA GLY B 286 -35.10 15.73 -4.58
C GLY B 286 -35.49 17.07 -5.20
N TRP B 287 -34.54 18.03 -5.20
CA TRP B 287 -34.75 19.37 -5.75
C TRP B 287 -34.52 19.38 -7.25
N ASN B 288 -35.09 20.38 -7.94
CA ASN B 288 -34.85 20.61 -9.36
C ASN B 288 -33.63 21.53 -9.42
N VAL B 289 -32.52 21.11 -10.03
CA VAL B 289 -31.31 21.95 -10.07
C VAL B 289 -31.19 22.59 -11.47
N ILE B 290 -31.04 23.93 -11.51
CA ILE B 290 -30.83 24.70 -12.75
C ILE B 290 -29.45 25.38 -12.68
N LYS B 291 -28.53 24.95 -13.55
CA LYS B 291 -27.18 25.52 -13.63
C LYS B 291 -27.18 26.63 -14.69
N VAL B 292 -26.69 27.82 -14.28
CA VAL B 292 -26.52 28.99 -15.15
C VAL B 292 -25.00 29.21 -15.16
N MET B 293 -24.34 28.46 -16.03
CA MET B 293 -22.91 28.37 -16.16
C MET B 293 -22.29 29.41 -17.09
N TRP B 294 -22.73 29.42 -18.36
CA TRP B 294 -22.14 30.25 -19.41
C TRP B 294 -23.12 31.18 -20.07
N GLY B 295 -22.61 32.32 -20.46
CA GLY B 295 -23.38 33.33 -21.16
C GLY B 295 -23.49 32.99 -22.63
N SER B 296 -24.36 33.76 -23.32
CA SER B 296 -24.75 33.67 -24.72
C SER B 296 -23.58 33.65 -25.70
N ARG B 297 -22.44 34.27 -25.35
CA ARG B 297 -21.31 34.29 -26.28
C ARG B 297 -20.72 32.88 -26.52
N TRP B 298 -20.90 31.95 -25.55
CA TRP B 298 -20.40 30.58 -25.63
C TRP B 298 -21.20 29.72 -26.59
N ASP B 299 -22.49 30.06 -26.81
CA ASP B 299 -23.45 29.32 -27.65
C ASP B 299 -22.97 29.06 -29.08
N GLU B 300 -22.28 30.04 -29.72
CA GLU B 300 -21.75 29.87 -31.07
C GLU B 300 -20.73 28.74 -31.09
N LEU B 301 -19.83 28.74 -30.09
CA LEU B 301 -18.77 27.74 -29.95
C LEU B 301 -19.33 26.37 -29.59
N LEU B 302 -20.25 26.30 -28.61
CA LEU B 302 -20.87 25.07 -28.14
C LEU B 302 -21.66 24.36 -29.24
N ARG B 303 -22.44 25.13 -30.05
CA ARG B 303 -23.30 24.58 -31.11
C ARG B 303 -22.49 24.10 -32.31
N LYS B 304 -21.39 24.79 -32.64
CA LYS B 304 -20.51 24.41 -33.76
C LYS B 304 -19.63 23.19 -33.42
N ASP B 305 -19.42 22.92 -32.12
CA ASP B 305 -18.59 21.80 -31.70
C ASP B 305 -19.34 20.44 -31.80
N THR B 306 -18.98 19.66 -32.83
CA THR B 306 -19.53 18.34 -33.15
C THR B 306 -18.81 17.22 -32.34
N SER B 307 -17.54 17.45 -32.00
CA SER B 307 -16.68 16.53 -31.26
C SER B 307 -17.05 16.34 -29.78
N GLY B 308 -17.70 17.32 -29.17
CA GLY B 308 -18.05 17.29 -27.74
C GLY B 308 -16.82 17.52 -26.87
N LYS B 309 -15.72 18.01 -27.49
CA LYS B 309 -14.43 18.31 -26.84
C LYS B 309 -14.52 19.55 -25.97
N LEU B 310 -15.37 20.53 -26.35
CA LEU B 310 -15.55 21.75 -25.56
C LEU B 310 -16.25 21.41 -24.25
N ILE B 311 -17.30 20.54 -24.28
CA ILE B 311 -17.99 20.09 -23.08
C ILE B 311 -17.01 19.29 -22.20
N GLN B 312 -16.20 18.40 -22.82
CA GLN B 312 -15.19 17.61 -22.11
C GLN B 312 -14.18 18.53 -21.41
N LEU B 313 -13.67 19.54 -22.14
CA LEU B 313 -12.71 20.55 -21.67
C LEU B 313 -13.29 21.32 -20.48
N MET B 314 -14.58 21.71 -20.58
CA MET B 314 -15.31 22.44 -19.54
C MET B 314 -15.46 21.59 -18.30
N ASN B 315 -15.71 20.28 -18.48
CA ASN B 315 -15.86 19.32 -17.41
C ASN B 315 -14.56 19.10 -16.65
N GLU B 316 -13.44 18.84 -17.36
CA GLU B 316 -12.16 18.55 -16.72
C GLU B 316 -11.51 19.77 -16.03
N THR B 317 -11.85 21.01 -16.46
CA THR B 317 -11.33 22.23 -15.84
C THR B 317 -12.00 22.41 -14.44
N VAL B 318 -11.18 22.50 -13.35
CA VAL B 318 -11.67 22.60 -11.96
C VAL B 318 -11.80 24.08 -11.49
N ASP B 319 -12.46 24.30 -10.31
CA ASP B 319 -12.72 25.60 -9.67
C ASP B 319 -11.47 26.47 -9.58
N GLY B 320 -10.37 25.88 -9.12
CA GLY B 320 -9.07 26.54 -8.97
C GLY B 320 -8.51 27.06 -10.29
N ASP B 321 -8.64 26.26 -11.38
CA ASP B 321 -8.19 26.61 -12.72
C ASP B 321 -9.11 27.67 -13.39
N TYR B 322 -10.37 27.81 -12.93
CA TYR B 322 -11.30 28.79 -13.49
C TYR B 322 -11.05 30.22 -13.00
N GLN B 323 -10.46 30.39 -11.80
CA GLN B 323 -10.14 31.71 -11.24
C GLN B 323 -8.68 32.14 -11.66
N THR B 324 -7.91 31.21 -12.30
CA THR B 324 -6.58 31.45 -12.88
C THR B 324 -6.79 32.12 -14.25
N PHE B 325 -7.85 31.69 -14.97
CA PHE B 325 -8.23 32.18 -16.30
C PHE B 325 -9.07 33.48 -16.21
N LYS B 326 -9.27 34.02 -14.98
CA LYS B 326 -9.99 35.27 -14.74
C LYS B 326 -8.97 36.38 -14.31
N SER B 327 -7.66 36.07 -14.33
CA SER B 327 -6.58 36.98 -13.94
C SER B 327 -5.39 36.99 -14.97
N LYS B 328 -5.67 36.67 -16.26
CA LYS B 328 -4.71 36.64 -17.36
C LYS B 328 -5.23 37.52 -18.55
N ASP B 329 -5.11 37.02 -19.81
CA ASP B 329 -5.58 37.71 -21.02
C ASP B 329 -6.16 36.69 -22.03
N GLY B 330 -6.73 37.20 -23.13
CA GLY B 330 -7.35 36.39 -24.16
C GLY B 330 -6.39 35.43 -24.85
N ALA B 331 -5.13 35.86 -24.99
CA ALA B 331 -4.07 35.07 -25.62
C ALA B 331 -3.79 33.82 -24.80
N TYR B 332 -3.87 33.92 -23.45
CA TYR B 332 -3.65 32.84 -22.50
C TYR B 332 -4.73 31.77 -22.66
N VAL B 333 -6.00 32.18 -22.57
CA VAL B 333 -7.19 31.34 -22.68
C VAL B 333 -7.12 30.51 -24.00
N ARG B 334 -6.77 31.16 -25.13
CA ARG B 334 -6.67 30.52 -26.44
C ARG B 334 -5.72 29.31 -26.43
N GLU B 335 -4.66 29.42 -25.63
CA GLU B 335 -3.57 28.48 -25.54
C GLU B 335 -3.74 27.45 -24.40
N HIS B 336 -4.21 27.87 -23.21
CA HIS B 336 -4.34 27.00 -22.03
C HIS B 336 -5.77 26.51 -21.74
N PHE B 337 -6.67 26.65 -22.72
CA PHE B 337 -8.02 26.15 -22.61
C PHE B 337 -8.36 25.58 -23.96
N PHE B 338 -8.60 26.44 -24.95
CA PHE B 338 -8.94 26.01 -26.31
C PHE B 338 -7.78 25.27 -26.97
N GLY B 339 -6.55 25.63 -26.61
CA GLY B 339 -5.34 24.98 -27.10
C GLY B 339 -5.07 23.59 -26.54
N LYS B 340 -5.92 23.12 -25.56
CA LYS B 340 -5.82 21.79 -24.93
C LYS B 340 -6.16 20.68 -25.93
N TYR B 341 -7.02 20.96 -26.92
CA TYR B 341 -7.44 20.02 -27.95
C TYR B 341 -7.47 20.68 -29.33
N PRO B 342 -7.16 19.95 -30.42
CA PRO B 342 -7.21 20.57 -31.78
C PRO B 342 -8.63 21.01 -32.16
N GLU B 343 -9.65 20.25 -31.72
CA GLU B 343 -11.08 20.49 -31.99
C GLU B 343 -11.53 21.83 -31.40
N THR B 344 -11.14 22.11 -30.14
CA THR B 344 -11.46 23.35 -29.43
C THR B 344 -10.60 24.51 -29.93
N ALA B 345 -9.38 24.23 -30.41
CA ALA B 345 -8.48 25.28 -30.92
C ALA B 345 -9.04 25.81 -32.23
N ALA B 346 -9.64 24.92 -33.03
CA ALA B 346 -10.27 25.22 -34.31
C ALA B 346 -11.52 26.09 -34.15
N LEU B 347 -12.25 25.92 -33.02
CA LEU B 347 -13.47 26.65 -32.71
C LEU B 347 -13.24 28.16 -32.62
N VAL B 348 -12.10 28.57 -32.04
CA VAL B 348 -11.73 29.96 -31.84
C VAL B 348 -10.53 30.38 -32.72
N ALA B 349 -10.18 29.56 -33.72
CA ALA B 349 -9.06 29.81 -34.63
C ALA B 349 -9.21 31.15 -35.35
N ASP B 350 -10.48 31.50 -35.69
CA ASP B 350 -11.00 32.67 -36.38
C ASP B 350 -11.36 33.86 -35.43
N TRP B 351 -11.29 33.64 -34.10
CA TRP B 351 -11.61 34.63 -33.06
C TRP B 351 -10.40 35.46 -32.66
N THR B 352 -10.61 36.72 -32.25
CA THR B 352 -9.52 37.57 -31.77
C THR B 352 -9.34 37.31 -30.29
N ASP B 353 -8.19 37.71 -29.70
CA ASP B 353 -7.94 37.52 -28.26
C ASP B 353 -8.98 38.28 -27.43
N GLU B 354 -9.38 39.47 -27.89
CA GLU B 354 -10.39 40.31 -27.22
C GLU B 354 -11.76 39.62 -27.27
N GLN B 355 -12.07 38.95 -28.42
CA GLN B 355 -13.30 38.20 -28.65
C GLN B 355 -13.38 36.98 -27.73
N ILE B 356 -12.24 36.28 -27.51
CA ILE B 356 -12.13 35.13 -26.61
C ILE B 356 -12.28 35.62 -25.15
N TRP B 357 -11.61 36.73 -24.81
CA TRP B 357 -11.63 37.30 -23.47
C TRP B 357 -13.05 37.78 -23.07
N ALA B 358 -13.87 38.16 -24.05
CA ALA B 358 -15.22 38.65 -23.83
C ALA B 358 -16.22 37.55 -23.42
N LEU B 359 -15.87 36.25 -23.57
CA LEU B 359 -16.72 35.11 -23.22
C LEU B 359 -17.18 35.27 -21.76
N ASN B 360 -18.50 35.31 -21.55
CA ASN B 360 -19.16 35.60 -20.28
C ASN B 360 -19.63 34.39 -19.47
N ARG B 361 -19.70 34.55 -18.13
CA ARG B 361 -20.22 33.57 -17.19
C ARG B 361 -21.73 33.76 -17.16
N GLY B 362 -22.47 32.67 -17.00
CA GLY B 362 -23.92 32.65 -17.01
C GLY B 362 -24.63 33.66 -16.13
N GLY B 363 -24.14 33.82 -14.90
CA GLY B 363 -24.70 34.73 -13.90
C GLY B 363 -24.53 36.20 -14.21
N HIS B 364 -23.95 36.50 -15.38
CA HIS B 364 -23.74 37.88 -15.84
C HIS B 364 -24.50 38.14 -17.14
N ASP B 365 -25.25 37.12 -17.62
CA ASP B 365 -26.06 37.23 -18.82
C ASP B 365 -27.53 37.23 -18.46
N PRO B 366 -28.21 38.36 -18.70
CA PRO B 366 -29.65 38.43 -18.40
C PRO B 366 -30.51 37.38 -19.10
N LYS B 367 -30.13 36.99 -20.36
CA LYS B 367 -30.87 36.00 -21.15
C LYS B 367 -30.87 34.61 -20.47
N LYS B 368 -29.72 34.20 -19.93
CA LYS B 368 -29.56 32.93 -19.24
C LYS B 368 -30.25 32.99 -17.88
N ILE B 369 -30.06 34.09 -17.14
CA ILE B 369 -30.67 34.32 -15.83
C ILE B 369 -32.20 34.23 -15.96
N TYR B 370 -32.80 34.99 -16.91
CA TYR B 370 -34.24 34.99 -17.15
C TYR B 370 -34.76 33.56 -17.38
N ALA B 371 -34.11 32.78 -18.29
CA ALA B 371 -34.50 31.41 -18.61
C ALA B 371 -34.60 30.54 -17.35
N ALA B 372 -33.65 30.68 -16.40
CA ALA B 372 -33.61 29.93 -15.14
C ALA B 372 -34.78 30.27 -14.25
N PHE B 373 -35.05 31.58 -14.03
CA PHE B 373 -36.15 32.04 -13.19
C PHE B 373 -37.51 31.70 -13.79
N LYS B 374 -37.63 31.69 -15.14
CA LYS B 374 -38.86 31.30 -15.83
C LYS B 374 -39.10 29.79 -15.67
N LYS B 375 -38.05 28.93 -15.83
CA LYS B 375 -38.19 27.49 -15.68
C LYS B 375 -38.52 27.14 -14.22
N ALA B 376 -37.96 27.91 -13.25
CA ALA B 376 -38.27 27.70 -11.83
C ALA B 376 -39.77 27.94 -11.59
N GLN B 377 -40.29 29.05 -12.14
CA GLN B 377 -41.68 29.49 -12.06
C GLN B 377 -42.63 28.41 -12.61
N GLU B 378 -42.19 27.68 -13.65
CA GLU B 378 -42.98 26.64 -14.30
C GLU B 378 -42.92 25.27 -13.59
N THR B 379 -41.79 24.94 -12.93
CA THR B 379 -41.55 23.68 -12.21
C THR B 379 -42.57 23.45 -11.10
N LYS B 380 -43.12 22.22 -11.02
CA LYS B 380 -44.12 21.86 -10.01
C LYS B 380 -43.72 20.58 -9.25
N GLY B 381 -44.16 20.47 -8.00
CA GLY B 381 -43.95 19.31 -7.12
C GLY B 381 -42.71 19.26 -6.25
N LYS B 382 -41.77 20.17 -6.51
CA LYS B 382 -40.47 20.25 -5.82
C LYS B 382 -39.97 21.67 -5.86
N ALA B 383 -38.96 21.96 -5.00
CA ALA B 383 -38.33 23.27 -4.96
C ALA B 383 -37.25 23.30 -6.04
N THR B 384 -36.82 24.50 -6.46
CA THR B 384 -35.79 24.67 -7.48
C THR B 384 -34.65 25.39 -6.86
N VAL B 385 -33.41 25.02 -7.27
CA VAL B 385 -32.20 25.69 -6.83
C VAL B 385 -31.48 26.19 -8.11
N ILE B 386 -31.19 27.48 -8.16
CA ILE B 386 -30.49 28.06 -9.29
C ILE B 386 -29.03 28.26 -8.87
N LEU B 387 -28.10 27.54 -9.54
CA LEU B 387 -26.67 27.68 -9.29
C LEU B 387 -26.12 28.63 -10.35
N ALA B 388 -25.88 29.90 -9.96
CA ALA B 388 -25.42 30.96 -10.86
C ALA B 388 -23.93 31.17 -10.75
N HIS B 389 -23.24 31.01 -11.86
CA HIS B 389 -21.80 31.15 -11.99
C HIS B 389 -21.44 32.61 -12.27
N THR B 390 -20.78 33.29 -11.31
CA THR B 390 -20.43 34.70 -11.43
C THR B 390 -18.93 34.93 -11.15
N ILE B 391 -18.45 36.18 -11.32
CA ILE B 391 -17.07 36.60 -11.07
C ILE B 391 -17.02 37.46 -9.79
N LYS B 392 -16.17 37.07 -8.80
CA LYS B 392 -16.04 37.81 -7.53
C LYS B 392 -15.37 39.17 -7.83
N GLY B 393 -16.03 40.25 -7.40
CA GLY B 393 -15.57 41.61 -7.62
C GLY B 393 -15.54 41.96 -9.10
N TYR B 394 -16.64 41.64 -9.79
CA TYR B 394 -16.88 41.84 -11.21
C TYR B 394 -16.80 43.33 -11.58
N GLY B 395 -16.06 43.63 -12.64
CA GLY B 395 -15.87 44.99 -13.17
C GLY B 395 -15.14 45.96 -12.27
N MET B 396 -14.44 45.45 -11.23
CA MET B 396 -13.70 46.26 -10.25
C MET B 396 -12.20 46.25 -10.54
N GLY B 397 -11.79 45.45 -11.53
CA GLY B 397 -10.41 45.35 -11.96
C GLY B 397 -9.52 44.63 -10.96
N ASP B 398 -8.70 45.41 -10.24
CA ASP B 398 -7.71 44.86 -9.30
C ASP B 398 -7.97 45.25 -7.83
N ALA B 399 -9.07 45.99 -7.54
CA ALA B 399 -9.47 46.37 -6.18
C ALA B 399 -10.29 45.22 -5.50
N ALA B 400 -10.54 44.10 -6.26
CA ALA B 400 -11.25 42.87 -5.86
C ALA B 400 -12.59 43.18 -5.20
N ILE B 405 -9.14 46.53 -2.50
CA ILE B 405 -8.20 47.60 -2.15
C ILE B 405 -8.78 48.99 -2.57
N ALA B 406 -10.13 49.16 -2.55
CA ALA B 406 -10.79 50.43 -2.88
C ALA B 406 -10.56 51.49 -1.76
N HIS B 407 -9.56 51.22 -0.86
CA HIS B 407 -9.02 52.04 0.24
C HIS B 407 -8.13 53.16 -0.33
N GLN B 408 -7.78 53.03 -1.62
CA GLN B 408 -6.96 53.92 -2.45
C GLN B 408 -7.61 55.29 -2.68
N VAL B 409 -8.90 55.42 -2.35
CA VAL B 409 -9.65 56.68 -2.46
C VAL B 409 -9.18 57.61 -1.32
N LYS B 410 -8.82 57.00 -0.15
CA LYS B 410 -8.28 57.72 1.00
C LYS B 410 -6.84 58.18 0.68
N LYS B 411 -6.11 57.40 -0.16
CA LYS B 411 -4.76 57.73 -0.66
C LYS B 411 -4.85 58.71 -1.85
N MET B 412 -6.08 58.91 -2.38
CA MET B 412 -6.49 59.76 -3.52
C MET B 412 -6.01 59.22 -4.90
N ASN B 413 -6.03 57.88 -5.08
CA ASN B 413 -5.66 57.23 -6.34
C ASN B 413 -6.72 57.51 -7.42
N MET B 414 -8.01 57.17 -7.13
CA MET B 414 -9.19 57.35 -8.00
C MET B 414 -9.19 56.46 -9.27
N ASP B 415 -8.07 55.78 -9.60
CA ASP B 415 -7.92 54.96 -10.81
C ASP B 415 -8.87 53.77 -10.80
N GLY B 416 -9.26 53.30 -9.62
CA GLY B 416 -10.23 52.22 -9.43
C GLY B 416 -11.63 52.69 -9.74
N VAL B 417 -12.03 53.87 -9.22
CA VAL B 417 -13.34 54.50 -9.46
C VAL B 417 -13.45 54.79 -10.97
N ARG B 418 -12.35 55.32 -11.55
CA ARG B 418 -12.17 55.60 -12.96
C ARG B 418 -12.47 54.34 -13.77
N HIS B 419 -11.89 53.19 -13.36
CA HIS B 419 -12.10 51.90 -14.03
C HIS B 419 -13.56 51.47 -14.04
N ILE B 420 -14.25 51.52 -12.89
CA ILE B 420 -15.64 51.08 -12.85
C ILE B 420 -16.54 52.06 -13.67
N ARG B 421 -16.22 53.40 -13.69
CA ARG B 421 -16.96 54.38 -14.50
C ARG B 421 -16.86 53.99 -15.98
N ASP B 422 -15.65 53.66 -16.43
CA ASP B 422 -15.31 53.23 -17.79
C ASP B 422 -15.97 51.90 -18.13
N ARG B 423 -15.80 50.89 -17.25
CA ARG B 423 -16.32 49.53 -17.40
C ARG B 423 -17.85 49.49 -17.63
N PHE B 424 -18.61 50.31 -16.91
CA PHE B 424 -20.07 50.29 -16.99
C PHE B 424 -20.65 51.54 -17.67
N ASN B 425 -19.78 52.29 -18.39
CA ASN B 425 -20.11 53.51 -19.17
C ASN B 425 -21.07 54.42 -18.38
N VAL B 426 -20.62 54.82 -17.20
CA VAL B 426 -21.37 55.65 -16.26
C VAL B 426 -21.27 57.13 -16.71
N PRO B 427 -22.42 57.86 -16.84
CA PRO B 427 -22.35 59.28 -17.26
C PRO B 427 -21.90 60.23 -16.14
N VAL B 428 -20.59 60.13 -15.77
CA VAL B 428 -19.91 60.96 -14.75
C VAL B 428 -18.61 61.43 -15.38
N SER B 429 -18.35 62.76 -15.40
CA SER B 429 -17.12 63.30 -16.01
C SER B 429 -15.90 63.00 -15.13
N ASP B 430 -14.67 63.15 -15.70
CA ASP B 430 -13.41 62.91 -14.98
C ASP B 430 -13.21 63.88 -13.82
N ALA B 431 -13.72 65.12 -14.01
CA ALA B 431 -13.64 66.21 -13.02
C ALA B 431 -14.56 65.95 -11.83
N ASP B 432 -15.80 65.52 -12.12
CA ASP B 432 -16.85 65.25 -11.12
C ASP B 432 -16.65 63.93 -10.35
N ILE B 433 -15.74 63.05 -10.80
CA ILE B 433 -15.50 61.74 -10.19
C ILE B 433 -14.98 61.85 -8.73
N GLU B 434 -14.23 62.92 -8.38
CA GLU B 434 -13.70 63.10 -7.03
C GLU B 434 -14.79 63.53 -6.04
N LYS B 435 -15.87 64.14 -6.57
CA LYS B 435 -17.04 64.58 -5.79
C LYS B 435 -17.88 63.37 -5.30
N LEU B 436 -17.62 62.17 -5.89
CA LEU B 436 -18.34 60.90 -5.67
C LEU B 436 -19.85 61.15 -5.84
N PRO B 437 -20.30 61.54 -7.06
CA PRO B 437 -21.70 61.92 -7.23
C PRO B 437 -22.68 60.77 -7.42
N TYR B 438 -23.94 61.00 -7.03
CA TYR B 438 -25.00 60.03 -7.28
C TYR B 438 -25.63 60.35 -8.64
N ILE B 439 -26.11 59.31 -9.32
CA ILE B 439 -26.76 59.42 -10.63
C ILE B 439 -28.26 59.23 -10.45
N THR B 440 -29.05 60.05 -11.17
CA THR B 440 -30.49 59.97 -11.16
C THR B 440 -31.03 60.06 -12.57
N PHE B 441 -32.17 59.43 -12.80
CA PHE B 441 -32.86 59.50 -14.08
C PHE B 441 -34.03 60.48 -13.92
N PRO B 442 -34.04 61.58 -14.69
CA PRO B 442 -35.11 62.57 -14.52
C PRO B 442 -36.45 62.10 -15.07
N GLU B 443 -37.55 62.70 -14.55
CA GLU B 443 -38.91 62.41 -14.98
C GLU B 443 -39.01 62.70 -16.47
N GLY B 444 -39.53 61.75 -17.22
CA GLY B 444 -39.65 61.95 -18.66
C GLY B 444 -38.62 61.22 -19.46
N SER B 445 -37.46 60.87 -18.84
CA SER B 445 -36.39 60.12 -19.50
C SER B 445 -36.81 58.68 -19.75
N GLU B 446 -36.23 58.05 -20.79
CA GLU B 446 -36.46 56.66 -21.17
C GLU B 446 -36.27 55.72 -19.99
N GLU B 447 -35.18 55.92 -19.21
CA GLU B 447 -34.75 55.12 -18.07
C GLU B 447 -35.69 55.26 -16.90
N HIS B 448 -36.07 56.51 -16.54
CA HIS B 448 -36.99 56.74 -15.43
C HIS B 448 -38.34 56.04 -15.70
N THR B 449 -38.89 56.25 -16.92
CA THR B 449 -40.12 55.63 -17.37
C THR B 449 -40.05 54.09 -17.24
N TYR B 450 -39.01 53.46 -17.83
CA TYR B 450 -38.79 52.01 -17.83
C TYR B 450 -38.64 51.45 -16.44
N LEU B 451 -37.77 52.07 -15.61
CA LEU B 451 -37.53 51.65 -14.22
C LEU B 451 -38.85 51.50 -13.46
N HIS B 452 -39.72 52.52 -13.52
CA HIS B 452 -41.01 52.53 -12.83
C HIS B 452 -42.05 51.64 -13.49
N ALA B 453 -42.08 51.60 -14.86
CA ALA B 453 -43.06 50.82 -15.64
C ALA B 453 -42.97 49.34 -15.29
N GLN B 454 -41.74 48.79 -15.20
CA GLN B 454 -41.52 47.39 -14.86
C GLN B 454 -42.04 47.06 -13.45
N ARG B 455 -41.83 47.95 -12.47
CA ARG B 455 -42.30 47.78 -11.07
C ARG B 455 -43.81 47.96 -10.95
N GLN B 456 -44.39 48.86 -11.75
CA GLN B 456 -45.84 49.06 -11.71
C GLN B 456 -46.57 47.78 -12.23
N LYS B 457 -46.01 47.13 -13.27
CA LYS B 457 -46.52 45.87 -13.84
C LYS B 457 -46.45 44.75 -12.80
N LEU B 458 -45.47 44.82 -11.88
CA LEU B 458 -45.24 43.83 -10.84
C LEU B 458 -45.79 44.30 -9.49
N HIS B 459 -46.84 45.15 -9.54
CA HIS B 459 -47.67 45.68 -8.44
C HIS B 459 -47.00 46.62 -7.44
N GLY B 460 -45.88 47.24 -7.81
CA GLY B 460 -45.24 48.23 -6.95
C GLY B 460 -43.81 47.98 -6.55
N TYR B 461 -43.39 48.61 -5.45
CA TYR B 461 -42.02 48.54 -4.96
C TYR B 461 -41.80 47.46 -3.94
N LEU B 462 -40.58 46.90 -4.03
CA LEU B 462 -40.06 45.82 -3.20
C LEU B 462 -38.59 46.17 -2.84
N PRO B 463 -38.12 46.02 -1.57
CA PRO B 463 -38.88 45.58 -0.39
C PRO B 463 -39.70 46.72 0.22
N SER B 464 -40.79 46.37 0.90
CA SER B 464 -41.65 47.26 1.67
C SER B 464 -42.37 46.42 2.73
N ARG B 465 -42.70 47.02 3.86
CA ARG B 465 -43.32 46.29 4.93
C ARG B 465 -44.49 47.06 5.54
N GLN B 466 -45.54 46.31 5.92
CA GLN B 466 -46.71 46.83 6.62
C GLN B 466 -46.48 46.56 8.10
N PRO B 467 -46.24 47.56 8.96
CA PRO B 467 -45.95 47.26 10.37
C PRO B 467 -47.12 46.66 11.18
N ASN B 468 -48.36 46.88 10.72
CA ASN B 468 -49.58 46.42 11.40
C ASN B 468 -50.61 45.79 10.48
N PHE B 469 -51.48 44.92 11.05
CA PHE B 469 -52.58 44.27 10.32
C PHE B 469 -53.83 45.16 10.42
N THR B 470 -54.66 45.13 9.36
CA THR B 470 -55.85 45.98 9.26
C THR B 470 -57.10 45.45 10.00
N GLU B 471 -57.33 44.12 10.04
CA GLU B 471 -58.55 43.59 10.65
C GLU B 471 -58.59 43.74 12.17
N LYS B 472 -59.81 43.71 12.71
CA LYS B 472 -60.09 43.78 14.15
C LYS B 472 -60.51 42.42 14.66
N LEU B 473 -59.67 41.82 15.49
CA LEU B 473 -59.99 40.53 16.09
C LEU B 473 -60.80 40.75 17.36
N GLU B 474 -61.86 39.95 17.56
CA GLU B 474 -62.68 40.01 18.75
C GLU B 474 -62.16 38.95 19.70
N LEU B 475 -61.11 39.31 20.45
CA LEU B 475 -60.36 38.42 21.34
C LEU B 475 -61.16 37.92 22.55
N PRO B 476 -60.83 36.70 23.09
CA PRO B 476 -61.55 36.24 24.28
C PRO B 476 -61.23 37.12 25.50
N SER B 477 -62.23 37.33 26.37
CA SER B 477 -62.08 38.13 27.58
C SER B 477 -61.32 37.31 28.62
N LEU B 478 -60.93 37.93 29.76
CA LEU B 478 -60.27 37.16 30.82
C LEU B 478 -61.29 36.24 31.47
N GLN B 479 -62.57 36.69 31.50
CA GLN B 479 -63.65 35.91 32.08
C GLN B 479 -63.94 34.67 31.23
N ASP B 480 -63.56 34.66 29.93
CA ASP B 480 -63.74 33.51 29.04
C ASP B 480 -62.86 32.32 29.48
N PHE B 481 -61.78 32.61 30.22
CA PHE B 481 -60.86 31.61 30.76
C PHE B 481 -61.39 31.07 32.08
N GLY B 482 -62.40 31.77 32.61
CA GLY B 482 -63.14 31.49 33.84
C GLY B 482 -62.67 30.39 34.76
N ALA B 483 -62.84 29.12 34.33
CA ALA B 483 -62.50 27.93 35.11
C ALA B 483 -61.04 27.87 35.59
N LEU B 484 -60.10 28.41 34.78
CA LEU B 484 -58.68 28.43 35.12
C LEU B 484 -58.40 29.41 36.26
N LEU B 485 -59.20 30.51 36.36
CA LEU B 485 -59.11 31.54 37.42
C LEU B 485 -59.66 31.03 38.78
N GLU B 486 -60.41 29.91 38.76
CA GLU B 486 -60.98 29.29 39.97
C GLU B 486 -60.05 28.17 40.47
N GLU B 487 -60.28 27.69 41.70
CA GLU B 487 -59.51 26.61 42.32
C GLU B 487 -59.72 25.33 41.54
N GLN B 488 -58.67 24.53 41.40
CA GLN B 488 -58.77 23.28 40.65
C GLN B 488 -59.19 22.15 41.59
N SER B 489 -60.18 21.34 41.15
CA SER B 489 -60.71 20.19 41.90
C SER B 489 -59.60 19.13 42.14
N LYS B 490 -58.81 18.86 41.10
CA LYS B 490 -57.70 17.93 41.11
C LYS B 490 -56.36 18.66 40.88
N GLU B 491 -55.25 18.00 41.25
CA GLU B 491 -53.92 18.54 41.07
C GLU B 491 -53.59 18.52 39.60
N ILE B 492 -53.19 19.67 39.05
CA ILE B 492 -52.79 19.79 37.64
C ILE B 492 -51.45 20.55 37.58
N SER B 493 -50.89 20.67 36.36
CA SER B 493 -49.63 21.36 36.08
C SER B 493 -49.89 22.63 35.29
N THR B 494 -48.88 23.51 35.17
CA THR B 494 -49.01 24.75 34.38
C THR B 494 -49.02 24.41 32.87
N THR B 495 -48.60 23.17 32.46
CA THR B 495 -48.66 22.73 31.05
C THR B 495 -50.12 22.37 30.75
N ILE B 496 -50.83 21.70 31.71
CA ILE B 496 -52.25 21.36 31.59
C ILE B 496 -53.04 22.66 31.46
N ALA B 497 -52.68 23.68 32.30
CA ALA B 497 -53.28 25.01 32.31
C ALA B 497 -53.11 25.68 30.94
N PHE B 498 -51.90 25.56 30.36
CA PHE B 498 -51.60 26.10 29.04
C PHE B 498 -52.52 25.47 27.95
N VAL B 499 -52.69 24.14 27.94
CA VAL B 499 -53.49 23.43 26.94
C VAL B 499 -54.97 23.81 27.10
N ARG B 500 -55.42 24.05 28.34
CA ARG B 500 -56.80 24.49 28.62
C ARG B 500 -57.04 25.91 28.11
N ALA B 501 -56.03 26.79 28.17
CA ALA B 501 -56.12 28.15 27.63
C ALA B 501 -56.22 28.09 26.12
N LEU B 502 -55.52 27.12 25.47
CA LEU B 502 -55.62 26.94 24.02
C LEU B 502 -57.03 26.56 23.65
N ASN B 503 -57.67 25.68 24.44
CA ASN B 503 -59.04 25.25 24.22
C ASN B 503 -60.02 26.40 24.35
N VAL B 504 -59.73 27.37 25.23
CA VAL B 504 -60.58 28.55 25.43
C VAL B 504 -60.52 29.39 24.15
N MET B 505 -59.31 29.57 23.59
CA MET B 505 -59.06 30.34 22.37
C MET B 505 -59.60 29.60 21.14
N LEU B 506 -59.64 28.25 21.18
CA LEU B 506 -60.16 27.43 20.08
C LEU B 506 -61.70 27.46 20.03
N LYS B 507 -62.33 28.16 20.99
CA LYS B 507 -63.79 28.35 21.10
C LYS B 507 -64.18 29.75 20.59
N ASN B 508 -63.22 30.69 20.57
CA ASN B 508 -63.44 32.06 20.09
C ASN B 508 -63.52 32.07 18.56
N LYS B 509 -64.70 32.46 17.99
CA LYS B 509 -64.93 32.48 16.54
C LYS B 509 -63.92 33.30 15.75
N SER B 510 -63.50 34.43 16.32
CA SER B 510 -62.57 35.36 15.70
C SER B 510 -61.16 34.80 15.50
N ILE B 511 -60.56 34.16 16.54
CA ILE B 511 -59.17 33.67 16.46
C ILE B 511 -58.98 32.14 16.42
N LYS B 512 -60.05 31.33 16.58
CA LYS B 512 -59.89 29.87 16.63
C LYS B 512 -59.06 29.30 15.46
N ASP B 513 -59.39 29.67 14.20
CA ASP B 513 -58.68 29.15 13.02
C ASP B 513 -57.36 29.88 12.73
N ARG B 514 -57.00 30.88 13.55
CA ARG B 514 -55.75 31.66 13.43
C ARG B 514 -54.67 31.09 14.34
N LEU B 515 -55.05 30.28 15.34
CA LEU B 515 -54.09 29.66 16.25
C LEU B 515 -53.24 28.65 15.49
N VAL B 516 -51.92 28.70 15.74
CA VAL B 516 -50.99 27.80 15.09
C VAL B 516 -50.22 27.03 16.18
N PRO B 517 -50.79 25.95 16.74
CA PRO B 517 -50.04 25.16 17.72
C PRO B 517 -48.91 24.40 17.02
N ILE B 518 -47.66 24.64 17.43
CA ILE B 518 -46.46 24.01 16.85
C ILE B 518 -45.82 23.10 17.91
N ILE B 519 -45.50 21.86 17.52
CA ILE B 519 -44.89 20.87 18.41
C ILE B 519 -43.63 20.26 17.74
N ALA B 520 -42.52 20.15 18.52
CA ALA B 520 -41.25 19.59 18.04
C ALA B 520 -41.11 18.12 18.51
N ASP B 521 -41.95 17.25 17.91
CA ASP B 521 -42.13 15.80 18.11
C ASP B 521 -43.01 15.47 19.34
N GLU B 522 -42.39 15.38 20.54
CA GLU B 522 -43.04 14.91 21.76
C GLU B 522 -44.35 15.64 22.12
N ALA B 523 -45.50 15.06 21.73
CA ALA B 523 -46.82 15.63 22.03
C ALA B 523 -47.40 15.05 23.29
N ARG B 524 -47.16 13.74 23.54
CA ARG B 524 -47.62 13.01 24.71
C ARG B 524 -47.12 13.67 25.99
N THR B 525 -45.85 14.14 25.97
CA THR B 525 -45.19 14.79 27.09
C THR B 525 -45.89 16.07 27.50
N PHE B 526 -46.51 16.78 26.54
CA PHE B 526 -47.18 18.07 26.81
C PHE B 526 -48.72 17.96 26.78
N GLY B 527 -49.24 16.73 26.78
CA GLY B 527 -50.67 16.45 26.78
C GLY B 527 -51.46 17.13 25.67
N MET B 528 -50.87 17.21 24.46
CA MET B 528 -51.43 17.85 23.27
C MET B 528 -52.29 16.87 22.46
N GLU B 529 -52.23 15.55 22.76
CA GLU B 529 -52.96 14.47 22.08
C GLU B 529 -54.50 14.71 22.07
N GLY B 530 -54.98 15.53 23.01
CA GLY B 530 -56.38 15.91 23.10
C GLY B 530 -56.79 16.77 21.92
N LEU B 531 -55.92 17.76 21.60
CA LEU B 531 -56.10 18.70 20.50
C LEU B 531 -56.00 18.00 19.14
N PHE B 532 -55.23 16.90 19.05
CA PHE B 532 -55.00 16.15 17.82
C PHE B 532 -56.31 15.68 17.19
N ARG B 533 -57.23 15.17 18.02
CA ARG B 533 -58.53 14.72 17.56
C ARG B 533 -59.42 15.91 17.18
N GLN B 534 -59.36 16.94 18.01
CA GLN B 534 -60.17 18.13 17.92
C GLN B 534 -59.85 18.98 16.67
N ILE B 535 -58.58 19.45 16.48
CA ILE B 535 -58.21 20.34 15.36
C ILE B 535 -57.31 19.69 14.25
N GLY B 536 -56.72 18.52 14.52
CA GLY B 536 -55.89 17.79 13.55
C GLY B 536 -54.44 18.18 13.43
N ILE B 537 -53.65 17.34 12.74
CA ILE B 537 -52.23 17.56 12.44
C ILE B 537 -52.13 17.91 10.96
N TYR B 538 -51.44 19.00 10.63
CA TYR B 538 -51.26 19.42 9.24
C TYR B 538 -50.36 18.40 8.51
N SER B 539 -50.87 17.84 7.41
CA SER B 539 -50.21 16.85 6.54
C SER B 539 -50.73 17.14 5.12
N PRO B 540 -50.00 17.90 4.27
CA PRO B 540 -50.56 18.27 2.94
C PRO B 540 -50.66 17.14 1.90
N ASN B 541 -50.18 15.92 2.23
CA ASN B 541 -50.16 14.79 1.31
C ASN B 541 -51.27 13.74 1.59
N GLY B 542 -51.57 12.94 0.56
CA GLY B 542 -52.60 11.90 0.58
C GLY B 542 -52.11 10.52 1.00
N GLN B 543 -52.29 10.20 2.32
CA GLN B 543 -51.95 8.98 3.08
C GLN B 543 -51.95 7.70 2.23
N TYR B 555 -56.89 7.22 16.54
CA TYR B 555 -57.74 7.87 15.53
C TYR B 555 -57.86 9.40 15.79
N TYR B 556 -57.52 10.21 14.78
CA TYR B 556 -57.59 11.69 14.73
C TYR B 556 -57.27 12.21 13.31
N LYS B 557 -57.45 13.53 13.09
CA LYS B 557 -57.22 14.20 11.81
C LYS B 557 -55.72 14.33 11.50
N GLU B 558 -55.36 13.99 10.24
CA GLU B 558 -54.00 14.06 9.66
C GLU B 558 -54.16 14.29 8.15
N ASP B 559 -54.70 15.47 7.77
CA ASP B 559 -54.98 15.90 6.40
C ASP B 559 -54.47 17.33 6.15
N GLU B 560 -54.69 17.88 4.94
CA GLU B 560 -54.25 19.22 4.54
C GLU B 560 -54.95 20.34 5.34
N LYS B 561 -56.12 20.05 5.94
CA LYS B 561 -56.86 21.02 6.73
C LYS B 561 -56.43 21.00 8.23
N GLY B 562 -55.52 20.08 8.60
CA GLY B 562 -54.98 19.92 9.95
C GLY B 562 -54.38 21.21 10.47
N GLN B 563 -54.65 21.57 11.73
CA GLN B 563 -54.24 22.85 12.29
C GLN B 563 -52.90 22.81 13.00
N ILE B 564 -52.56 21.69 13.68
CA ILE B 564 -51.30 21.58 14.43
C ILE B 564 -50.13 21.32 13.48
N LEU B 565 -49.01 22.00 13.72
CA LEU B 565 -47.77 21.78 12.97
C LEU B 565 -46.85 20.87 13.78
N GLN B 566 -46.70 19.63 13.34
CA GLN B 566 -45.81 18.63 13.92
C GLN B 566 -44.50 18.69 13.13
N GLU B 567 -43.37 19.10 13.77
CA GLU B 567 -42.10 19.30 13.05
C GLU B 567 -41.02 18.25 13.36
N GLY B 568 -41.33 17.28 14.20
CA GLY B 568 -40.40 16.21 14.54
C GLY B 568 -39.23 16.69 15.37
N ILE B 569 -38.14 15.88 15.44
CA ILE B 569 -36.95 16.25 16.22
C ILE B 569 -36.20 17.27 15.36
N ASN B 570 -36.63 18.55 15.48
CA ASN B 570 -36.19 19.69 14.68
C ASN B 570 -36.67 20.98 15.33
N GLU B 571 -35.96 21.46 16.39
CA GLU B 571 -36.32 22.69 17.10
C GLU B 571 -36.17 23.91 16.20
N LEU B 572 -35.12 23.94 15.38
CA LEU B 572 -34.88 25.06 14.48
C LEU B 572 -35.94 25.15 13.40
N GLY B 573 -36.34 24.02 12.86
CA GLY B 573 -37.43 23.94 11.88
C GLY B 573 -38.75 24.43 12.44
N ALA B 574 -39.06 24.01 13.68
CA ALA B 574 -40.26 24.42 14.39
C ALA B 574 -40.21 25.93 14.73
N GLY B 575 -39.04 26.43 15.10
CA GLY B 575 -38.83 27.83 15.37
C GLY B 575 -39.05 28.69 14.13
N CYS B 576 -38.65 28.14 12.97
CA CYS B 576 -38.84 28.78 11.67
C CYS B 576 -40.30 28.78 11.22
N SER B 577 -41.08 27.78 11.64
CA SER B 577 -42.52 27.73 11.38
C SER B 577 -43.22 28.75 12.29
N TRP B 578 -42.77 28.83 13.53
CA TRP B 578 -43.24 29.78 14.53
C TRP B 578 -43.01 31.23 14.01
N LEU B 579 -41.79 31.51 13.52
CA LEU B 579 -41.41 32.82 13.02
C LEU B 579 -42.30 33.25 11.84
N ALA B 580 -42.58 32.34 10.90
CA ALA B 580 -43.42 32.64 9.74
C ALA B 580 -44.86 32.94 10.17
N ALA B 581 -45.38 32.17 11.14
CA ALA B 581 -46.72 32.35 11.68
C ALA B 581 -46.80 33.64 12.45
N ALA B 582 -45.78 33.90 13.30
CA ALA B 582 -45.70 35.06 14.16
C ALA B 582 -45.52 36.36 13.37
N THR B 583 -45.15 36.28 12.08
CA THR B 583 -44.96 37.50 11.28
C THR B 583 -45.96 37.55 10.11
N SER B 584 -46.97 36.66 10.09
CA SER B 584 -47.98 36.61 9.04
C SER B 584 -48.85 37.85 9.04
N TYR B 585 -49.01 38.50 10.20
CA TYR B 585 -49.81 39.72 10.39
C TYR B 585 -49.29 40.85 9.49
N SER B 586 -47.97 40.84 9.24
CA SER B 586 -47.26 41.85 8.46
C SER B 586 -47.09 41.41 7.01
N THR B 587 -46.55 40.19 6.80
CA THR B 587 -46.25 39.59 5.49
C THR B 587 -47.49 39.48 4.62
N ASN B 588 -48.62 38.96 5.17
CA ASN B 588 -49.85 38.75 4.40
C ASN B 588 -51.07 39.49 4.91
N ASN B 589 -50.91 40.38 5.90
CA ASN B 589 -52.01 41.10 6.55
C ASN B 589 -53.04 40.08 7.05
N LEU B 590 -52.54 38.96 7.58
CA LEU B 590 -53.34 37.85 8.10
C LEU B 590 -52.76 37.46 9.45
N PRO B 591 -53.26 38.05 10.57
CA PRO B 591 -52.71 37.70 11.88
C PRO B 591 -52.90 36.22 12.20
N MET B 592 -51.80 35.55 12.55
CA MET B 592 -51.76 34.13 12.95
C MET B 592 -51.08 34.08 14.32
N ILE B 593 -51.69 33.39 15.30
CA ILE B 593 -51.16 33.36 16.68
C ILE B 593 -50.51 32.00 16.96
N PRO B 594 -49.15 31.90 16.86
CA PRO B 594 -48.51 30.60 17.10
C PRO B 594 -48.16 30.31 18.55
N PHE B 595 -48.20 29.03 18.93
CA PHE B 595 -47.86 28.54 20.27
C PHE B 595 -46.88 27.39 20.11
N TYR B 596 -45.58 27.68 20.23
CA TYR B 596 -44.59 26.61 20.04
C TYR B 596 -44.16 26.05 21.39
N ILE B 597 -44.60 24.80 21.69
CA ILE B 597 -44.26 24.08 22.93
C ILE B 597 -43.19 23.02 22.59
N TYR B 598 -42.17 22.95 23.45
CA TYR B 598 -40.99 22.11 23.31
C TYR B 598 -40.31 21.98 24.68
N TYR B 599 -39.24 21.17 24.80
CA TYR B 599 -38.47 21.03 26.04
C TYR B 599 -37.68 22.32 26.21
N SER B 600 -37.99 23.12 27.24
CA SER B 600 -37.41 24.45 27.50
C SER B 600 -35.90 24.55 27.24
N MET B 601 -35.13 23.50 27.61
CA MET B 601 -33.68 23.44 27.40
C MET B 601 -33.28 23.67 25.93
N PHE B 602 -34.08 23.17 24.96
CA PHE B 602 -33.79 23.26 23.53
C PHE B 602 -34.49 24.46 22.86
N GLY B 603 -34.62 25.54 23.60
CA GLY B 603 -35.17 26.78 23.11
C GLY B 603 -34.05 27.75 22.81
N PHE B 604 -33.90 28.77 23.65
CA PHE B 604 -32.91 29.82 23.47
C PHE B 604 -31.49 29.29 23.41
N GLN B 605 -31.22 28.13 24.01
CA GLN B 605 -29.88 27.56 24.04
C GLN B 605 -29.53 27.00 22.68
N ARG B 606 -30.51 26.30 22.07
CA ARG B 606 -30.39 25.59 20.80
C ARG B 606 -30.71 26.46 19.58
N ILE B 607 -31.75 27.31 19.62
CA ILE B 607 -32.19 28.14 18.49
C ILE B 607 -32.09 29.66 18.83
N GLY B 608 -31.17 30.01 19.72
CA GLY B 608 -30.93 31.38 20.20
C GLY B 608 -30.81 32.47 19.16
N ASP B 609 -30.03 32.22 18.09
CA ASP B 609 -29.82 33.17 16.98
C ASP B 609 -31.11 33.38 16.20
N LEU B 610 -31.99 32.37 16.14
CA LEU B 610 -33.28 32.50 15.48
C LEU B 610 -34.21 33.37 16.33
N CYS B 611 -34.12 33.27 17.66
CA CYS B 611 -34.92 34.07 18.59
C CYS B 611 -34.50 35.56 18.52
N TRP B 612 -33.21 35.82 18.19
CA TRP B 612 -32.73 37.18 18.00
C TRP B 612 -33.30 37.73 16.68
N ALA B 613 -33.24 36.92 15.59
CA ALA B 613 -33.75 37.25 14.26
C ALA B 613 -35.26 37.43 14.33
N ALA B 614 -35.95 36.65 15.19
CA ALA B 614 -37.40 36.77 15.42
C ALA B 614 -37.72 38.13 16.05
N GLY B 615 -36.89 38.56 17.01
CA GLY B 615 -37.02 39.87 17.65
C GLY B 615 -36.91 40.97 16.61
N ASP B 616 -35.87 40.86 15.73
CA ASP B 616 -35.58 41.74 14.61
C ASP B 616 -36.74 41.75 13.59
N GLN B 617 -37.34 40.60 13.27
CA GLN B 617 -38.44 40.46 12.31
C GLN B 617 -39.79 40.89 12.92
N GLN B 618 -39.78 41.38 14.18
CA GLN B 618 -40.96 41.82 14.94
C GLN B 618 -41.99 40.68 15.06
N ALA B 619 -41.53 39.50 15.50
CA ALA B 619 -42.34 38.33 15.76
C ALA B 619 -43.33 38.58 16.91
N ARG B 620 -44.57 38.12 16.73
CA ARG B 620 -45.66 38.24 17.70
C ARG B 620 -46.29 36.87 17.88
N GLY B 621 -45.83 36.15 18.88
CA GLY B 621 -46.31 34.82 19.18
C GLY B 621 -45.83 34.37 20.54
N PHE B 622 -46.14 33.13 20.89
CA PHE B 622 -45.78 32.55 22.17
C PHE B 622 -44.82 31.37 22.06
N LEU B 623 -43.72 31.44 22.81
CA LEU B 623 -42.77 30.36 22.98
C LEU B 623 -43.06 29.74 24.34
N ILE B 624 -43.40 28.45 24.36
CA ILE B 624 -43.75 27.75 25.60
C ILE B 624 -42.65 26.74 25.96
N GLY B 625 -41.85 27.11 26.94
CA GLY B 625 -40.76 26.27 27.42
C GLY B 625 -41.28 25.22 28.35
N GLY B 626 -41.75 24.12 27.77
CA GLY B 626 -42.30 23.02 28.55
C GLY B 626 -41.24 22.24 29.29
N THR B 627 -41.66 21.35 30.24
CA THR B 627 -40.76 20.52 31.08
C THR B 627 -39.54 21.35 31.57
N SER B 628 -39.83 22.54 32.14
CA SER B 628 -38.82 23.51 32.60
C SER B 628 -38.48 23.32 34.09
N GLY B 629 -37.46 24.06 34.53
CA GLY B 629 -36.99 24.01 35.90
C GLY B 629 -35.99 22.90 36.07
N ARG B 630 -34.79 23.23 36.59
CA ARG B 630 -33.70 22.27 36.80
C ARG B 630 -34.12 21.03 37.62
N THR B 631 -34.91 21.18 38.70
CA THR B 631 -35.25 20.04 39.56
C THR B 631 -36.55 19.31 39.17
N THR B 632 -37.44 19.96 38.37
CA THR B 632 -38.76 19.42 38.01
C THR B 632 -38.64 18.33 36.92
N LEU B 633 -37.81 18.52 35.88
CA LEU B 633 -37.57 17.46 34.88
C LEU B 633 -36.44 16.56 35.46
N ASN B 634 -36.73 16.00 36.64
CA ASN B 634 -35.84 15.32 37.57
C ASN B 634 -35.04 14.13 37.07
N GLY B 635 -35.63 13.25 36.29
CA GLY B 635 -34.93 12.03 35.87
C GLY B 635 -34.09 12.15 34.62
N GLU B 636 -34.30 13.23 33.85
CA GLU B 636 -33.64 13.44 32.56
C GLU B 636 -32.16 13.83 32.64
N GLY B 637 -31.77 14.62 33.65
CA GLY B 637 -30.36 14.95 33.85
C GLY B 637 -29.80 16.13 33.12
N LEU B 638 -28.45 16.17 33.07
CA LEU B 638 -27.57 17.23 32.58
C LEU B 638 -28.01 17.98 31.33
N GLN B 639 -28.32 17.28 30.22
CA GLN B 639 -28.63 17.98 28.96
C GLN B 639 -30.11 18.35 28.80
N HIS B 640 -30.94 18.11 29.83
CA HIS B 640 -32.39 18.42 29.79
C HIS B 640 -32.85 19.33 30.91
N GLU B 641 -32.23 19.25 32.09
CA GLU B 641 -32.62 20.04 33.26
C GLU B 641 -32.25 21.53 33.09
N ASP B 642 -33.27 22.35 32.80
CA ASP B 642 -33.12 23.76 32.47
C ASP B 642 -33.39 24.65 33.62
N GLY B 643 -32.33 25.25 34.15
CA GLY B 643 -32.41 26.22 35.22
C GLY B 643 -31.76 27.52 34.78
N HIS B 644 -31.79 27.83 33.47
CA HIS B 644 -31.14 29.03 32.95
C HIS B 644 -31.75 29.65 31.66
N SER B 645 -32.81 29.05 31.06
CA SER B 645 -33.39 29.60 29.81
C SER B 645 -33.90 31.03 30.01
N HIS B 646 -34.31 31.37 31.24
CA HIS B 646 -34.76 32.71 31.59
C HIS B 646 -33.62 33.73 31.58
N ILE B 647 -32.36 33.26 31.81
CA ILE B 647 -31.17 34.11 31.78
C ILE B 647 -30.83 34.40 30.31
N GLN B 648 -31.14 33.45 29.41
CA GLN B 648 -30.89 33.60 27.98
C GLN B 648 -32.00 34.47 27.36
N SER B 649 -33.27 34.22 27.73
CA SER B 649 -34.42 34.95 27.19
C SER B 649 -34.43 36.42 27.58
N LEU B 650 -33.84 36.78 28.73
CA LEU B 650 -33.85 38.19 29.18
C LEU B 650 -32.89 39.08 28.34
N THR B 651 -32.03 38.49 27.49
CA THR B 651 -31.09 39.21 26.62
C THR B 651 -31.81 39.79 25.38
N ILE B 652 -33.03 39.28 25.04
CA ILE B 652 -33.82 39.73 23.88
C ILE B 652 -34.72 40.88 24.34
N PRO B 653 -34.50 42.11 23.83
CA PRO B 653 -35.26 43.27 24.34
C PRO B 653 -36.79 43.17 24.19
N ASN B 654 -37.31 42.56 23.11
CA ASN B 654 -38.76 42.49 22.89
C ASN B 654 -39.34 41.07 23.17
N CYS B 655 -38.69 40.31 24.07
CA CYS B 655 -39.23 39.04 24.53
C CYS B 655 -39.62 39.20 25.96
N ILE B 656 -40.92 38.97 26.26
CA ILE B 656 -41.52 39.09 27.60
C ILE B 656 -41.53 37.71 28.24
N SER B 657 -40.72 37.51 29.31
CA SER B 657 -40.58 36.21 29.95
C SER B 657 -41.33 36.08 31.29
N TYR B 658 -42.04 34.96 31.45
CA TYR B 658 -42.77 34.63 32.67
C TYR B 658 -42.45 33.21 33.11
N ASP B 659 -42.50 32.96 34.43
CA ASP B 659 -42.32 31.65 35.06
C ASP B 659 -43.47 31.46 36.05
N PRO B 660 -44.72 31.21 35.55
CA PRO B 660 -45.85 31.11 36.46
C PRO B 660 -45.81 29.86 37.32
N ALA B 661 -46.34 29.99 38.55
CA ALA B 661 -46.45 28.89 39.51
C ALA B 661 -47.84 28.24 39.45
N TYR B 662 -48.90 29.03 39.21
CA TYR B 662 -50.29 28.55 39.23
C TYR B 662 -51.01 28.67 37.88
N ALA B 663 -52.10 27.89 37.74
CA ALA B 663 -52.92 27.81 36.53
C ALA B 663 -53.58 29.15 36.19
N TYR B 664 -54.11 29.89 37.20
CA TYR B 664 -54.74 31.20 36.96
C TYR B 664 -53.72 32.23 36.44
N GLU B 665 -52.44 32.13 36.89
CA GLU B 665 -51.36 33.01 36.45
C GLU B 665 -51.14 32.81 34.95
N VAL B 666 -51.13 31.53 34.48
CA VAL B 666 -50.98 31.15 33.07
C VAL B 666 -52.09 31.84 32.25
N ALA B 667 -53.37 31.71 32.69
CA ALA B 667 -54.54 32.31 32.02
C ALA B 667 -54.41 33.83 31.89
N VAL B 668 -54.03 34.54 32.98
CA VAL B 668 -53.89 36.01 33.00
C VAL B 668 -52.74 36.44 32.06
N ILE B 669 -51.60 35.71 32.07
CA ILE B 669 -50.41 36.01 31.25
C ILE B 669 -50.75 35.78 29.76
N MET B 670 -51.38 34.64 29.43
CA MET B 670 -51.73 34.28 28.06
C MET B 670 -52.77 35.23 27.48
N HIS B 671 -53.76 35.64 28.29
CA HIS B 671 -54.78 36.60 27.87
C HIS B 671 -54.15 37.97 27.57
N ASP B 672 -53.28 38.48 28.49
CA ASP B 672 -52.60 39.76 28.33
C ASP B 672 -51.71 39.77 27.08
N GLY B 673 -50.96 38.69 26.85
CA GLY B 673 -50.10 38.55 25.69
C GLY B 673 -50.85 38.69 24.39
N LEU B 674 -51.97 37.98 24.29
CA LEU B 674 -52.91 37.97 23.18
C LEU B 674 -53.43 39.38 22.93
N GLU B 675 -53.91 40.06 24.00
CA GLU B 675 -54.45 41.42 23.92
C GLU B 675 -53.37 42.44 23.46
N ARG B 676 -52.14 42.36 24.03
CA ARG B 676 -51.03 43.26 23.71
C ARG B 676 -50.60 43.15 22.25
N MET B 677 -50.41 41.91 21.75
CA MET B 677 -49.89 41.59 20.42
C MET B 677 -50.95 41.59 19.34
N TYR B 678 -52.09 40.94 19.59
CA TYR B 678 -53.11 40.81 18.57
C TYR B 678 -54.39 41.61 18.83
N GLY B 679 -54.35 42.45 19.86
CA GLY B 679 -55.40 43.42 20.15
C GLY B 679 -55.09 44.69 19.39
N GLU B 680 -55.84 45.78 19.61
CA GLU B 680 -55.60 46.99 18.82
C GLU B 680 -54.27 47.71 19.20
N LYS B 681 -53.66 47.37 20.36
CA LYS B 681 -52.35 47.93 20.77
C LYS B 681 -51.26 47.57 19.75
N GLN B 682 -51.29 46.32 19.25
CA GLN B 682 -50.37 45.73 18.26
C GLN B 682 -48.95 46.01 18.67
N GLU B 683 -48.58 45.43 19.82
CA GLU B 683 -47.26 45.57 20.42
C GLU B 683 -46.33 44.57 19.78
N ASN B 684 -45.18 45.09 19.28
CA ASN B 684 -44.14 44.29 18.63
C ASN B 684 -43.24 43.74 19.72
N VAL B 685 -43.71 42.63 20.25
CA VAL B 685 -43.18 41.91 21.38
C VAL B 685 -43.61 40.44 21.21
N TYR B 686 -42.85 39.50 21.76
CA TYR B 686 -43.26 38.09 21.77
C TYR B 686 -43.06 37.56 23.19
N TYR B 687 -43.83 36.55 23.54
CA TYR B 687 -43.88 35.99 24.90
C TYR B 687 -43.12 34.71 25.05
N TYR B 688 -42.55 34.51 26.25
CA TYR B 688 -41.87 33.28 26.65
C TYR B 688 -42.40 32.88 28.01
N ILE B 689 -43.14 31.76 28.05
CA ILE B 689 -43.73 31.24 29.28
C ILE B 689 -43.17 29.84 29.56
N THR B 690 -42.53 29.65 30.70
CA THR B 690 -42.04 28.34 31.09
C THR B 690 -43.17 27.61 31.81
N THR B 691 -43.46 26.36 31.38
CA THR B 691 -44.52 25.55 31.96
C THR B 691 -43.87 24.29 32.55
N LEU B 692 -44.62 23.57 33.44
CA LEU B 692 -44.09 22.43 34.20
C LEU B 692 -44.83 21.14 33.99
N ASN B 693 -44.16 20.01 34.30
CA ASN B 693 -44.69 18.66 34.17
C ASN B 693 -45.07 18.06 35.54
N GLU B 694 -45.08 18.88 36.59
CA GLU B 694 -45.39 18.49 37.96
C GLU B 694 -46.79 18.97 38.34
N ASN B 695 -47.57 18.09 38.94
CA ASN B 695 -48.91 18.38 39.39
C ASN B 695 -48.91 18.73 40.87
N TYR B 696 -49.66 19.77 41.23
CA TYR B 696 -49.83 20.20 42.62
C TYR B 696 -51.14 20.99 42.76
N HIS B 697 -51.51 21.38 44.01
CA HIS B 697 -52.73 22.13 44.26
C HIS B 697 -52.67 23.45 43.56
N MET B 698 -53.73 23.77 42.82
CA MET B 698 -53.87 25.02 42.09
C MET B 698 -55.01 25.85 42.73
N PRO B 699 -54.65 26.85 43.58
CA PRO B 699 -55.70 27.65 44.24
C PRO B 699 -56.37 28.64 43.27
N ALA B 700 -57.45 29.29 43.73
CA ALA B 700 -58.18 30.29 42.97
C ALA B 700 -57.39 31.60 42.92
N MET B 701 -57.67 32.45 41.92
CA MET B 701 -56.99 33.72 41.75
C MET B 701 -57.45 34.70 42.83
N PRO B 702 -56.50 35.35 43.57
CA PRO B 702 -56.91 36.35 44.57
C PRO B 702 -57.58 37.54 43.87
N GLU B 703 -58.63 38.13 44.48
CA GLU B 703 -59.34 39.26 43.89
C GLU B 703 -58.36 40.43 43.64
N GLY B 704 -58.31 40.91 42.40
CA GLY B 704 -57.44 42.03 42.02
C GLY B 704 -55.97 41.74 41.75
N ALA B 705 -55.60 40.45 41.66
CA ALA B 705 -54.21 40.04 41.44
C ALA B 705 -53.76 40.20 39.97
N GLU B 706 -54.71 40.47 39.04
CA GLU B 706 -54.46 40.60 37.58
C GLU B 706 -53.29 41.52 37.28
N GLU B 707 -53.25 42.76 37.84
CA GLU B 707 -52.17 43.73 37.62
C GLU B 707 -50.81 43.18 38.07
N GLY B 708 -50.76 42.64 39.30
CA GLY B 708 -49.58 42.07 39.93
C GLY B 708 -48.99 40.93 39.12
N ILE B 709 -49.86 40.00 38.63
CA ILE B 709 -49.52 38.85 37.79
C ILE B 709 -48.80 39.35 36.53
N ARG B 710 -49.41 40.31 35.83
CA ARG B 710 -48.89 40.90 34.60
C ARG B 710 -47.58 41.65 34.83
N LYS B 711 -47.52 42.44 35.93
CA LYS B 711 -46.34 43.28 36.24
C LYS B 711 -45.14 42.45 36.76
N GLY B 712 -45.40 41.32 37.41
CA GLY B 712 -44.33 40.45 37.86
C GLY B 712 -44.34 39.95 39.30
N ILE B 713 -45.12 40.60 40.20
CA ILE B 713 -45.14 40.22 41.62
C ILE B 713 -46.46 40.65 42.27
N TYR B 714 -46.91 39.87 43.27
CA TYR B 714 -48.08 40.18 44.09
C TYR B 714 -48.00 39.40 45.42
N LYS B 715 -48.49 40.04 46.51
CA LYS B 715 -48.54 39.43 47.84
C LYS B 715 -49.64 38.40 47.85
N LEU B 716 -49.28 37.14 48.10
CA LEU B 716 -50.21 36.01 48.16
C LEU B 716 -50.89 35.93 49.50
N GLU B 717 -50.10 36.07 50.59
CA GLU B 717 -50.52 35.85 51.96
C GLU B 717 -49.64 36.60 52.96
N THR B 718 -50.16 36.80 54.18
CA THR B 718 -49.46 37.34 55.33
C THR B 718 -49.75 36.36 56.48
N ILE B 719 -48.71 35.68 56.95
CA ILE B 719 -48.81 34.71 58.04
C ILE B 719 -48.30 35.38 59.30
N GLU B 720 -49.06 35.25 60.39
CA GLU B 720 -48.77 35.91 61.66
C GLU B 720 -47.65 35.21 62.42
N GLY B 721 -46.82 36.01 63.09
CA GLY B 721 -45.69 35.53 63.88
C GLY B 721 -45.14 36.61 64.79
N SER B 722 -45.14 36.32 66.11
CA SER B 722 -44.69 37.23 67.17
C SER B 722 -43.15 37.28 67.39
N LYS B 723 -42.39 36.27 66.92
CA LYS B 723 -40.94 36.20 67.16
C LYS B 723 -40.09 36.89 66.07
N GLY B 724 -40.73 37.33 64.98
CA GLY B 724 -40.05 38.00 63.88
C GLY B 724 -40.84 38.06 62.60
N LYS B 725 -40.31 38.78 61.59
CA LYS B 725 -40.96 38.92 60.28
C LYS B 725 -39.97 38.85 59.13
N VAL B 726 -40.34 38.08 58.10
CA VAL B 726 -39.55 37.90 56.88
C VAL B 726 -40.46 38.05 55.64
N GLN B 727 -39.84 38.12 54.47
CA GLN B 727 -40.52 38.17 53.19
C GLN B 727 -40.02 37.00 52.38
N LEU B 728 -40.95 36.19 51.84
CA LEU B 728 -40.55 35.02 51.09
C LEU B 728 -41.09 35.09 49.68
N LEU B 729 -40.17 35.01 48.71
CA LEU B 729 -40.41 35.08 47.26
C LEU B 729 -40.13 33.73 46.59
N GLY B 730 -41.01 33.36 45.66
CA GLY B 730 -40.88 32.13 44.90
C GLY B 730 -41.56 32.24 43.56
N SER B 731 -41.20 31.33 42.62
CA SER B 731 -41.77 31.27 41.26
C SER B 731 -41.73 29.84 40.76
N GLY B 732 -42.58 29.53 39.78
CA GLY B 732 -42.65 28.20 39.19
C GLY B 732 -42.95 27.12 40.22
N SER B 733 -42.35 25.94 40.03
CA SER B 733 -42.54 24.76 40.88
C SER B 733 -42.04 24.94 42.31
N ILE B 734 -41.08 25.86 42.53
CA ILE B 734 -40.46 26.09 43.83
C ILE B 734 -41.33 26.99 44.75
N LEU B 735 -42.32 27.73 44.22
CA LEU B 735 -43.20 28.56 45.05
C LEU B 735 -43.86 27.76 46.17
N ARG B 736 -44.47 26.59 45.85
CA ARG B 736 -45.16 25.75 46.85
C ARG B 736 -44.19 25.31 47.98
N HIS B 737 -42.86 25.24 47.70
CA HIS B 737 -41.85 24.88 48.69
C HIS B 737 -41.53 26.08 49.58
N VAL B 738 -41.59 27.29 49.01
CA VAL B 738 -41.40 28.57 49.71
C VAL B 738 -42.59 28.73 50.67
N ARG B 739 -43.80 28.41 50.18
CA ARG B 739 -45.06 28.46 50.93
C ARG B 739 -45.04 27.48 52.11
N GLU B 740 -44.43 26.27 51.91
CA GLU B 740 -44.23 25.23 52.91
C GLU B 740 -43.30 25.75 54.01
N ALA B 741 -42.22 26.49 53.62
CA ALA B 741 -41.25 27.10 54.55
C ALA B 741 -41.90 28.20 55.40
N ALA B 742 -42.86 28.97 54.85
CA ALA B 742 -43.62 30.01 55.57
C ALA B 742 -44.46 29.42 56.68
N GLU B 743 -44.96 28.17 56.48
CA GLU B 743 -45.74 27.44 57.48
C GLU B 743 -44.84 26.93 58.60
N ILE B 744 -43.63 26.40 58.24
CA ILE B 744 -42.60 25.90 59.16
C ILE B 744 -42.13 27.05 60.05
N LEU B 745 -41.78 28.20 59.44
CA LEU B 745 -41.28 29.37 60.15
C LEU B 745 -42.30 29.87 61.19
N ALA B 746 -43.58 29.83 60.83
CA ALA B 746 -44.67 30.26 61.71
C ALA B 746 -44.94 29.25 62.83
N LYS B 747 -45.12 27.96 62.48
CA LYS B 747 -45.47 26.91 63.44
C LYS B 747 -44.31 26.56 64.39
N ASP B 748 -43.13 26.26 63.84
CA ASP B 748 -41.99 25.83 64.61
C ASP B 748 -41.14 26.96 65.18
N TYR B 749 -41.07 28.13 64.52
CA TYR B 749 -40.18 29.17 65.02
C TYR B 749 -40.90 30.49 65.42
N GLY B 750 -42.21 30.58 65.17
CA GLY B 750 -43.01 31.76 65.50
C GLY B 750 -42.68 32.98 64.65
N VAL B 751 -42.13 32.73 63.44
CA VAL B 751 -41.72 33.76 62.49
C VAL B 751 -42.82 33.98 61.46
N GLY B 752 -43.34 35.21 61.43
CA GLY B 752 -44.38 35.61 60.49
C GLY B 752 -43.77 35.95 59.14
N SER B 753 -44.62 36.02 58.09
CA SER B 753 -44.07 36.33 56.77
C SER B 753 -45.09 36.87 55.78
N ASP B 754 -44.56 37.53 54.73
CA ASP B 754 -45.28 38.05 53.58
C ASP B 754 -44.86 37.17 52.41
N VAL B 755 -45.77 36.30 51.94
CA VAL B 755 -45.47 35.34 50.88
C VAL B 755 -45.86 35.99 49.53
N TYR B 756 -44.91 35.98 48.55
CA TYR B 756 -45.07 36.59 47.23
C TYR B 756 -44.85 35.61 46.10
N SER B 757 -45.76 35.63 45.10
CA SER B 757 -45.63 34.86 43.86
C SER B 757 -45.00 35.78 42.84
N VAL B 758 -43.78 35.45 42.40
CA VAL B 758 -43.06 36.27 41.42
C VAL B 758 -43.29 35.63 40.03
N THR B 759 -44.23 36.19 39.24
CA THR B 759 -44.55 35.69 37.91
C THR B 759 -43.45 36.04 36.88
N SER B 760 -42.68 37.13 37.12
CA SER B 760 -41.60 37.52 36.22
C SER B 760 -40.53 38.34 36.95
N PHE B 761 -39.40 37.72 37.28
CA PHE B 761 -38.30 38.44 37.90
C PHE B 761 -37.66 39.41 36.90
N THR B 762 -37.69 39.05 35.61
CA THR B 762 -37.12 39.79 34.50
C THR B 762 -37.89 41.10 34.28
N GLU B 763 -39.22 41.04 34.21
CA GLU B 763 -40.04 42.25 34.00
C GLU B 763 -39.90 43.20 35.19
N LEU B 764 -39.68 42.67 36.41
CA LEU B 764 -39.48 43.48 37.61
C LEU B 764 -38.09 44.14 37.59
N ALA B 765 -37.04 43.43 37.10
CA ALA B 765 -35.71 43.98 36.96
C ALA B 765 -35.72 45.08 35.90
N ARG B 766 -36.38 44.85 34.74
CA ARG B 766 -36.51 45.83 33.64
C ARG B 766 -37.23 47.09 34.15
N ASP B 767 -38.35 46.93 34.88
CA ASP B 767 -39.10 48.04 35.48
C ASP B 767 -38.21 48.83 36.45
N GLY B 768 -37.42 48.13 37.26
CA GLY B 768 -36.50 48.73 38.21
C GLY B 768 -35.42 49.54 37.53
N GLN B 769 -34.79 48.94 36.49
CA GLN B 769 -33.75 49.55 35.66
C GLN B 769 -34.27 50.83 34.98
N ASP B 770 -35.56 50.81 34.55
CA ASP B 770 -36.23 51.91 33.89
C ASP B 770 -36.44 53.09 34.84
N CYS B 771 -36.92 52.81 36.08
CA CYS B 771 -37.16 53.82 37.11
C CYS B 771 -35.85 54.46 37.54
N GLU B 772 -34.79 53.65 37.73
CA GLU B 772 -33.49 54.18 38.14
C GLU B 772 -32.83 54.99 37.02
N ARG B 773 -33.02 54.58 35.75
CA ARG B 773 -32.53 55.34 34.59
C ARG B 773 -33.19 56.72 34.58
N TRP B 774 -34.53 56.74 34.77
CA TRP B 774 -35.32 57.97 34.81
C TRP B 774 -34.83 58.85 35.95
N ASN B 775 -34.73 58.30 37.19
CA ASN B 775 -34.26 59.02 38.40
C ASN B 775 -32.89 59.65 38.17
N MET B 776 -31.99 58.95 37.46
CA MET B 776 -30.64 59.43 37.15
C MET B 776 -30.73 60.66 36.25
N LEU B 777 -31.55 60.59 35.19
CA LEU B 777 -31.70 61.64 34.17
C LEU B 777 -32.66 62.76 34.59
N HIS B 778 -33.35 62.64 35.75
CA HIS B 778 -34.24 63.70 36.27
C HIS B 778 -33.87 64.02 37.76
N PRO B 779 -32.65 64.59 38.02
CA PRO B 779 -32.22 64.83 39.40
C PRO B 779 -33.01 65.90 40.17
N LEU B 780 -33.80 66.71 39.47
CA LEU B 780 -34.58 67.80 40.09
C LEU B 780 -35.97 67.32 40.49
N GLU B 781 -36.30 66.11 40.08
CA GLU B 781 -37.60 65.51 40.25
C GLU B 781 -37.65 64.44 41.36
N THR B 782 -38.85 64.28 42.02
CA THR B 782 -39.08 63.26 43.06
C THR B 782 -38.79 61.88 42.44
N PRO B 783 -37.95 61.03 43.06
CA PRO B 783 -37.62 59.75 42.45
C PRO B 783 -38.85 58.83 42.28
N ARG B 784 -38.85 58.06 41.19
CA ARG B 784 -39.87 57.08 40.88
C ARG B 784 -39.52 55.80 41.60
N VAL B 785 -40.53 55.09 42.13
CA VAL B 785 -40.31 53.86 42.90
C VAL B 785 -40.61 52.62 42.03
N PRO B 786 -39.63 51.69 41.86
CA PRO B 786 -39.90 50.45 41.08
C PRO B 786 -41.09 49.67 41.64
N TYR B 787 -41.87 49.02 40.76
CA TYR B 787 -43.07 48.26 41.17
C TYR B 787 -42.75 47.22 42.25
N ILE B 788 -41.59 46.54 42.19
CA ILE B 788 -41.24 45.54 43.21
C ILE B 788 -41.09 46.25 44.60
N ALA B 789 -40.51 47.47 44.65
CA ALA B 789 -40.30 48.27 45.86
C ALA B 789 -41.62 48.86 46.38
N GLN B 790 -42.68 48.84 45.54
CA GLN B 790 -44.04 49.28 45.89
C GLN B 790 -44.80 48.13 46.57
N VAL B 791 -44.65 46.90 46.03
CA VAL B 791 -45.31 45.68 46.52
C VAL B 791 -44.64 45.17 47.82
N MET B 792 -43.30 45.07 47.83
CA MET B 792 -42.49 44.61 48.96
C MET B 792 -42.27 45.70 50.04
N ASN B 793 -41.72 45.28 51.20
CA ASN B 793 -41.38 46.12 52.35
C ASN B 793 -39.89 45.92 52.76
N ASP B 794 -39.48 46.47 53.93
CA ASP B 794 -38.10 46.47 54.42
C ASP B 794 -37.65 45.17 55.16
N ALA B 795 -38.59 44.27 55.49
CA ALA B 795 -38.31 43.02 56.22
C ALA B 795 -37.32 42.12 55.47
N PRO B 796 -36.33 41.46 56.17
CA PRO B 796 -35.37 40.56 55.47
C PRO B 796 -36.09 39.58 54.54
N ALA B 797 -35.61 39.45 53.30
CA ALA B 797 -36.27 38.60 52.30
C ALA B 797 -35.42 37.42 51.82
N VAL B 798 -36.11 36.32 51.46
CA VAL B 798 -35.49 35.11 50.90
C VAL B 798 -36.24 34.80 49.61
N ALA B 799 -35.49 34.53 48.53
CA ALA B 799 -36.07 34.16 47.23
C ALA B 799 -35.53 32.80 46.82
N SER B 800 -36.38 31.96 46.23
CA SER B 800 -36.01 30.64 45.73
C SER B 800 -36.78 30.31 44.45
N THR B 801 -36.04 29.89 43.40
CA THR B 801 -36.59 29.52 42.10
C THR B 801 -35.97 28.20 41.64
N ASP B 802 -36.46 27.65 40.50
CA ASP B 802 -35.94 26.42 39.91
C ASP B 802 -34.82 26.74 38.93
N TYR B 803 -34.46 28.03 38.83
CA TYR B 803 -33.45 28.60 37.94
C TYR B 803 -32.25 29.08 38.77
N MET B 804 -31.09 29.25 38.13
CA MET B 804 -29.88 29.74 38.79
C MET B 804 -30.14 31.06 39.54
N LYS B 805 -29.38 31.29 40.61
CA LYS B 805 -29.47 32.41 41.54
C LYS B 805 -29.61 33.78 40.85
N LEU B 806 -28.94 34.01 39.71
CA LEU B 806 -29.02 35.29 39.01
C LEU B 806 -30.46 35.65 38.59
N PHE B 807 -31.34 34.64 38.38
CA PHE B 807 -32.74 34.88 38.01
C PHE B 807 -33.47 35.67 39.10
N ALA B 808 -33.22 35.36 40.36
CA ALA B 808 -33.84 36.06 41.48
C ALA B 808 -32.98 37.24 41.92
N GLU B 809 -31.63 37.12 41.83
CA GLU B 809 -30.68 38.16 42.25
C GLU B 809 -30.78 39.44 41.43
N GLN B 810 -31.27 39.36 40.16
CA GLN B 810 -31.34 40.46 39.20
C GLN B 810 -32.19 41.65 39.70
N VAL B 811 -33.08 41.43 40.68
CA VAL B 811 -33.93 42.48 41.24
C VAL B 811 -33.29 43.11 42.51
N ARG B 812 -32.11 42.62 42.96
CA ARG B 812 -31.47 43.07 44.21
C ARG B 812 -31.53 44.60 44.42
N THR B 813 -31.01 45.39 43.48
CA THR B 813 -30.95 46.85 43.59
C THR B 813 -32.32 47.47 43.96
N TYR B 814 -33.42 46.85 43.48
CA TYR B 814 -34.79 47.35 43.58
C TYR B 814 -35.60 46.75 44.74
N VAL B 815 -35.03 45.75 45.45
CA VAL B 815 -35.66 45.11 46.62
C VAL B 815 -35.43 46.04 47.83
N PRO B 816 -36.50 46.55 48.48
CA PRO B 816 -36.31 47.56 49.56
C PRO B 816 -35.83 47.03 50.93
N ALA B 817 -35.38 45.77 51.03
CA ALA B 817 -34.90 45.17 52.29
C ALA B 817 -33.37 45.27 52.43
N ASP B 818 -32.86 45.31 53.69
CA ASP B 818 -31.42 45.34 54.00
C ASP B 818 -30.75 44.04 53.56
N ASP B 819 -31.43 42.89 53.81
CA ASP B 819 -30.97 41.54 53.47
C ASP B 819 -31.91 40.91 52.42
N TYR B 820 -31.33 40.35 51.36
CA TYR B 820 -32.05 39.67 50.28
C TYR B 820 -31.22 38.46 49.85
N ARG B 821 -31.54 37.31 50.44
CA ARG B 821 -30.86 36.03 50.21
C ARG B 821 -31.56 35.29 49.10
N VAL B 822 -30.79 34.83 48.12
CA VAL B 822 -31.29 34.15 46.95
C VAL B 822 -30.80 32.70 46.90
N LEU B 823 -31.74 31.78 46.73
CA LEU B 823 -31.49 30.35 46.55
C LEU B 823 -31.79 30.01 45.08
N GLY B 824 -30.95 29.17 44.48
CA GLY B 824 -31.11 28.81 43.09
C GLY B 824 -30.44 27.52 42.72
N THR B 825 -30.74 27.04 41.49
CA THR B 825 -30.26 25.77 40.97
C THR B 825 -28.99 25.91 40.10
N ASP B 826 -27.98 26.68 40.56
CA ASP B 826 -26.71 26.79 39.84
C ASP B 826 -26.01 25.42 39.80
N GLY B 827 -25.37 25.12 38.68
CA GLY B 827 -24.67 23.85 38.49
C GLY B 827 -25.32 22.95 37.48
N PHE B 828 -24.60 21.96 37.00
CA PHE B 828 -25.12 21.01 36.03
C PHE B 828 -26.17 20.08 36.63
N GLY B 829 -27.22 19.81 35.88
CA GLY B 829 -28.28 18.91 36.29
C GLY B 829 -27.83 17.46 36.36
N ARG B 830 -28.61 16.63 37.05
CA ARG B 830 -28.34 15.20 37.22
C ARG B 830 -29.66 14.47 37.47
N SER B 831 -29.65 13.13 37.31
CA SER B 831 -30.84 12.32 37.46
C SER B 831 -31.09 11.92 38.90
N ASP B 832 -32.30 12.22 39.41
CA ASP B 832 -32.77 11.80 40.74
C ASP B 832 -34.24 12.15 40.91
N SER B 833 -34.80 11.94 42.13
CA SER B 833 -36.18 12.32 42.46
C SER B 833 -36.24 13.83 42.61
N ARG B 834 -37.44 14.42 42.51
CA ARG B 834 -37.62 15.86 42.66
C ARG B 834 -37.17 16.29 44.07
N GLU B 835 -37.45 15.46 45.09
CA GLU B 835 -37.07 15.68 46.50
C GLU B 835 -35.56 15.76 46.68
N ASN B 836 -34.82 14.79 46.12
CA ASN B 836 -33.37 14.72 46.19
C ASN B 836 -32.69 15.85 45.41
N LEU B 837 -33.26 16.28 44.25
CA LEU B 837 -32.65 17.37 43.45
C LEU B 837 -32.89 18.73 44.06
N ARG B 838 -34.03 18.89 44.75
CA ARG B 838 -34.39 20.12 45.45
C ARG B 838 -33.51 20.29 46.70
N HIS B 839 -33.06 19.17 47.32
CA HIS B 839 -32.13 19.24 48.46
C HIS B 839 -30.71 19.51 47.93
N HIS B 840 -30.31 18.80 46.84
CA HIS B 840 -29.00 18.95 46.22
C HIS B 840 -28.75 20.38 45.73
N PHE B 841 -29.73 20.95 44.98
CA PHE B 841 -29.61 22.30 44.42
C PHE B 841 -29.95 23.38 45.47
N GLU B 842 -30.24 22.95 46.70
CA GLU B 842 -30.46 23.79 47.89
C GLU B 842 -31.53 24.85 47.66
N VAL B 843 -32.76 24.41 47.28
CA VAL B 843 -33.89 25.28 46.97
C VAL B 843 -35.20 24.89 47.72
N ASP B 844 -35.22 23.73 48.41
CA ASP B 844 -36.43 23.24 49.12
C ASP B 844 -36.78 24.08 50.37
N ALA B 845 -37.88 23.68 51.08
CA ALA B 845 -38.42 24.37 52.24
C ALA B 845 -37.42 24.49 53.36
N SER B 846 -36.60 23.45 53.57
CA SER B 846 -35.59 23.44 54.63
C SER B 846 -34.51 24.50 54.36
N TYR B 847 -34.04 24.66 53.11
CA TYR B 847 -33.02 25.67 52.82
C TYR B 847 -33.59 27.08 52.90
N VAL B 848 -34.89 27.27 52.61
CA VAL B 848 -35.55 28.58 52.70
C VAL B 848 -35.66 28.98 54.18
N VAL B 849 -35.98 27.99 55.06
CA VAL B 849 -36.13 28.18 56.51
C VAL B 849 -34.77 28.60 57.08
N VAL B 850 -33.70 27.82 56.80
CA VAL B 850 -32.33 28.08 57.28
C VAL B 850 -31.84 29.46 56.79
N ALA B 851 -32.22 29.88 55.56
CA ALA B 851 -31.84 31.17 54.99
C ALA B 851 -32.54 32.32 55.72
N ALA B 852 -33.83 32.12 56.07
CA ALA B 852 -34.68 33.09 56.78
C ALA B 852 -34.22 33.28 58.23
N LEU B 853 -34.02 32.17 58.97
CA LEU B 853 -33.57 32.21 60.37
C LEU B 853 -32.21 32.89 60.50
N GLY B 854 -31.33 32.62 59.53
CA GLY B 854 -29.99 33.16 59.45
C GLY B 854 -29.94 34.67 59.40
N GLU B 855 -30.94 35.29 58.73
CA GLU B 855 -31.08 36.76 58.60
C GLU B 855 -31.49 37.37 59.92
N LEU B 856 -32.47 36.75 60.59
CA LEU B 856 -33.01 37.17 61.88
C LEU B 856 -31.97 37.01 62.97
N ALA B 857 -31.08 36.00 62.87
CA ALA B 857 -30.00 35.79 63.84
C ALA B 857 -28.95 36.89 63.71
N LYS B 858 -28.69 37.35 62.46
CA LYS B 858 -27.77 38.45 62.17
C LYS B 858 -28.32 39.76 62.73
N ARG B 859 -29.65 39.95 62.64
CA ARG B 859 -30.39 41.11 63.16
C ARG B 859 -30.50 41.04 64.69
N GLY B 860 -30.16 39.89 65.27
CA GLY B 860 -30.22 39.65 66.70
C GLY B 860 -31.60 39.30 67.22
N GLU B 861 -32.58 39.11 66.32
CA GLU B 861 -33.97 38.78 66.65
C GLU B 861 -34.12 37.36 67.21
N ILE B 862 -33.24 36.43 66.77
CA ILE B 862 -33.18 35.03 67.23
C ILE B 862 -31.71 34.65 67.50
N ASP B 863 -31.51 33.61 68.31
CA ASP B 863 -30.17 33.11 68.64
C ASP B 863 -29.55 32.40 67.44
N LYS B 864 -28.20 32.47 67.31
CA LYS B 864 -27.43 31.83 66.25
C LYS B 864 -27.53 30.30 66.34
N LYS B 865 -27.75 29.76 67.57
CA LYS B 865 -27.90 28.32 67.86
C LYS B 865 -29.15 27.74 67.20
N VAL B 866 -30.22 28.55 67.09
CA VAL B 866 -31.50 28.18 66.47
C VAL B 866 -31.24 27.74 65.01
N VAL B 867 -30.47 28.58 64.25
CA VAL B 867 -30.08 28.38 62.83
C VAL B 867 -29.22 27.12 62.70
N ALA B 868 -28.20 26.98 63.57
CA ALA B 868 -27.29 25.82 63.60
C ALA B 868 -28.03 24.52 63.93
N ASP B 869 -29.07 24.60 64.78
CA ASP B 869 -29.91 23.46 65.15
C ASP B 869 -30.83 23.08 63.99
N ALA B 870 -31.37 24.09 63.25
CA ALA B 870 -32.23 23.88 62.07
C ALA B 870 -31.47 23.11 60.96
N ILE B 871 -30.20 23.49 60.68
CA ILE B 871 -29.33 22.84 59.69
C ILE B 871 -29.27 21.33 59.99
N ALA B 872 -29.04 20.96 61.27
CA ALA B 872 -28.98 19.56 61.72
C ALA B 872 -30.36 18.90 61.61
N LYS B 873 -31.41 19.56 62.15
CA LYS B 873 -32.81 19.10 62.15
C LYS B 873 -33.30 18.76 60.72
N PHE B 874 -32.96 19.62 59.74
CA PHE B 874 -33.39 19.47 58.34
C PHE B 874 -32.42 18.64 57.47
N ASN B 875 -31.44 17.99 58.12
CA ASN B 875 -30.44 17.13 57.48
C ASN B 875 -29.71 17.87 56.34
N ILE B 876 -29.23 19.09 56.63
CA ILE B 876 -28.50 19.90 55.65
C ILE B 876 -27.00 19.71 55.87
N ASP B 877 -26.28 19.29 54.81
CA ASP B 877 -24.82 19.14 54.85
C ASP B 877 -24.22 20.49 54.53
N ALA B 878 -23.84 21.24 55.56
CA ALA B 878 -23.30 22.61 55.42
C ALA B 878 -21.95 22.65 54.68
N ASP B 879 -21.23 21.50 54.62
CA ASP B 879 -19.91 21.42 54.01
C ASP B 879 -19.87 20.60 52.71
N LYS B 880 -21.03 20.30 52.09
CA LYS B 880 -21.09 19.62 50.78
C LYS B 880 -20.60 20.60 49.72
N VAL B 881 -20.05 20.11 48.60
CA VAL B 881 -19.51 21.00 47.55
C VAL B 881 -20.64 21.87 46.97
N ASN B 882 -20.30 23.12 46.58
CA ASN B 882 -21.22 24.07 45.96
C ASN B 882 -21.86 23.41 44.73
N PRO B 883 -23.22 23.30 44.66
CA PRO B 883 -23.85 22.63 43.51
C PRO B 883 -23.31 23.06 42.14
N ARG B 884 -22.81 24.32 42.01
CA ARG B 884 -22.22 24.85 40.77
C ARG B 884 -20.96 24.05 40.40
N LEU B 885 -20.17 23.66 41.42
CA LEU B 885 -18.92 22.92 41.24
C LEU B 885 -19.11 21.38 41.29
N ALA B 886 -20.27 20.90 41.79
CA ALA B 886 -20.61 19.47 41.89
C ALA B 886 -20.72 18.78 40.53
N PRO C 5 51.93 5.51 17.08
CA PRO C 5 52.49 6.87 17.18
C PRO C 5 52.14 7.53 18.52
N ASN C 6 53.06 8.31 19.08
CA ASN C 6 54.36 8.54 18.45
C ASN C 6 55.50 8.61 19.46
N ASP C 7 55.89 7.44 19.98
CA ASP C 7 56.96 7.37 20.96
C ASP C 7 58.03 6.36 20.54
N VAL C 8 58.77 5.86 21.51
CA VAL C 8 59.82 4.88 21.24
C VAL C 8 61.07 5.56 20.68
N ASP C 9 61.13 5.64 19.35
CA ASP C 9 62.27 6.27 18.68
C ASP C 9 61.84 6.92 17.37
N PRO C 10 62.18 8.19 17.20
CA PRO C 10 61.79 8.93 15.99
C PRO C 10 62.93 8.99 14.96
N ILE C 11 64.15 8.71 15.41
CA ILE C 11 65.32 8.75 14.55
C ILE C 11 65.31 7.59 13.55
N GLU C 12 65.31 6.37 14.06
CA GLU C 12 65.29 5.18 13.22
C GLU C 12 64.08 5.18 12.30
N THR C 13 62.91 5.48 12.86
CA THR C 13 61.67 5.51 12.07
C THR C 13 61.85 6.51 10.89
N ARG C 14 62.52 7.66 11.14
CA ARG C 14 62.84 8.68 10.15
C ARG C 14 63.66 8.07 9.00
N ASP C 15 64.65 7.20 9.34
CA ASP C 15 65.53 6.54 8.38
C ASP C 15 64.77 5.50 7.54
N TRP C 16 63.82 4.75 8.16
CA TRP C 16 62.97 3.76 7.50
C TRP C 16 62.01 4.42 6.50
N LEU C 17 61.35 5.51 6.94
CA LEU C 17 60.39 6.29 6.15
C LEU C 17 61.12 7.10 5.07
N GLN C 18 62.42 7.46 5.28
CA GLN C 18 63.24 8.15 4.28
C GLN C 18 63.71 7.16 3.22
N ALA C 19 63.98 5.89 3.64
CA ALA C 19 64.42 4.79 2.80
C ALA C 19 63.40 4.39 1.72
N ILE C 20 62.07 4.44 2.05
CA ILE C 20 60.99 4.14 1.10
C ILE C 20 60.78 5.33 0.15
N GLU C 21 60.84 6.58 0.69
CA GLU C 21 60.67 7.80 -0.08
C GLU C 21 61.86 8.00 -1.04
N SER C 22 63.07 7.55 -0.65
CA SER C 22 64.26 7.65 -1.51
C SER C 22 64.17 6.64 -2.68
N VAL C 23 63.34 5.57 -2.51
CA VAL C 23 63.09 4.53 -3.52
C VAL C 23 62.04 5.06 -4.54
N ILE C 24 60.97 5.78 -4.07
CA ILE C 24 59.91 6.41 -4.91
C ILE C 24 60.58 7.46 -5.85
N ARG C 25 61.50 8.28 -5.31
CA ARG C 25 62.25 9.33 -6.01
C ARG C 25 63.16 8.78 -7.13
N GLU C 26 63.92 7.69 -6.85
CA GLU C 26 64.83 7.05 -7.82
C GLU C 26 64.14 5.78 -8.41
N GLU C 27 63.08 6.00 -9.22
CA GLU C 27 62.18 5.00 -9.86
C GLU C 27 61.57 4.07 -8.81
N GLY C 28 60.40 4.48 -8.31
CA GLY C 28 59.63 3.77 -7.31
C GLY C 28 58.18 3.54 -7.70
N VAL C 29 57.26 3.57 -6.69
CA VAL C 29 55.81 3.31 -6.80
C VAL C 29 55.62 1.81 -7.12
N GLU C 30 56.22 1.32 -8.24
CA GLU C 30 56.24 -0.07 -8.69
C GLU C 30 57.34 -0.84 -7.96
N ARG C 31 58.55 -0.23 -7.87
CA ARG C 31 59.74 -0.74 -7.20
C ARG C 31 59.51 -0.70 -5.68
N ALA C 32 58.87 0.38 -5.18
CA ALA C 32 58.52 0.60 -3.78
C ALA C 32 57.54 -0.47 -3.29
N GLN C 33 56.55 -0.85 -4.14
CA GLN C 33 55.54 -1.87 -3.86
C GLN C 33 56.17 -3.27 -3.78
N TYR C 34 57.10 -3.59 -4.71
CA TYR C 34 57.83 -4.87 -4.77
C TYR C 34 58.68 -5.05 -3.51
N LEU C 35 59.31 -3.97 -3.00
CA LEU C 35 60.12 -3.97 -1.79
C LEU C 35 59.26 -4.10 -0.53
N ILE C 36 58.08 -3.44 -0.48
CA ILE C 36 57.12 -3.51 0.64
C ILE C 36 56.51 -4.93 0.69
N ASP C 37 56.19 -5.51 -0.50
CA ASP C 37 55.65 -6.87 -0.68
C ASP C 37 56.66 -7.93 -0.20
N GLN C 38 57.95 -7.75 -0.54
CA GLN C 38 59.07 -8.63 -0.14
C GLN C 38 59.30 -8.56 1.36
N LEU C 39 59.06 -7.38 1.96
CA LEU C 39 59.21 -7.08 3.39
C LEU C 39 58.08 -7.74 4.20
N LEU C 40 56.81 -7.58 3.74
CA LEU C 40 55.60 -8.13 4.35
C LEU C 40 55.63 -9.69 4.40
N ALA C 41 56.22 -10.33 3.36
CA ALA C 41 56.37 -11.80 3.25
C ALA C 41 57.33 -12.33 4.31
N GLU C 42 58.40 -11.57 4.62
CA GLU C 42 59.43 -11.86 5.62
C GLU C 42 58.94 -11.43 7.04
N ALA C 43 58.10 -10.36 7.11
CA ALA C 43 57.53 -9.80 8.33
C ALA C 43 56.70 -10.82 9.13
N ARG C 44 55.91 -11.66 8.42
CA ARG C 44 55.06 -12.69 9.01
C ARG C 44 55.84 -13.99 9.33
N LYS C 45 57.00 -14.21 8.65
CA LYS C 45 57.88 -15.39 8.81
C LYS C 45 58.51 -15.47 10.23
N GLY C 46 58.24 -14.47 11.08
CA GLY C 46 58.71 -14.40 12.45
C GLY C 46 57.64 -14.74 13.47
N GLY C 47 56.81 -13.76 13.85
CA GLY C 47 56.87 -12.39 13.37
C GLY C 47 55.74 -11.51 13.87
N VAL C 48 55.22 -10.65 12.96
CA VAL C 48 54.14 -9.69 13.24
C VAL C 48 52.79 -10.22 12.67
N ASN C 49 52.86 -11.18 11.71
CA ASN C 49 51.76 -11.85 11.02
C ASN C 49 50.79 -10.85 10.33
N VAL C 50 51.37 -9.84 9.62
CA VAL C 50 50.61 -8.81 8.88
C VAL C 50 50.50 -9.23 7.42
N ALA C 51 49.26 -9.37 6.93
CA ALA C 51 49.00 -9.74 5.55
C ALA C 51 49.40 -8.60 4.60
N ALA C 52 49.78 -8.95 3.38
CA ALA C 52 50.18 -7.96 2.39
C ALA C 52 48.98 -7.44 1.61
N GLY C 53 49.22 -7.04 0.36
CA GLY C 53 48.16 -6.53 -0.49
C GLY C 53 47.37 -7.63 -1.16
N THR C 54 47.97 -8.81 -1.23
CA THR C 54 47.32 -9.97 -1.85
C THR C 54 46.66 -9.57 -3.17
N GLY C 55 47.30 -8.68 -3.91
CA GLY C 55 46.78 -8.23 -5.19
C GLY C 55 45.57 -7.33 -5.04
N ILE C 56 45.68 -6.33 -4.17
CA ILE C 56 44.59 -5.40 -3.93
C ILE C 56 45.11 -4.03 -3.52
N SER C 57 44.96 -3.05 -4.40
CA SER C 57 45.41 -1.69 -4.12
C SER C 57 44.45 -0.96 -3.20
N ASN C 58 44.70 0.33 -2.97
CA ASN C 58 43.85 1.14 -2.11
C ASN C 58 42.44 1.29 -2.67
N TYR C 59 41.45 1.51 -1.78
CA TYR C 59 40.05 1.67 -2.14
C TYR C 59 39.77 3.08 -2.70
N ILE C 60 40.54 3.46 -3.74
CA ILE C 60 40.47 4.75 -4.46
C ILE C 60 40.58 4.47 -5.97
N ASN C 61 40.36 5.50 -6.80
CA ASN C 61 40.45 5.40 -8.26
C ASN C 61 41.83 4.98 -8.72
N THR C 62 41.88 4.12 -9.74
CA THR C 62 43.14 3.63 -10.33
C THR C 62 43.82 4.78 -11.07
N ILE C 63 43.03 5.59 -11.80
CA ILE C 63 43.52 6.71 -12.60
C ILE C 63 43.38 8.02 -11.80
N PRO C 64 44.52 8.61 -11.35
CA PRO C 64 44.44 9.90 -10.64
C PRO C 64 44.10 11.02 -11.61
N VAL C 65 43.59 12.16 -11.08
CA VAL C 65 43.17 13.35 -11.84
C VAL C 65 44.26 13.88 -12.79
N GLU C 66 45.52 13.95 -12.32
CA GLU C 66 46.62 14.45 -13.14
C GLU C 66 46.82 13.62 -14.45
N GLU C 67 46.50 12.31 -14.43
CA GLU C 67 46.60 11.39 -15.58
C GLU C 67 45.26 11.20 -16.32
N GLN C 68 44.23 11.90 -15.89
CA GLN C 68 42.88 11.81 -16.44
C GLN C 68 42.76 12.62 -17.76
N PRO C 69 42.25 12.02 -18.88
CA PRO C 69 42.13 12.79 -20.12
C PRO C 69 41.04 13.85 -20.09
N GLU C 70 41.11 14.80 -21.03
CA GLU C 70 40.09 15.84 -21.19
C GLU C 70 38.82 15.19 -21.70
N TYR C 71 37.67 15.44 -21.01
CA TYR C 71 36.38 14.85 -21.43
C TYR C 71 35.97 15.49 -22.77
N PRO C 72 35.80 14.68 -23.86
CA PRO C 72 35.52 15.26 -25.18
C PRO C 72 34.07 15.70 -25.44
N GLY C 73 33.15 15.24 -24.59
CA GLY C 73 31.73 15.56 -24.76
C GLY C 73 31.26 16.82 -24.08
N ASN C 74 30.01 17.18 -24.40
CA ASN C 74 29.31 18.31 -23.82
C ASN C 74 28.51 17.76 -22.64
N LEU C 75 29.10 17.77 -21.44
CA LEU C 75 28.52 17.22 -20.22
C LEU C 75 27.11 17.72 -19.91
N GLU C 76 26.83 19.02 -20.16
CA GLU C 76 25.54 19.67 -19.92
C GLU C 76 24.45 19.05 -20.83
N LEU C 77 24.75 18.93 -22.14
CA LEU C 77 23.85 18.34 -23.14
C LEU C 77 23.62 16.85 -22.86
N GLU C 78 24.68 16.14 -22.51
CA GLU C 78 24.65 14.72 -22.20
C GLU C 78 23.76 14.43 -20.99
N ARG C 79 23.81 15.28 -19.93
CA ARG C 79 23.00 15.14 -18.70
C ARG C 79 21.52 15.24 -19.05
N ARG C 80 21.18 16.17 -19.98
CA ARG C 80 19.80 16.43 -20.44
C ARG C 80 19.24 15.22 -21.21
N ILE C 81 20.06 14.64 -22.11
CA ILE C 81 19.70 13.47 -22.92
C ILE C 81 19.54 12.25 -21.99
N ARG C 82 20.49 12.05 -21.06
CA ARG C 82 20.50 10.94 -20.11
C ARG C 82 19.25 10.95 -19.19
N SER C 83 18.80 12.14 -18.75
CA SER C 83 17.62 12.25 -17.89
C SER C 83 16.37 11.79 -18.63
N ALA C 84 16.26 12.09 -19.94
CA ALA C 84 15.13 11.68 -20.76
C ALA C 84 15.13 10.16 -20.93
N ILE C 85 16.34 9.55 -21.08
CA ILE C 85 16.51 8.09 -21.18
C ILE C 85 16.05 7.48 -19.85
N ARG C 86 16.52 8.04 -18.71
CA ARG C 86 16.15 7.61 -17.36
C ARG C 86 14.63 7.63 -17.16
N TRP C 87 13.99 8.75 -17.53
CA TRP C 87 12.56 8.99 -17.39
C TRP C 87 11.75 8.00 -18.25
N ASN C 88 12.03 7.93 -19.57
CA ASN C 88 11.33 7.00 -20.47
C ASN C 88 11.51 5.52 -20.04
N ALA C 89 12.66 5.16 -19.45
CA ALA C 89 12.88 3.79 -18.94
C ALA C 89 11.91 3.51 -17.77
N ILE C 90 11.78 4.46 -16.82
CA ILE C 90 10.88 4.37 -15.67
C ILE C 90 9.40 4.36 -16.16
N MET C 91 9.07 5.24 -17.13
CA MET C 91 7.72 5.34 -17.71
C MET C 91 7.27 4.05 -18.36
N THR C 92 8.17 3.37 -19.09
CA THR C 92 7.91 2.11 -19.80
C THR C 92 7.47 1.04 -18.80
N VAL C 93 8.26 0.87 -17.70
CA VAL C 93 8.02 -0.11 -16.62
C VAL C 93 6.74 0.24 -15.84
N LEU C 94 6.54 1.53 -15.47
CA LEU C 94 5.36 1.96 -14.71
C LEU C 94 4.07 1.78 -15.50
N ARG C 95 4.10 2.06 -16.81
CA ARG C 95 2.93 1.91 -17.68
C ARG C 95 2.53 0.42 -17.78
N ALA C 96 3.53 -0.48 -17.83
CA ALA C 96 3.34 -1.93 -17.87
C ALA C 96 2.74 -2.41 -16.54
N SER C 97 3.19 -1.82 -15.41
CA SER C 97 2.75 -2.12 -14.06
C SER C 97 1.26 -1.75 -13.85
N LYS C 98 0.83 -0.61 -14.44
CA LYS C 98 -0.53 -0.07 -14.40
C LYS C 98 -1.56 -1.09 -14.91
N LYS C 99 -1.14 -1.93 -15.89
CA LYS C 99 -1.97 -2.95 -16.54
C LYS C 99 -2.42 -4.03 -15.56
N ASP C 100 -1.64 -4.26 -14.48
CA ASP C 100 -1.88 -5.26 -13.43
C ASP C 100 -2.06 -6.67 -14.07
N LEU C 101 -1.04 -7.09 -14.84
CA LEU C 101 -1.02 -8.36 -15.56
C LEU C 101 0.22 -9.19 -15.20
N GLU C 102 0.90 -8.81 -14.09
CA GLU C 102 2.12 -9.46 -13.57
C GLU C 102 3.20 -9.47 -14.66
N LEU C 103 3.36 -8.34 -15.38
CA LEU C 103 4.29 -8.24 -16.49
C LEU C 103 5.74 -8.17 -16.01
N GLY C 104 6.00 -7.37 -14.98
CA GLY C 104 7.35 -7.22 -14.44
C GLY C 104 8.15 -6.08 -15.04
N GLY C 105 9.46 -6.09 -14.78
CA GLY C 105 10.37 -5.06 -15.25
C GLY C 105 11.14 -4.42 -14.12
N HIS C 106 12.40 -4.05 -14.37
CA HIS C 106 13.29 -3.45 -13.38
C HIS C 106 13.53 -1.96 -13.63
N MET C 107 13.81 -1.22 -12.54
CA MET C 107 14.06 0.23 -12.62
C MET C 107 15.37 0.62 -11.94
N ALA C 108 15.63 0.05 -10.74
CA ALA C 108 16.81 0.34 -9.91
C ALA C 108 18.11 0.00 -10.61
N SER C 109 18.14 -1.14 -11.34
CA SER C 109 19.30 -1.64 -12.06
C SER C 109 19.82 -0.63 -13.09
N PHE C 110 18.94 -0.13 -13.96
CA PHE C 110 19.37 0.84 -14.96
C PHE C 110 19.73 2.18 -14.31
N GLN C 111 19.06 2.58 -13.21
CA GLN C 111 19.37 3.84 -12.55
C GLN C 111 20.82 3.89 -12.05
N SER C 112 21.33 2.78 -11.53
CA SER C 112 22.69 2.74 -11.02
C SER C 112 23.76 2.72 -12.14
N SER C 113 23.45 2.13 -13.32
CA SER C 113 24.43 2.01 -14.41
C SER C 113 24.18 2.93 -15.62
N ALA C 114 23.14 3.77 -15.60
CA ALA C 114 22.78 4.64 -16.72
C ALA C 114 23.96 5.48 -17.25
N THR C 115 24.73 6.14 -16.36
CA THR C 115 25.85 7.01 -16.75
C THR C 115 27.00 6.20 -17.41
N ILE C 116 27.20 4.92 -17.01
CA ILE C 116 28.24 4.05 -17.56
C ILE C 116 27.93 3.75 -19.05
N TYR C 117 26.68 3.36 -19.33
CA TYR C 117 26.21 3.06 -20.68
C TYR C 117 26.20 4.32 -21.53
N ASP C 118 25.83 5.46 -20.92
CA ASP C 118 25.73 6.76 -21.59
C ASP C 118 27.06 7.22 -22.17
N VAL C 119 28.15 7.18 -21.36
CA VAL C 119 29.50 7.57 -21.79
C VAL C 119 29.92 6.69 -22.99
N CYS C 120 29.59 5.39 -22.93
CA CYS C 120 29.87 4.41 -23.96
C CYS C 120 29.12 4.75 -25.26
N PHE C 121 27.81 5.01 -25.16
CA PHE C 121 26.98 5.33 -26.34
C PHE C 121 27.40 6.63 -27.00
N ASN C 122 27.85 7.60 -26.20
CA ASN C 122 28.27 8.89 -26.70
C ASN C 122 29.70 8.88 -27.23
N HIS C 123 30.61 8.04 -26.66
CA HIS C 123 32.02 8.11 -27.06
C HIS C 123 32.75 6.79 -27.38
N PHE C 124 32.17 5.59 -27.14
CA PHE C 124 32.92 4.36 -27.39
C PHE C 124 32.25 3.33 -28.32
N PHE C 125 30.98 2.91 -28.07
CA PHE C 125 30.29 1.86 -28.84
C PHE C 125 30.26 2.12 -30.35
N ARG C 126 30.95 1.26 -31.10
CA ARG C 126 31.08 1.25 -32.56
C ARG C 126 29.92 0.41 -33.11
N ALA C 127 29.07 0.98 -33.96
CA ALA C 127 27.96 0.23 -34.52
C ALA C 127 28.42 -0.56 -35.74
N ARG C 128 27.54 -1.45 -36.27
CA ARG C 128 27.81 -2.22 -37.49
C ARG C 128 28.16 -1.26 -38.62
N ASN C 129 29.23 -1.54 -39.35
CA ASN C 129 29.71 -0.69 -40.44
C ASN C 129 30.17 -1.51 -41.68
N GLU C 130 30.91 -0.86 -42.59
CA GLU C 130 31.40 -1.46 -43.83
C GLU C 130 32.48 -2.52 -43.58
N GLN C 131 33.47 -2.20 -42.73
CA GLN C 131 34.60 -3.10 -42.45
C GLN C 131 34.23 -4.25 -41.51
N ASP C 132 33.40 -4.02 -40.48
CA ASP C 132 33.07 -5.07 -39.50
C ASP C 132 31.69 -4.89 -38.85
N GLY C 133 31.29 -5.85 -38.01
CA GLY C 133 30.03 -5.83 -37.27
C GLY C 133 30.00 -4.90 -36.07
N GLY C 134 31.07 -4.12 -35.88
CA GLY C 134 31.22 -3.17 -34.80
C GLY C 134 31.48 -3.80 -33.44
N ASP C 135 31.34 -3.01 -32.37
CA ASP C 135 31.54 -3.49 -31.00
C ASP C 135 30.43 -4.48 -30.64
N LEU C 136 30.80 -5.56 -29.94
CA LEU C 136 29.85 -6.59 -29.56
C LEU C 136 29.57 -6.44 -28.08
N VAL C 137 28.42 -5.82 -27.76
CA VAL C 137 28.03 -5.49 -26.39
C VAL C 137 27.05 -6.51 -25.79
N TYR C 138 27.45 -7.06 -24.63
CA TYR C 138 26.68 -7.98 -23.81
C TYR C 138 26.04 -7.13 -22.73
N PHE C 139 24.91 -6.48 -23.05
CA PHE C 139 24.17 -5.62 -22.13
C PHE C 139 23.60 -6.41 -20.99
N GLN C 140 23.53 -5.83 -19.78
CA GLN C 140 22.86 -6.52 -18.67
C GLN C 140 21.42 -6.67 -19.05
N GLY C 141 20.87 -7.86 -18.87
CA GLY C 141 19.47 -8.15 -19.21
C GLY C 141 18.47 -7.21 -18.58
N HIS C 142 18.62 -6.95 -17.26
CA HIS C 142 17.75 -6.12 -16.45
C HIS C 142 17.70 -4.62 -16.85
N ILE C 143 18.72 -4.09 -17.57
CA ILE C 143 18.74 -2.69 -17.99
C ILE C 143 18.07 -2.52 -19.38
N SER C 144 17.36 -3.56 -19.91
CA SER C 144 16.66 -3.48 -21.21
C SER C 144 15.73 -2.27 -21.35
N PRO C 145 14.92 -1.82 -20.32
CA PRO C 145 14.10 -0.60 -20.51
C PRO C 145 14.94 0.65 -20.80
N GLY C 146 16.19 0.66 -20.36
CA GLY C 146 17.13 1.74 -20.60
C GLY C 146 17.61 1.77 -22.05
N VAL C 147 17.77 0.58 -22.65
CA VAL C 147 18.19 0.44 -24.06
C VAL C 147 17.02 0.86 -24.95
N TYR C 148 15.79 0.40 -24.63
CA TYR C 148 14.58 0.72 -25.35
C TYR C 148 14.30 2.22 -25.30
N ALA C 149 14.47 2.85 -24.11
CA ALA C 149 14.26 4.30 -23.89
C ALA C 149 15.19 5.14 -24.77
N ARG C 150 16.46 4.70 -24.95
CA ARG C 150 17.44 5.38 -25.82
C ARG C 150 17.08 5.17 -27.30
N ALA C 151 16.72 3.92 -27.67
CA ALA C 151 16.34 3.56 -29.03
C ALA C 151 15.10 4.35 -29.47
N PHE C 152 14.18 4.65 -28.52
CA PHE C 152 12.98 5.44 -28.75
C PHE C 152 13.36 6.90 -29.02
N LEU C 153 14.30 7.47 -28.22
CA LEU C 153 14.80 8.84 -28.40
C LEU C 153 15.51 8.98 -29.75
N GLU C 154 16.21 7.91 -30.18
CA GLU C 154 16.92 7.83 -31.45
C GLU C 154 15.94 7.66 -32.64
N GLY C 155 14.65 7.45 -32.34
CA GLY C 155 13.58 7.28 -33.31
C GLY C 155 13.52 5.90 -33.96
N ARG C 156 14.10 4.89 -33.29
CA ARG C 156 14.19 3.49 -33.74
C ARG C 156 13.04 2.64 -33.23
N LEU C 157 12.37 3.13 -32.17
CA LEU C 157 11.23 2.47 -31.53
C LEU C 157 10.14 3.48 -31.38
N THR C 158 8.90 3.01 -31.47
CA THR C 158 7.71 3.86 -31.37
C THR C 158 7.14 3.84 -29.96
N GLN C 159 6.32 4.85 -29.62
CA GLN C 159 5.64 4.93 -28.34
C GLN C 159 4.77 3.67 -28.16
N GLU C 160 4.18 3.17 -29.28
CA GLU C 160 3.33 1.97 -29.36
C GLU C 160 4.09 0.76 -28.86
N GLN C 161 5.37 0.63 -29.26
CA GLN C 161 6.27 -0.45 -28.87
C GLN C 161 6.61 -0.33 -27.37
N LEU C 162 6.85 0.91 -26.86
CA LEU C 162 7.15 1.13 -25.44
C LEU C 162 5.94 0.78 -24.56
N ASP C 163 4.73 1.07 -25.06
CA ASP C 163 3.48 0.80 -24.38
C ASP C 163 3.14 -0.70 -24.39
N ASN C 164 3.87 -1.51 -25.21
CA ASN C 164 3.68 -2.95 -25.29
C ASN C 164 4.93 -3.68 -24.85
N PHE C 165 5.67 -3.06 -23.91
CA PHE C 165 6.85 -3.64 -23.29
C PHE C 165 6.36 -4.84 -22.51
N ARG C 166 7.01 -5.98 -22.74
CA ARG C 166 6.69 -7.28 -22.12
C ARG C 166 5.29 -7.80 -22.53
N GLN C 167 4.80 -7.39 -23.72
CA GLN C 167 3.54 -7.83 -24.34
C GLN C 167 3.82 -7.97 -25.81
N GLU C 168 4.55 -9.05 -26.18
CA GLU C 168 5.03 -9.25 -27.54
C GLU C 168 4.36 -10.38 -28.36
N VAL C 169 3.39 -11.13 -27.79
CA VAL C 169 2.71 -12.22 -28.50
C VAL C 169 2.04 -11.70 -29.79
N HIS C 170 1.41 -10.51 -29.75
CA HIS C 170 0.69 -9.94 -30.89
C HIS C 170 1.56 -9.09 -31.85
N GLY C 171 2.87 -9.20 -31.71
CA GLY C 171 3.86 -8.59 -32.60
C GLY C 171 4.14 -7.10 -32.53
N ASN C 172 3.41 -6.32 -31.73
CA ASN C 172 3.65 -4.87 -31.69
C ASN C 172 4.33 -4.46 -30.36
N GLY C 173 5.15 -5.34 -29.81
CA GLY C 173 5.81 -5.10 -28.53
C GLY C 173 7.31 -5.31 -28.43
N LEU C 174 7.80 -5.32 -27.18
CA LEU C 174 9.22 -5.48 -26.87
C LEU C 174 9.46 -6.61 -25.85
N SER C 175 10.56 -7.37 -26.05
CA SER C 175 10.96 -8.48 -25.16
C SER C 175 11.38 -7.94 -23.81
N SER C 176 11.22 -8.75 -22.77
CA SER C 176 11.65 -8.38 -21.42
C SER C 176 13.15 -8.11 -21.40
N TYR C 177 13.94 -9.00 -22.04
CA TYR C 177 15.41 -8.99 -22.04
C TYR C 177 16.04 -9.22 -23.45
N PRO C 178 17.41 -9.15 -23.62
CA PRO C 178 18.01 -9.39 -24.95
C PRO C 178 17.77 -10.80 -25.49
N HIS C 179 16.76 -10.94 -26.38
CA HIS C 179 16.39 -12.22 -27.01
C HIS C 179 16.32 -12.08 -28.56
N PRO C 180 17.44 -12.38 -29.25
CA PRO C 180 17.47 -12.27 -30.73
C PRO C 180 16.38 -13.07 -31.46
N LYS C 181 15.99 -14.26 -30.96
CA LYS C 181 14.92 -15.08 -31.59
C LYS C 181 13.59 -14.30 -31.64
N LEU C 182 13.32 -13.48 -30.62
CA LEU C 182 12.10 -12.70 -30.49
C LEU C 182 12.18 -11.32 -31.20
N MET C 183 13.37 -10.67 -31.19
CA MET C 183 13.62 -9.37 -31.83
C MET C 183 14.87 -9.53 -32.73
N PRO C 184 14.72 -10.22 -33.89
CA PRO C 184 15.90 -10.58 -34.70
C PRO C 184 16.60 -9.46 -35.43
N GLU C 185 16.09 -8.22 -35.36
CA GLU C 185 16.73 -7.09 -36.00
C GLU C 185 17.25 -6.08 -34.97
N PHE C 186 17.03 -6.36 -33.66
CA PHE C 186 17.44 -5.48 -32.57
C PHE C 186 18.51 -6.12 -31.67
N TRP C 187 18.14 -7.17 -30.91
CA TRP C 187 19.06 -7.81 -29.96
C TRP C 187 20.00 -8.75 -30.65
N GLN C 188 21.22 -8.90 -30.08
CA GLN C 188 22.28 -9.75 -30.64
C GLN C 188 22.77 -10.86 -29.70
N PHE C 189 22.96 -10.55 -28.40
CA PHE C 189 23.51 -11.53 -27.47
C PHE C 189 22.66 -11.73 -26.21
N PRO C 190 22.10 -12.95 -25.99
CA PRO C 190 21.35 -13.22 -24.74
C PRO C 190 22.25 -13.16 -23.50
N THR C 191 21.81 -12.42 -22.46
CA THR C 191 22.60 -12.26 -21.24
C THR C 191 21.82 -12.46 -19.94
N VAL C 192 20.47 -12.46 -19.99
CA VAL C 192 19.65 -12.53 -18.76
C VAL C 192 19.88 -13.86 -17.95
N SER C 193 20.38 -14.95 -18.58
CA SER C 193 20.78 -16.15 -17.82
C SER C 193 22.20 -15.84 -17.38
N MET C 194 22.34 -15.38 -16.12
CA MET C 194 23.57 -14.87 -15.51
C MET C 194 24.70 -15.85 -15.60
N GLY C 195 25.91 -15.32 -15.82
CA GLY C 195 27.11 -16.13 -15.95
C GLY C 195 27.42 -16.52 -17.37
N LEU C 196 26.39 -16.61 -18.23
CA LEU C 196 26.56 -17.02 -19.62
C LEU C 196 27.12 -15.88 -20.50
N GLY C 197 26.81 -14.63 -20.15
CA GLY C 197 27.32 -13.45 -20.83
C GLY C 197 28.83 -13.29 -20.69
N PRO C 198 29.41 -13.29 -19.45
CA PRO C 198 30.86 -13.13 -19.34
C PRO C 198 31.69 -14.21 -20.07
N ILE C 199 31.33 -15.52 -19.92
CA ILE C 199 32.07 -16.61 -20.60
C ILE C 199 31.81 -16.55 -22.12
N GLY C 200 30.59 -16.19 -22.54
CA GLY C 200 30.26 -16.05 -23.94
C GLY C 200 31.12 -14.98 -24.59
N ALA C 201 31.31 -13.84 -23.86
CA ALA C 201 32.10 -12.69 -24.30
C ALA C 201 33.57 -13.04 -24.43
N ILE C 202 34.11 -13.83 -23.47
CA ILE C 202 35.52 -14.27 -23.50
C ILE C 202 35.80 -15.03 -24.82
N TYR C 203 34.95 -16.02 -25.17
CA TYR C 203 35.15 -16.83 -26.37
C TYR C 203 34.71 -16.09 -27.62
N GLN C 204 33.89 -15.03 -27.49
CA GLN C 204 33.53 -14.19 -28.63
C GLN C 204 34.76 -13.39 -29.04
N ALA C 205 35.43 -12.73 -28.05
CA ALA C 205 36.67 -11.97 -28.25
C ALA C 205 37.75 -12.85 -28.86
N LYS C 206 37.90 -14.10 -28.36
CA LYS C 206 38.86 -15.08 -28.86
C LYS C 206 38.56 -15.42 -30.32
N PHE C 207 37.25 -15.60 -30.67
CA PHE C 207 36.82 -15.93 -32.03
C PHE C 207 37.15 -14.80 -33.00
N LEU C 208 36.99 -13.53 -32.59
CA LEU C 208 37.32 -12.38 -33.44
C LEU C 208 38.80 -12.40 -33.79
N LYS C 209 39.69 -12.77 -32.83
CA LYS C 209 41.14 -12.88 -33.06
C LYS C 209 41.42 -14.01 -34.06
N TYR C 210 40.68 -15.13 -33.94
CA TYR C 210 40.79 -16.31 -34.81
C TYR C 210 40.49 -15.92 -36.25
N LEU C 211 39.43 -15.10 -36.48
CA LEU C 211 39.05 -14.64 -37.82
C LEU C 211 40.14 -13.77 -38.45
N GLU C 212 40.84 -12.95 -37.64
CA GLU C 212 41.91 -12.10 -38.12
C GLU C 212 43.14 -12.92 -38.49
N HIS C 213 43.62 -13.78 -37.56
CA HIS C 213 44.80 -14.63 -37.75
C HIS C 213 44.62 -15.58 -38.92
N ARG C 214 43.40 -16.07 -39.14
CA ARG C 214 43.09 -16.97 -40.25
C ARG C 214 42.91 -16.20 -41.57
N GLY C 215 42.96 -14.86 -41.51
CA GLY C 215 42.84 -13.97 -42.66
C GLY C 215 41.47 -13.95 -43.30
N LEU C 216 40.41 -14.17 -42.51
CA LEU C 216 39.04 -14.22 -43.02
C LEU C 216 38.33 -12.87 -42.90
N LYS C 217 38.62 -12.09 -41.83
CA LYS C 217 38.05 -10.77 -41.62
C LYS C 217 38.92 -9.93 -40.68
N ASP C 218 39.14 -8.64 -41.03
CA ASP C 218 39.89 -7.73 -40.16
C ASP C 218 38.91 -7.25 -39.09
N THR C 219 38.98 -7.92 -37.92
CA THR C 219 38.14 -7.71 -36.74
C THR C 219 38.85 -6.84 -35.70
N SER C 220 40.07 -6.35 -36.02
CA SER C 220 40.94 -5.56 -35.14
C SER C 220 40.27 -4.34 -34.49
N LYS C 221 39.35 -3.66 -35.20
CA LYS C 221 38.67 -2.46 -34.71
C LYS C 221 37.42 -2.80 -33.83
N GLN C 222 37.09 -4.09 -33.65
CA GLN C 222 35.96 -4.53 -32.82
C GLN C 222 36.39 -4.80 -31.38
N THR C 223 35.55 -4.41 -30.42
CA THR C 223 35.74 -4.63 -28.98
C THR C 223 34.53 -5.36 -28.42
N VAL C 224 34.78 -6.39 -27.61
CA VAL C 224 33.73 -7.15 -26.97
C VAL C 224 33.54 -6.57 -25.55
N TYR C 225 32.36 -6.00 -25.28
CA TYR C 225 32.01 -5.44 -23.98
C TYR C 225 31.06 -6.37 -23.26
N ALA C 226 31.44 -6.81 -22.05
CA ALA C 226 30.55 -7.64 -21.23
C ALA C 226 30.18 -6.85 -19.98
N PHE C 227 28.92 -6.38 -19.91
CA PHE C 227 28.35 -5.61 -18.80
C PHE C 227 27.73 -6.55 -17.77
N LEU C 228 28.29 -6.53 -16.56
CA LEU C 228 27.91 -7.45 -15.49
C LEU C 228 27.62 -6.72 -14.19
N GLY C 229 26.95 -7.43 -13.29
CA GLY C 229 26.66 -6.97 -11.94
C GLY C 229 27.55 -7.74 -11.01
N ASP C 230 27.81 -7.19 -9.82
CA ASP C 230 28.69 -7.83 -8.85
C ASP C 230 28.11 -9.17 -8.32
N GLY C 231 26.78 -9.26 -8.20
CA GLY C 231 26.10 -10.47 -7.76
C GLY C 231 26.20 -11.62 -8.75
N GLU C 232 26.17 -11.31 -10.05
CA GLU C 232 26.29 -12.25 -11.16
C GLU C 232 27.65 -12.95 -11.14
N MET C 233 28.68 -12.27 -10.60
CA MET C 233 30.04 -12.78 -10.51
C MET C 233 30.15 -14.05 -9.63
N ASP C 234 29.12 -14.34 -8.81
CA ASP C 234 29.08 -15.54 -7.98
C ASP C 234 28.84 -16.81 -8.81
N GLU C 235 28.39 -16.65 -10.07
CA GLU C 235 28.17 -17.75 -11.00
C GLU C 235 29.52 -18.36 -11.39
N PRO C 236 29.71 -19.69 -11.24
CA PRO C 236 31.01 -20.28 -11.60
C PRO C 236 31.48 -19.93 -13.02
N GLU C 237 30.54 -19.76 -13.94
CA GLU C 237 30.77 -19.43 -15.35
C GLU C 237 31.32 -18.01 -15.51
N SER C 238 31.04 -17.10 -14.55
CA SER C 238 31.48 -15.70 -14.61
C SER C 238 32.99 -15.54 -14.47
N LYS C 239 33.65 -16.27 -13.55
CA LYS C 239 35.10 -16.16 -13.36
C LYS C 239 35.87 -17.44 -13.69
N GLY C 240 35.17 -18.53 -13.93
CA GLY C 240 35.81 -19.81 -14.23
C GLY C 240 36.70 -19.88 -15.47
N ALA C 241 36.53 -18.94 -16.42
CA ALA C 241 37.31 -18.92 -17.66
C ALA C 241 38.09 -17.61 -17.87
N ILE C 242 38.30 -16.82 -16.81
CA ILE C 242 38.98 -15.52 -16.95
C ILE C 242 40.49 -15.67 -17.24
N THR C 243 41.13 -16.83 -16.92
CA THR C 243 42.57 -16.99 -17.25
C THR C 243 42.77 -17.16 -18.77
N ILE C 244 41.70 -17.55 -19.52
CA ILE C 244 41.75 -17.72 -20.97
C ILE C 244 42.02 -16.37 -21.67
N ALA C 245 41.44 -15.26 -21.13
CA ALA C 245 41.65 -13.92 -21.67
C ALA C 245 43.13 -13.49 -21.59
N THR C 246 43.84 -13.95 -20.55
CA THR C 246 45.27 -13.67 -20.35
C THR C 246 46.11 -14.56 -21.27
N ARG C 247 45.79 -15.86 -21.34
CA ARG C 247 46.46 -16.84 -22.21
C ARG C 247 46.44 -16.44 -23.67
N GLU C 248 45.25 -16.01 -24.13
CA GLU C 248 44.96 -15.65 -25.50
C GLU C 248 45.14 -14.15 -25.76
N LYS C 249 45.71 -13.40 -24.78
CA LYS C 249 46.00 -11.95 -24.89
C LYS C 249 44.82 -11.18 -25.54
N LEU C 250 43.64 -11.29 -24.92
CA LEU C 250 42.42 -10.70 -25.46
C LEU C 250 42.28 -9.21 -25.09
N ASP C 251 43.12 -8.35 -25.71
CA ASP C 251 43.08 -6.90 -25.53
C ASP C 251 41.90 -6.27 -26.32
N ASN C 252 40.94 -7.11 -26.78
CA ASN C 252 39.72 -6.73 -27.48
C ASN C 252 38.51 -7.05 -26.60
N LEU C 253 38.77 -7.35 -25.31
CA LEU C 253 37.76 -7.70 -24.32
C LEU C 253 37.79 -6.72 -23.14
N VAL C 254 36.60 -6.24 -22.74
CA VAL C 254 36.40 -5.31 -21.61
C VAL C 254 35.20 -5.84 -20.79
N PHE C 255 35.45 -6.15 -19.51
CA PHE C 255 34.44 -6.56 -18.53
C PHE C 255 34.09 -5.31 -17.73
N VAL C 256 32.82 -4.94 -17.68
CA VAL C 256 32.36 -3.78 -16.92
C VAL C 256 31.49 -4.30 -15.79
N ILE C 257 32.01 -4.27 -14.57
CA ILE C 257 31.27 -4.78 -13.42
C ILE C 257 30.72 -3.61 -12.61
N ASN C 258 29.39 -3.53 -12.55
CA ASN C 258 28.65 -2.53 -11.81
C ASN C 258 28.56 -3.00 -10.35
N CYS C 259 29.33 -2.38 -9.46
CA CYS C 259 29.38 -2.74 -8.05
C CYS C 259 28.54 -1.76 -7.21
N ASN C 260 27.22 -2.01 -7.14
CA ASN C 260 26.30 -1.22 -6.32
C ASN C 260 26.30 -1.81 -4.92
N LEU C 261 27.19 -2.79 -4.71
CA LEU C 261 27.49 -3.57 -3.51
C LEU C 261 26.29 -4.45 -3.08
N GLN C 262 25.30 -4.66 -4.01
CA GLN C 262 24.10 -5.44 -3.75
C GLN C 262 23.66 -6.35 -4.91
N ARG C 263 22.87 -7.39 -4.54
CA ARG C 263 22.17 -8.32 -5.44
C ARG C 263 20.65 -8.03 -5.30
N LEU C 264 19.76 -9.05 -5.34
CA LEU C 264 18.31 -8.83 -5.23
C LEU C 264 17.77 -9.13 -3.82
N ASP C 265 18.62 -9.72 -2.95
CA ASP C 265 18.25 -10.06 -1.57
C ASP C 265 19.37 -9.64 -0.59
N GLY C 266 19.77 -8.37 -0.68
CA GLY C 266 20.80 -7.77 0.15
C GLY C 266 22.16 -7.66 -0.51
N PRO C 267 23.23 -7.37 0.27
CA PRO C 267 24.58 -7.23 -0.32
C PRO C 267 25.22 -8.56 -0.74
N VAL C 268 26.27 -8.51 -1.59
CA VAL C 268 27.01 -9.69 -2.08
C VAL C 268 27.87 -10.24 -0.91
N THR C 269 28.77 -9.39 -0.35
CA THR C 269 29.66 -9.70 0.78
C THR C 269 29.69 -8.48 1.72
N GLY C 270 28.79 -8.48 2.71
CA GLY C 270 28.65 -7.41 3.68
C GLY C 270 29.84 -7.21 4.61
N ASN C 271 30.33 -8.32 5.21
CA ASN C 271 31.47 -8.38 6.15
C ASN C 271 32.82 -8.17 5.45
N GLY C 272 32.81 -8.34 4.12
CA GLY C 272 33.95 -8.19 3.24
C GLY C 272 33.79 -7.06 2.25
N LYS C 273 34.59 -7.08 1.17
CA LYS C 273 34.59 -6.03 0.15
C LYS C 273 34.65 -6.66 -1.23
N ILE C 274 33.50 -6.75 -1.90
CA ILE C 274 33.40 -7.42 -3.20
C ILE C 274 34.34 -6.77 -4.25
N ILE C 275 34.59 -5.46 -4.17
CA ILE C 275 35.47 -4.79 -5.15
C ILE C 275 36.91 -5.30 -4.95
N ASN C 276 37.32 -5.55 -3.68
CA ASN C 276 38.63 -6.11 -3.37
C ASN C 276 38.72 -7.57 -3.83
N GLU C 277 37.67 -8.37 -3.61
CA GLU C 277 37.61 -9.78 -4.03
C GLU C 277 37.78 -9.88 -5.54
N LEU C 278 37.03 -9.06 -6.29
CA LEU C 278 37.08 -9.03 -7.74
C LEU C 278 38.45 -8.54 -8.23
N GLU C 279 39.02 -7.48 -7.64
CA GLU C 279 40.35 -7.01 -8.01
C GLU C 279 41.39 -8.12 -7.77
N GLY C 280 41.36 -8.72 -6.60
CA GLY C 280 42.28 -9.77 -6.22
C GLY C 280 42.38 -10.90 -7.23
N ILE C 281 41.23 -11.50 -7.58
CA ILE C 281 41.16 -12.63 -8.49
C ILE C 281 41.48 -12.19 -9.94
N PHE C 282 40.93 -11.07 -10.41
CA PHE C 282 41.18 -10.61 -11.79
C PHE C 282 42.64 -10.19 -11.98
N GLU C 283 43.25 -9.54 -10.97
CA GLU C 283 44.67 -9.16 -11.01
C GLU C 283 45.55 -10.42 -10.99
N GLY C 284 45.16 -11.41 -10.17
CA GLY C 284 45.85 -12.69 -10.06
C GLY C 284 45.74 -13.51 -11.32
N ALA C 285 44.65 -13.27 -12.11
CA ALA C 285 44.36 -13.96 -13.36
C ALA C 285 45.03 -13.28 -14.55
N GLY C 286 45.77 -12.21 -14.29
CA GLY C 286 46.54 -11.48 -15.31
C GLY C 286 45.84 -10.37 -16.07
N TRP C 287 44.66 -9.96 -15.58
CA TRP C 287 43.86 -8.90 -16.18
C TRP C 287 44.34 -7.53 -15.74
N ASN C 288 43.93 -6.50 -16.48
CA ASN C 288 44.21 -5.11 -16.15
C ASN C 288 42.98 -4.62 -15.40
N VAL C 289 43.13 -4.30 -14.11
CA VAL C 289 41.98 -3.88 -13.28
C VAL C 289 41.98 -2.35 -13.14
N ILE C 290 40.84 -1.73 -13.46
CA ILE C 290 40.63 -0.28 -13.33
C ILE C 290 39.45 -0.07 -12.40
N LYS C 291 39.72 0.50 -11.20
CA LYS C 291 38.70 0.81 -10.21
C LYS C 291 38.24 2.26 -10.36
N VAL C 292 36.92 2.45 -10.53
CA VAL C 292 36.26 3.77 -10.64
C VAL C 292 35.44 3.87 -9.36
N MET C 293 36.11 4.32 -8.31
CA MET C 293 35.60 4.35 -6.94
C MET C 293 34.87 5.63 -6.57
N TRP C 294 35.52 6.78 -6.69
CA TRP C 294 35.01 8.06 -6.23
C TRP C 294 34.93 9.12 -7.32
N GLY C 295 33.93 9.99 -7.17
CA GLY C 295 33.70 11.11 -8.07
C GLY C 295 34.61 12.27 -7.76
N SER C 296 34.55 13.28 -8.64
CA SER C 296 35.34 14.50 -8.62
C SER C 296 35.21 15.30 -7.33
N ARG C 297 34.12 15.12 -6.55
CA ARG C 297 33.92 15.84 -5.30
C ARG C 297 34.92 15.41 -4.21
N TRP C 298 35.54 14.24 -4.38
CA TRP C 298 36.54 13.67 -3.47
C TRP C 298 37.99 14.06 -3.78
N ASP C 299 38.30 14.37 -5.06
CA ASP C 299 39.63 14.68 -5.61
C ASP C 299 40.53 15.55 -4.71
N GLU C 300 39.97 16.59 -4.12
CA GLU C 300 40.76 17.49 -3.32
C GLU C 300 40.86 17.08 -1.86
N LEU C 301 39.88 16.30 -1.31
CA LEU C 301 39.97 15.87 0.08
C LEU C 301 41.12 14.90 0.20
N LEU C 302 41.25 14.01 -0.80
CA LEU C 302 42.31 13.01 -0.90
C LEU C 302 43.67 13.69 -1.10
N ARG C 303 43.73 14.72 -1.99
CA ARG C 303 44.93 15.49 -2.26
C ARG C 303 45.36 16.24 -0.98
N LYS C 304 44.42 16.94 -0.32
CA LYS C 304 44.62 17.70 0.93
C LYS C 304 45.21 16.83 2.07
N ASP C 305 44.76 15.56 2.20
CA ASP C 305 45.10 14.64 3.26
C ASP C 305 46.55 14.12 3.22
N THR C 306 47.45 14.82 3.97
CA THR C 306 48.87 14.48 4.11
C THR C 306 49.05 13.20 4.93
N SER C 307 48.12 12.97 5.90
CA SER C 307 48.14 11.85 6.84
C SER C 307 47.92 10.49 6.19
N GLY C 308 47.15 10.45 5.10
CA GLY C 308 46.78 9.22 4.42
C GLY C 308 45.75 8.44 5.22
N LYS C 309 45.12 9.11 6.22
CA LYS C 309 44.10 8.53 7.11
C LYS C 309 42.78 8.33 6.39
N LEU C 310 42.46 9.18 5.39
CA LEU C 310 41.25 9.05 4.61
C LEU C 310 41.34 7.77 3.78
N ILE C 311 42.49 7.55 3.09
CA ILE C 311 42.70 6.32 2.30
C ILE C 311 42.62 5.10 3.23
N GLN C 312 43.26 5.17 4.41
CA GLN C 312 43.23 4.10 5.41
C GLN C 312 41.79 3.79 5.84
N LEU C 313 41.01 4.85 6.16
CA LEU C 313 39.60 4.79 6.56
C LEU C 313 38.76 4.15 5.46
N MET C 314 39.00 4.56 4.19
CA MET C 314 38.32 4.06 3.01
C MET C 314 38.61 2.56 2.84
N ASN C 315 39.85 2.15 3.10
CA ASN C 315 40.30 0.76 3.00
C ASN C 315 39.64 -0.13 4.05
N GLU C 316 39.66 0.28 5.34
CA GLU C 316 39.11 -0.54 6.42
C GLU C 316 37.56 -0.61 6.45
N THR C 317 36.87 0.38 5.87
CA THR C 317 35.40 0.40 5.84
C THR C 317 34.93 -0.72 4.86
N VAL C 318 34.05 -1.63 5.34
CA VAL C 318 33.53 -2.79 4.57
C VAL C 318 32.23 -2.43 3.80
N ASP C 319 31.78 -3.31 2.86
CA ASP C 319 30.57 -3.09 2.03
C ASP C 319 29.29 -2.81 2.85
N GLY C 320 29.11 -3.54 3.95
CA GLY C 320 27.97 -3.40 4.85
C GLY C 320 27.87 -2.02 5.46
N ASP C 321 29.04 -1.45 5.86
CA ASP C 321 29.15 -0.10 6.42
C ASP C 321 28.79 0.96 5.38
N TYR C 322 29.32 0.82 4.13
CA TYR C 322 29.05 1.75 3.01
C TYR C 322 27.57 1.80 2.66
N GLN C 323 26.88 0.63 2.68
CA GLN C 323 25.43 0.53 2.40
C GLN C 323 24.60 1.14 3.56
N THR C 324 25.07 0.92 4.82
CA THR C 324 24.47 1.50 6.04
C THR C 324 24.55 3.03 5.94
N PHE C 325 25.67 3.57 5.40
CA PHE C 325 25.90 5.01 5.26
C PHE C 325 24.96 5.66 4.28
N LYS C 326 24.71 5.05 3.11
CA LYS C 326 23.88 5.67 2.08
C LYS C 326 22.40 5.65 2.39
N SER C 327 21.97 4.86 3.41
CA SER C 327 20.57 4.80 3.84
C SER C 327 20.36 5.64 5.13
N LYS C 328 21.21 6.68 5.33
CA LYS C 328 21.17 7.59 6.49
C LYS C 328 21.20 9.06 6.00
N ASP C 329 22.01 9.94 6.65
CA ASP C 329 22.15 11.36 6.33
C ASP C 329 23.62 11.81 6.48
N GLY C 330 23.91 13.06 6.11
CA GLY C 330 25.24 13.65 6.18
C GLY C 330 25.81 13.70 7.59
N ALA C 331 24.94 13.89 8.60
CA ALA C 331 25.32 13.96 10.02
C ALA C 331 25.88 12.63 10.47
N TYR C 332 25.31 11.52 9.95
CA TYR C 332 25.72 10.16 10.26
C TYR C 332 27.15 9.87 9.72
N VAL C 333 27.38 10.12 8.41
CA VAL C 333 28.65 9.96 7.68
C VAL C 333 29.78 10.75 8.39
N ARG C 334 29.49 11.95 8.90
CA ARG C 334 30.45 12.80 9.62
C ARG C 334 30.99 12.12 10.89
N GLU C 335 30.14 11.42 11.67
CA GLU C 335 30.59 10.78 12.91
C GLU C 335 31.02 9.31 12.72
N HIS C 336 30.25 8.53 11.96
CA HIS C 336 30.49 7.10 11.80
C HIS C 336 31.46 6.74 10.64
N PHE C 337 31.96 7.73 9.89
CA PHE C 337 32.96 7.50 8.85
C PHE C 337 34.16 8.41 9.15
N PHE C 338 34.06 9.71 8.84
CA PHE C 338 35.12 10.70 9.05
C PHE C 338 35.51 10.83 10.52
N GLY C 339 34.56 10.58 11.42
CA GLY C 339 34.78 10.67 12.86
C GLY C 339 35.67 9.62 13.49
N LYS C 340 36.04 8.56 12.75
CA LYS C 340 36.90 7.44 13.20
C LYS C 340 38.32 7.91 13.54
N TYR C 341 38.79 8.98 12.88
CA TYR C 341 40.12 9.52 13.08
C TYR C 341 40.08 11.04 13.22
N PRO C 342 40.96 11.64 14.07
CA PRO C 342 40.96 13.12 14.18
C PRO C 342 41.35 13.82 12.87
N GLU C 343 42.24 13.18 12.07
CA GLU C 343 42.71 13.69 10.78
C GLU C 343 41.57 13.81 9.76
N THR C 344 40.72 12.77 9.66
CA THR C 344 39.57 12.71 8.74
C THR C 344 38.38 13.57 9.25
N ALA C 345 38.26 13.75 10.58
CA ALA C 345 37.22 14.58 11.17
C ALA C 345 37.51 16.06 10.90
N ALA C 346 38.82 16.42 10.89
CA ALA C 346 39.33 17.77 10.62
C ALA C 346 39.12 18.17 9.16
N LEU C 347 39.19 17.19 8.24
CA LEU C 347 39.02 17.38 6.80
C LEU C 347 37.66 17.97 6.47
N VAL C 348 36.60 17.48 7.16
CA VAL C 348 35.21 17.90 6.94
C VAL C 348 34.65 18.70 8.13
N ALA C 349 35.53 19.17 9.03
CA ALA C 349 35.15 19.94 10.22
C ALA C 349 34.34 21.18 9.85
N ASP C 350 34.69 21.85 8.73
CA ASP C 350 34.03 23.07 8.28
C ASP C 350 32.96 22.81 7.20
N TRP C 351 32.84 21.56 6.74
CA TRP C 351 31.83 21.15 5.77
C TRP C 351 30.45 21.04 6.43
N THR C 352 29.37 21.28 5.68
CA THR C 352 28.01 21.12 6.20
C THR C 352 27.60 19.67 5.99
N ASP C 353 26.54 19.20 6.66
CA ASP C 353 26.07 17.82 6.51
C ASP C 353 25.63 17.56 5.07
N GLU C 354 25.00 18.56 4.42
CA GLU C 354 24.54 18.48 3.03
C GLU C 354 25.75 18.36 2.09
N GLN C 355 26.84 19.11 2.42
CA GLN C 355 28.09 19.13 1.67
C GLN C 355 28.79 17.77 1.73
N ILE C 356 28.78 17.12 2.92
CA ILE C 356 29.35 15.78 3.13
C ILE C 356 28.50 14.76 2.36
N TRP C 357 27.17 14.85 2.47
CA TRP C 357 26.21 13.95 1.82
C TRP C 357 26.30 14.02 0.27
N ALA C 358 26.75 15.16 -0.29
CA ALA C 358 26.89 15.37 -1.74
C ALA C 358 28.03 14.55 -2.37
N LEU C 359 29.03 14.11 -1.56
CA LEU C 359 30.19 13.33 -2.03
C LEU C 359 29.70 12.11 -2.83
N ASN C 360 30.10 12.04 -4.11
CA ASN C 360 29.64 11.05 -5.08
C ASN C 360 30.60 9.84 -5.33
N ARG C 361 29.99 8.77 -5.88
CA ARG C 361 30.66 7.51 -6.25
C ARG C 361 31.12 7.59 -7.69
N GLY C 362 32.26 7.00 -7.98
CA GLY C 362 32.91 7.04 -9.28
C GLY C 362 32.06 6.70 -10.49
N GLY C 363 31.25 5.64 -10.36
CA GLY C 363 30.37 5.14 -11.42
C GLY C 363 29.22 6.05 -11.77
N HIS C 364 29.16 7.26 -11.16
CA HIS C 364 28.17 8.28 -11.40
C HIS C 364 28.83 9.55 -11.97
N ASP C 365 30.17 9.53 -12.15
CA ASP C 365 30.97 10.62 -12.70
C ASP C 365 31.42 10.30 -14.15
N PRO C 366 30.85 10.97 -15.19
CA PRO C 366 31.27 10.70 -16.58
C PRO C 366 32.76 10.88 -16.83
N LYS C 367 33.41 11.86 -16.16
CA LYS C 367 34.83 12.13 -16.30
C LYS C 367 35.68 10.91 -15.85
N LYS C 368 35.30 10.30 -14.70
CA LYS C 368 35.97 9.13 -14.13
C LYS C 368 35.72 7.89 -14.99
N ILE C 369 34.46 7.70 -15.47
CA ILE C 369 34.03 6.60 -16.34
C ILE C 369 34.79 6.66 -17.68
N TYR C 370 34.83 7.84 -18.35
CA TYR C 370 35.53 8.03 -19.62
C TYR C 370 36.99 7.63 -19.49
N ALA C 371 37.70 8.12 -18.44
CA ALA C 371 39.12 7.82 -18.20
C ALA C 371 39.38 6.30 -18.18
N ALA C 372 38.49 5.51 -17.55
CA ALA C 372 38.56 4.07 -17.45
C ALA C 372 38.44 3.40 -18.82
N PHE C 373 37.41 3.78 -19.60
CA PHE C 373 37.17 3.20 -20.92
C PHE C 373 38.26 3.59 -21.91
N LYS C 374 38.86 4.80 -21.77
CA LYS C 374 39.98 5.24 -22.61
C LYS C 374 41.24 4.42 -22.28
N LYS C 375 41.54 4.21 -20.98
CA LYS C 375 42.71 3.42 -20.57
C LYS C 375 42.53 1.96 -21.00
N ALA C 376 41.28 1.43 -20.98
CA ALA C 376 41.00 0.06 -21.42
C ALA C 376 41.34 -0.06 -22.91
N GLN C 377 40.90 0.93 -23.71
CA GLN C 377 41.11 1.05 -25.15
C GLN C 377 42.61 1.06 -25.50
N GLU C 378 43.43 1.66 -24.64
CA GLU C 378 44.89 1.78 -24.82
C GLU C 378 45.67 0.54 -24.39
N THR C 379 45.17 -0.21 -23.38
CA THR C 379 45.79 -1.42 -22.82
C THR C 379 45.94 -2.52 -23.90
N LYS C 380 47.14 -3.12 -23.95
CA LYS C 380 47.45 -4.17 -24.93
C LYS C 380 48.03 -5.41 -24.21
N GLY C 381 47.84 -6.59 -24.80
CA GLY C 381 48.36 -7.87 -24.30
C GLY C 381 47.53 -8.65 -23.29
N LYS C 382 46.49 -8.02 -22.75
CA LYS C 382 45.61 -8.61 -21.73
C LYS C 382 44.23 -7.97 -21.82
N ALA C 383 43.20 -8.62 -21.25
CA ALA C 383 41.84 -8.06 -21.21
C ALA C 383 41.75 -7.07 -20.06
N THR C 384 40.74 -6.20 -20.05
CA THR C 384 40.59 -5.20 -18.99
C THR C 384 39.28 -5.37 -18.29
N VAL C 385 39.27 -5.18 -16.97
CA VAL C 385 38.06 -5.24 -16.18
C VAL C 385 37.92 -3.91 -15.45
N ILE C 386 36.76 -3.27 -15.62
CA ILE C 386 36.42 -1.98 -15.02
C ILE C 386 35.46 -2.25 -13.86
N LEU C 387 35.89 -1.93 -12.65
CA LEU C 387 35.07 -2.09 -11.46
C LEU C 387 34.47 -0.73 -11.13
N ALA C 388 33.19 -0.53 -11.47
CA ALA C 388 32.50 0.75 -11.27
C ALA C 388 31.65 0.73 -10.00
N HIS C 389 31.95 1.67 -9.09
CA HIS C 389 31.27 1.83 -7.82
C HIS C 389 30.03 2.72 -7.98
N THR C 390 28.83 2.14 -7.82
CA THR C 390 27.57 2.90 -8.00
C THR C 390 26.64 2.73 -6.77
N ILE C 391 25.50 3.45 -6.78
CA ILE C 391 24.48 3.40 -5.73
C ILE C 391 23.25 2.65 -6.25
N LYS C 392 22.83 1.59 -5.53
CA LYS C 392 21.65 0.81 -5.91
C LYS C 392 20.39 1.66 -5.72
N GLY C 393 19.61 1.78 -6.80
CA GLY C 393 18.40 2.60 -6.82
C GLY C 393 18.70 4.07 -6.67
N TYR C 394 19.70 4.53 -7.46
CA TYR C 394 20.21 5.89 -7.50
C TYR C 394 19.11 6.85 -7.95
N GLY C 395 18.97 7.96 -7.21
CA GLY C 395 18.00 9.02 -7.47
C GLY C 395 16.54 8.64 -7.35
N MET C 396 16.24 7.51 -6.68
CA MET C 396 14.88 7.01 -6.49
C MET C 396 14.38 7.29 -5.06
N GLY C 397 15.28 7.82 -4.21
CA GLY C 397 15.01 8.20 -2.83
C GLY C 397 14.77 7.05 -1.87
N ASP C 398 13.60 7.06 -1.21
CA ASP C 398 13.20 6.07 -0.20
C ASP C 398 12.67 4.75 -0.82
N ALA C 399 12.42 4.72 -2.14
CA ALA C 399 11.93 3.54 -2.86
C ALA C 399 13.02 2.46 -3.01
N ALA C 400 14.29 2.86 -3.29
CA ALA C 400 15.43 1.96 -3.45
C ALA C 400 16.76 2.64 -3.09
N ILE C 405 9.08 -1.47 -5.11
CA ILE C 405 8.72 -0.48 -4.10
C ILE C 405 7.80 0.59 -4.69
N ALA C 406 7.94 0.84 -5.99
CA ALA C 406 7.13 1.84 -6.67
C ALA C 406 5.66 1.44 -6.69
N HIS C 407 5.31 0.45 -5.89
CA HIS C 407 3.94 -0.03 -5.80
C HIS C 407 2.99 1.08 -5.37
N GLN C 408 3.55 2.27 -5.16
CA GLN C 408 2.75 3.42 -4.74
C GLN C 408 1.76 3.82 -5.82
N VAL C 409 2.24 3.92 -7.06
CA VAL C 409 1.40 4.30 -8.19
C VAL C 409 0.10 3.50 -8.20
N LYS C 410 0.14 2.30 -7.62
CA LYS C 410 -1.03 1.43 -7.57
C LYS C 410 -2.03 1.93 -6.52
N LYS C 411 -1.51 2.49 -5.44
CA LYS C 411 -2.36 3.01 -4.36
C LYS C 411 -2.67 4.48 -4.56
N MET C 412 -2.36 4.99 -5.76
CA MET C 412 -2.61 6.39 -6.08
C MET C 412 -1.56 7.30 -5.43
N ASN C 413 -0.31 6.86 -5.47
CA ASN C 413 0.79 7.63 -4.89
C ASN C 413 1.78 8.11 -5.94
N MET C 414 1.93 9.43 -6.04
CA MET C 414 2.85 10.02 -7.01
C MET C 414 4.05 10.64 -6.33
N ASP C 415 4.26 10.28 -5.06
CA ASP C 415 5.40 10.80 -4.29
C ASP C 415 6.76 10.44 -4.87
N GLY C 416 6.91 9.20 -5.34
CA GLY C 416 8.14 8.70 -5.93
C GLY C 416 8.46 9.31 -7.29
N VAL C 417 7.47 9.31 -8.20
CA VAL C 417 7.55 9.85 -9.56
C VAL C 417 7.88 11.37 -9.50
N ARG C 418 7.32 12.09 -8.50
CA ARG C 418 7.58 13.52 -8.29
C ARG C 418 9.04 13.73 -7.87
N HIS C 419 9.59 12.83 -7.04
CA HIS C 419 10.97 12.87 -6.58
C HIS C 419 11.94 12.64 -7.74
N ILE C 420 11.69 11.59 -8.57
CA ILE C 420 12.51 11.19 -9.72
C ILE C 420 12.58 12.35 -10.72
N ARG C 421 11.42 13.03 -10.94
CA ARG C 421 11.27 14.18 -11.83
C ARG C 421 12.13 15.36 -11.33
N ASP C 422 12.07 15.62 -10.01
CA ASP C 422 12.80 16.68 -9.32
C ASP C 422 14.30 16.42 -9.36
N ARG C 423 14.72 15.19 -8.98
CA ARG C 423 16.11 14.75 -8.90
C ARG C 423 16.88 14.92 -10.22
N PHE C 424 16.24 14.63 -11.36
CA PHE C 424 16.90 14.68 -12.66
C PHE C 424 16.38 15.84 -13.54
N ASN C 425 15.68 16.81 -12.92
CA ASN C 425 15.12 18.03 -13.53
C ASN C 425 14.48 17.70 -14.90
N VAL C 426 13.49 16.80 -14.84
CA VAL C 426 12.77 16.29 -15.99
C VAL C 426 11.70 17.31 -16.41
N PRO C 427 11.63 17.73 -17.72
CA PRO C 427 10.60 18.70 -18.13
C PRO C 427 9.19 18.09 -18.27
N VAL C 428 8.60 17.73 -17.12
CA VAL C 428 7.23 17.18 -17.00
C VAL C 428 6.55 17.95 -15.87
N SER C 429 5.39 18.57 -16.15
CA SER C 429 4.65 19.34 -15.13
C SER C 429 4.02 18.42 -14.07
N ASP C 430 3.60 18.98 -12.91
CA ASP C 430 2.98 18.22 -11.81
C ASP C 430 1.64 17.61 -12.24
N ALA C 431 0.92 18.31 -13.14
CA ALA C 431 -0.38 17.89 -13.67
C ALA C 431 -0.24 16.72 -14.64
N ASP C 432 0.77 16.78 -15.53
CA ASP C 432 1.04 15.77 -16.56
C ASP C 432 1.74 14.51 -16.01
N ILE C 433 2.25 14.55 -14.76
CA ILE C 433 2.97 13.43 -14.13
C ILE C 433 2.09 12.17 -13.97
N GLU C 434 0.76 12.31 -13.78
CA GLU C 434 -0.17 11.19 -13.60
C GLU C 434 -0.42 10.48 -14.94
N LYS C 435 -0.24 11.20 -16.06
CA LYS C 435 -0.41 10.67 -17.42
C LYS C 435 0.75 9.71 -17.80
N LEU C 436 1.86 9.74 -17.01
CA LEU C 436 3.12 8.99 -17.19
C LEU C 436 3.63 9.24 -18.62
N PRO C 437 3.99 10.50 -18.97
CA PRO C 437 4.35 10.80 -20.35
C PRO C 437 5.79 10.48 -20.75
N TYR C 438 5.99 10.20 -22.05
CA TYR C 438 7.33 9.98 -22.60
C TYR C 438 7.89 11.33 -23.05
N ILE C 439 9.22 11.48 -22.98
CA ILE C 439 9.92 12.69 -23.39
C ILE C 439 10.65 12.41 -24.70
N THR C 440 10.64 13.38 -25.62
CA THR C 440 11.33 13.30 -26.90
C THR C 440 12.03 14.62 -27.20
N PHE C 441 13.12 14.54 -27.97
CA PHE C 441 13.85 15.73 -28.42
C PHE C 441 13.49 16.01 -29.88
N PRO C 442 12.90 17.18 -30.17
CA PRO C 442 12.45 17.43 -31.55
C PRO C 442 13.59 17.78 -32.49
N GLU C 443 13.37 17.58 -33.81
CA GLU C 443 14.34 17.92 -34.85
C GLU C 443 14.68 19.38 -34.74
N GLY C 444 15.97 19.70 -34.73
CA GLY C 444 16.42 21.07 -34.63
C GLY C 444 16.83 21.48 -33.23
N SER C 445 16.51 20.64 -32.23
CA SER C 445 16.90 20.93 -30.85
C SER C 445 18.36 20.54 -30.67
N GLU C 446 19.05 21.20 -29.71
CA GLU C 446 20.45 20.94 -29.35
C GLU C 446 20.67 19.44 -29.05
N GLU C 447 19.74 18.85 -28.27
CA GLU C 447 19.77 17.47 -27.78
C GLU C 447 19.59 16.48 -28.89
N HIS C 448 18.59 16.68 -29.77
CA HIS C 448 18.34 15.79 -30.90
C HIS C 448 19.58 15.73 -31.78
N THR C 449 20.12 16.91 -32.15
CA THR C 449 21.32 17.03 -32.97
C THR C 449 22.50 16.25 -32.35
N TYR C 450 22.81 16.51 -31.06
CA TYR C 450 23.90 15.91 -30.32
C TYR C 450 23.75 14.40 -30.19
N LEU C 451 22.55 13.92 -29.79
CA LEU C 451 22.23 12.51 -29.64
C LEU C 451 22.61 11.73 -30.90
N HIS C 452 22.17 12.21 -32.08
CA HIS C 452 22.43 11.60 -33.38
C HIS C 452 23.85 11.82 -33.90
N ALA C 453 24.44 13.00 -33.67
CA ALA C 453 25.80 13.33 -34.12
C ALA C 453 26.85 12.37 -33.51
N GLN C 454 26.73 12.08 -32.20
CA GLN C 454 27.65 11.18 -31.50
C GLN C 454 27.56 9.76 -32.08
N ARG C 455 26.33 9.30 -32.36
CA ARG C 455 26.08 7.98 -32.93
C ARG C 455 26.55 7.89 -34.39
N GLN C 456 26.42 8.97 -35.19
CA GLN C 456 26.87 8.97 -36.59
C GLN C 456 28.39 8.85 -36.66
N LYS C 457 29.12 9.51 -35.72
CA LYS C 457 30.59 9.46 -35.61
C LYS C 457 31.05 8.03 -35.31
N LEU C 458 30.22 7.27 -34.59
CA LEU C 458 30.49 5.89 -34.17
C LEU C 458 29.75 4.87 -35.05
N HIS C 459 29.52 5.24 -36.32
CA HIS C 459 28.95 4.45 -37.44
C HIS C 459 27.49 4.00 -37.31
N GLY C 460 26.71 4.67 -36.48
CA GLY C 460 25.30 4.35 -36.40
C GLY C 460 24.76 3.89 -35.06
N TYR C 461 23.64 3.16 -35.11
CA TYR C 461 22.93 2.69 -33.94
C TYR C 461 23.27 1.27 -33.53
N LEU C 462 23.25 1.09 -32.21
CA LEU C 462 23.56 -0.11 -31.48
C LEU C 462 22.55 -0.27 -30.32
N PRO C 463 21.97 -1.47 -30.06
CA PRO C 463 22.14 -2.73 -30.79
C PRO C 463 21.27 -2.80 -32.05
N SER C 464 21.69 -3.61 -33.03
CA SER C 464 20.98 -3.91 -34.27
C SER C 464 21.51 -5.25 -34.80
N ARG C 465 20.67 -6.00 -35.51
CA ARG C 465 21.09 -7.32 -35.98
C ARG C 465 20.68 -7.56 -37.42
N GLN C 466 21.55 -8.26 -38.16
CA GLN C 466 21.31 -8.71 -39.53
C GLN C 466 20.86 -10.17 -39.45
N PRO C 467 19.59 -10.52 -39.73
CA PRO C 467 19.16 -11.91 -39.57
C PRO C 467 19.81 -12.92 -40.55
N ASN C 468 20.28 -12.44 -41.73
CA ASN C 468 20.87 -13.32 -42.75
C ASN C 468 22.19 -12.77 -43.30
N PHE C 469 23.04 -13.68 -43.85
CA PHE C 469 24.31 -13.32 -44.48
C PHE C 469 24.06 -13.06 -45.97
N THR C 470 24.84 -12.14 -46.56
CA THR C 470 24.65 -11.70 -47.95
C THR C 470 25.28 -12.60 -49.02
N GLU C 471 26.45 -13.21 -48.76
CA GLU C 471 27.14 -14.03 -49.77
C GLU C 471 26.42 -15.34 -50.09
N LYS C 472 26.70 -15.89 -51.29
CA LYS C 472 26.14 -17.16 -51.75
C LYS C 472 27.26 -18.20 -51.73
N LEU C 473 27.12 -19.20 -50.85
CA LEU C 473 28.10 -20.28 -50.74
C LEU C 473 27.77 -21.37 -51.77
N GLU C 474 28.79 -21.89 -52.45
CA GLU C 474 28.62 -22.97 -53.42
C GLU C 474 28.94 -24.27 -52.69
N LEU C 475 27.93 -24.77 -51.96
CA LEU C 475 28.00 -25.94 -51.08
C LEU C 475 28.27 -27.26 -51.81
N PRO C 476 28.93 -28.26 -51.15
CA PRO C 476 29.15 -29.55 -51.82
C PRO C 476 27.84 -30.29 -52.05
N SER C 477 27.72 -30.99 -53.19
CA SER C 477 26.53 -31.77 -53.54
C SER C 477 26.50 -33.05 -52.71
N LEU C 478 25.41 -33.82 -52.75
CA LEU C 478 25.37 -35.09 -52.02
C LEU C 478 26.31 -36.07 -52.71
N GLN C 479 26.44 -35.95 -54.04
CA GLN C 479 27.31 -36.80 -54.85
C GLN C 479 28.79 -36.55 -54.50
N ASP C 480 29.13 -35.36 -53.94
CA ASP C 480 30.50 -35.02 -53.54
C ASP C 480 30.96 -35.89 -52.36
N PHE C 481 30.00 -36.44 -51.58
CA PHE C 481 30.25 -37.33 -50.45
C PHE C 481 30.41 -38.77 -50.93
N GLY C 482 30.04 -38.99 -52.21
CA GLY C 482 30.10 -40.24 -52.96
C GLY C 482 30.45 -41.52 -52.24
N ALA C 483 31.74 -41.67 -51.86
CA ALA C 483 32.29 -42.87 -51.20
C ALA C 483 31.56 -43.28 -49.91
N LEU C 484 31.03 -42.31 -49.14
CA LEU C 484 30.29 -42.58 -47.91
C LEU C 484 28.93 -43.22 -48.21
N LEU C 485 28.32 -42.86 -49.36
CA LEU C 485 27.04 -43.40 -49.84
C LEU C 485 27.15 -44.85 -50.34
N GLU C 486 28.39 -45.33 -50.61
CA GLU C 486 28.66 -46.69 -51.07
C GLU C 486 29.01 -47.59 -49.88
N GLU C 487 29.03 -48.92 -50.10
CA GLU C 487 29.38 -49.91 -49.08
C GLU C 487 30.83 -49.73 -48.66
N GLN C 488 31.12 -49.90 -47.37
CA GLN C 488 32.48 -49.74 -46.86
C GLN C 488 33.24 -51.07 -46.96
N SER C 489 34.50 -51.00 -47.47
CA SER C 489 35.39 -52.15 -47.63
C SER C 489 35.73 -52.77 -46.29
N LYS C 490 35.98 -51.92 -45.26
CA LYS C 490 36.30 -52.31 -43.88
C LYS C 490 35.22 -51.81 -42.93
N GLU C 491 35.15 -52.40 -41.73
CA GLU C 491 34.20 -52.01 -40.69
C GLU C 491 34.63 -50.66 -40.13
N ILE C 492 33.73 -49.69 -40.12
CA ILE C 492 34.00 -48.35 -39.59
C ILE C 492 32.85 -47.95 -38.64
N SER C 493 32.99 -46.79 -37.98
CA SER C 493 32.02 -46.22 -37.07
C SER C 493 31.37 -44.98 -37.68
N THR C 494 30.28 -44.48 -37.07
CA THR C 494 29.63 -43.25 -37.56
C THR C 494 30.50 -42.01 -37.20
N THR C 495 31.50 -42.15 -36.28
CA THR C 495 32.43 -41.06 -35.97
C THR C 495 33.45 -40.97 -37.11
N ILE C 496 33.91 -42.13 -37.64
CA ILE C 496 34.83 -42.20 -38.79
C ILE C 496 34.13 -41.56 -40.00
N ALA C 497 32.83 -41.88 -40.18
CA ALA C 497 31.98 -41.35 -41.24
C ALA C 497 31.89 -39.82 -41.13
N PHE C 498 31.72 -39.31 -39.89
CA PHE C 498 31.66 -37.87 -39.62
C PHE C 498 32.97 -37.17 -40.06
N VAL C 499 34.15 -37.72 -39.69
CA VAL C 499 35.45 -37.14 -40.00
C VAL C 499 35.69 -37.15 -41.52
N ARG C 500 35.21 -38.20 -42.22
CA ARG C 500 35.33 -38.31 -43.68
C ARG C 500 34.45 -37.28 -44.37
N ALA C 501 33.28 -36.99 -43.77
CA ALA C 501 32.37 -35.97 -44.27
C ALA C 501 33.01 -34.59 -44.14
N LEU C 502 33.80 -34.34 -43.06
CA LEU C 502 34.55 -33.09 -42.86
C LEU C 502 35.59 -32.92 -43.96
N ASN C 503 36.28 -34.02 -44.33
CA ASN C 503 37.30 -34.02 -45.37
C ASN C 503 36.70 -33.68 -46.73
N VAL C 504 35.43 -34.09 -46.97
CA VAL C 504 34.71 -33.78 -48.21
C VAL C 504 34.49 -32.27 -48.28
N MET C 505 34.06 -31.66 -47.14
CA MET C 505 33.80 -30.22 -47.02
C MET C 505 35.11 -29.43 -47.05
N LEU C 506 36.23 -30.03 -46.60
CA LEU C 506 37.55 -29.37 -46.59
C LEU C 506 38.16 -29.33 -48.01
N LYS C 507 37.46 -29.94 -49.00
CA LYS C 507 37.85 -29.97 -50.40
C LYS C 507 37.07 -28.92 -51.20
N ASN C 508 35.88 -28.50 -50.69
CA ASN C 508 35.01 -27.50 -51.31
C ASN C 508 35.63 -26.11 -51.16
N LYS C 509 36.01 -25.46 -52.29
CA LYS C 509 36.64 -24.13 -52.30
C LYS C 509 35.84 -23.06 -51.56
N SER C 510 34.50 -23.11 -51.69
CA SER C 510 33.60 -22.13 -51.09
C SER C 510 33.56 -22.17 -49.56
N ILE C 511 33.46 -23.37 -48.92
CA ILE C 511 33.33 -23.47 -47.46
C ILE C 511 34.55 -24.08 -46.71
N LYS C 512 35.60 -24.57 -47.40
CA LYS C 512 36.73 -25.22 -46.72
C LYS C 512 37.33 -24.38 -45.58
N ASP C 513 37.65 -23.09 -45.81
CA ASP C 513 38.24 -22.24 -44.79
C ASP C 513 37.21 -21.65 -43.80
N ARG C 514 35.91 -21.96 -43.99
CA ARG C 514 34.82 -21.49 -43.12
C ARG C 514 34.50 -22.53 -42.05
N LEU C 515 34.92 -23.79 -42.26
CA LEU C 515 34.71 -24.86 -41.29
C LEU C 515 35.48 -24.58 -40.01
N VAL C 516 34.82 -24.74 -38.86
CA VAL C 516 35.44 -24.52 -37.57
C VAL C 516 35.33 -25.81 -36.75
N PRO C 517 36.24 -26.79 -36.94
CA PRO C 517 36.19 -27.99 -36.10
C PRO C 517 36.63 -27.64 -34.67
N ILE C 518 35.77 -27.89 -33.68
CA ILE C 518 36.03 -27.60 -32.27
C ILE C 518 36.11 -28.93 -31.50
N ILE C 519 37.15 -29.10 -30.68
CA ILE C 519 37.38 -30.32 -29.91
C ILE C 519 37.64 -29.98 -28.44
N ALA C 520 37.06 -30.81 -27.56
CA ALA C 520 37.24 -30.79 -26.12
C ALA C 520 38.37 -31.78 -25.76
N ASP C 521 39.62 -31.33 -26.03
CA ASP C 521 40.92 -32.01 -25.80
C ASP C 521 41.05 -33.37 -26.52
N GLU C 522 40.43 -34.45 -25.96
CA GLU C 522 40.56 -35.85 -26.41
C GLU C 522 40.21 -36.05 -27.89
N ALA C 523 41.21 -35.78 -28.75
CA ALA C 523 41.13 -35.85 -30.20
C ALA C 523 41.35 -37.26 -30.72
N ARG C 524 42.23 -38.03 -30.04
CA ARG C 524 42.56 -39.41 -30.37
C ARG C 524 41.30 -40.28 -30.35
N THR C 525 40.41 -40.02 -29.36
CA THR C 525 39.14 -40.72 -29.15
C THR C 525 38.20 -40.58 -30.36
N PHE C 526 38.25 -39.42 -31.06
CA PHE C 526 37.37 -39.15 -32.19
C PHE C 526 38.10 -39.21 -33.56
N GLY C 527 39.33 -39.74 -33.57
CA GLY C 527 40.15 -39.90 -34.77
C GLY C 527 40.36 -38.64 -35.58
N MET C 528 40.53 -37.50 -34.88
CA MET C 528 40.70 -36.16 -35.47
C MET C 528 42.17 -35.85 -35.77
N GLU C 529 43.10 -36.68 -35.25
CA GLU C 529 44.57 -36.52 -35.42
C GLU C 529 45.00 -36.43 -36.90
N GLY C 530 44.17 -36.97 -37.80
CA GLY C 530 44.40 -36.91 -39.24
C GLY C 530 44.29 -35.48 -39.75
N LEU C 531 43.22 -34.77 -39.30
CA LEU C 531 42.95 -33.38 -39.64
C LEU C 531 43.99 -32.42 -39.05
N PHE C 532 44.61 -32.78 -37.92
CA PHE C 532 45.64 -31.97 -37.25
C PHE C 532 46.82 -31.64 -38.15
N ARG C 533 47.32 -32.64 -38.91
CA ARG C 533 48.43 -32.46 -39.83
C ARG C 533 47.96 -31.67 -41.07
N GLN C 534 46.71 -31.94 -41.51
CA GLN C 534 46.09 -31.35 -42.70
C GLN C 534 45.75 -29.85 -42.54
N ILE C 535 44.91 -29.46 -41.55
CA ILE C 535 44.44 -28.07 -41.38
C ILE C 535 45.02 -27.32 -40.14
N GLY C 536 45.66 -28.04 -39.21
CA GLY C 536 46.31 -27.46 -38.05
C GLY C 536 45.45 -27.15 -36.85
N ILE C 537 46.13 -26.84 -35.74
CA ILE C 537 45.50 -26.47 -34.47
C ILE C 537 45.75 -24.97 -34.24
N TYR C 538 44.67 -24.19 -34.00
CA TYR C 538 44.76 -22.76 -33.76
C TYR C 538 45.52 -22.52 -32.44
N SER C 539 46.66 -21.81 -32.55
CA SER C 539 47.56 -21.51 -31.43
C SER C 539 48.29 -20.17 -31.74
N PRO C 540 47.72 -19.01 -31.30
CA PRO C 540 48.33 -17.69 -31.62
C PRO C 540 49.73 -17.47 -31.07
N ASN C 541 50.11 -18.17 -29.98
CA ASN C 541 51.42 -18.08 -29.34
C ASN C 541 52.28 -19.35 -29.67
N GLY C 542 52.96 -19.90 -28.65
CA GLY C 542 53.82 -21.08 -28.78
C GLY C 542 53.13 -22.36 -28.35
N LYS C 557 50.80 -29.12 -36.47
CA LYS C 557 50.99 -27.77 -37.00
C LYS C 557 50.21 -26.73 -36.14
N GLU C 558 50.81 -26.32 -35.00
CA GLU C 558 50.25 -25.36 -34.03
C GLU C 558 50.77 -23.93 -34.27
N ASP C 559 50.00 -23.11 -35.02
CA ASP C 559 50.31 -21.72 -35.33
C ASP C 559 49.01 -20.90 -35.39
N GLU C 560 49.14 -19.58 -35.64
CA GLU C 560 48.01 -18.64 -35.71
C GLU C 560 47.06 -18.93 -36.90
N LYS C 561 47.55 -19.64 -37.92
CA LYS C 561 46.73 -19.96 -39.10
C LYS C 561 45.98 -21.31 -38.92
N GLY C 562 46.22 -22.02 -37.80
CA GLY C 562 45.58 -23.28 -37.45
C GLY C 562 44.07 -23.18 -37.47
N GLN C 563 43.39 -24.18 -38.05
CA GLN C 563 41.94 -24.14 -38.23
C GLN C 563 41.14 -24.76 -37.09
N ILE C 564 41.66 -25.85 -36.48
CA ILE C 564 40.95 -26.55 -35.40
C ILE C 564 41.08 -25.77 -34.08
N LEU C 565 39.97 -25.69 -33.34
CA LEU C 565 39.96 -25.06 -32.02
C LEU C 565 40.00 -26.14 -30.95
N GLN C 566 41.16 -26.30 -30.25
CA GLN C 566 41.27 -27.26 -29.14
C GLN C 566 41.09 -26.48 -27.86
N GLU C 567 40.01 -26.80 -27.13
CA GLU C 567 39.61 -26.06 -25.93
C GLU C 567 39.92 -26.78 -24.60
N GLY C 568 40.50 -27.97 -24.66
CA GLY C 568 40.85 -28.71 -23.45
C GLY C 568 39.64 -29.26 -22.72
N ILE C 569 39.82 -29.63 -21.44
CA ILE C 569 38.74 -30.17 -20.60
C ILE C 569 37.94 -28.95 -20.17
N ASN C 570 37.03 -28.52 -21.06
CA ASN C 570 36.22 -27.30 -20.96
C ASN C 570 35.09 -27.34 -21.99
N GLU C 571 34.01 -28.08 -21.69
CA GLU C 571 32.85 -28.20 -22.58
C GLU C 571 32.16 -26.87 -22.76
N LEU C 572 32.02 -26.08 -21.67
CA LEU C 572 31.36 -24.78 -21.72
C LEU C 572 32.15 -23.80 -22.56
N GLY C 573 33.47 -23.79 -22.42
CA GLY C 573 34.33 -22.94 -23.24
C GLY C 573 34.24 -23.28 -24.71
N ALA C 574 34.22 -24.58 -25.03
CA ALA C 574 34.10 -25.07 -26.40
C ALA C 574 32.72 -24.74 -26.97
N GLY C 575 31.68 -24.83 -26.13
CA GLY C 575 30.32 -24.50 -26.53
C GLY C 575 30.20 -23.02 -26.87
N CYS C 576 30.93 -22.17 -26.12
CA CYS C 576 30.94 -20.72 -26.32
C CYS C 576 31.67 -20.38 -27.63
N SER C 577 32.75 -21.14 -27.96
CA SER C 577 33.49 -20.97 -29.22
C SER C 577 32.59 -21.39 -30.38
N TRP C 578 31.83 -22.49 -30.19
CA TRP C 578 30.86 -23.01 -31.16
C TRP C 578 29.77 -21.95 -31.41
N LEU C 579 29.22 -21.35 -30.33
CA LEU C 579 28.18 -20.33 -30.39
C LEU C 579 28.66 -19.10 -31.16
N ALA C 580 29.91 -18.64 -30.92
CA ALA C 580 30.50 -17.48 -31.59
C ALA C 580 30.65 -17.75 -33.09
N ALA C 581 31.08 -18.98 -33.45
CA ALA C 581 31.25 -19.41 -34.83
C ALA C 581 29.89 -19.58 -35.53
N ALA C 582 28.92 -20.26 -34.88
CA ALA C 582 27.58 -20.54 -35.40
C ALA C 582 26.73 -19.27 -35.60
N THR C 583 27.13 -18.13 -35.03
CA THR C 583 26.36 -16.88 -35.18
C THR C 583 27.19 -15.81 -35.92
N SER C 584 28.39 -16.20 -36.46
CA SER C 584 29.26 -15.30 -37.20
C SER C 584 28.61 -14.79 -38.47
N TYR C 585 27.67 -15.57 -39.05
CA TYR C 585 26.92 -15.24 -40.26
C TYR C 585 26.11 -13.94 -40.08
N SER C 586 25.68 -13.68 -38.83
CA SER C 586 24.87 -12.54 -38.46
C SER C 586 25.73 -11.40 -37.91
N THR C 587 26.60 -11.71 -36.90
CA THR C 587 27.46 -10.78 -36.20
C THR C 587 28.44 -10.07 -37.15
N ASN C 588 29.09 -10.81 -38.07
CA ASN C 588 30.09 -10.23 -38.98
C ASN C 588 29.77 -10.40 -40.46
N ASN C 589 28.58 -10.92 -40.80
CA ASN C 589 28.16 -11.22 -42.19
C ASN C 589 29.24 -12.12 -42.84
N LEU C 590 29.76 -13.07 -42.04
CA LEU C 590 30.79 -14.02 -42.42
C LEU C 590 30.36 -15.40 -41.96
N PRO C 591 29.64 -16.17 -42.81
CA PRO C 591 29.19 -17.50 -42.38
C PRO C 591 30.36 -18.41 -42.04
N MET C 592 30.34 -18.97 -40.84
CA MET C 592 31.33 -19.92 -40.32
C MET C 592 30.58 -21.18 -39.90
N ILE C 593 31.00 -22.37 -40.37
CA ILE C 593 30.28 -23.62 -40.09
C ILE C 593 31.04 -24.42 -38.99
N PRO C 594 30.62 -24.34 -37.70
CA PRO C 594 31.34 -25.09 -36.66
C PRO C 594 30.85 -26.53 -36.46
N PHE C 595 31.78 -27.41 -36.08
CA PHE C 595 31.52 -28.81 -35.79
C PHE C 595 32.14 -29.13 -34.45
N TYR C 596 31.34 -29.10 -33.37
CA TYR C 596 31.87 -29.36 -32.05
C TYR C 596 31.64 -30.83 -31.65
N ILE C 597 32.73 -31.62 -31.61
CA ILE C 597 32.71 -33.03 -31.22
C ILE C 597 33.28 -33.14 -29.80
N TYR C 598 32.59 -33.94 -28.97
CA TYR C 598 32.84 -34.13 -27.55
C TYR C 598 32.14 -35.42 -27.09
N TYR C 599 32.33 -35.84 -25.81
CA TYR C 599 31.63 -37.01 -25.25
C TYR C 599 30.18 -36.62 -25.03
N SER C 600 29.25 -37.21 -25.80
CA SER C 600 27.81 -36.87 -25.81
C SER C 600 27.22 -36.57 -24.45
N MET C 601 27.61 -37.33 -23.40
CA MET C 601 27.13 -37.16 -22.01
C MET C 601 27.34 -35.71 -21.50
N PHE C 602 28.46 -35.06 -21.89
CA PHE C 602 28.82 -33.72 -21.43
C PHE C 602 28.39 -32.62 -22.42
N GLY C 603 27.26 -32.85 -23.07
CA GLY C 603 26.65 -31.89 -23.97
C GLY C 603 25.53 -31.18 -23.26
N PHE C 604 24.30 -31.47 -23.67
CA PHE C 604 23.08 -30.87 -23.13
C PHE C 604 22.96 -31.02 -21.61
N GLN C 605 23.57 -32.06 -21.03
CA GLN C 605 23.49 -32.28 -19.59
C GLN C 605 24.36 -31.28 -18.85
N ARG C 606 25.56 -31.03 -19.37
CA ARG C 606 26.58 -30.17 -18.79
C ARG C 606 26.48 -28.69 -19.23
N ILE C 607 26.19 -28.41 -20.52
CA ILE C 607 26.13 -27.05 -21.06
C ILE C 607 24.71 -26.71 -21.59
N GLY C 608 23.69 -27.36 -21.02
CA GLY C 608 22.29 -27.21 -21.37
C GLY C 608 21.73 -25.80 -21.53
N ASP C 609 22.05 -24.92 -20.56
CA ASP C 609 21.61 -23.52 -20.55
C ASP C 609 22.27 -22.74 -21.70
N LEU C 610 23.49 -23.14 -22.12
CA LEU C 610 24.16 -22.51 -23.24
C LEU C 610 23.49 -22.93 -24.55
N CYS C 611 23.00 -24.19 -24.63
CA CYS C 611 22.32 -24.71 -25.80
C CYS C 611 20.95 -24.02 -25.96
N TRP C 612 20.34 -23.58 -24.85
CA TRP C 612 19.08 -22.83 -24.89
C TRP C 612 19.37 -21.42 -25.40
N ALA C 613 20.44 -20.76 -24.86
CA ALA C 613 20.89 -19.43 -25.28
C ALA C 613 21.33 -19.45 -26.75
N ALA C 614 21.89 -20.59 -27.22
CA ALA C 614 22.31 -20.77 -28.61
C ALA C 614 21.09 -20.75 -29.52
N GLY C 615 19.99 -21.35 -29.05
CA GLY C 615 18.72 -21.38 -29.77
C GLY C 615 18.16 -19.99 -29.93
N ASP C 616 18.26 -19.19 -28.86
CA ASP C 616 17.85 -17.80 -28.76
C ASP C 616 18.71 -16.92 -29.67
N GLN C 617 20.04 -17.16 -29.70
CA GLN C 617 21.01 -16.39 -30.50
C GLN C 617 20.98 -16.79 -31.99
N GLN C 618 20.06 -17.71 -32.36
CA GLN C 618 19.85 -18.24 -33.71
C GLN C 618 21.15 -18.89 -34.26
N ALA C 619 21.75 -19.77 -33.44
CA ALA C 619 22.97 -20.51 -33.80
C ALA C 619 22.70 -21.46 -34.97
N ARG C 620 23.65 -21.50 -35.93
CA ARG C 620 23.62 -22.34 -37.13
C ARG C 620 24.94 -23.14 -37.19
N GLY C 621 24.94 -24.32 -36.60
CA GLY C 621 26.12 -25.16 -36.57
C GLY C 621 25.76 -26.57 -36.19
N PHE C 622 26.78 -27.43 -36.06
CA PHE C 622 26.62 -28.83 -35.72
C PHE C 622 27.25 -29.20 -34.37
N LEU C 623 26.45 -29.84 -33.52
CA LEU C 623 26.88 -30.42 -32.24
C LEU C 623 27.00 -31.92 -32.47
N ILE C 624 28.20 -32.49 -32.30
CA ILE C 624 28.44 -33.91 -32.55
C ILE C 624 28.66 -34.63 -31.22
N GLY C 625 27.64 -35.36 -30.78
CA GLY C 625 27.70 -36.12 -29.54
C GLY C 625 28.43 -37.42 -29.76
N GLY C 626 29.76 -37.38 -29.70
CA GLY C 626 30.61 -38.55 -29.88
C GLY C 626 30.51 -39.53 -28.73
N THR C 627 31.04 -40.76 -28.90
CA THR C 627 31.02 -41.86 -27.91
C THR C 627 29.64 -41.93 -27.19
N SER C 628 28.55 -41.93 -27.99
CA SER C 628 27.16 -41.94 -27.51
C SER C 628 26.59 -43.37 -27.36
N GLY C 629 25.38 -43.44 -26.80
CA GLY C 629 24.69 -44.70 -26.58
C GLY C 629 25.11 -45.29 -25.25
N ARG C 630 24.12 -45.64 -24.41
CA ARG C 630 24.36 -46.18 -23.08
C ARG C 630 25.27 -47.39 -23.08
N THR C 631 25.06 -48.37 -23.97
CA THR C 631 25.80 -49.64 -23.98
C THR C 631 27.09 -49.60 -24.83
N THR C 632 27.24 -48.64 -25.77
CA THR C 632 28.37 -48.56 -26.70
C THR C 632 29.64 -48.02 -26.02
N LEU C 633 29.56 -46.99 -25.16
CA LEU C 633 30.73 -46.54 -24.39
C LEU C 633 30.75 -47.39 -23.11
N ASN C 634 30.85 -48.72 -23.33
CA ASN C 634 30.70 -49.84 -22.41
C ASN C 634 31.57 -49.87 -21.15
N GLY C 635 32.85 -49.55 -21.24
CA GLY C 635 33.73 -49.65 -20.08
C GLY C 635 33.75 -48.46 -19.16
N GLU C 636 33.27 -47.31 -19.64
CA GLU C 636 33.33 -46.04 -18.93
C GLU C 636 32.37 -45.91 -17.75
N GLY C 637 31.17 -46.47 -17.85
CA GLY C 637 30.23 -46.49 -16.73
C GLY C 637 29.31 -45.31 -16.56
N LEU C 638 28.75 -45.21 -15.34
CA LEU C 638 27.70 -44.30 -14.88
C LEU C 638 27.77 -42.87 -15.38
N GLN C 639 28.91 -42.16 -15.22
CA GLN C 639 28.95 -40.73 -15.57
C GLN C 639 29.34 -40.47 -17.03
N HIS C 640 29.48 -41.54 -17.87
CA HIS C 640 29.84 -41.40 -19.29
C HIS C 640 28.84 -42.02 -20.23
N GLU C 641 28.17 -43.12 -19.82
CA GLU C 641 27.22 -43.87 -20.64
C GLU C 641 25.94 -43.07 -20.86
N ASP C 642 25.81 -42.54 -22.07
CA ASP C 642 24.72 -41.67 -22.47
C ASP C 642 23.62 -42.42 -23.20
N GLY C 643 22.46 -42.49 -22.55
CA GLY C 643 21.24 -43.06 -23.11
C GLY C 643 20.07 -42.11 -22.95
N HIS C 644 20.34 -40.78 -22.90
CA HIS C 644 19.29 -39.79 -22.67
C HIS C 644 19.54 -38.39 -23.26
N SER C 645 20.72 -38.11 -23.90
CA SER C 645 20.99 -36.77 -24.46
C SER C 645 19.94 -36.35 -25.51
N HIS C 646 19.35 -37.34 -26.20
CA HIS C 646 18.31 -37.09 -27.18
C HIS C 646 17.00 -36.64 -26.54
N ILE C 647 16.77 -37.02 -25.26
CA ILE C 647 15.60 -36.60 -24.49
C ILE C 647 15.80 -35.14 -24.05
N GLN C 648 17.05 -34.74 -23.83
CA GLN C 648 17.39 -33.37 -23.45
C GLN C 648 17.38 -32.47 -24.69
N SER C 649 17.97 -32.94 -25.81
CA SER C 649 18.05 -32.17 -27.05
C SER C 649 16.69 -31.90 -27.70
N LEU C 650 15.68 -32.77 -27.47
CA LEU C 650 14.36 -32.58 -28.07
C LEU C 650 13.58 -31.43 -27.41
N THR C 651 14.06 -30.90 -26.25
CA THR C 651 13.42 -29.79 -25.54
C THR C 651 13.72 -28.42 -26.22
N ILE C 652 14.76 -28.35 -27.07
CA ILE C 652 15.16 -27.13 -27.79
C ILE C 652 14.41 -27.09 -29.12
N PRO C 653 13.51 -26.08 -29.32
CA PRO C 653 12.69 -26.05 -30.54
C PRO C 653 13.45 -25.99 -31.86
N ASN C 654 14.58 -25.26 -31.93
CA ASN C 654 15.33 -25.13 -33.18
C ASN C 654 16.59 -26.02 -33.22
N CYS C 655 16.57 -27.12 -32.48
CA CYS C 655 17.61 -28.14 -32.51
C CYS C 655 17.06 -29.36 -33.28
N ILE C 656 17.76 -29.76 -34.34
CA ILE C 656 17.36 -30.92 -35.14
C ILE C 656 18.26 -32.09 -34.73
N SER C 657 17.68 -33.13 -34.08
CA SER C 657 18.45 -34.26 -33.57
C SER C 657 18.33 -35.55 -34.40
N TYR C 658 19.48 -36.18 -34.65
CA TYR C 658 19.60 -37.43 -35.38
C TYR C 658 20.46 -38.43 -34.62
N ASP C 659 20.17 -39.73 -34.78
CA ASP C 659 20.95 -40.84 -34.21
C ASP C 659 21.18 -41.85 -35.35
N PRO C 660 22.10 -41.53 -36.30
CA PRO C 660 22.30 -42.42 -37.43
C PRO C 660 22.98 -43.72 -37.05
N ALA C 661 22.65 -44.78 -37.77
CA ALA C 661 23.21 -46.12 -37.59
C ALA C 661 24.33 -46.37 -38.61
N TYR C 662 24.19 -45.86 -39.86
CA TYR C 662 25.16 -46.10 -40.93
C TYR C 662 25.88 -44.83 -41.43
N ALA C 663 27.03 -45.05 -42.09
CA ALA C 663 27.89 -44.01 -42.63
C ALA C 663 27.19 -43.16 -43.69
N TYR C 664 26.40 -43.77 -44.60
CA TYR C 664 25.68 -43.03 -45.64
C TYR C 664 24.62 -42.10 -45.02
N GLU C 665 24.00 -42.53 -43.88
CA GLU C 665 23.01 -41.74 -43.16
C GLU C 665 23.66 -40.45 -42.66
N VAL C 666 24.89 -40.55 -42.10
CA VAL C 666 25.69 -39.42 -41.61
C VAL C 666 25.89 -38.41 -42.74
N ALA C 667 26.36 -38.89 -43.92
CA ALA C 667 26.60 -38.06 -45.11
C ALA C 667 25.34 -37.30 -45.55
N VAL C 668 24.18 -38.00 -45.66
CA VAL C 668 22.89 -37.43 -46.06
C VAL C 668 22.42 -36.35 -45.04
N ILE C 669 22.56 -36.64 -43.72
CA ILE C 669 22.15 -35.74 -42.64
C ILE C 669 23.03 -34.49 -42.63
N MET C 670 24.36 -34.67 -42.70
CA MET C 670 25.33 -33.56 -42.68
C MET C 670 25.18 -32.68 -43.92
N HIS C 671 24.93 -33.28 -45.10
CA HIS C 671 24.71 -32.53 -46.34
C HIS C 671 23.43 -31.67 -46.23
N ASP C 672 22.32 -32.28 -45.77
CA ASP C 672 21.03 -31.60 -45.62
C ASP C 672 21.13 -30.43 -44.64
N GLY C 673 21.81 -30.65 -43.51
CA GLY C 673 22.01 -29.62 -42.48
C GLY C 673 22.71 -28.41 -43.04
N LEU C 674 23.80 -28.64 -43.77
CA LEU C 674 24.60 -27.65 -44.45
C LEU C 674 23.75 -26.85 -45.42
N GLU C 675 22.97 -27.54 -46.27
CA GLU C 675 22.09 -26.93 -47.27
C GLU C 675 20.99 -26.07 -46.61
N ARG C 676 20.33 -26.59 -45.56
CA ARG C 676 19.25 -25.91 -44.83
C ARG C 676 19.74 -24.62 -44.15
N MET C 677 20.86 -24.70 -43.41
CA MET C 677 21.43 -23.61 -42.62
C MET C 677 22.29 -22.63 -43.42
N TYR C 678 23.20 -23.13 -44.27
CA TYR C 678 24.13 -22.27 -45.00
C TYR C 678 23.88 -22.21 -46.50
N GLY C 679 22.77 -22.79 -46.94
CA GLY C 679 22.30 -22.69 -48.32
C GLY C 679 21.43 -21.46 -48.44
N GLU C 680 20.70 -21.31 -49.55
CA GLU C 680 19.85 -20.14 -49.77
C GLU C 680 18.63 -20.08 -48.81
N LYS C 681 18.19 -21.23 -48.28
CA LYS C 681 17.06 -21.32 -47.34
C LYS C 681 17.34 -20.52 -46.06
N GLN C 682 18.59 -20.56 -45.56
CA GLN C 682 19.09 -19.89 -44.36
C GLN C 682 18.12 -20.11 -43.19
N GLU C 683 18.02 -21.39 -42.76
CA GLU C 683 17.15 -21.84 -41.69
C GLU C 683 17.80 -21.60 -40.34
N ASN C 684 17.10 -20.86 -39.46
CA ASN C 684 17.60 -20.57 -38.13
C ASN C 684 17.34 -21.79 -37.26
N VAL C 685 18.22 -22.78 -37.43
CA VAL C 685 18.17 -24.09 -36.81
C VAL C 685 19.61 -24.58 -36.63
N TYR C 686 19.86 -25.48 -35.65
CA TYR C 686 21.18 -26.09 -35.47
C TYR C 686 20.98 -27.59 -35.30
N TYR C 687 21.99 -28.36 -35.67
CA TYR C 687 21.94 -29.82 -35.72
C TYR C 687 22.64 -30.49 -34.54
N TYR C 688 22.09 -31.64 -34.13
CA TYR C 688 22.67 -32.52 -33.11
C TYR C 688 22.70 -33.93 -33.65
N ILE C 689 23.90 -34.45 -33.90
CA ILE C 689 24.11 -35.79 -34.45
C ILE C 689 24.92 -36.60 -33.44
N THR C 690 24.36 -37.73 -32.97
CA THR C 690 25.10 -38.63 -32.07
C THR C 690 25.88 -39.59 -32.92
N THR C 691 27.18 -39.72 -32.64
CA THR C 691 28.07 -40.62 -33.39
C THR C 691 28.62 -41.67 -32.41
N LEU C 692 29.15 -42.78 -32.95
CA LEU C 692 29.58 -43.93 -32.14
C LEU C 692 31.06 -44.30 -32.29
N ASN C 693 31.58 -45.03 -31.29
CA ASN C 693 32.96 -45.49 -31.24
C ASN C 693 33.07 -47.01 -31.56
N GLU C 694 31.95 -47.61 -32.05
CA GLU C 694 31.89 -49.03 -32.40
C GLU C 694 31.94 -49.20 -33.92
N ASN C 695 32.77 -50.14 -34.38
CA ASN C 695 32.91 -50.45 -35.79
C ASN C 695 32.05 -51.65 -36.15
N TYR C 696 31.35 -51.56 -37.29
CA TYR C 696 30.54 -52.65 -37.82
C TYR C 696 30.37 -52.48 -39.34
N HIS C 697 29.74 -53.46 -40.02
CA HIS C 697 29.53 -53.39 -41.46
C HIS C 697 28.68 -52.21 -41.82
N MET C 698 29.16 -51.42 -42.79
CA MET C 698 28.45 -50.26 -43.29
C MET C 698 28.00 -50.52 -44.73
N PRO C 699 26.70 -50.86 -44.93
CA PRO C 699 26.21 -51.15 -46.29
C PRO C 699 26.04 -49.88 -47.13
N ALA C 700 25.78 -50.05 -48.43
CA ALA C 700 25.54 -48.96 -49.36
C ALA C 700 24.15 -48.35 -49.12
N MET C 701 23.95 -47.09 -49.55
CA MET C 701 22.68 -46.39 -49.41
C MET C 701 21.63 -46.98 -50.36
N PRO C 702 20.44 -47.38 -49.84
CA PRO C 702 19.39 -47.87 -50.75
C PRO C 702 18.92 -46.77 -51.69
N GLU C 703 18.57 -47.13 -52.93
CA GLU C 703 18.11 -46.18 -53.95
C GLU C 703 16.87 -45.41 -53.44
N GLY C 704 16.98 -44.08 -53.43
CA GLY C 704 15.90 -43.18 -53.02
C GLY C 704 15.63 -43.02 -51.53
N ALA C 705 16.56 -43.49 -50.67
CA ALA C 705 16.43 -43.41 -49.21
C ALA C 705 16.69 -42.00 -48.64
N GLU C 706 17.24 -41.07 -49.47
CA GLU C 706 17.58 -39.70 -49.08
C GLU C 706 16.46 -39.00 -48.32
N GLU C 707 15.21 -39.01 -48.85
CA GLU C 707 14.06 -38.38 -48.21
C GLU C 707 13.77 -39.01 -46.83
N GLY C 708 13.77 -40.35 -46.79
CA GLY C 708 13.56 -41.15 -45.59
C GLY C 708 14.62 -40.98 -44.50
N ILE C 709 15.89 -40.70 -44.90
CA ILE C 709 16.99 -40.45 -43.94
C ILE C 709 16.73 -39.09 -43.29
N ARG C 710 16.49 -38.06 -44.15
CA ARG C 710 16.19 -36.66 -43.82
C ARG C 710 14.96 -36.52 -42.93
N LYS C 711 13.86 -37.24 -43.24
CA LYS C 711 12.59 -37.12 -42.51
C LYS C 711 12.56 -37.92 -41.19
N GLY C 712 13.35 -38.99 -41.08
CA GLY C 712 13.43 -39.75 -39.84
C GLY C 712 13.28 -41.25 -39.88
N ILE C 713 12.70 -41.82 -40.97
CA ILE C 713 12.48 -43.27 -41.07
C ILE C 713 12.42 -43.72 -42.52
N TYR C 714 12.85 -44.97 -42.78
CA TYR C 714 12.77 -45.61 -44.10
C TYR C 714 12.87 -47.15 -43.95
N LYS C 715 12.13 -47.88 -44.80
CA LYS C 715 12.14 -49.35 -44.82
C LYS C 715 13.46 -49.82 -45.41
N LEU C 716 14.24 -50.56 -44.62
CA LEU C 716 15.53 -51.10 -45.04
C LEU C 716 15.38 -52.38 -45.81
N GLU C 717 14.52 -53.28 -45.31
CA GLU C 717 14.35 -54.64 -45.81
C GLU C 717 12.99 -55.21 -45.46
N THR C 718 12.58 -56.24 -46.21
CA THR C 718 11.39 -57.05 -45.98
C THR C 718 11.86 -58.49 -46.03
N ILE C 719 11.78 -59.19 -44.90
CA ILE C 719 12.19 -60.57 -44.78
C ILE C 719 10.93 -61.43 -44.79
N GLU C 720 10.93 -62.48 -45.62
CA GLU C 720 9.79 -63.37 -45.80
C GLU C 720 9.61 -64.33 -44.62
N GLY C 721 8.35 -64.60 -44.28
CA GLY C 721 7.96 -65.49 -43.19
C GLY C 721 6.50 -65.88 -43.24
N SER C 722 6.25 -67.20 -43.33
CA SER C 722 4.93 -67.82 -43.43
C SER C 722 4.14 -67.95 -42.11
N LYS C 723 4.83 -67.92 -40.94
CA LYS C 723 4.19 -68.13 -39.63
C LYS C 723 3.65 -66.83 -38.97
N GLY C 724 3.97 -65.67 -39.56
CA GLY C 724 3.53 -64.37 -39.06
C GLY C 724 4.33 -63.20 -39.58
N LYS C 725 3.89 -61.96 -39.27
CA LYS C 725 4.58 -60.74 -39.72
C LYS C 725 4.64 -59.70 -38.60
N VAL C 726 5.83 -59.06 -38.44
CA VAL C 726 6.11 -58.01 -37.46
C VAL C 726 6.84 -56.84 -38.15
N GLN C 727 6.93 -55.70 -37.44
CA GLN C 727 7.65 -54.49 -37.85
C GLN C 727 8.77 -54.25 -36.84
N LEU C 728 10.03 -54.14 -37.30
CA LEU C 728 11.13 -53.94 -36.35
C LEU C 728 11.86 -52.63 -36.65
N LEU C 729 11.94 -51.77 -35.61
CA LEU C 729 12.54 -50.43 -35.64
C LEU C 729 13.81 -50.36 -34.77
N GLY C 730 14.84 -49.72 -35.29
CA GLY C 730 16.11 -49.53 -34.58
C GLY C 730 16.83 -48.29 -35.04
N SER C 731 17.78 -47.80 -34.22
CA SER C 731 18.61 -46.61 -34.50
C SER C 731 19.97 -46.75 -33.84
N GLY C 732 20.96 -46.05 -34.37
CA GLY C 732 22.31 -46.05 -33.84
C GLY C 732 22.97 -47.42 -33.87
N SER C 733 23.70 -47.75 -32.80
CA SER C 733 24.42 -49.02 -32.65
C SER C 733 23.51 -50.23 -32.47
N ILE C 734 22.28 -50.02 -31.98
CA ILE C 734 21.31 -51.09 -31.72
C ILE C 734 20.57 -51.56 -33.00
N LEU C 735 20.62 -50.78 -34.12
CA LEU C 735 19.95 -51.20 -35.36
C LEU C 735 20.45 -52.58 -35.83
N ARG C 736 21.79 -52.78 -35.88
CA ARG C 736 22.37 -54.06 -36.31
C ARG C 736 21.92 -55.24 -35.44
N HIS C 737 21.63 -54.98 -34.14
CA HIS C 737 21.18 -56.01 -33.20
C HIS C 737 19.70 -56.33 -33.45
N VAL C 738 18.92 -55.34 -33.93
CA VAL C 738 17.49 -55.55 -34.28
C VAL C 738 17.45 -56.31 -35.63
N ARG C 739 18.38 -56.00 -36.58
CA ARG C 739 18.54 -56.66 -37.88
C ARG C 739 18.95 -58.13 -37.67
N GLU C 740 19.76 -58.41 -36.61
CA GLU C 740 20.20 -59.76 -36.17
C GLU C 740 18.98 -60.54 -35.66
N ALA C 741 18.10 -59.85 -34.90
CA ALA C 741 16.85 -60.36 -34.35
C ALA C 741 15.81 -60.60 -35.43
N ALA C 742 15.96 -59.94 -36.60
CA ALA C 742 15.08 -60.07 -37.76
C ALA C 742 15.39 -61.38 -38.49
N GLU C 743 16.67 -61.79 -38.49
CA GLU C 743 17.16 -63.03 -39.09
C GLU C 743 16.77 -64.23 -38.22
N ILE C 744 16.85 -64.07 -36.88
CA ILE C 744 16.48 -65.10 -35.87
C ILE C 744 14.98 -65.37 -35.95
N LEU C 745 14.14 -64.29 -36.04
CA LEU C 745 12.68 -64.38 -36.15
C LEU C 745 12.24 -65.16 -37.41
N ALA C 746 12.97 -64.98 -38.53
CA ALA C 746 12.72 -65.62 -39.82
C ALA C 746 13.23 -67.07 -39.88
N LYS C 747 14.51 -67.30 -39.51
CA LYS C 747 15.13 -68.63 -39.58
C LYS C 747 14.58 -69.59 -38.53
N ASP C 748 14.56 -69.18 -37.27
CA ASP C 748 14.14 -70.04 -36.16
C ASP C 748 12.63 -70.09 -35.92
N TYR C 749 11.89 -69.00 -36.20
CA TYR C 749 10.47 -69.02 -35.89
C TYR C 749 9.54 -68.85 -37.11
N GLY C 750 10.10 -68.61 -38.29
CA GLY C 750 9.34 -68.43 -39.53
C GLY C 750 8.52 -67.17 -39.57
N VAL C 751 8.94 -66.14 -38.80
CA VAL C 751 8.28 -64.85 -38.68
C VAL C 751 8.95 -63.85 -39.62
N GLY C 752 8.17 -63.34 -40.56
CA GLY C 752 8.59 -62.34 -41.54
C GLY C 752 8.55 -60.94 -40.96
N SER C 753 9.32 -60.00 -41.50
CA SER C 753 9.35 -58.65 -40.94
C SER C 753 9.71 -57.55 -41.93
N ASP C 754 9.31 -56.31 -41.57
CA ASP C 754 9.65 -55.06 -42.25
C ASP C 754 10.65 -54.34 -41.33
N VAL C 755 11.95 -54.31 -41.72
CA VAL C 755 13.03 -53.72 -40.89
C VAL C 755 13.19 -52.24 -41.29
N TYR C 756 13.17 -51.34 -40.28
CA TYR C 756 13.25 -49.88 -40.46
C TYR C 756 14.42 -49.25 -39.70
N SER C 757 15.17 -48.37 -40.39
CA SER C 757 16.23 -47.56 -39.79
C SER C 757 15.61 -46.23 -39.41
N VAL C 758 15.54 -45.94 -38.11
CA VAL C 758 14.96 -44.69 -37.62
C VAL C 758 16.12 -43.70 -37.36
N THR C 759 16.36 -42.78 -38.31
CA THR C 759 17.42 -41.77 -38.23
C THR C 759 17.08 -40.67 -37.20
N SER C 760 15.77 -40.40 -36.95
CA SER C 760 15.34 -39.40 -35.98
C SER C 760 13.95 -39.68 -35.44
N PHE C 761 13.86 -40.23 -34.21
CA PHE C 761 12.55 -40.47 -33.58
C PHE C 761 11.89 -39.14 -33.22
N THR C 762 12.71 -38.13 -32.90
CA THR C 762 12.29 -36.78 -32.50
C THR C 762 11.63 -36.06 -33.67
N GLU C 763 12.26 -36.05 -34.86
CA GLU C 763 11.69 -35.38 -36.04
C GLU C 763 10.38 -36.04 -36.47
N LEU C 764 10.25 -37.37 -36.24
CA LEU C 764 9.03 -38.12 -36.54
C LEU C 764 7.93 -37.78 -35.55
N ALA C 765 8.28 -37.61 -34.24
CA ALA C 765 7.31 -37.23 -33.22
C ALA C 765 6.82 -35.81 -33.48
N ARG C 766 7.74 -34.87 -33.82
CA ARG C 766 7.42 -33.48 -34.15
C ARG C 766 6.49 -33.42 -35.37
N ASP C 767 6.79 -34.19 -36.44
CA ASP C 767 5.97 -34.28 -37.65
C ASP C 767 4.55 -34.80 -37.30
N GLY C 768 4.48 -35.82 -36.44
CA GLY C 768 3.24 -36.40 -35.98
C GLY C 768 2.39 -35.41 -35.20
N GLN C 769 3.03 -34.70 -34.25
CA GLN C 769 2.42 -33.67 -33.41
C GLN C 769 1.86 -32.52 -34.26
N ASP C 770 2.58 -32.18 -35.35
CA ASP C 770 2.22 -31.12 -36.30
C ASP C 770 0.98 -31.49 -37.09
N CYS C 771 0.93 -32.73 -37.63
CA CYS C 771 -0.20 -33.25 -38.40
C CYS C 771 -1.44 -33.33 -37.53
N GLU C 772 -1.32 -33.84 -36.30
CA GLU C 772 -2.45 -33.94 -35.38
C GLU C 772 -2.94 -32.57 -34.92
N ARG C 773 -2.02 -31.59 -34.74
CA ARG C 773 -2.38 -30.21 -34.40
C ARG C 773 -3.21 -29.62 -35.54
N TRP C 774 -2.74 -29.82 -36.79
CA TRP C 774 -3.42 -29.35 -38.00
C TRP C 774 -4.81 -29.99 -38.08
N ASN C 775 -4.90 -31.33 -37.96
CA ASN C 775 -6.16 -32.10 -38.01
C ASN C 775 -7.17 -31.60 -36.98
N MET C 776 -6.69 -31.23 -35.77
CA MET C 776 -7.53 -30.70 -34.71
C MET C 776 -8.14 -29.35 -35.11
N LEU C 777 -7.30 -28.45 -35.65
CA LEU C 777 -7.66 -27.08 -36.05
C LEU C 777 -8.34 -27.01 -37.43
N HIS C 778 -8.44 -28.14 -38.19
CA HIS C 778 -9.11 -28.20 -39.50
C HIS C 778 -10.11 -29.38 -39.50
N PRO C 779 -11.21 -29.31 -38.68
CA PRO C 779 -12.15 -30.44 -38.60
C PRO C 779 -12.96 -30.71 -39.86
N LEU C 780 -13.03 -29.73 -40.78
CA LEU C 780 -13.82 -29.83 -42.01
C LEU C 780 -13.04 -30.45 -43.18
N GLU C 781 -11.70 -30.46 -43.12
CA GLU C 781 -10.84 -30.99 -44.18
C GLU C 781 -10.48 -32.47 -43.91
N THR C 782 -9.91 -33.16 -44.92
CA THR C 782 -9.46 -34.55 -44.81
C THR C 782 -8.20 -34.58 -43.93
N PRO C 783 -8.15 -35.47 -42.91
CA PRO C 783 -6.99 -35.49 -42.01
C PRO C 783 -5.67 -35.83 -42.70
N ARG C 784 -4.60 -35.18 -42.24
CA ARG C 784 -3.23 -35.37 -42.73
C ARG C 784 -2.62 -36.56 -42.00
N VAL C 785 -1.85 -37.37 -42.72
CA VAL C 785 -1.23 -38.58 -42.16
C VAL C 785 0.26 -38.33 -41.82
N PRO C 786 0.69 -38.56 -40.54
CA PRO C 786 2.11 -38.38 -40.20
C PRO C 786 3.03 -39.24 -41.06
N TYR C 787 4.24 -38.75 -41.38
CA TYR C 787 5.21 -39.45 -42.23
C TYR C 787 5.51 -40.88 -41.70
N ILE C 788 5.61 -41.07 -40.37
CA ILE C 788 5.87 -42.41 -39.82
C ILE C 788 4.69 -43.37 -40.18
N ALA C 789 3.43 -42.87 -40.11
CA ALA C 789 2.21 -43.63 -40.44
C ALA C 789 2.07 -43.89 -41.95
N GLN C 790 2.85 -43.16 -42.79
CA GLN C 790 2.91 -43.33 -44.24
C GLN C 790 3.91 -44.44 -44.61
N VAL C 791 5.07 -44.49 -43.91
CA VAL C 791 6.15 -45.46 -44.10
C VAL C 791 5.77 -46.83 -43.51
N MET C 792 5.29 -46.84 -42.25
CA MET C 792 4.90 -48.03 -41.49
C MET C 792 3.50 -48.55 -41.88
N ASN C 793 3.17 -49.78 -41.40
CA ASN C 793 1.88 -50.45 -41.59
C ASN C 793 1.26 -50.87 -40.23
N ASP C 794 0.17 -51.69 -40.26
CA ASP C 794 -0.61 -52.10 -39.08
C ASP C 794 -0.02 -53.30 -38.28
N ALA C 795 1.02 -53.99 -38.82
CA ALA C 795 1.65 -55.15 -38.20
C ALA C 795 2.26 -54.84 -36.81
N PRO C 796 2.14 -55.74 -35.79
CA PRO C 796 2.74 -55.46 -34.48
C PRO C 796 4.22 -55.07 -34.60
N ALA C 797 4.61 -53.97 -33.91
CA ALA C 797 5.97 -53.43 -34.02
C ALA C 797 6.77 -53.48 -32.72
N VAL C 798 8.10 -53.63 -32.86
CA VAL C 798 9.07 -53.61 -31.76
C VAL C 798 10.15 -52.60 -32.11
N ALA C 799 10.46 -51.69 -31.16
CA ALA C 799 11.50 -50.68 -31.34
C ALA C 799 12.56 -50.85 -30.25
N SER C 800 13.83 -50.70 -30.63
CA SER C 800 14.97 -50.80 -29.70
C SER C 800 16.07 -49.80 -30.09
N THR C 801 16.50 -49.01 -29.10
CA THR C 801 17.56 -47.99 -29.26
C THR C 801 18.57 -48.13 -28.12
N ASP C 802 19.67 -47.34 -28.17
CA ASP C 802 20.69 -47.30 -27.13
C ASP C 802 20.35 -46.24 -26.09
N TYR C 803 19.18 -45.60 -26.25
CA TYR C 803 18.63 -44.54 -25.42
C TYR C 803 17.41 -45.06 -24.65
N MET C 804 17.04 -44.38 -23.55
CA MET C 804 15.90 -44.75 -22.72
C MET C 804 14.62 -44.86 -23.57
N LYS C 805 13.71 -45.75 -23.13
CA LYS C 805 12.46 -46.11 -23.78
C LYS C 805 11.67 -44.92 -24.34
N LEU C 806 11.64 -43.78 -23.63
CA LEU C 806 10.90 -42.59 -24.10
C LEU C 806 11.34 -42.10 -25.49
N PHE C 807 12.62 -42.34 -25.87
CA PHE C 807 13.14 -41.94 -27.18
C PHE C 807 12.35 -42.60 -28.32
N ALA C 808 12.02 -43.89 -28.16
CA ALA C 808 11.26 -44.61 -29.16
C ALA C 808 9.75 -44.52 -28.89
N GLU C 809 9.35 -44.44 -27.62
CA GLU C 809 7.93 -44.36 -27.21
C GLU C 809 7.23 -43.07 -27.64
N GLN C 810 8.01 -41.98 -27.87
CA GLN C 810 7.51 -40.65 -28.22
C GLN C 810 6.69 -40.63 -29.55
N VAL C 811 6.87 -41.63 -30.41
CA VAL C 811 6.13 -41.71 -31.68
C VAL C 811 4.85 -42.59 -31.54
N ARG C 812 4.59 -43.20 -30.35
CA ARG C 812 3.47 -44.12 -30.12
C ARG C 812 2.15 -43.68 -30.80
N THR C 813 1.65 -42.46 -30.49
CA THR C 813 0.38 -41.94 -31.02
C THR C 813 0.30 -42.03 -32.55
N TYR C 814 1.45 -41.88 -33.24
CA TYR C 814 1.57 -41.80 -34.70
C TYR C 814 1.95 -43.14 -35.38
N VAL C 815 2.25 -44.18 -34.59
CA VAL C 815 2.58 -45.53 -35.10
C VAL C 815 1.24 -46.22 -35.44
N PRO C 816 1.02 -46.63 -36.73
CA PRO C 816 -0.29 -47.18 -37.11
C PRO C 816 -0.60 -48.64 -36.68
N ALA C 817 0.22 -49.25 -35.80
CA ALA C 817 0.01 -50.62 -35.33
C ALA C 817 -0.77 -50.67 -33.99
N ASP C 818 -1.51 -51.77 -33.74
CA ASP C 818 -2.26 -51.99 -32.49
C ASP C 818 -1.29 -52.15 -31.31
N ASP C 819 -0.16 -52.88 -31.54
CA ASP C 819 0.89 -53.13 -30.54
C ASP C 819 2.20 -52.48 -30.98
N TYR C 820 2.84 -51.74 -30.06
CA TYR C 820 4.12 -51.08 -30.28
C TYR C 820 4.93 -51.18 -28.99
N ARG C 821 5.79 -52.21 -28.94
CA ARG C 821 6.65 -52.52 -27.80
C ARG C 821 7.99 -51.84 -27.97
N VAL C 822 8.42 -51.12 -26.92
CA VAL C 822 9.65 -50.34 -26.93
C VAL C 822 10.65 -50.90 -25.92
N LEU C 823 11.87 -51.14 -26.40
CA LEU C 823 13.03 -51.57 -25.62
C LEU C 823 13.99 -50.41 -25.52
N GLY C 824 14.50 -50.17 -24.32
CA GLY C 824 15.38 -49.03 -24.07
C GLY C 824 16.35 -49.23 -22.93
N THR C 825 17.37 -48.35 -22.87
CA THR C 825 18.45 -48.39 -21.89
C THR C 825 18.16 -47.48 -20.68
N ASP C 826 16.96 -47.59 -20.08
CA ASP C 826 16.61 -46.85 -18.87
C ASP C 826 17.47 -47.37 -17.71
N GLY C 827 17.90 -46.45 -16.84
CA GLY C 827 18.73 -46.78 -15.68
C GLY C 827 20.14 -46.26 -15.78
N PHE C 828 20.86 -46.25 -14.64
CA PHE C 828 22.23 -45.78 -14.60
C PHE C 828 23.18 -46.76 -15.26
N GLY C 829 24.13 -46.21 -16.02
CA GLY C 829 25.15 -47.00 -16.71
C GLY C 829 26.15 -47.64 -15.75
N ARG C 830 26.87 -48.64 -16.25
CA ARG C 830 27.87 -49.39 -15.49
C ARG C 830 28.93 -49.95 -16.43
N SER C 831 30.07 -50.37 -15.90
CA SER C 831 31.19 -50.87 -16.68
C SER C 831 31.07 -52.37 -16.97
N ASP C 832 31.13 -52.74 -18.27
CA ASP C 832 31.15 -54.14 -18.76
C ASP C 832 31.39 -54.16 -20.27
N SER C 833 31.30 -55.36 -20.89
CA SER C 833 31.42 -55.52 -22.34
C SER C 833 30.14 -55.02 -23.00
N ARG C 834 30.19 -54.70 -24.30
CA ARG C 834 29.00 -54.23 -25.03
C ARG C 834 27.91 -55.33 -25.01
N GLU C 835 28.32 -56.62 -25.10
CA GLU C 835 27.44 -57.79 -25.07
C GLU C 835 26.68 -57.91 -23.74
N ASN C 836 27.42 -57.80 -22.61
CA ASN C 836 26.85 -57.88 -21.26
C ASN C 836 25.94 -56.70 -20.95
N LEU C 837 26.29 -55.48 -21.40
CA LEU C 837 25.48 -54.29 -21.17
C LEU C 837 24.17 -54.36 -21.98
N ARG C 838 24.25 -54.81 -23.25
CA ARG C 838 23.10 -54.94 -24.14
C ARG C 838 22.11 -55.98 -23.60
N HIS C 839 22.59 -57.00 -22.85
CA HIS C 839 21.69 -57.97 -22.21
C HIS C 839 21.11 -57.34 -20.93
N HIS C 840 21.95 -56.65 -20.14
CA HIS C 840 21.52 -55.99 -18.90
C HIS C 840 20.44 -54.94 -19.16
N PHE C 841 20.66 -54.04 -20.14
CA PHE C 841 19.72 -52.98 -20.48
C PHE C 841 18.57 -53.48 -21.37
N GLU C 842 18.56 -54.80 -21.65
CA GLU C 842 17.51 -55.53 -22.36
C GLU C 842 17.16 -54.91 -23.72
N VAL C 843 18.18 -54.77 -24.58
CA VAL C 843 18.03 -54.14 -25.91
C VAL C 843 18.61 -55.00 -27.06
N ASP C 844 19.31 -56.12 -26.75
CA ASP C 844 19.94 -57.00 -27.76
C ASP C 844 18.92 -57.78 -28.60
N ALA C 845 19.43 -58.56 -29.60
CA ALA C 845 18.63 -59.38 -30.50
C ALA C 845 17.67 -60.31 -29.74
N SER C 846 18.16 -60.94 -28.65
CA SER C 846 17.41 -61.88 -27.81
C SER C 846 16.14 -61.25 -27.21
N TYR C 847 16.22 -59.98 -26.75
CA TYR C 847 15.08 -59.26 -26.17
C TYR C 847 14.11 -58.76 -27.25
N VAL C 848 14.61 -58.46 -28.47
CA VAL C 848 13.79 -58.00 -29.60
C VAL C 848 12.91 -59.17 -30.08
N VAL C 849 13.53 -60.38 -30.17
CA VAL C 849 12.89 -61.62 -30.59
C VAL C 849 11.75 -61.96 -29.59
N VAL C 850 12.03 -61.97 -28.26
CA VAL C 850 11.05 -62.27 -27.18
C VAL C 850 9.89 -61.23 -27.18
N ALA C 851 10.19 -59.96 -27.50
CA ALA C 851 9.19 -58.89 -27.56
C ALA C 851 8.25 -59.10 -28.76
N ALA C 852 8.81 -59.53 -29.91
CA ALA C 852 8.08 -59.78 -31.15
C ALA C 852 7.18 -61.00 -31.04
N LEU C 853 7.72 -62.14 -30.55
CA LEU C 853 6.96 -63.39 -30.37
C LEU C 853 5.79 -63.18 -29.40
N GLY C 854 6.02 -62.40 -28.34
CA GLY C 854 5.03 -62.07 -27.32
C GLY C 854 3.79 -61.38 -27.86
N GLU C 855 3.96 -60.54 -28.92
CA GLU C 855 2.87 -59.81 -29.60
C GLU C 855 2.02 -60.77 -30.41
N LEU C 856 2.69 -61.68 -31.17
CA LEU C 856 2.07 -62.69 -32.02
C LEU C 856 1.33 -63.72 -31.18
N ALA C 857 1.82 -64.02 -29.96
CA ALA C 857 1.18 -64.94 -29.03
C ALA C 857 -0.11 -64.33 -28.48
N LYS C 858 -0.12 -63.00 -28.25
CA LYS C 858 -1.29 -62.23 -27.80
C LYS C 858 -2.36 -62.24 -28.91
N ARG C 859 -1.92 -62.11 -30.18
CA ARG C 859 -2.75 -62.14 -31.38
C ARG C 859 -3.25 -63.55 -31.69
N GLY C 860 -2.68 -64.54 -31.00
CA GLY C 860 -3.02 -65.96 -31.16
C GLY C 860 -2.38 -66.62 -32.36
N GLU C 861 -1.46 -65.90 -33.05
CA GLU C 861 -0.75 -66.39 -34.24
C GLU C 861 0.27 -67.49 -33.88
N ILE C 862 0.83 -67.46 -32.66
CA ILE C 862 1.77 -68.45 -32.12
C ILE C 862 1.37 -68.80 -30.68
N ASP C 863 1.82 -69.96 -30.19
CA ASP C 863 1.53 -70.41 -28.83
C ASP C 863 2.34 -69.59 -27.81
N LYS C 864 1.77 -69.40 -26.59
CA LYS C 864 2.41 -68.68 -25.49
C LYS C 864 3.67 -69.41 -25.01
N LYS C 865 3.72 -70.76 -25.19
CA LYS C 865 4.85 -71.63 -24.81
C LYS C 865 6.11 -71.30 -25.63
N VAL C 866 5.97 -70.88 -26.92
CA VAL C 866 7.08 -70.53 -27.82
C VAL C 866 7.88 -69.37 -27.19
N VAL C 867 7.15 -68.33 -26.71
CA VAL C 867 7.70 -67.13 -26.07
C VAL C 867 8.44 -67.51 -24.78
N ALA C 868 7.82 -68.32 -23.88
CA ALA C 868 8.44 -68.76 -22.62
C ALA C 868 9.66 -69.66 -22.87
N ASP C 869 9.64 -70.45 -23.98
CA ASP C 869 10.76 -71.30 -24.38
C ASP C 869 11.92 -70.42 -24.87
N ALA C 870 11.61 -69.34 -25.65
CA ALA C 870 12.60 -68.40 -26.16
C ALA C 870 13.35 -67.68 -25.01
N ILE C 871 12.61 -67.25 -23.96
CA ILE C 871 13.17 -66.60 -22.76
C ILE C 871 14.27 -67.50 -22.16
N ALA C 872 13.98 -68.81 -22.00
CA ALA C 872 14.93 -69.79 -21.48
C ALA C 872 16.10 -70.00 -22.45
N LYS C 873 15.78 -70.24 -23.75
CA LYS C 873 16.73 -70.46 -24.85
C LYS C 873 17.77 -69.33 -24.95
N PHE C 874 17.32 -68.06 -24.82
CA PHE C 874 18.16 -66.87 -24.94
C PHE C 874 18.77 -66.40 -23.60
N ASN C 875 18.65 -67.24 -22.54
CA ASN C 875 19.17 -66.98 -21.19
C ASN C 875 18.70 -65.63 -20.65
N ILE C 876 17.38 -65.36 -20.74
CA ILE C 876 16.79 -64.12 -20.24
C ILE C 876 16.21 -64.36 -18.84
N ASP C 877 16.68 -63.56 -17.85
CA ASP C 877 16.16 -63.64 -16.48
C ASP C 877 14.93 -62.75 -16.42
N ALA C 878 13.74 -63.37 -16.50
CA ALA C 878 12.45 -62.69 -16.50
C ALA C 878 12.15 -61.96 -15.20
N ASP C 879 12.82 -62.34 -14.08
CA ASP C 879 12.56 -61.75 -12.76
C ASP C 879 13.73 -60.90 -12.22
N LYS C 880 14.69 -60.51 -13.08
CA LYS C 880 15.79 -59.62 -12.68
C LYS C 880 15.20 -58.23 -12.45
N VAL C 881 15.82 -57.41 -11.59
CA VAL C 881 15.35 -56.05 -11.29
C VAL C 881 15.35 -55.20 -12.56
N ASN C 882 14.33 -54.29 -12.68
CA ASN C 882 14.19 -53.34 -13.79
C ASN C 882 15.50 -52.55 -13.91
N PRO C 883 16.17 -52.56 -15.09
CA PRO C 883 17.43 -51.83 -15.24
C PRO C 883 17.40 -50.39 -14.69
N ARG C 884 16.22 -49.71 -14.69
CA ARG C 884 16.05 -48.37 -14.15
C ARG C 884 16.32 -48.34 -12.65
N LEU C 885 15.94 -49.41 -11.94
CA LEU C 885 16.08 -49.56 -10.49
C LEU C 885 17.38 -50.24 -10.09
N ALA C 886 18.07 -50.93 -11.04
CA ALA C 886 19.34 -51.64 -10.81
C ALA C 886 20.48 -50.69 -10.43
N ASP D 7 64.47 -10.42 -8.13
CA ASP D 7 64.28 -9.61 -9.33
C ASP D 7 64.83 -8.17 -9.13
N VAL D 8 64.98 -7.43 -10.25
CA VAL D 8 65.43 -6.03 -10.38
C VAL D 8 66.88 -5.89 -9.87
N ASP D 9 67.06 -5.86 -8.53
CA ASP D 9 68.35 -5.73 -7.84
C ASP D 9 68.24 -6.53 -6.52
N PRO D 10 68.58 -7.86 -6.53
CA PRO D 10 68.43 -8.68 -5.31
C PRO D 10 69.36 -8.28 -4.16
N ILE D 11 70.37 -7.43 -4.44
CA ILE D 11 71.33 -6.93 -3.45
C ILE D 11 70.59 -5.99 -2.49
N GLU D 12 69.75 -5.10 -3.06
CA GLU D 12 68.93 -4.11 -2.35
C GLU D 12 67.81 -4.77 -1.53
N THR D 13 67.10 -5.76 -2.11
CA THR D 13 66.02 -6.51 -1.43
C THR D 13 66.58 -7.23 -0.17
N ARG D 14 67.80 -7.83 -0.30
CA ARG D 14 68.52 -8.53 0.77
C ARG D 14 68.78 -7.57 1.95
N ASP D 15 69.16 -6.31 1.65
CA ASP D 15 69.41 -5.24 2.63
C ASP D 15 68.14 -4.88 3.41
N TRP D 16 66.98 -4.80 2.69
CA TRP D 16 65.65 -4.48 3.21
C TRP D 16 65.12 -5.58 4.14
N LEU D 17 65.28 -6.86 3.74
CA LEU D 17 64.82 -8.04 4.47
C LEU D 17 65.68 -8.29 5.72
N GLN D 18 67.00 -8.01 5.64
CA GLN D 18 67.93 -8.15 6.76
C GLN D 18 67.72 -7.06 7.80
N ALA D 19 67.31 -5.86 7.34
CA ALA D 19 67.05 -4.69 8.19
C ALA D 19 65.84 -4.89 9.10
N ILE D 20 64.72 -5.48 8.60
CA ILE D 20 63.53 -5.76 9.44
C ILE D 20 63.81 -6.89 10.43
N GLU D 21 64.48 -7.97 9.96
CA GLU D 21 64.86 -9.16 10.72
C GLU D 21 65.71 -8.79 11.96
N SER D 22 66.60 -7.79 11.80
CA SER D 22 67.46 -7.26 12.87
C SER D 22 66.59 -6.57 13.94
N VAL D 23 65.63 -5.71 13.49
CA VAL D 23 64.70 -4.98 14.37
C VAL D 23 63.80 -6.00 15.10
N ILE D 24 63.23 -7.00 14.38
CA ILE D 24 62.37 -8.07 14.91
C ILE D 24 63.01 -8.74 16.16
N ARG D 25 64.28 -9.21 16.07
CA ARG D 25 64.95 -9.88 17.20
C ARG D 25 65.45 -8.87 18.23
N GLU D 26 66.25 -7.87 17.80
CA GLU D 26 66.82 -6.84 18.65
C GLU D 26 65.81 -5.69 18.82
N GLU D 27 64.93 -5.79 19.85
CA GLU D 27 63.86 -4.84 20.21
C GLU D 27 62.83 -4.76 19.06
N GLY D 28 61.99 -5.80 18.94
CA GLY D 28 60.99 -5.87 17.88
C GLY D 28 59.66 -6.49 18.23
N VAL D 29 58.98 -7.07 17.21
CA VAL D 29 57.63 -7.68 17.25
C VAL D 29 56.60 -6.54 17.45
N GLU D 30 56.75 -5.76 18.54
CA GLU D 30 55.94 -4.58 18.88
C GLU D 30 56.47 -3.34 18.13
N ARG D 31 57.82 -3.16 18.12
CA ARG D 31 58.54 -2.08 17.43
C ARG D 31 58.48 -2.33 15.92
N ALA D 32 58.60 -3.61 15.50
CA ALA D 32 58.53 -4.06 14.11
C ALA D 32 57.15 -3.78 13.51
N GLN D 33 56.07 -3.98 14.29
CA GLN D 33 54.68 -3.73 13.90
C GLN D 33 54.42 -2.22 13.72
N TYR D 34 54.94 -1.37 14.65
CA TYR D 34 54.80 0.09 14.62
C TYR D 34 55.48 0.65 13.35
N LEU D 35 56.65 0.09 12.97
CA LEU D 35 57.42 0.48 11.79
C LEU D 35 56.73 0.04 10.49
N ILE D 36 56.15 -1.18 10.48
CA ILE D 36 55.42 -1.75 9.33
C ILE D 36 54.14 -0.91 9.06
N ASP D 37 53.42 -0.50 10.12
CA ASP D 37 52.21 0.34 9.97
C ASP D 37 52.60 1.78 9.55
N GLN D 38 53.80 2.27 9.96
CA GLN D 38 54.32 3.60 9.61
C GLN D 38 54.85 3.64 8.17
N LEU D 39 55.35 2.49 7.66
CA LEU D 39 55.88 2.36 6.29
C LEU D 39 54.72 2.37 5.28
N LEU D 40 53.69 1.50 5.51
CA LEU D 40 52.48 1.36 4.68
C LEU D 40 51.67 2.68 4.62
N ALA D 41 51.65 3.45 5.73
CA ALA D 41 50.97 4.75 5.82
C ALA D 41 51.77 5.86 5.10
N GLU D 42 53.12 5.73 5.04
CA GLU D 42 54.02 6.66 4.35
C GLU D 42 54.03 6.35 2.85
N ALA D 43 53.76 5.09 2.49
CA ALA D 43 53.74 4.69 1.09
C ALA D 43 52.55 5.28 0.35
N ARG D 44 51.63 5.89 1.11
CA ARG D 44 50.44 6.50 0.53
C ARG D 44 50.77 7.84 -0.10
N LYS D 45 52.05 8.18 -0.16
CA LYS D 45 52.49 9.44 -0.74
C LYS D 45 52.65 9.33 -2.25
N GLY D 46 51.79 8.53 -2.87
CA GLY D 46 51.82 8.34 -4.31
C GLY D 46 52.06 6.89 -4.70
N GLY D 47 52.23 6.04 -3.70
CA GLY D 47 52.46 4.62 -3.94
C GLY D 47 51.24 3.92 -4.51
N VAL D 48 50.52 3.21 -3.65
CA VAL D 48 49.33 2.48 -4.08
C VAL D 48 49.69 1.19 -4.81
N ASN D 49 49.82 1.28 -6.13
CA ASN D 49 50.16 0.12 -6.93
C ASN D 49 49.38 -1.12 -6.53
N GLY D 55 52.43 -11.21 -7.98
CA GLY D 55 51.60 -12.17 -7.26
C GLY D 55 52.02 -13.63 -7.38
N ILE D 56 53.08 -13.90 -8.17
CA ILE D 56 53.65 -15.23 -8.45
C ILE D 56 55.10 -15.26 -7.91
N SER D 57 55.44 -16.32 -7.14
CA SER D 57 56.75 -16.50 -6.51
C SER D 57 57.72 -17.27 -7.44
N ASN D 58 58.97 -17.48 -6.97
CA ASN D 58 60.00 -18.21 -7.72
C ASN D 58 59.56 -19.65 -8.02
N TYR D 59 60.06 -20.22 -9.13
CA TYR D 59 59.75 -21.57 -9.58
C TYR D 59 60.53 -22.63 -8.74
N ILE D 60 60.41 -22.53 -7.41
CA ILE D 60 61.04 -23.41 -6.42
C ILE D 60 60.00 -23.77 -5.36
N ASN D 61 60.34 -24.72 -4.46
CA ASN D 61 59.47 -25.15 -3.37
C ASN D 61 59.13 -23.98 -2.44
N THR D 62 57.87 -23.94 -1.99
CA THR D 62 57.40 -22.90 -1.06
C THR D 62 58.09 -23.11 0.30
N ILE D 63 58.21 -24.39 0.72
CA ILE D 63 58.78 -24.78 2.00
C ILE D 63 60.27 -25.11 1.83
N PRO D 64 61.18 -24.24 2.32
CA PRO D 64 62.62 -24.56 2.24
C PRO D 64 62.97 -25.68 3.24
N VAL D 65 64.07 -26.41 2.99
CA VAL D 65 64.53 -27.53 3.83
C VAL D 65 64.61 -27.14 5.30
N GLU D 66 65.05 -25.90 5.58
CA GLU D 66 65.21 -25.27 6.90
C GLU D 66 63.90 -25.35 7.73
N GLU D 67 62.73 -25.21 7.06
CA GLU D 67 61.40 -25.23 7.66
C GLU D 67 60.64 -26.54 7.42
N GLN D 68 61.31 -27.55 6.84
CA GLN D 68 60.72 -28.84 6.49
C GLN D 68 60.67 -29.76 7.71
N PRO D 69 59.50 -30.35 8.05
CA PRO D 69 59.46 -31.28 9.20
C PRO D 69 60.11 -32.62 8.89
N GLU D 70 60.55 -33.36 9.93
CA GLU D 70 61.14 -34.67 9.70
C GLU D 70 60.03 -35.63 9.32
N TYR D 71 60.29 -36.43 8.28
CA TYR D 71 59.34 -37.41 7.79
C TYR D 71 59.10 -38.50 8.87
N PRO D 72 57.84 -38.68 9.34
CA PRO D 72 57.58 -39.63 10.45
C PRO D 72 57.52 -41.10 10.06
N GLY D 73 57.41 -41.41 8.77
CA GLY D 73 57.30 -42.78 8.31
C GLY D 73 58.62 -43.48 8.00
N ASN D 74 58.53 -44.80 7.76
CA ASN D 74 59.64 -45.67 7.39
C ASN D 74 59.66 -45.70 5.86
N LEU D 75 60.42 -44.77 5.26
CA LEU D 75 60.52 -44.57 3.80
C LEU D 75 60.81 -45.85 3.01
N GLU D 76 61.73 -46.75 3.45
CA GLU D 76 62.00 -47.98 2.71
C GLU D 76 60.78 -48.92 2.74
N LEU D 77 60.15 -49.14 3.93
CA LEU D 77 58.96 -49.99 4.01
C LEU D 77 57.84 -49.45 3.14
N GLU D 78 57.65 -48.11 3.16
CA GLU D 78 56.62 -47.43 2.37
C GLU D 78 56.87 -47.58 0.87
N ARG D 79 58.15 -47.56 0.46
CA ARG D 79 58.60 -47.72 -0.93
C ARG D 79 58.24 -49.09 -1.45
N ARG D 80 58.36 -50.12 -0.59
CA ARG D 80 58.06 -51.52 -0.89
C ARG D 80 56.55 -51.74 -1.07
N ILE D 81 55.75 -51.13 -0.17
CA ILE D 81 54.29 -51.24 -0.18
C ILE D 81 53.77 -50.51 -1.42
N ARG D 82 54.31 -49.30 -1.71
CA ARG D 82 53.91 -48.46 -2.85
C ARG D 82 54.18 -49.17 -4.18
N SER D 83 55.29 -49.92 -4.30
CA SER D 83 55.62 -50.63 -5.53
C SER D 83 54.65 -51.76 -5.82
N ALA D 84 54.09 -52.41 -4.77
CA ALA D 84 53.09 -53.46 -4.90
C ALA D 84 51.76 -52.86 -5.33
N ILE D 85 51.42 -51.64 -4.81
CA ILE D 85 50.21 -50.91 -5.18
C ILE D 85 50.32 -50.53 -6.66
N ARG D 86 51.49 -49.98 -7.07
CA ARG D 86 51.78 -49.60 -8.46
C ARG D 86 51.60 -50.80 -9.40
N TRP D 87 52.20 -51.94 -9.04
CA TRP D 87 52.18 -53.17 -9.81
C TRP D 87 50.76 -53.73 -9.95
N ASN D 88 50.05 -53.96 -8.82
CA ASN D 88 48.68 -54.47 -8.86
C ASN D 88 47.72 -53.54 -9.65
N ALA D 89 47.95 -52.19 -9.62
CA ALA D 89 47.16 -51.25 -10.41
C ALA D 89 47.36 -51.50 -11.91
N ILE D 90 48.62 -51.67 -12.34
CA ILE D 90 48.98 -51.94 -13.73
C ILE D 90 48.45 -53.34 -14.15
N MET D 91 48.58 -54.35 -13.27
CA MET D 91 48.11 -55.73 -13.50
C MET D 91 46.59 -55.77 -13.73
N THR D 92 45.82 -55.00 -12.92
CA THR D 92 44.36 -54.94 -13.01
C THR D 92 43.93 -54.48 -14.41
N VAL D 93 44.52 -53.36 -14.89
CA VAL D 93 44.26 -52.74 -16.20
C VAL D 93 44.72 -53.66 -17.34
N LEU D 94 45.94 -54.23 -17.26
CA LEU D 94 46.47 -55.12 -18.30
C LEU D 94 45.67 -56.40 -18.44
N ARG D 95 45.20 -56.98 -17.32
CA ARG D 95 44.39 -58.19 -17.34
C ARG D 95 43.06 -57.93 -18.03
N ALA D 96 42.46 -56.73 -17.80
CA ALA D 96 41.21 -56.27 -18.43
C ALA D 96 41.41 -56.07 -19.94
N SER D 97 42.59 -55.57 -20.34
CA SER D 97 43.00 -55.32 -21.72
C SER D 97 43.12 -56.63 -22.52
N LYS D 98 43.66 -57.69 -21.86
CA LYS D 98 43.87 -59.03 -22.42
C LYS D 98 42.56 -59.64 -22.93
N LYS D 99 41.42 -59.28 -22.28
CA LYS D 99 40.07 -59.77 -22.59
C LYS D 99 39.61 -59.33 -23.98
N ASP D 100 40.15 -58.20 -24.49
CA ASP D 100 39.86 -57.61 -25.81
C ASP D 100 38.31 -57.38 -25.93
N LEU D 101 37.75 -56.64 -24.96
CA LEU D 101 36.32 -56.34 -24.87
C LEU D 101 36.06 -54.83 -24.79
N GLU D 102 37.11 -54.03 -25.13
CA GLU D 102 37.12 -52.56 -25.13
C GLU D 102 36.71 -52.04 -23.74
N LEU D 103 37.27 -52.65 -22.69
CA LEU D 103 36.93 -52.31 -21.32
C LEU D 103 37.52 -50.96 -20.89
N GLY D 104 38.79 -50.71 -21.23
CA GLY D 104 39.44 -49.45 -20.88
C GLY D 104 40.22 -49.49 -19.58
N GLY D 105 40.59 -48.32 -19.09
CA GLY D 105 41.36 -48.17 -17.86
C GLY D 105 42.65 -47.42 -18.07
N HIS D 106 43.05 -46.59 -17.08
CA HIS D 106 44.26 -45.75 -17.17
C HIS D 106 45.39 -46.28 -16.29
N MET D 107 46.64 -45.97 -16.67
CA MET D 107 47.83 -46.41 -15.94
C MET D 107 48.76 -45.23 -15.64
N ALA D 108 49.00 -44.35 -16.62
CA ALA D 108 49.92 -43.21 -16.52
C ALA D 108 49.53 -42.23 -15.42
N SER D 109 48.20 -41.96 -15.27
CA SER D 109 47.63 -41.04 -14.29
C SER D 109 48.00 -41.44 -12.86
N PHE D 110 47.79 -42.71 -12.47
CA PHE D 110 48.12 -43.13 -11.13
C PHE D 110 49.64 -43.17 -10.92
N GLN D 111 50.43 -43.48 -11.97
CA GLN D 111 51.88 -43.52 -11.85
C GLN D 111 52.48 -42.16 -11.45
N SER D 112 51.94 -41.07 -11.99
CA SER D 112 52.45 -39.74 -11.68
C SER D 112 52.04 -39.27 -10.28
N SER D 113 50.88 -39.71 -9.75
CA SER D 113 50.37 -39.26 -8.46
C SER D 113 50.44 -40.29 -7.32
N ALA D 114 50.93 -41.50 -7.57
CA ALA D 114 50.97 -42.58 -6.58
C ALA D 114 51.59 -42.15 -5.24
N THR D 115 52.75 -41.48 -5.26
CA THR D 115 53.47 -41.07 -4.05
C THR D 115 52.67 -40.01 -3.26
N ILE D 116 51.89 -39.14 -3.94
CA ILE D 116 51.07 -38.11 -3.29
C ILE D 116 49.95 -38.78 -2.46
N TYR D 117 49.25 -39.75 -3.03
CA TYR D 117 48.19 -40.49 -2.36
C TYR D 117 48.75 -41.38 -1.25
N ASP D 118 49.95 -41.95 -1.47
CA ASP D 118 50.62 -42.84 -0.54
C ASP D 118 50.96 -42.14 0.78
N VAL D 119 51.57 -40.93 0.72
CA VAL D 119 51.92 -40.12 1.90
C VAL D 119 50.63 -39.86 2.72
N CYS D 120 49.53 -39.54 2.01
CA CYS D 120 48.22 -39.27 2.58
C CYS D 120 47.66 -40.50 3.29
N PHE D 121 47.67 -41.67 2.62
CA PHE D 121 47.15 -42.92 3.19
C PHE D 121 47.95 -43.37 4.42
N ASN D 122 49.26 -43.14 4.40
CA ASN D 122 50.13 -43.54 5.50
C ASN D 122 50.10 -42.54 6.66
N HIS D 123 49.89 -41.22 6.39
CA HIS D 123 50.01 -40.23 7.46
C HIS D 123 48.89 -39.17 7.61
N PHE D 124 47.92 -39.06 6.67
CA PHE D 124 46.92 -38.00 6.79
C PHE D 124 45.46 -38.45 6.76
N PHE D 125 45.02 -39.22 5.75
CA PHE D 125 43.61 -39.61 5.58
C PHE D 125 43.00 -40.30 6.82
N ARG D 126 42.02 -39.61 7.46
CA ARG D 126 41.24 -40.11 8.60
C ARG D 126 40.04 -40.90 8.09
N ALA D 127 39.89 -42.13 8.53
CA ALA D 127 38.76 -42.94 8.09
C ALA D 127 37.54 -42.67 8.99
N ARG D 128 36.36 -43.20 8.61
CA ARG D 128 35.13 -43.07 9.39
C ARG D 128 35.39 -43.63 10.79
N ASN D 129 34.97 -42.89 11.83
CA ASN D 129 35.19 -43.28 13.22
C ASN D 129 33.94 -42.99 14.10
N GLU D 130 34.12 -43.01 15.43
CA GLU D 130 33.05 -42.80 16.41
C GLU D 130 32.55 -41.35 16.42
N GLN D 131 33.48 -40.38 16.43
CA GLN D 131 33.15 -38.96 16.49
C GLN D 131 32.61 -38.40 15.15
N ASP D 132 33.18 -38.81 14.01
CA ASP D 132 32.78 -38.26 12.71
C ASP D 132 32.98 -39.24 11.54
N GLY D 133 32.64 -38.78 10.32
CA GLY D 133 32.76 -39.52 9.08
C GLY D 133 34.13 -39.49 8.44
N GLY D 134 35.13 -38.96 9.17
CA GLY D 134 36.52 -38.87 8.75
C GLY D 134 36.80 -37.87 7.64
N ASP D 135 37.96 -37.98 7.00
CA ASP D 135 38.32 -37.11 5.89
C ASP D 135 37.50 -37.46 4.65
N LEU D 136 37.06 -36.44 3.92
CA LEU D 136 36.23 -36.63 2.74
C LEU D 136 37.08 -36.37 1.51
N VAL D 137 37.54 -37.46 0.89
CA VAL D 137 38.47 -37.42 -0.25
C VAL D 137 37.76 -37.58 -1.60
N TYR D 138 38.01 -36.58 -2.47
CA TYR D 138 37.54 -36.53 -3.85
C TYR D 138 38.71 -37.00 -4.69
N PHE D 139 38.86 -38.33 -4.79
CA PHE D 139 39.92 -38.99 -5.57
C PHE D 139 39.77 -38.69 -7.04
N GLN D 140 40.88 -38.55 -7.78
CA GLN D 140 40.78 -38.42 -9.24
C GLN D 140 40.17 -39.71 -9.76
N GLY D 141 39.17 -39.59 -10.63
CA GLY D 141 38.49 -40.75 -11.20
C GLY D 141 39.41 -41.77 -11.85
N HIS D 142 40.33 -41.28 -12.66
CA HIS D 142 41.31 -42.06 -13.44
C HIS D 142 42.30 -42.87 -12.60
N ILE D 143 42.54 -42.51 -11.32
CA ILE D 143 43.49 -43.25 -10.46
C ILE D 143 42.75 -44.39 -9.68
N SER D 144 41.48 -44.73 -10.05
CA SER D 144 40.71 -45.79 -9.38
C SER D 144 41.47 -47.15 -9.32
N PRO D 145 42.22 -47.63 -10.37
CA PRO D 145 42.95 -48.91 -10.20
C PRO D 145 44.00 -48.86 -9.07
N GLY D 146 44.50 -47.66 -8.76
CA GLY D 146 45.44 -47.44 -7.66
C GLY D 146 44.77 -47.58 -6.29
N VAL D 147 43.50 -47.14 -6.19
CA VAL D 147 42.71 -47.25 -4.96
C VAL D 147 42.33 -48.74 -4.74
N TYR D 148 41.91 -49.42 -5.82
CA TYR D 148 41.55 -50.84 -5.78
C TYR D 148 42.76 -51.69 -5.41
N ALA D 149 43.96 -51.38 -5.98
CA ALA D 149 45.21 -52.10 -5.72
C ALA D 149 45.61 -52.03 -4.25
N ARG D 150 45.40 -50.86 -3.60
CA ARG D 150 45.68 -50.67 -2.18
C ARG D 150 44.63 -51.42 -1.32
N ALA D 151 43.34 -51.30 -1.69
CA ALA D 151 42.23 -51.97 -1.01
C ALA D 151 42.40 -53.49 -1.03
N PHE D 152 42.98 -54.02 -2.13
CA PHE D 152 43.29 -55.44 -2.31
C PHE D 152 44.40 -55.87 -1.37
N LEU D 153 45.47 -55.05 -1.25
CA LEU D 153 46.59 -55.31 -0.35
C LEU D 153 46.12 -55.26 1.12
N GLU D 154 45.15 -54.37 1.42
CA GLU D 154 44.54 -54.21 2.74
C GLU D 154 43.58 -55.39 3.06
N GLY D 155 43.32 -56.25 2.07
CA GLY D 155 42.46 -57.42 2.17
C GLY D 155 40.98 -57.11 2.11
N ARG D 156 40.61 -55.94 1.55
CA ARG D 156 39.23 -55.44 1.41
C ARG D 156 38.59 -55.85 0.09
N LEU D 157 39.43 -56.20 -0.90
CA LEU D 157 39.00 -56.62 -2.23
C LEU D 157 39.70 -57.91 -2.54
N THR D 158 39.00 -58.82 -3.24
CA THR D 158 39.55 -60.12 -3.60
C THR D 158 40.17 -60.08 -5.00
N GLN D 159 41.02 -61.09 -5.33
CA GLN D 159 41.64 -61.20 -6.66
C GLN D 159 40.53 -61.34 -7.72
N GLU D 160 39.42 -62.05 -7.38
CA GLU D 160 38.24 -62.24 -8.24
C GLU D 160 37.64 -60.89 -8.65
N GLN D 161 37.58 -59.94 -7.70
CA GLN D 161 37.06 -58.58 -7.93
C GLN D 161 38.03 -57.78 -8.83
N LEU D 162 39.38 -57.93 -8.63
CA LEU D 162 40.35 -57.22 -9.48
C LEU D 162 40.31 -57.76 -10.91
N ASP D 163 40.06 -59.08 -11.06
CA ASP D 163 39.96 -59.75 -12.35
C ASP D 163 38.66 -59.39 -13.07
N ASN D 164 37.71 -58.73 -12.36
CA ASN D 164 36.44 -58.29 -12.94
C ASN D 164 36.33 -56.77 -12.90
N PHE D 165 37.48 -56.10 -13.00
CA PHE D 165 37.58 -54.65 -13.06
C PHE D 165 36.92 -54.23 -14.37
N ARG D 166 35.96 -53.29 -14.28
CA ARG D 166 35.17 -52.77 -15.40
C ARG D 166 34.25 -53.86 -16.01
N GLN D 167 33.86 -54.87 -15.20
CA GLN D 167 32.92 -55.94 -15.57
C GLN D 167 32.06 -56.19 -14.34
N GLU D 168 31.12 -55.27 -14.08
CA GLU D 168 30.32 -55.28 -12.86
C GLU D 168 28.82 -55.66 -13.00
N VAL D 169 28.31 -55.94 -14.22
CA VAL D 169 26.89 -56.30 -14.41
C VAL D 169 26.51 -57.53 -13.57
N HIS D 170 27.39 -58.55 -13.51
CA HIS D 170 27.12 -59.80 -12.81
C HIS D 170 27.50 -59.78 -11.31
N GLY D 171 27.72 -58.60 -10.75
CA GLY D 171 27.97 -58.38 -9.33
C GLY D 171 29.29 -58.76 -8.69
N ASN D 172 30.21 -59.40 -9.41
CA ASN D 172 31.47 -59.78 -8.79
C ASN D 172 32.65 -58.91 -9.29
N GLY D 173 32.37 -57.66 -9.61
CA GLY D 173 33.38 -56.76 -10.15
C GLY D 173 33.53 -55.39 -9.52
N LEU D 174 34.29 -54.52 -10.22
CA LEU D 174 34.60 -53.17 -9.77
C LEU D 174 34.27 -52.12 -10.84
N SER D 175 33.75 -50.96 -10.40
CA SER D 175 33.39 -49.83 -11.27
C SER D 175 34.63 -49.23 -11.87
N SER D 176 34.48 -48.62 -13.06
CA SER D 176 35.58 -47.94 -13.72
C SER D 176 36.11 -46.81 -12.84
N TYR D 177 35.19 -46.00 -12.27
CA TYR D 177 35.48 -44.79 -11.48
C TYR D 177 34.67 -44.68 -10.16
N PRO D 178 34.90 -43.65 -9.28
CA PRO D 178 34.11 -43.53 -8.04
C PRO D 178 32.60 -43.32 -8.28
N HIS D 179 31.82 -44.42 -8.18
CA HIS D 179 30.37 -44.41 -8.36
C HIS D 179 29.65 -45.09 -7.18
N PRO D 180 29.25 -44.28 -6.16
CA PRO D 180 28.55 -44.85 -4.98
C PRO D 180 27.28 -45.67 -5.29
N LYS D 181 26.49 -45.31 -6.32
CA LYS D 181 25.28 -46.07 -6.71
C LYS D 181 25.64 -47.52 -7.09
N LEU D 182 26.82 -47.73 -7.70
CA LEU D 182 27.30 -49.02 -8.16
C LEU D 182 28.07 -49.79 -7.06
N MET D 183 28.83 -49.08 -6.20
CA MET D 183 29.60 -49.66 -5.09
C MET D 183 29.23 -48.90 -3.81
N PRO D 184 28.01 -49.16 -3.25
CA PRO D 184 27.52 -48.33 -2.15
C PRO D 184 28.18 -48.49 -0.79
N GLU D 185 29.13 -49.41 -0.66
CA GLU D 185 29.85 -49.60 0.59
C GLU D 185 31.32 -49.22 0.46
N PHE D 186 31.75 -48.80 -0.76
CA PHE D 186 33.14 -48.44 -1.05
C PHE D 186 33.29 -46.97 -1.41
N TRP D 187 32.76 -46.54 -2.59
CA TRP D 187 32.92 -45.16 -3.06
C TRP D 187 31.96 -44.23 -2.39
N GLN D 188 32.35 -42.95 -2.22
CA GLN D 188 31.55 -41.93 -1.56
C GLN D 188 31.26 -40.70 -2.44
N PHE D 189 32.26 -40.21 -3.22
CA PHE D 189 32.06 -38.98 -4.01
C PHE D 189 32.39 -39.14 -5.50
N PRO D 190 31.41 -38.98 -6.41
CA PRO D 190 31.71 -39.04 -7.86
C PRO D 190 32.61 -37.88 -8.32
N THR D 191 33.68 -38.17 -9.08
CA THR D 191 34.61 -37.14 -9.52
C THR D 191 35.01 -37.21 -11.01
N VAL D 192 34.72 -38.34 -11.69
CA VAL D 192 35.15 -38.55 -13.09
C VAL D 192 34.52 -37.51 -14.07
N SER D 193 33.38 -36.86 -13.72
CA SER D 193 32.87 -35.74 -14.51
C SER D 193 33.64 -34.52 -14.00
N MET D 194 34.70 -34.13 -14.74
CA MET D 194 35.68 -33.11 -14.36
C MET D 194 35.03 -31.78 -14.04
N GLY D 195 35.60 -31.08 -13.05
CA GLY D 195 35.10 -29.78 -12.60
C GLY D 195 34.07 -29.88 -11.52
N LEU D 196 33.34 -31.01 -11.43
CA LEU D 196 32.30 -31.20 -10.43
C LEU D 196 32.89 -31.56 -9.04
N GLY D 197 34.05 -32.22 -9.02
CA GLY D 197 34.76 -32.54 -7.78
C GLY D 197 35.25 -31.32 -7.03
N PRO D 198 36.00 -30.38 -7.67
CA PRO D 198 36.48 -29.20 -6.93
C PRO D 198 35.36 -28.34 -6.33
N ILE D 199 34.29 -28.02 -7.11
CA ILE D 199 33.18 -27.20 -6.61
C ILE D 199 32.35 -28.00 -5.55
N GLY D 200 32.23 -29.30 -5.77
CA GLY D 200 31.53 -30.18 -4.85
C GLY D 200 32.21 -30.22 -3.49
N ALA D 201 33.57 -30.22 -3.50
CA ALA D 201 34.42 -30.24 -2.31
C ALA D 201 34.33 -28.92 -1.55
N ILE D 202 34.31 -27.77 -2.28
CA ILE D 202 34.20 -26.43 -1.67
C ILE D 202 32.92 -26.38 -0.80
N TYR D 203 31.77 -26.80 -1.35
CA TYR D 203 30.49 -26.74 -0.62
C TYR D 203 30.33 -27.89 0.37
N GLN D 204 31.14 -28.95 0.23
CA GLN D 204 31.15 -30.04 1.20
C GLN D 204 31.84 -29.51 2.48
N ALA D 205 33.03 -28.88 2.32
CA ALA D 205 33.79 -28.25 3.40
C ALA D 205 32.94 -27.21 4.12
N LYS D 206 32.19 -26.37 3.36
CA LYS D 206 31.31 -25.34 3.87
C LYS D 206 30.20 -25.97 4.71
N PHE D 207 29.61 -27.11 4.23
CA PHE D 207 28.56 -27.83 4.92
C PHE D 207 29.03 -28.39 6.25
N LEU D 208 30.27 -28.90 6.33
CA LEU D 208 30.82 -29.43 7.57
C LEU D 208 30.92 -28.33 8.63
N LYS D 209 31.29 -27.10 8.21
CA LYS D 209 31.36 -25.93 9.10
C LYS D 209 29.95 -25.57 9.60
N TYR D 210 28.94 -25.65 8.70
CA TYR D 210 27.53 -25.37 8.99
C TYR D 210 27.03 -26.31 10.09
N LEU D 211 27.38 -27.62 10.01
CA LEU D 211 26.99 -28.61 11.01
C LEU D 211 27.58 -28.32 12.39
N GLU D 212 28.83 -27.79 12.43
CA GLU D 212 29.48 -27.45 13.69
C GLU D 212 28.85 -26.20 14.32
N HIS D 213 28.73 -25.10 13.53
CA HIS D 213 28.15 -23.84 14.00
C HIS D 213 26.72 -24.00 14.44
N ARG D 214 25.96 -24.89 13.78
CA ARG D 214 24.56 -25.16 14.13
C ARG D 214 24.46 -26.11 15.35
N GLY D 215 25.61 -26.62 15.80
CA GLY D 215 25.72 -27.52 16.95
C GLY D 215 25.10 -28.88 16.72
N LEU D 216 25.15 -29.37 15.47
CA LEU D 216 24.56 -30.66 15.12
C LEU D 216 25.59 -31.79 15.16
N LYS D 217 26.85 -31.50 14.81
CA LYS D 217 27.94 -32.47 14.84
C LYS D 217 29.30 -31.78 14.89
N ASP D 218 30.21 -32.27 15.76
CA ASP D 218 31.58 -31.75 15.83
C ASP D 218 32.37 -32.38 14.68
N THR D 219 32.45 -31.62 13.58
CA THR D 219 33.09 -31.98 12.30
C THR D 219 34.51 -31.40 12.21
N SER D 220 34.99 -30.75 13.29
CA SER D 220 36.26 -30.04 13.38
C SER D 220 37.49 -30.87 12.97
N LYS D 221 37.49 -32.18 13.27
CA LYS D 221 38.62 -33.05 12.97
C LYS D 221 38.57 -33.59 11.51
N GLN D 222 37.55 -33.22 10.74
CA GLN D 222 37.44 -33.66 9.35
C GLN D 222 38.10 -32.66 8.40
N THR D 223 38.63 -33.18 7.26
CA THR D 223 39.25 -32.41 6.19
C THR D 223 38.72 -32.90 4.84
N VAL D 224 38.35 -31.95 3.97
CA VAL D 224 37.88 -32.25 2.63
C VAL D 224 39.07 -32.12 1.67
N TYR D 225 39.45 -33.22 1.03
CA TYR D 225 40.54 -33.27 0.06
C TYR D 225 39.99 -33.39 -1.35
N ALA D 226 40.34 -32.44 -2.24
CA ALA D 226 39.93 -32.51 -3.64
C ALA D 226 41.17 -32.70 -4.50
N PHE D 227 41.35 -33.92 -5.05
CA PHE D 227 42.49 -34.29 -5.90
C PHE D 227 42.16 -34.04 -7.36
N LEU D 228 42.93 -33.12 -7.99
CA LEU D 228 42.69 -32.66 -9.36
C LEU D 228 43.93 -32.73 -10.23
N GLY D 229 43.70 -32.67 -11.53
CA GLY D 229 44.73 -32.62 -12.55
C GLY D 229 44.78 -31.20 -13.08
N ASP D 230 45.92 -30.78 -13.65
CA ASP D 230 46.08 -29.41 -14.15
C ASP D 230 45.12 -29.12 -15.34
N GLY D 231 44.86 -30.13 -16.18
CA GLY D 231 43.95 -30.04 -17.33
C GLY D 231 42.50 -29.83 -16.95
N GLU D 232 42.06 -30.47 -15.84
CA GLU D 232 40.71 -30.39 -15.29
C GLU D 232 40.40 -28.96 -14.83
N MET D 233 41.44 -28.18 -14.46
CA MET D 233 41.33 -26.80 -13.97
C MET D 233 40.77 -25.86 -15.05
N ASP D 234 40.78 -26.28 -16.33
CA ASP D 234 40.22 -25.49 -17.43
C ASP D 234 38.68 -25.47 -17.39
N GLU D 235 38.05 -26.38 -16.61
CA GLU D 235 36.61 -26.41 -16.43
C GLU D 235 36.15 -25.18 -15.64
N PRO D 236 35.18 -24.41 -16.13
CA PRO D 236 34.75 -23.21 -15.39
C PRO D 236 34.37 -23.49 -13.94
N GLU D 237 33.84 -24.68 -13.66
CA GLU D 237 33.40 -25.14 -12.34
C GLU D 237 34.59 -25.34 -11.40
N SER D 238 35.80 -25.61 -11.95
CA SER D 238 37.00 -25.88 -11.15
C SER D 238 37.52 -24.63 -10.39
N LYS D 239 37.51 -23.44 -11.03
CA LYS D 239 37.99 -22.23 -10.35
C LYS D 239 36.87 -21.15 -10.16
N GLY D 240 35.70 -21.37 -10.75
CA GLY D 240 34.59 -20.43 -10.65
C GLY D 240 34.05 -20.12 -9.27
N ALA D 241 34.30 -21.00 -8.29
CA ALA D 241 33.80 -20.83 -6.91
C ALA D 241 34.93 -20.83 -5.87
N ILE D 242 36.19 -20.59 -6.27
CA ILE D 242 37.31 -20.64 -5.32
C ILE D 242 37.30 -19.44 -4.33
N THR D 243 36.65 -18.29 -4.68
CA THR D 243 36.59 -17.16 -3.72
C THR D 243 35.68 -17.48 -2.52
N ILE D 244 34.76 -18.48 -2.66
CA ILE D 244 33.85 -18.91 -1.59
C ILE D 244 34.66 -19.51 -0.42
N ALA D 245 35.75 -20.25 -0.73
CA ALA D 245 36.60 -20.86 0.29
C ALA D 245 37.26 -19.80 1.17
N THR D 246 37.56 -18.62 0.60
CA THR D 246 38.18 -17.50 1.31
C THR D 246 37.12 -16.78 2.15
N ARG D 247 35.94 -16.51 1.56
CA ARG D 247 34.81 -15.85 2.21
C ARG D 247 34.36 -16.59 3.46
N GLU D 248 34.27 -17.92 3.33
CA GLU D 248 33.76 -18.83 4.35
C GLU D 248 34.89 -19.43 5.20
N LYS D 249 36.14 -18.91 5.03
CA LYS D 249 37.33 -19.31 5.81
C LYS D 249 37.41 -20.85 5.95
N LEU D 250 37.40 -21.55 4.80
CA LEU D 250 37.40 -23.01 4.77
C LEU D 250 38.80 -23.61 4.95
N ASP D 251 39.35 -23.51 6.18
CA ASP D 251 40.63 -24.10 6.57
C ASP D 251 40.50 -25.63 6.78
N ASN D 252 39.38 -26.23 6.33
CA ASN D 252 39.09 -27.67 6.36
C ASN D 252 39.08 -28.21 4.92
N LEU D 253 39.55 -27.39 3.97
CA LEU D 253 39.61 -27.72 2.55
C LEU D 253 41.05 -27.65 2.04
N VAL D 254 41.45 -28.70 1.27
CA VAL D 254 42.75 -28.84 0.63
C VAL D 254 42.54 -29.29 -0.82
N PHE D 255 43.01 -28.48 -1.78
CA PHE D 255 43.01 -28.78 -3.22
C PHE D 255 44.40 -29.30 -3.57
N VAL D 256 44.48 -30.48 -4.15
CA VAL D 256 45.77 -31.07 -4.54
C VAL D 256 45.77 -31.15 -6.06
N ILE D 257 46.55 -30.27 -6.71
CA ILE D 257 46.62 -30.26 -8.17
C ILE D 257 47.93 -30.92 -8.63
N ASN D 258 47.78 -32.01 -9.38
CA ASN D 258 48.86 -32.78 -9.95
C ASN D 258 49.23 -32.14 -11.30
N CYS D 259 50.36 -31.42 -11.33
CA CYS D 259 50.85 -30.72 -12.52
C CYS D 259 51.95 -31.53 -13.21
N ASN D 260 51.55 -32.54 -14.04
CA ASN D 260 52.52 -33.32 -14.82
C ASN D 260 52.82 -32.56 -16.13
N LEU D 261 52.19 -31.35 -16.23
CA LEU D 261 52.26 -30.33 -17.28
C LEU D 261 51.63 -30.86 -18.59
N GLY D 270 52.19 -24.47 -22.34
CA GLY D 270 52.75 -24.23 -23.66
C GLY D 270 53.76 -23.11 -23.69
N ASN D 271 53.32 -21.90 -24.15
CA ASN D 271 54.13 -20.65 -24.21
C ASN D 271 54.37 -20.09 -22.78
N GLY D 272 53.45 -20.42 -21.85
CA GLY D 272 53.50 -20.03 -20.45
C GLY D 272 53.72 -21.18 -19.48
N LYS D 273 53.33 -20.97 -18.22
CA LYS D 273 53.50 -21.95 -17.16
C LYS D 273 52.21 -22.07 -16.37
N ILE D 274 51.55 -23.24 -16.47
CA ILE D 274 50.30 -23.53 -15.79
C ILE D 274 50.47 -23.44 -14.25
N ILE D 275 51.64 -23.80 -13.69
CA ILE D 275 51.88 -23.72 -12.25
C ILE D 275 51.82 -22.24 -11.82
N ASN D 276 52.38 -21.33 -12.63
CA ASN D 276 52.35 -19.90 -12.35
C ASN D 276 50.92 -19.34 -12.48
N GLU D 277 50.14 -19.76 -13.52
CA GLU D 277 48.73 -19.36 -13.72
C GLU D 277 47.87 -19.75 -12.52
N LEU D 278 48.01 -21.01 -12.05
CA LEU D 278 47.26 -21.54 -10.92
C LEU D 278 47.66 -20.80 -9.64
N GLU D 279 48.96 -20.55 -9.43
CA GLU D 279 49.46 -19.81 -8.27
C GLU D 279 48.84 -18.42 -8.23
N GLY D 280 48.90 -17.72 -9.37
CA GLY D 280 48.41 -16.36 -9.55
C GLY D 280 46.96 -16.20 -9.16
N ILE D 281 46.08 -17.00 -9.75
CA ILE D 281 44.63 -16.93 -9.53
C ILE D 281 44.26 -17.39 -8.10
N PHE D 282 44.83 -18.50 -7.59
CA PHE D 282 44.52 -19.01 -6.25
C PHE D 282 45.02 -18.04 -5.16
N GLU D 283 46.21 -17.42 -5.36
CA GLU D 283 46.76 -16.43 -4.44
C GLU D 283 45.87 -15.15 -4.47
N GLY D 284 45.43 -14.76 -5.66
CA GLY D 284 44.55 -13.60 -5.86
C GLY D 284 43.15 -13.85 -5.29
N ALA D 285 42.76 -15.13 -5.17
CA ALA D 285 41.47 -15.56 -4.63
C ALA D 285 41.53 -15.71 -3.11
N GLY D 286 42.70 -15.46 -2.51
CA GLY D 286 42.89 -15.50 -1.07
C GLY D 286 43.28 -16.83 -0.44
N TRP D 287 43.68 -17.81 -1.27
CA TRP D 287 44.09 -19.13 -0.84
C TRP D 287 45.56 -19.14 -0.43
N ASN D 288 45.97 -20.18 0.31
CA ASN D 288 47.35 -20.40 0.71
C ASN D 288 47.92 -21.36 -0.34
N VAL D 289 48.90 -20.89 -1.13
CA VAL D 289 49.46 -21.70 -2.22
C VAL D 289 50.79 -22.33 -1.78
N ILE D 290 50.91 -23.68 -1.91
CA ILE D 290 52.12 -24.43 -1.59
C ILE D 290 52.59 -25.13 -2.87
N LYS D 291 53.74 -24.72 -3.42
CA LYS D 291 54.33 -25.32 -4.60
C LYS D 291 55.35 -26.36 -4.20
N VAL D 292 55.19 -27.60 -4.70
CA VAL D 292 56.05 -28.76 -4.46
C VAL D 292 56.68 -29.01 -5.82
N MET D 293 57.76 -28.27 -6.09
CA MET D 293 58.44 -28.20 -7.36
C MET D 293 59.56 -29.22 -7.54
N TRP D 294 60.55 -29.23 -6.63
CA TRP D 294 61.75 -30.03 -6.76
C TRP D 294 61.99 -30.96 -5.58
N GLY D 295 62.60 -32.11 -5.88
CA GLY D 295 63.00 -33.09 -4.88
C GLY D 295 64.21 -32.65 -4.07
N SER D 296 64.58 -33.48 -3.07
CA SER D 296 65.66 -33.26 -2.09
C SER D 296 67.07 -33.18 -2.69
N ARG D 297 67.22 -33.62 -3.93
CA ARG D 297 68.53 -33.62 -4.57
C ARG D 297 68.97 -32.22 -5.01
N TRP D 298 67.99 -31.36 -5.29
CA TRP D 298 68.20 -29.99 -5.75
C TRP D 298 68.66 -29.11 -4.59
N ASP D 299 68.30 -29.48 -3.35
CA ASP D 299 68.57 -28.72 -2.13
C ASP D 299 70.03 -28.26 -1.95
N GLU D 300 71.02 -29.10 -2.35
CA GLU D 300 72.44 -28.80 -2.24
C GLU D 300 72.80 -27.58 -3.09
N LEU D 301 72.43 -27.64 -4.39
CA LEU D 301 72.64 -26.61 -5.39
C LEU D 301 72.01 -25.29 -4.99
N LEU D 302 70.73 -25.30 -4.56
CA LEU D 302 69.99 -24.09 -4.18
C LEU D 302 70.62 -23.40 -2.94
N ARG D 303 71.08 -24.21 -1.97
CA ARG D 303 71.75 -23.73 -0.76
C ARG D 303 73.08 -23.06 -1.14
N LYS D 304 73.97 -23.82 -1.83
CA LYS D 304 75.30 -23.37 -2.27
C LYS D 304 75.29 -22.23 -3.32
N ASP D 305 74.10 -21.88 -3.89
CA ASP D 305 73.98 -20.83 -4.90
C ASP D 305 73.71 -19.45 -4.27
N THR D 306 74.80 -18.70 -4.06
CA THR D 306 74.79 -17.36 -3.48
C THR D 306 74.35 -16.30 -4.53
N SER D 307 74.63 -16.58 -5.83
CA SER D 307 74.33 -15.69 -6.95
C SER D 307 72.83 -15.55 -7.25
N GLY D 308 72.05 -16.58 -6.94
CA GLY D 308 70.62 -16.60 -7.24
C GLY D 308 70.36 -16.84 -8.71
N LYS D 309 71.40 -17.28 -9.45
CA LYS D 309 71.36 -17.57 -10.87
C LYS D 309 70.60 -18.85 -11.19
N LEU D 310 70.64 -19.85 -10.26
CA LEU D 310 69.90 -21.12 -10.43
C LEU D 310 68.41 -20.83 -10.36
N ILE D 311 67.97 -20.04 -9.36
CA ILE D 311 66.57 -19.66 -9.21
C ILE D 311 66.13 -18.89 -10.46
N GLN D 312 66.97 -17.93 -10.93
CA GLN D 312 66.70 -17.14 -12.14
C GLN D 312 66.52 -18.07 -13.35
N LEU D 313 67.45 -19.04 -13.52
CA LEU D 313 67.45 -20.04 -14.59
C LEU D 313 66.18 -20.90 -14.56
N MET D 314 65.77 -21.32 -13.33
CA MET D 314 64.56 -22.11 -13.08
C MET D 314 63.30 -21.33 -13.46
N ASN D 315 63.31 -20.02 -13.17
CA ASN D 315 62.22 -19.12 -13.46
C ASN D 315 62.06 -18.91 -14.97
N GLU D 316 63.16 -18.59 -15.68
CA GLU D 316 63.08 -18.28 -17.12
C GLU D 316 62.77 -19.50 -18.00
N THR D 317 62.90 -20.74 -17.49
CA THR D 317 62.55 -21.94 -18.26
C THR D 317 61.00 -22.15 -18.18
N VAL D 318 60.34 -22.28 -19.37
CA VAL D 318 58.87 -22.47 -19.55
C VAL D 318 58.50 -23.99 -19.59
N ASP D 319 57.18 -24.31 -19.57
CA ASP D 319 56.64 -25.68 -19.57
C ASP D 319 57.12 -26.53 -20.74
N GLY D 320 57.01 -25.99 -21.96
CA GLY D 320 57.39 -26.64 -23.20
C GLY D 320 58.85 -27.07 -23.28
N ASP D 321 59.75 -26.22 -22.73
CA ASP D 321 61.21 -26.44 -22.66
C ASP D 321 61.55 -27.48 -21.58
N TYR D 322 60.71 -27.60 -20.50
CA TYR D 322 60.91 -28.54 -19.39
C TYR D 322 60.63 -30.00 -19.78
N GLN D 323 59.80 -30.23 -20.83
CA GLN D 323 59.49 -31.58 -21.32
C GLN D 323 60.65 -32.10 -22.19
N THR D 324 61.45 -31.18 -22.80
CA THR D 324 62.65 -31.47 -23.59
C THR D 324 63.77 -31.98 -22.64
N PHE D 325 63.86 -31.39 -21.42
CA PHE D 325 64.84 -31.76 -20.39
C PHE D 325 64.32 -32.97 -19.56
N LYS D 326 63.89 -34.03 -20.27
CA LYS D 326 63.40 -35.30 -19.74
C LYS D 326 63.69 -36.42 -20.77
N SER D 327 63.60 -36.10 -22.08
CA SER D 327 63.86 -37.02 -23.20
C SER D 327 65.34 -36.95 -23.70
N LYS D 328 66.29 -36.53 -22.82
CA LYS D 328 67.72 -36.41 -23.16
C LYS D 328 68.58 -37.22 -22.16
N ASP D 329 69.75 -36.69 -21.75
CA ASP D 329 70.67 -37.31 -20.79
C ASP D 329 71.31 -36.26 -19.86
N GLY D 330 72.08 -36.70 -18.87
CA GLY D 330 72.75 -35.84 -17.91
C GLY D 330 73.73 -34.85 -18.53
N ALA D 331 74.43 -35.30 -19.59
CA ALA D 331 75.40 -34.51 -20.33
C ALA D 331 74.75 -33.29 -21.02
N TYR D 332 73.52 -33.49 -21.58
CA TYR D 332 72.74 -32.44 -22.27
C TYR D 332 72.39 -31.32 -21.28
N VAL D 333 71.68 -31.66 -20.17
CA VAL D 333 71.22 -30.79 -19.08
C VAL D 333 72.40 -29.94 -18.54
N ARG D 334 73.60 -30.55 -18.35
CA ARG D 334 74.81 -29.83 -17.91
C ARG D 334 75.17 -28.64 -18.84
N GLU D 335 74.94 -28.83 -20.15
CA GLU D 335 75.27 -27.84 -21.17
C GLU D 335 74.09 -26.89 -21.48
N HIS D 336 72.86 -27.42 -21.66
CA HIS D 336 71.66 -26.69 -22.09
C HIS D 336 70.80 -26.09 -20.94
N PHE D 337 71.19 -26.27 -19.68
CA PHE D 337 70.48 -25.70 -18.53
C PHE D 337 71.51 -25.03 -17.62
N PHE D 338 72.36 -25.83 -16.95
CA PHE D 338 73.40 -25.34 -16.04
C PHE D 338 74.46 -24.53 -16.78
N GLY D 339 74.68 -24.83 -18.07
CA GLY D 339 75.64 -24.15 -18.91
C GLY D 339 75.25 -22.75 -19.39
N LYS D 340 73.96 -22.34 -19.19
CA LYS D 340 73.44 -21.03 -19.60
C LYS D 340 74.06 -19.86 -18.82
N TYR D 341 74.60 -20.11 -17.62
CA TYR D 341 75.28 -19.12 -16.79
C TYR D 341 76.56 -19.73 -16.19
N PRO D 342 77.64 -18.93 -16.03
CA PRO D 342 78.87 -19.49 -15.42
C PRO D 342 78.67 -19.91 -13.96
N GLU D 343 77.79 -19.18 -13.23
CA GLU D 343 77.47 -19.45 -11.82
C GLU D 343 76.80 -20.82 -11.65
N THR D 344 75.82 -21.16 -12.53
CA THR D 344 75.08 -22.44 -12.52
C THR D 344 75.94 -23.60 -13.07
N ALA D 345 76.90 -23.30 -13.97
CA ALA D 345 77.82 -24.31 -14.52
C ALA D 345 78.81 -24.76 -13.45
N ALA D 346 79.22 -23.80 -12.58
CA ALA D 346 80.13 -24.01 -11.45
C ALA D 346 79.48 -24.85 -10.34
N LEU D 347 78.16 -24.72 -10.16
CA LEU D 347 77.38 -25.47 -9.16
C LEU D 347 77.46 -26.97 -9.37
N VAL D 348 77.42 -27.42 -10.64
CA VAL D 348 77.46 -28.84 -11.02
C VAL D 348 78.80 -29.21 -11.71
N ALA D 349 79.81 -28.34 -11.61
CA ALA D 349 81.13 -28.56 -12.21
C ALA D 349 81.77 -29.87 -11.72
N ASP D 350 81.56 -30.22 -10.43
CA ASP D 350 82.12 -31.42 -9.81
C ASP D 350 81.15 -32.61 -9.83
N TRP D 351 79.89 -32.38 -10.26
CA TRP D 351 78.86 -33.41 -10.37
C TRP D 351 79.08 -34.28 -11.59
N THR D 352 78.68 -35.55 -11.52
CA THR D 352 78.78 -36.46 -12.67
C THR D 352 77.48 -36.31 -13.49
N ASP D 353 77.48 -36.77 -14.76
CA ASP D 353 76.28 -36.69 -15.60
C ASP D 353 75.13 -37.49 -14.98
N GLU D 354 75.44 -38.64 -14.36
CA GLU D 354 74.44 -39.50 -13.69
C GLU D 354 73.87 -38.77 -12.46
N GLN D 355 74.73 -38.01 -11.73
CA GLN D 355 74.37 -37.22 -10.56
C GLN D 355 73.43 -36.08 -10.93
N ILE D 356 73.69 -35.42 -12.10
CA ILE D 356 72.85 -34.34 -12.62
C ILE D 356 71.50 -34.94 -13.08
N TRP D 357 71.54 -36.09 -13.78
CA TRP D 357 70.35 -36.78 -14.28
C TRP D 357 69.42 -37.27 -13.16
N ALA D 358 69.98 -37.53 -11.97
CA ALA D 358 69.24 -38.01 -10.81
C ALA D 358 68.32 -36.97 -10.18
N LEU D 359 68.54 -35.65 -10.47
CA LEU D 359 67.75 -34.53 -9.95
C LEU D 359 66.24 -34.79 -10.23
N ASN D 360 65.43 -34.87 -9.15
CA ASN D 360 64.00 -35.25 -9.15
C ASN D 360 62.96 -34.09 -9.03
N ARG D 361 61.66 -34.37 -9.38
CA ARG D 361 60.53 -33.42 -9.27
C ARG D 361 59.88 -33.60 -7.91
N GLY D 362 59.43 -32.49 -7.32
CA GLY D 362 58.85 -32.46 -5.98
C GLY D 362 57.77 -33.46 -5.66
N GLY D 363 56.84 -33.64 -6.59
CA GLY D 363 55.69 -34.54 -6.45
C GLY D 363 56.01 -36.02 -6.44
N HIS D 364 57.31 -36.36 -6.46
CA HIS D 364 57.83 -37.72 -6.42
C HIS D 364 58.67 -37.96 -5.18
N ASP D 365 58.81 -36.91 -4.33
CA ASP D 365 59.58 -36.95 -3.09
C ASP D 365 58.64 -36.93 -1.88
N PRO D 366 58.51 -38.07 -1.15
CA PRO D 366 57.62 -38.10 0.02
C PRO D 366 57.93 -37.02 1.06
N LYS D 367 59.21 -36.66 1.26
CA LYS D 367 59.66 -35.64 2.22
C LYS D 367 59.07 -34.26 1.88
N LYS D 368 59.16 -33.87 0.60
CA LYS D 368 58.60 -32.63 0.06
C LYS D 368 57.06 -32.65 0.16
N ILE D 369 56.39 -33.76 -0.27
CA ILE D 369 54.92 -33.97 -0.25
C ILE D 369 54.39 -33.83 1.20
N TYR D 370 55.03 -34.55 2.16
CA TYR D 370 54.62 -34.52 3.57
C TYR D 370 54.62 -33.09 4.11
N ALA D 371 55.72 -32.33 3.87
CA ALA D 371 55.86 -30.95 4.31
C ALA D 371 54.67 -30.09 3.86
N ALA D 372 54.20 -30.27 2.61
CA ALA D 372 53.07 -29.52 2.05
C ALA D 372 51.77 -29.84 2.77
N PHE D 373 51.46 -31.16 2.97
CA PHE D 373 50.25 -31.60 3.63
C PHE D 373 50.24 -31.21 5.10
N LYS D 374 51.43 -31.18 5.76
CA LYS D 374 51.54 -30.74 7.15
C LYS D 374 51.29 -29.23 7.26
N LYS D 375 51.89 -28.41 6.36
CA LYS D 375 51.67 -26.96 6.38
C LYS D 375 50.22 -26.64 6.06
N ALA D 376 49.55 -27.43 5.17
CA ALA D 376 48.13 -27.23 4.86
C ALA D 376 47.30 -27.46 6.11
N GLN D 377 47.60 -28.55 6.85
CA GLN D 377 46.95 -28.94 8.11
C GLN D 377 47.06 -27.85 9.18
N GLU D 378 48.19 -27.12 9.19
CA GLU D 378 48.47 -26.04 10.15
C GLU D 378 47.82 -24.71 9.77
N THR D 379 47.64 -24.43 8.46
CA THR D 379 47.07 -23.19 7.92
C THR D 379 45.62 -22.99 8.43
N LYS D 380 45.34 -21.77 8.90
CA LYS D 380 44.02 -21.42 9.43
C LYS D 380 43.49 -20.16 8.74
N GLY D 381 42.15 -20.04 8.66
CA GLY D 381 41.45 -18.88 8.10
C GLY D 381 41.18 -18.85 6.60
N LYS D 382 41.81 -19.78 5.85
CA LYS D 382 41.69 -19.87 4.40
C LYS D 382 41.91 -21.31 3.96
N ALA D 383 41.56 -21.64 2.71
CA ALA D 383 41.82 -22.98 2.17
C ALA D 383 43.26 -23.06 1.61
N THR D 384 43.81 -24.27 1.45
CA THR D 384 45.15 -24.46 0.88
C THR D 384 45.05 -25.20 -0.45
N VAL D 385 45.87 -24.77 -1.43
CA VAL D 385 46.03 -25.46 -2.70
C VAL D 385 47.50 -25.90 -2.82
N ILE D 386 47.70 -27.21 -3.02
CA ILE D 386 49.03 -27.79 -3.18
C ILE D 386 49.24 -28.02 -4.67
N LEU D 387 50.24 -27.36 -5.24
CA LEU D 387 50.59 -27.53 -6.65
C LEU D 387 51.79 -28.49 -6.70
N ALA D 388 51.53 -29.77 -7.06
CA ALA D 388 52.56 -30.82 -7.11
C ALA D 388 53.09 -31.03 -8.52
N HIS D 389 54.40 -30.89 -8.69
CA HIS D 389 55.10 -31.05 -9.95
C HIS D 389 55.50 -32.51 -10.14
N THR D 390 54.88 -33.20 -11.12
CA THR D 390 55.15 -34.62 -11.36
C THR D 390 55.49 -34.89 -12.84
N ILE D 391 55.86 -36.15 -13.17
CA ILE D 391 56.20 -36.59 -14.53
C ILE D 391 55.06 -37.48 -15.06
N LYS D 392 54.48 -37.11 -16.23
CA LYS D 392 53.41 -37.91 -16.85
C LYS D 392 53.96 -39.26 -17.34
N GLY D 393 53.33 -40.33 -16.87
CA GLY D 393 53.74 -41.70 -17.19
C GLY D 393 55.09 -42.02 -16.58
N TYR D 394 55.25 -41.68 -15.30
CA TYR D 394 56.44 -41.86 -14.49
C TYR D 394 56.78 -43.34 -14.35
N GLY D 395 58.04 -43.67 -14.58
CA GLY D 395 58.59 -45.02 -14.49
C GLY D 395 58.06 -46.02 -15.50
N MET D 396 57.45 -45.54 -16.60
CA MET D 396 56.87 -46.37 -17.65
C MET D 396 57.78 -46.40 -18.89
N GLY D 397 58.85 -45.61 -18.87
CA GLY D 397 59.89 -45.60 -19.90
C GLY D 397 59.67 -44.83 -21.18
N ASP D 398 58.77 -45.34 -22.07
CA ASP D 398 58.50 -44.74 -23.40
C ASP D 398 56.97 -44.65 -23.75
N ALA D 399 56.68 -44.45 -25.08
CA ALA D 399 55.34 -44.31 -25.66
C ALA D 399 55.26 -44.97 -27.07
N ALA D 400 56.38 -45.60 -27.53
CA ALA D 400 56.59 -46.32 -28.80
C ALA D 400 55.93 -45.63 -30.01
N ILE D 405 49.82 -48.02 -24.98
CA ILE D 405 51.16 -48.39 -25.43
C ILE D 405 51.56 -49.74 -24.81
N ALA D 406 51.46 -49.88 -23.46
CA ALA D 406 51.78 -51.10 -22.72
C ALA D 406 50.85 -52.24 -23.15
N HIS D 407 49.94 -51.92 -24.09
CA HIS D 407 48.98 -52.79 -24.76
C HIS D 407 49.71 -53.54 -25.90
N GLN D 408 51.07 -53.50 -25.82
CA GLN D 408 52.06 -54.21 -26.65
C GLN D 408 52.14 -55.65 -26.15
N VAL D 409 51.50 -55.93 -24.99
CA VAL D 409 51.40 -57.26 -24.38
C VAL D 409 50.53 -58.14 -25.27
N LYS D 410 49.64 -57.50 -26.06
CA LYS D 410 48.76 -58.14 -27.04
C LYS D 410 49.61 -58.67 -28.23
N LYS D 411 50.76 -58.01 -28.50
CA LYS D 411 51.76 -58.39 -29.51
C LYS D 411 52.68 -59.50 -28.94
N MET D 412 52.49 -59.85 -27.64
CA MET D 412 53.20 -60.85 -26.82
C MET D 412 54.60 -60.32 -26.41
N ASN D 413 54.74 -58.98 -26.40
CA ASN D 413 55.94 -58.26 -26.00
C ASN D 413 55.79 -57.80 -24.53
N MET D 414 56.69 -58.24 -23.66
CA MET D 414 56.62 -57.90 -22.23
C MET D 414 57.67 -56.83 -21.83
N ASP D 415 58.38 -56.24 -22.82
CA ASP D 415 59.45 -55.23 -22.65
C ASP D 415 59.06 -54.03 -21.78
N GLY D 416 57.79 -53.60 -21.88
CA GLY D 416 57.26 -52.50 -21.09
C GLY D 416 57.01 -52.85 -19.64
N VAL D 417 56.38 -54.03 -19.41
CA VAL D 417 56.05 -54.58 -18.09
C VAL D 417 57.34 -54.92 -17.33
N ARG D 418 58.34 -55.48 -18.06
CA ARG D 418 59.67 -55.86 -17.53
C ARG D 418 60.41 -54.62 -17.04
N HIS D 419 60.28 -53.49 -17.75
CA HIS D 419 60.87 -52.21 -17.36
C HIS D 419 60.25 -51.71 -16.06
N ILE D 420 58.89 -51.71 -15.95
CA ILE D 420 58.12 -51.28 -14.76
C ILE D 420 58.56 -52.14 -13.54
N ARG D 421 58.74 -53.47 -13.75
CA ARG D 421 59.17 -54.41 -12.71
C ARG D 421 60.56 -54.02 -12.19
N ASP D 422 61.48 -53.72 -13.12
CA ASP D 422 62.86 -53.31 -12.85
C ASP D 422 62.91 -51.95 -12.14
N ARG D 423 62.20 -50.95 -12.68
CA ARG D 423 62.14 -49.58 -12.20
C ARG D 423 61.70 -49.48 -10.73
N PHE D 424 60.72 -50.28 -10.32
CA PHE D 424 60.16 -50.23 -8.97
C PHE D 424 60.53 -51.45 -8.12
N ASN D 425 61.54 -52.23 -8.57
CA ASN D 425 62.10 -53.41 -7.89
C ASN D 425 60.96 -54.29 -7.35
N VAL D 426 60.07 -54.71 -8.25
CA VAL D 426 58.90 -55.53 -7.94
C VAL D 426 59.33 -57.00 -7.80
N PRO D 427 58.96 -57.70 -6.69
CA PRO D 427 59.35 -59.12 -6.54
C PRO D 427 58.52 -60.08 -7.39
N VAL D 428 58.70 -60.03 -8.73
CA VAL D 428 58.06 -60.89 -9.74
C VAL D 428 59.18 -61.40 -10.66
N SER D 429 59.31 -62.74 -10.83
CA SER D 429 60.35 -63.32 -11.67
C SER D 429 60.06 -63.07 -13.17
N ASP D 430 61.09 -63.24 -14.02
CA ASP D 430 60.97 -63.05 -15.48
C ASP D 430 60.00 -64.05 -16.11
N ALA D 431 59.94 -65.27 -15.54
CA ALA D 431 59.07 -66.35 -16.00
C ALA D 431 57.60 -66.07 -15.66
N ASP D 432 57.33 -65.59 -14.42
CA ASP D 432 56.00 -65.29 -13.91
C ASP D 432 55.41 -63.99 -14.46
N ILE D 433 56.21 -63.12 -15.11
CA ILE D 433 55.78 -61.82 -15.62
C ILE D 433 54.67 -61.95 -16.71
N GLU D 434 54.65 -63.04 -17.49
CA GLU D 434 53.66 -63.25 -18.56
C GLU D 434 52.30 -63.64 -17.97
N LYS D 435 52.29 -64.21 -16.74
CA LYS D 435 51.09 -64.62 -16.02
C LYS D 435 50.32 -63.39 -15.48
N LEU D 436 50.97 -62.19 -15.49
CA LEU D 436 50.49 -60.90 -14.97
C LEU D 436 50.02 -61.11 -13.51
N PRO D 437 50.95 -61.48 -12.59
CA PRO D 437 50.51 -61.81 -11.23
C PRO D 437 50.31 -60.64 -10.29
N TYR D 438 49.42 -60.82 -9.30
CA TYR D 438 49.20 -59.85 -8.26
C TYR D 438 50.17 -60.15 -7.12
N ILE D 439 50.60 -59.12 -6.40
CA ILE D 439 51.50 -59.24 -5.26
C ILE D 439 50.70 -59.01 -3.98
N THR D 440 50.99 -59.79 -2.95
CA THR D 440 50.36 -59.65 -1.64
C THR D 440 51.43 -59.73 -0.54
N PHE D 441 51.16 -59.06 0.58
CA PHE D 441 52.04 -59.11 1.74
C PHE D 441 51.40 -60.04 2.76
N PRO D 442 52.08 -61.16 3.11
CA PRO D 442 51.46 -62.13 4.03
C PRO D 442 51.45 -61.66 5.48
N GLU D 443 50.53 -62.23 6.28
CA GLU D 443 50.41 -61.92 7.70
C GLU D 443 51.74 -62.21 8.38
N GLY D 444 52.21 -61.24 9.16
CA GLY D 444 53.47 -61.40 9.86
C GLY D 444 54.63 -60.70 9.20
N SER D 445 54.50 -60.37 7.89
CA SER D 445 55.55 -59.66 7.15
C SER D 445 55.61 -58.23 7.60
N GLU D 446 56.80 -57.60 7.47
CA GLU D 446 57.06 -56.21 7.85
C GLU D 446 56.07 -55.26 7.19
N GLU D 447 55.81 -55.50 5.88
CA GLU D 447 54.96 -54.70 5.01
C GLU D 447 53.49 -54.82 5.39
N HIS D 448 53.00 -56.06 5.60
CA HIS D 448 51.60 -56.28 6.01
C HIS D 448 51.31 -55.55 7.32
N THR D 449 52.19 -55.74 8.32
CA THR D 449 52.11 -55.09 9.63
C THR D 449 52.03 -53.56 9.49
N TYR D 450 53.01 -52.95 8.79
CA TYR D 450 53.12 -51.50 8.57
C TYR D 450 51.90 -50.95 7.83
N LEU D 451 51.49 -51.59 6.73
CA LEU D 451 50.34 -51.18 5.91
C LEU D 451 49.10 -50.98 6.79
N HIS D 452 48.79 -51.97 7.63
CA HIS D 452 47.64 -51.97 8.54
C HIS D 452 47.82 -51.08 9.76
N ALA D 453 49.04 -51.02 10.34
CA ALA D 453 49.33 -50.21 11.52
C ALA D 453 49.08 -48.72 11.26
N GLN D 454 49.50 -48.21 10.07
CA GLN D 454 49.31 -46.80 9.68
C GLN D 454 47.84 -46.47 9.55
N ARG D 455 47.06 -47.39 8.95
CA ARG D 455 45.63 -47.23 8.75
C ARG D 455 44.85 -47.34 10.08
N GLN D 456 45.31 -48.19 11.02
CA GLN D 456 44.64 -48.32 12.31
C GLN D 456 44.80 -47.04 13.14
N LYS D 457 45.98 -46.38 13.06
CA LYS D 457 46.29 -45.11 13.72
C LYS D 457 45.38 -43.98 13.19
N LEU D 458 44.97 -44.10 11.93
CA LEU D 458 44.11 -43.13 11.23
C LEU D 458 42.66 -43.63 11.13
N HIS D 459 42.24 -44.43 12.13
CA HIS D 459 40.90 -44.96 12.41
C HIS D 459 40.31 -45.94 11.38
N GLY D 460 41.13 -46.58 10.58
CA GLY D 460 40.62 -47.59 9.66
C GLY D 460 40.85 -47.36 8.19
N TYR D 461 40.00 -47.99 7.35
CA TYR D 461 40.11 -47.95 5.91
C TYR D 461 39.26 -46.91 5.25
N LEU D 462 39.82 -46.37 4.16
CA LEU D 462 39.30 -45.31 3.30
C LEU D 462 39.59 -45.67 1.83
N PRO D 463 38.63 -45.53 0.88
CA PRO D 463 37.23 -45.10 1.06
C PRO D 463 36.33 -46.23 1.54
N SER D 464 35.24 -45.87 2.23
CA SER D 464 34.18 -46.79 2.70
C SER D 464 32.91 -45.99 2.88
N ARG D 465 31.75 -46.62 2.70
CA ARG D 465 30.50 -45.89 2.79
C ARG D 465 29.44 -46.68 3.58
N GLN D 466 28.64 -45.95 4.35
CA GLN D 466 27.50 -46.48 5.09
C GLN D 466 26.25 -46.17 4.26
N PRO D 467 25.57 -47.18 3.67
CA PRO D 467 24.41 -46.87 2.80
C PRO D 467 23.19 -46.26 3.52
N ASN D 468 23.04 -46.51 4.83
CA ASN D 468 21.91 -46.02 5.61
C ASN D 468 22.32 -45.36 6.93
N PHE D 469 21.45 -44.47 7.48
CA PHE D 469 21.67 -43.81 8.78
C PHE D 469 21.05 -44.68 9.89
N THR D 470 21.65 -44.64 11.09
CA THR D 470 21.25 -45.48 12.21
C THR D 470 20.06 -44.96 13.03
N GLU D 471 19.92 -43.64 13.23
CA GLU D 471 18.84 -43.09 14.08
C GLU D 471 17.44 -43.24 13.45
N LYS D 472 16.42 -43.22 14.31
CA LYS D 472 15.00 -43.29 13.91
C LYS D 472 14.37 -41.91 14.11
N LEU D 473 13.99 -41.27 13.01
CA LEU D 473 13.35 -39.97 13.05
C LEU D 473 11.83 -40.15 13.27
N GLU D 474 11.23 -39.33 14.14
CA GLU D 474 9.79 -39.36 14.38
C GLU D 474 9.17 -38.29 13.50
N LEU D 475 8.94 -38.66 12.23
CA LEU D 475 8.46 -37.78 11.16
C LEU D 475 7.02 -37.25 11.38
N PRO D 476 6.67 -36.05 10.85
CA PRO D 476 5.29 -35.56 11.00
C PRO D 476 4.31 -36.43 10.20
N SER D 477 3.10 -36.64 10.75
CA SER D 477 2.04 -37.41 10.10
C SER D 477 1.43 -36.58 8.98
N LEU D 478 0.56 -37.18 8.14
CA LEU D 478 -0.11 -36.40 7.09
C LEU D 478 -1.11 -35.45 7.73
N GLN D 479 -1.69 -35.88 8.86
CA GLN D 479 -2.65 -35.09 9.62
C GLN D 479 -1.99 -33.85 10.25
N ASP D 480 -0.64 -33.89 10.45
CA ASP D 480 0.12 -32.75 11.00
C ASP D 480 0.12 -31.56 10.02
N PHE D 481 -0.09 -31.84 8.73
CA PHE D 481 -0.17 -30.83 7.67
C PHE D 481 -1.59 -30.27 7.60
N GLY D 482 -2.52 -30.94 8.29
CA GLY D 482 -3.94 -30.64 8.43
C GLY D 482 -4.55 -29.53 7.60
N ALA D 483 -4.22 -28.26 7.93
CA ALA D 483 -4.75 -27.05 7.29
C ALA D 483 -4.56 -27.01 5.76
N LEU D 484 -3.44 -27.58 5.25
CA LEU D 484 -3.15 -27.62 3.82
C LEU D 484 -4.10 -28.59 3.09
N LEU D 485 -4.55 -29.66 3.79
CA LEU D 485 -5.48 -30.66 3.26
C LEU D 485 -6.93 -30.13 3.17
N GLU D 486 -7.23 -28.99 3.85
CA GLU D 486 -8.54 -28.35 3.84
C GLU D 486 -8.58 -27.23 2.78
N GLU D 487 -9.78 -26.72 2.46
CA GLU D 487 -10.00 -25.63 1.52
C GLU D 487 -9.33 -24.36 2.04
N GLN D 488 -8.73 -23.57 1.14
CA GLN D 488 -8.05 -22.35 1.53
C GLN D 488 -9.01 -21.17 1.55
N SER D 489 -8.89 -20.37 2.64
CA SER D 489 -9.68 -19.17 2.92
C SER D 489 -9.47 -18.12 1.82
N LYS D 490 -8.21 -17.91 1.43
CA LYS D 490 -7.80 -16.98 0.38
C LYS D 490 -7.12 -17.74 -0.77
N GLU D 491 -7.01 -17.08 -1.95
CA GLU D 491 -6.32 -17.67 -3.12
C GLU D 491 -4.83 -17.69 -2.82
N ILE D 492 -4.21 -18.87 -2.94
CA ILE D 492 -2.78 -19.03 -2.71
C ILE D 492 -2.17 -19.81 -3.90
N SER D 493 -0.84 -19.96 -3.89
CA SER D 493 -0.06 -20.68 -4.90
C SER D 493 0.52 -21.96 -4.31
N THR D 494 1.03 -22.86 -5.16
CA THR D 494 1.67 -24.09 -4.69
C THR D 494 3.04 -23.78 -4.04
N THR D 495 3.62 -22.57 -4.27
CA THR D 495 4.87 -22.14 -3.61
C THR D 495 4.52 -21.74 -2.17
N ILE D 496 3.38 -21.07 -1.95
CA ILE D 496 2.87 -20.69 -0.61
C ILE D 496 2.62 -21.98 0.18
N ALA D 497 2.01 -22.98 -0.48
CA ALA D 497 1.73 -24.30 0.08
C ALA D 497 3.04 -24.98 0.51
N PHE D 498 4.09 -24.90 -0.34
CA PHE D 498 5.40 -25.46 -0.05
C PHE D 498 6.00 -24.84 1.23
N VAL D 499 5.96 -23.49 1.37
CA VAL D 499 6.53 -22.76 2.51
C VAL D 499 5.76 -23.13 3.79
N ARG D 500 4.44 -23.35 3.69
CA ARG D 500 3.60 -23.74 4.82
C ARG D 500 3.92 -25.15 5.27
N ALA D 501 4.25 -26.05 4.32
CA ALA D 501 4.66 -27.42 4.62
C ALA D 501 5.99 -27.39 5.38
N LEU D 502 6.92 -26.47 5.00
CA LEU D 502 8.20 -26.29 5.70
C LEU D 502 7.95 -25.91 7.16
N ASN D 503 6.98 -25.00 7.39
CA ASN D 503 6.62 -24.55 8.73
C ASN D 503 6.05 -25.68 9.57
N VAL D 504 5.34 -26.65 8.93
CA VAL D 504 4.80 -27.83 9.61
C VAL D 504 5.97 -28.68 10.09
N MET D 505 6.99 -28.88 9.23
CA MET D 505 8.19 -29.67 9.52
C MET D 505 9.08 -28.94 10.55
N LEU D 506 9.05 -27.59 10.57
CA LEU D 506 9.84 -26.78 11.50
C LEU D 506 9.23 -26.80 12.92
N LYS D 507 8.07 -27.47 13.07
CA LYS D 507 7.37 -27.66 14.34
C LYS D 507 7.64 -29.05 14.93
N ASN D 508 8.04 -30.02 14.07
CA ASN D 508 8.37 -31.40 14.45
C ASN D 508 9.72 -31.42 15.17
N LYS D 509 9.75 -31.78 16.48
CA LYS D 509 10.95 -31.81 17.31
C LYS D 509 12.07 -32.67 16.73
N SER D 510 11.72 -33.81 16.11
CA SER D 510 12.67 -34.75 15.54
C SER D 510 13.46 -34.20 14.34
N ILE D 511 12.77 -33.55 13.36
CA ILE D 511 13.43 -33.07 12.13
C ILE D 511 13.57 -31.54 11.97
N LYS D 512 13.00 -30.71 12.87
CA LYS D 512 13.05 -29.24 12.72
C LYS D 512 14.46 -28.70 12.45
N ASP D 513 15.45 -29.07 13.29
CA ASP D 513 16.83 -28.58 13.13
C ASP D 513 17.65 -29.33 12.04
N ARG D 514 17.04 -30.34 11.40
CA ARG D 514 17.67 -31.12 10.31
C ARG D 514 17.32 -30.55 8.95
N LEU D 515 16.26 -29.72 8.87
CA LEU D 515 15.84 -29.09 7.62
C LEU D 515 16.89 -28.11 7.15
N VAL D 516 17.24 -28.18 5.86
CA VAL D 516 18.25 -27.29 5.28
C VAL D 516 17.59 -26.52 4.13
N PRO D 517 16.87 -25.41 4.38
CA PRO D 517 16.29 -24.63 3.27
C PRO D 517 17.43 -23.89 2.54
N ILE D 518 17.57 -24.13 1.23
CA ILE D 518 18.63 -23.52 0.40
C ILE D 518 17.97 -22.62 -0.63
N ILE D 519 18.46 -21.38 -0.76
CA ILE D 519 17.93 -20.39 -1.72
C ILE D 519 19.06 -19.78 -2.56
N ALA D 520 18.80 -19.65 -3.86
CA ALA D 520 19.74 -19.04 -4.78
C ALA D 520 19.30 -17.60 -4.99
N ASP D 521 19.77 -16.71 -4.09
CA ASP D 521 19.52 -15.27 -4.02
C ASP D 521 18.02 -14.90 -3.79
N GLU D 522 17.20 -14.84 -4.87
CA GLU D 522 15.80 -14.42 -4.88
C GLU D 522 14.91 -15.14 -3.85
N ALA D 523 14.74 -14.53 -2.66
CA ALA D 523 13.90 -15.08 -1.58
C ALA D 523 12.51 -14.48 -1.58
N ARG D 524 12.41 -13.17 -1.93
CA ARG D 524 11.16 -12.42 -2.00
C ARG D 524 10.19 -13.09 -2.98
N THR D 525 10.73 -13.58 -4.11
CA THR D 525 9.99 -14.24 -5.18
C THR D 525 9.29 -15.52 -4.69
N PHE D 526 9.90 -16.22 -3.72
CA PHE D 526 9.36 -17.48 -3.21
C PHE D 526 8.74 -17.34 -1.79
N GLY D 527 8.54 -16.10 -1.33
CA GLY D 527 7.95 -15.79 -0.03
C GLY D 527 8.61 -16.45 1.15
N MET D 528 9.95 -16.55 1.12
CA MET D 528 10.79 -17.19 2.14
C MET D 528 11.18 -16.21 3.25
N GLU D 529 10.96 -14.90 3.04
CA GLU D 529 11.30 -13.82 3.99
C GLU D 529 10.67 -14.03 5.39
N GLY D 530 9.59 -14.81 5.45
CA GLY D 530 8.91 -15.16 6.70
C GLY D 530 9.79 -16.06 7.56
N LEU D 531 10.41 -17.07 6.92
CA LEU D 531 11.31 -18.03 7.54
C LEU D 531 12.62 -17.37 8.01
N PHE D 532 13.05 -16.29 7.34
CA PHE D 532 14.28 -15.54 7.67
C PHE D 532 14.29 -15.04 9.09
N ARG D 533 13.15 -14.53 9.55
CA ARG D 533 12.97 -14.01 10.90
C ARG D 533 12.85 -15.17 11.90
N GLN D 534 12.21 -16.27 11.47
CA GLN D 534 11.95 -17.45 12.29
C GLN D 534 13.21 -18.30 12.55
N ILE D 535 13.90 -18.80 11.49
CA ILE D 535 15.05 -19.73 11.63
C ILE D 535 16.44 -19.10 11.27
N GLY D 536 16.46 -17.93 10.64
CA GLY D 536 17.69 -17.23 10.30
C GLY D 536 18.41 -17.65 9.05
N ILE D 537 19.40 -16.84 8.64
CA ILE D 537 20.25 -17.09 7.49
C ILE D 537 21.63 -17.41 8.01
N TYR D 538 22.21 -18.52 7.53
CA TYR D 538 23.54 -18.94 7.93
C TYR D 538 24.57 -17.93 7.42
N SER D 539 25.32 -17.34 8.37
CA SER D 539 26.38 -16.38 8.14
C SER D 539 27.50 -16.69 9.15
N PRO D 540 28.57 -17.43 8.78
CA PRO D 540 29.61 -17.80 9.77
C PRO D 540 30.31 -16.62 10.44
N ASN D 541 30.16 -15.40 9.89
CA ASN D 541 30.76 -14.17 10.41
C ASN D 541 29.69 -13.38 11.26
N GLY D 542 29.25 -12.20 10.79
CA GLY D 542 28.28 -11.37 11.49
C GLY D 542 27.41 -10.52 10.59
N LYS D 557 17.77 -11.66 10.51
CA LYS D 557 18.93 -11.99 11.36
C LYS D 557 19.95 -12.87 10.60
N GLU D 558 21.27 -12.62 10.80
CA GLU D 558 22.35 -13.33 10.12
C GLU D 558 23.51 -13.64 11.08
N ASP D 559 23.57 -14.90 11.57
CA ASP D 559 24.62 -15.36 12.47
C ASP D 559 25.01 -16.82 12.12
N GLU D 560 26.02 -17.37 12.86
CA GLU D 560 26.54 -18.72 12.64
C GLU D 560 25.49 -19.81 12.96
N LYS D 561 24.45 -19.49 13.74
CA LYS D 561 23.39 -20.45 14.10
C LYS D 561 22.24 -20.43 13.06
N GLY D 562 22.30 -19.53 12.07
CA GLY D 562 21.31 -19.40 11.00
C GLY D 562 21.09 -20.70 10.27
N GLN D 563 19.82 -21.04 9.98
CA GLN D 563 19.48 -22.32 9.37
C GLN D 563 19.41 -22.30 7.84
N ILE D 564 18.94 -21.19 7.24
CA ILE D 564 18.80 -21.07 5.78
C ILE D 564 20.15 -20.82 5.13
N LEU D 565 20.40 -21.50 4.01
CA LEU D 565 21.62 -21.29 3.22
C LEU D 565 21.30 -20.39 2.03
N GLN D 566 21.79 -19.14 2.04
CA GLN D 566 21.60 -18.23 0.91
C GLN D 566 22.89 -18.23 0.11
N GLU D 567 22.82 -18.71 -1.14
CA GLU D 567 23.99 -18.91 -1.97
C GLU D 567 24.20 -17.87 -3.08
N GLY D 568 23.35 -16.85 -3.15
CA GLY D 568 23.47 -15.81 -4.17
C GLY D 568 23.16 -16.30 -5.57
N ILE D 569 23.59 -15.53 -6.60
CA ILE D 569 23.35 -15.89 -8.01
C ILE D 569 24.40 -16.95 -8.32
N ASN D 570 24.07 -18.22 -7.95
CA ASN D 570 24.97 -19.37 -8.00
C ASN D 570 24.17 -20.66 -7.84
N GLU D 571 23.51 -21.12 -8.91
CA GLU D 571 22.70 -22.35 -8.87
C GLU D 571 23.57 -23.57 -8.62
N LEU D 572 24.77 -23.61 -9.24
CA LEU D 572 25.68 -24.74 -9.09
C LEU D 572 26.19 -24.83 -7.66
N GLY D 573 26.52 -23.69 -7.06
CA GLY D 573 26.97 -23.65 -5.67
C GLY D 573 25.88 -24.11 -4.72
N ALA D 574 24.64 -23.68 -4.97
CA ALA D 574 23.47 -24.06 -4.17
C ALA D 574 23.17 -25.56 -4.34
N GLY D 575 23.33 -26.07 -5.57
CA GLY D 575 23.15 -27.48 -5.87
C GLY D 575 24.16 -28.33 -5.12
N CYS D 576 25.41 -27.84 -5.01
CA CYS D 576 26.48 -28.53 -4.29
C CYS D 576 26.23 -28.52 -2.78
N SER D 577 25.62 -27.43 -2.23
CA SER D 577 25.23 -27.36 -0.81
C SER D 577 24.09 -28.36 -0.55
N TRP D 578 23.14 -28.44 -1.51
CA TRP D 578 22.03 -29.36 -1.48
C TRP D 578 22.56 -30.81 -1.48
N LEU D 579 23.53 -31.11 -2.37
CA LEU D 579 24.14 -32.43 -2.50
C LEU D 579 24.86 -32.86 -1.21
N ALA D 580 25.60 -31.94 -0.57
CA ALA D 580 26.30 -32.20 0.69
C ALA D 580 25.30 -32.51 1.82
N ALA D 581 24.17 -31.76 1.87
CA ALA D 581 23.11 -31.94 2.86
C ALA D 581 22.33 -33.22 2.61
N ALA D 582 21.95 -33.46 1.34
CA ALA D 582 21.19 -34.63 0.89
C ALA D 582 21.92 -35.95 1.13
N THR D 583 23.27 -35.94 1.25
CA THR D 583 24.07 -37.15 1.45
C THR D 583 24.74 -37.17 2.84
N SER D 584 24.36 -36.25 3.75
CA SER D 584 24.90 -36.19 5.11
C SER D 584 24.51 -37.42 5.93
N TYR D 585 23.38 -38.07 5.58
CA TYR D 585 22.85 -39.27 6.24
C TYR D 585 23.87 -40.42 6.16
N SER D 586 24.67 -40.43 5.06
CA SER D 586 25.65 -41.46 4.76
C SER D 586 27.05 -41.05 5.22
N THR D 587 27.49 -39.83 4.81
CA THR D 587 28.81 -39.25 5.08
C THR D 587 29.07 -39.10 6.59
N ASN D 588 28.09 -38.57 7.36
CA ASN D 588 28.28 -38.34 8.80
C ASN D 588 27.29 -39.07 9.69
N ASN D 589 26.45 -39.95 9.12
CA ASN D 589 25.39 -40.68 9.84
C ASN D 589 24.50 -39.64 10.58
N LEU D 590 24.25 -38.51 9.90
CA LEU D 590 23.44 -37.40 10.39
C LEU D 590 22.48 -37.00 9.29
N PRO D 591 21.26 -37.57 9.29
CA PRO D 591 20.30 -37.22 8.23
C PRO D 591 19.96 -35.73 8.26
N MET D 592 20.12 -35.07 7.11
CA MET D 592 19.79 -33.65 6.90
C MET D 592 18.83 -33.60 5.72
N ILE D 593 17.67 -32.90 5.87
CA ILE D 593 16.65 -32.85 4.82
C ILE D 593 16.71 -31.49 4.09
N PRO D 594 17.37 -31.39 2.91
CA PRO D 594 17.46 -30.09 2.22
C PRO D 594 16.29 -29.82 1.28
N PHE D 595 15.94 -28.52 1.15
CA PHE D 595 14.89 -28.04 0.27
C PHE D 595 15.46 -26.90 -0.55
N TYR D 596 15.90 -27.18 -1.78
CA TYR D 596 16.51 -26.14 -2.60
C TYR D 596 15.47 -25.59 -3.58
N ILE D 597 15.03 -24.33 -3.32
CA ILE D 597 14.07 -23.60 -4.15
C ILE D 597 14.85 -22.55 -4.98
N TYR D 598 14.50 -22.48 -6.27
CA TYR D 598 15.14 -21.66 -7.29
C TYR D 598 14.19 -21.54 -8.49
N TYR D 599 14.53 -20.72 -9.52
CA TYR D 599 13.74 -20.59 -10.75
C TYR D 599 13.92 -21.88 -11.52
N SER D 600 12.84 -22.69 -11.66
CA SER D 600 12.83 -24.01 -12.28
C SER D 600 13.72 -24.14 -13.54
N MET D 601 13.73 -23.10 -14.41
CA MET D 601 14.52 -23.07 -15.64
C MET D 601 16.03 -23.30 -15.38
N PHE D 602 16.56 -22.80 -14.24
CA PHE D 602 17.99 -22.89 -13.91
C PHE D 602 18.30 -24.09 -12.97
N GLY D 603 17.56 -25.16 -13.16
CA GLY D 603 17.74 -26.41 -12.43
C GLY D 603 18.49 -27.38 -13.30
N PHE D 604 17.79 -28.41 -13.76
CA PHE D 604 18.34 -29.47 -14.60
C PHE D 604 19.00 -28.96 -15.87
N GLN D 605 18.58 -27.79 -16.37
CA GLN D 605 19.15 -27.25 -17.60
C GLN D 605 20.55 -26.71 -17.33
N ARG D 606 20.70 -26.00 -16.21
CA ARG D 606 21.91 -25.30 -15.80
C ARG D 606 22.87 -26.16 -14.98
N ILE D 607 22.37 -27.00 -14.05
CA ILE D 607 23.20 -27.84 -13.16
C ILE D 607 22.93 -29.35 -13.40
N GLY D 608 22.50 -29.70 -14.62
CA GLY D 608 22.15 -31.07 -15.04
C GLY D 608 23.12 -32.17 -14.70
N ASP D 609 24.43 -31.94 -14.94
CA ASP D 609 25.50 -32.90 -14.66
C ASP D 609 25.65 -33.11 -13.14
N LEU D 610 25.34 -32.08 -12.34
CA LEU D 610 25.39 -32.21 -10.89
C LEU D 610 24.20 -33.05 -10.39
N CYS D 611 23.04 -32.94 -11.07
CA CYS D 611 21.84 -33.72 -10.72
C CYS D 611 22.06 -35.20 -11.06
N TRP D 612 22.91 -35.50 -12.09
CA TRP D 612 23.26 -36.87 -12.45
C TRP D 612 24.21 -37.42 -11.37
N ALA D 613 25.24 -36.64 -10.98
CA ALA D 613 26.20 -36.97 -9.92
C ALA D 613 25.49 -37.13 -8.58
N ALA D 614 24.41 -36.36 -8.34
CA ALA D 614 23.60 -36.44 -7.12
C ALA D 614 22.89 -37.79 -7.07
N GLY D 615 22.42 -38.29 -8.20
CA GLY D 615 21.78 -39.61 -8.28
C GLY D 615 22.77 -40.71 -7.94
N ASP D 616 23.97 -40.58 -8.51
CA ASP D 616 25.12 -41.45 -8.29
C ASP D 616 25.53 -41.45 -6.83
N GLN D 617 25.56 -40.25 -6.19
CA GLN D 617 25.94 -40.09 -4.79
C GLN D 617 24.82 -40.49 -3.83
N GLN D 618 23.69 -40.99 -4.38
CA GLN D 618 22.50 -41.44 -3.65
C GLN D 618 21.93 -40.30 -2.76
N ALA D 619 21.74 -39.11 -3.38
CA ALA D 619 21.18 -37.93 -2.73
C ALA D 619 19.73 -38.17 -2.33
N ARG D 620 19.38 -37.76 -1.11
CA ARG D 620 18.03 -37.86 -0.57
C ARG D 620 17.64 -36.47 -0.08
N GLY D 621 16.91 -35.72 -0.92
CA GLY D 621 16.46 -34.37 -0.62
C GLY D 621 15.44 -33.92 -1.62
N PHE D 622 15.01 -32.65 -1.49
CA PHE D 622 13.99 -32.06 -2.35
C PHE D 622 14.51 -30.89 -3.19
N LEU D 623 14.28 -30.98 -4.51
CA LEU D 623 14.57 -29.90 -5.46
C LEU D 623 13.23 -29.24 -5.78
N ILE D 624 13.08 -27.94 -5.49
CA ILE D 624 11.82 -27.24 -5.70
C ILE D 624 11.98 -26.25 -6.86
N GLY D 625 11.43 -26.62 -8.01
CA GLY D 625 11.46 -25.80 -9.21
C GLY D 625 10.41 -24.72 -9.14
N GLY D 626 10.73 -23.62 -8.46
CA GLY D 626 9.82 -22.49 -8.31
C GLY D 626 9.60 -21.74 -9.60
N THR D 627 8.59 -20.84 -9.64
CA THR D 627 8.20 -20.02 -10.82
C THR D 627 8.27 -20.87 -12.12
N SER D 628 7.63 -22.06 -12.08
CA SER D 628 7.63 -23.03 -13.18
C SER D 628 6.43 -22.86 -14.12
N GLY D 629 6.44 -23.60 -15.21
CA GLY D 629 5.41 -23.56 -16.22
C GLY D 629 5.70 -22.47 -17.23
N ARG D 630 5.68 -22.83 -18.53
CA ARG D 630 5.98 -21.91 -19.63
C ARG D 630 5.13 -20.63 -19.60
N THR D 631 3.81 -20.74 -19.36
CA THR D 631 2.90 -19.60 -19.42
C THR D 631 2.72 -18.86 -18.08
N THR D 632 3.05 -19.49 -16.94
CA THR D 632 2.83 -18.93 -15.59
C THR D 632 3.87 -17.85 -15.23
N LEU D 633 5.17 -18.05 -15.56
CA LEU D 633 6.17 -16.99 -15.37
C LEU D 633 6.14 -16.13 -16.65
N ASN D 634 4.95 -15.56 -16.91
CA ASN D 634 4.47 -14.88 -18.11
C ASN D 634 5.28 -13.68 -18.63
N GLY D 635 5.74 -12.80 -17.75
CA GLY D 635 6.43 -11.60 -18.21
C GLY D 635 7.90 -11.73 -18.45
N GLU D 636 8.51 -12.81 -17.92
CA GLU D 636 9.95 -13.03 -17.95
C GLU D 636 10.49 -13.44 -19.33
N GLY D 637 9.76 -14.23 -20.10
CA GLY D 637 10.17 -14.57 -21.45
C GLY D 637 11.06 -15.78 -21.65
N LEU D 638 11.68 -15.82 -22.85
CA LEU D 638 12.48 -16.89 -23.43
C LEU D 638 13.43 -17.63 -22.49
N GLN D 639 14.30 -16.95 -21.75
CA GLN D 639 15.30 -17.63 -20.93
C GLN D 639 14.82 -17.97 -19.50
N HIS D 640 13.53 -17.74 -19.19
CA HIS D 640 12.96 -18.01 -17.87
C HIS D 640 11.75 -18.94 -17.90
N GLU D 641 10.95 -18.87 -18.97
CA GLU D 641 9.72 -19.65 -19.12
C GLU D 641 10.04 -21.14 -19.34
N ASP D 642 9.80 -21.94 -18.29
CA ASP D 642 10.08 -23.37 -18.24
C ASP D 642 8.87 -24.29 -18.58
N GLY D 643 8.92 -24.89 -19.76
CA GLY D 643 7.93 -25.86 -20.19
C GLY D 643 8.60 -27.17 -20.53
N HIS D 644 9.77 -27.47 -19.90
CA HIS D 644 10.52 -28.68 -20.26
C HIS D 644 11.41 -29.26 -19.14
N SER D 645 11.52 -28.64 -17.95
CA SER D 645 12.38 -29.20 -16.87
C SER D 645 11.97 -30.63 -16.46
N HIS D 646 10.67 -30.95 -16.61
CA HIS D 646 10.15 -32.28 -16.32
C HIS D 646 10.62 -33.32 -17.35
N ILE D 647 10.95 -32.87 -18.58
CA ILE D 647 11.48 -33.74 -19.64
C ILE D 647 12.94 -34.02 -19.33
N GLN D 648 13.63 -33.08 -18.68
CA GLN D 648 15.03 -33.25 -18.28
C GLN D 648 15.11 -34.10 -17.02
N SER D 649 14.25 -33.82 -16.02
CA SER D 649 14.24 -34.53 -14.74
C SER D 649 13.84 -36.00 -14.88
N LEU D 650 13.06 -36.39 -15.91
CA LEU D 650 12.65 -37.79 -16.09
C LEU D 650 13.80 -38.69 -16.59
N THR D 651 14.93 -38.09 -17.02
CA THR D 651 16.11 -38.83 -17.49
C THR D 651 16.92 -39.41 -16.30
N ILE D 652 16.72 -38.89 -15.07
CA ILE D 652 17.42 -39.36 -13.86
C ILE D 652 16.60 -40.49 -13.24
N PRO D 653 17.16 -41.74 -13.21
CA PRO D 653 16.39 -42.88 -12.70
C PRO D 653 15.88 -42.76 -11.26
N ASN D 654 16.65 -42.17 -10.33
CA ASN D 654 16.22 -42.06 -8.92
C ASN D 654 15.72 -40.65 -8.56
N CYS D 655 15.22 -39.91 -9.56
CA CYS D 655 14.57 -38.60 -9.37
C CYS D 655 13.07 -38.80 -9.52
N ILE D 656 12.28 -38.49 -8.46
CA ILE D 656 10.82 -38.61 -8.47
C ILE D 656 10.24 -37.22 -8.74
N SER D 657 9.62 -37.03 -9.93
CA SER D 657 9.12 -35.72 -10.33
C SER D 657 7.58 -35.58 -10.22
N TYR D 658 7.15 -34.44 -9.65
CA TYR D 658 5.74 -34.08 -9.51
C TYR D 658 5.50 -32.66 -10.01
N ASP D 659 4.27 -32.40 -10.51
CA ASP D 659 3.80 -31.08 -10.96
C ASP D 659 2.41 -30.88 -10.33
N PRO D 660 2.34 -30.60 -9.00
CA PRO D 660 1.04 -30.47 -8.35
C PRO D 660 0.30 -29.20 -8.76
N ALA D 661 -1.03 -29.29 -8.77
CA ALA D 661 -1.94 -28.20 -9.10
C ALA D 661 -2.48 -27.54 -7.84
N TYR D 662 -2.73 -28.32 -6.76
CA TYR D 662 -3.31 -27.80 -5.53
C TYR D 662 -2.40 -27.93 -4.30
N ALA D 663 -2.70 -27.13 -3.27
CA ALA D 663 -1.97 -27.06 -2.01
C ALA D 663 -1.97 -28.41 -1.26
N TYR D 664 -3.11 -29.12 -1.20
CA TYR D 664 -3.19 -30.42 -0.52
C TYR D 664 -2.32 -31.46 -1.22
N GLU D 665 -2.18 -31.38 -2.57
CA GLU D 665 -1.31 -32.28 -3.35
C GLU D 665 0.13 -32.11 -2.91
N VAL D 666 0.58 -30.83 -2.73
CA VAL D 666 1.93 -30.47 -2.27
C VAL D 666 2.19 -31.16 -0.92
N ALA D 667 1.25 -31.01 0.06
CA ALA D 667 1.35 -31.61 1.40
C ALA D 667 1.50 -33.13 1.35
N VAL D 668 0.66 -33.82 0.55
CA VAL D 668 0.67 -35.29 0.38
C VAL D 668 2.00 -35.75 -0.25
N ILE D 669 2.49 -35.04 -1.28
CA ILE D 669 3.74 -35.35 -2.00
C ILE D 669 4.95 -35.15 -1.07
N MET D 670 5.01 -34.01 -0.36
CA MET D 670 6.11 -33.67 0.54
C MET D 670 6.17 -34.62 1.73
N HIS D 671 4.99 -35.00 2.28
CA HIS D 671 4.91 -35.96 3.39
C HIS D 671 5.44 -37.34 2.95
N ASP D 672 4.97 -37.83 1.77
CA ASP D 672 5.37 -39.13 1.22
C ASP D 672 6.87 -39.18 0.95
N GLY D 673 7.43 -38.11 0.37
CA GLY D 673 8.85 -38.00 0.08
C GLY D 673 9.70 -38.16 1.31
N LEU D 674 9.31 -37.42 2.37
CA LEU D 674 9.93 -37.42 3.68
C LEU D 674 9.91 -38.83 4.28
N GLU D 675 8.75 -39.49 4.26
CA GLU D 675 8.55 -40.84 4.77
C GLU D 675 9.40 -41.88 3.99
N ARG D 676 9.39 -41.81 2.64
CA ARG D 676 10.13 -42.72 1.77
C ARG D 676 11.64 -42.64 1.99
N MET D 677 12.20 -41.42 1.93
CA MET D 677 13.62 -41.12 2.04
C MET D 677 14.16 -41.15 3.48
N TYR D 678 13.50 -40.44 4.43
CA TYR D 678 14.00 -40.32 5.80
C TYR D 678 13.20 -41.11 6.86
N GLY D 679 12.26 -41.95 6.40
CA GLY D 679 11.53 -42.87 7.24
C GLY D 679 12.30 -44.17 7.32
N GLU D 680 11.70 -45.24 7.84
CA GLU D 680 12.38 -46.53 7.98
C GLU D 680 12.71 -47.20 6.63
N LYS D 681 11.95 -46.88 5.57
CA LYS D 681 12.13 -47.43 4.22
C LYS D 681 13.53 -47.09 3.67
N GLN D 682 14.01 -45.84 3.94
CA GLN D 682 15.29 -45.27 3.52
C GLN D 682 15.52 -45.56 2.02
N GLU D 683 14.69 -44.93 1.18
CA GLU D 683 14.74 -45.08 -0.27
C GLU D 683 15.78 -44.14 -0.87
N ASN D 684 16.75 -44.69 -1.60
CA ASN D 684 17.81 -43.92 -2.27
C ASN D 684 17.21 -43.29 -3.52
N VAL D 685 16.45 -42.23 -3.28
CA VAL D 685 15.71 -41.48 -4.27
C VAL D 685 15.68 -40.01 -3.83
N TYR D 686 15.51 -39.06 -4.78
CA TYR D 686 15.36 -37.65 -4.44
C TYR D 686 14.17 -37.11 -5.21
N TYR D 687 13.52 -36.07 -4.67
CA TYR D 687 12.30 -35.52 -5.20
C TYR D 687 12.50 -34.23 -5.97
N TYR D 688 11.67 -34.02 -7.00
CA TYR D 688 11.59 -32.80 -7.80
C TYR D 688 10.13 -32.38 -7.89
N ILE D 689 9.80 -31.25 -7.25
CA ILE D 689 8.44 -30.71 -7.23
C ILE D 689 8.47 -29.32 -7.87
N THR D 690 7.69 -29.13 -8.95
CA THR D 690 7.56 -27.82 -9.57
C THR D 690 6.45 -27.07 -8.86
N THR D 691 6.73 -25.83 -8.43
CA THR D 691 5.76 -25.00 -7.73
C THR D 691 5.51 -23.73 -8.58
N LEU D 692 4.40 -23.01 -8.29
CA LEU D 692 3.96 -21.88 -9.10
C LEU D 692 3.88 -20.55 -8.33
N ASN D 693 3.89 -19.44 -9.10
CA ASN D 693 3.81 -18.07 -8.57
C ASN D 693 2.41 -17.46 -8.83
N GLU D 694 1.43 -18.28 -9.27
CA GLU D 694 0.06 -17.88 -9.56
C GLU D 694 -0.88 -18.32 -8.45
N ASN D 695 -1.73 -17.39 -8.00
CA ASN D 695 -2.71 -17.65 -6.97
C ASN D 695 -4.06 -17.97 -7.59
N TYR D 696 -4.73 -19.00 -7.05
CA TYR D 696 -6.07 -19.41 -7.47
C TYR D 696 -6.76 -20.16 -6.33
N HIS D 697 -8.05 -20.51 -6.50
CA HIS D 697 -8.80 -21.23 -5.49
C HIS D 697 -8.19 -22.59 -5.25
N MET D 698 -7.96 -22.88 -3.96
CA MET D 698 -7.39 -24.15 -3.52
C MET D 698 -8.47 -24.92 -2.76
N PRO D 699 -9.12 -25.93 -3.43
CA PRO D 699 -10.16 -26.71 -2.74
C PRO D 699 -9.59 -27.70 -1.73
N ALA D 700 -10.47 -28.32 -0.94
CA ALA D 700 -10.10 -29.34 0.06
C ALA D 700 -9.73 -30.66 -0.63
N MET D 701 -8.98 -31.52 0.06
CA MET D 701 -8.57 -32.81 -0.47
C MET D 701 -9.75 -33.78 -0.52
N PRO D 702 -10.03 -34.39 -1.70
CA PRO D 702 -11.11 -35.37 -1.78
C PRO D 702 -10.82 -36.59 -0.91
N GLU D 703 -11.89 -37.20 -0.37
CA GLU D 703 -11.86 -38.38 0.47
C GLU D 703 -11.07 -39.51 -0.21
N GLY D 704 -10.00 -39.95 0.45
CA GLY D 704 -9.15 -41.05 -0.01
C GLY D 704 -8.36 -40.85 -1.27
N ALA D 705 -8.00 -39.59 -1.60
CA ALA D 705 -7.23 -39.26 -2.80
C ALA D 705 -5.70 -39.42 -2.58
N GLU D 706 -5.28 -39.67 -1.33
CA GLU D 706 -3.87 -39.80 -0.90
C GLU D 706 -3.05 -40.78 -1.75
N GLU D 707 -3.62 -41.92 -2.16
CA GLU D 707 -2.91 -42.92 -2.98
C GLU D 707 -2.72 -42.41 -4.41
N GLY D 708 -3.78 -41.85 -4.97
CA GLY D 708 -3.80 -41.32 -6.33
C GLY D 708 -2.84 -40.17 -6.59
N ILE D 709 -2.63 -39.32 -5.56
CA ILE D 709 -1.71 -38.17 -5.59
C ILE D 709 -0.27 -38.71 -5.67
N ARG D 710 0.08 -39.61 -4.71
CA ARG D 710 1.38 -40.28 -4.61
C ARG D 710 1.69 -41.17 -5.81
N LYS D 711 0.67 -41.74 -6.47
CA LYS D 711 0.91 -42.61 -7.63
C LYS D 711 0.95 -41.83 -8.95
N GLY D 712 0.28 -40.67 -9.01
CA GLY D 712 0.33 -39.83 -10.20
C GLY D 712 -0.98 -39.34 -10.80
N ILE D 713 -2.13 -39.96 -10.47
CA ILE D 713 -3.42 -39.58 -11.05
C ILE D 713 -4.58 -39.98 -10.12
N TYR D 714 -5.67 -39.19 -10.16
CA TYR D 714 -6.92 -39.46 -9.43
C TYR D 714 -8.08 -38.68 -10.07
N LYS D 715 -9.28 -39.28 -10.07
CA LYS D 715 -10.50 -38.67 -10.60
C LYS D 715 -10.96 -37.60 -9.61
N LEU D 716 -11.01 -36.34 -10.08
CA LEU D 716 -11.43 -35.19 -9.28
C LEU D 716 -12.94 -35.05 -9.23
N GLU D 717 -13.57 -35.19 -10.41
CA GLU D 717 -14.98 -34.94 -10.61
C GLU D 717 -15.53 -35.70 -11.81
N THR D 718 -16.86 -35.88 -11.81
CA THR D 718 -17.61 -36.45 -12.92
C THR D 718 -18.75 -35.47 -13.17
N ILE D 719 -18.73 -34.83 -14.34
CA ILE D 719 -19.74 -33.86 -14.73
C ILE D 719 -20.69 -34.56 -15.70
N GLU D 720 -22.00 -34.42 -15.45
CA GLU D 720 -23.06 -35.08 -16.23
C GLU D 720 -23.26 -34.40 -17.59
N GLY D 721 -23.53 -35.21 -18.61
CA GLY D 721 -23.76 -34.77 -19.99
C GLY D 721 -24.37 -35.84 -20.86
N SER D 722 -25.55 -35.54 -21.42
CA SER D 722 -26.35 -36.43 -22.27
C SER D 722 -25.91 -36.52 -23.74
N LYS D 723 -25.15 -35.53 -24.25
CA LYS D 723 -24.76 -35.49 -25.67
C LYS D 723 -23.43 -36.23 -25.97
N GLY D 724 -22.72 -36.66 -24.93
CA GLY D 724 -21.45 -37.37 -25.07
C GLY D 724 -20.61 -37.42 -23.82
N LYS D 725 -19.48 -38.16 -23.86
CA LYS D 725 -18.57 -38.29 -22.71
C LYS D 725 -17.09 -38.25 -23.13
N VAL D 726 -16.30 -37.48 -22.36
CA VAL D 726 -14.86 -37.31 -22.57
C VAL D 726 -14.12 -37.44 -21.23
N GLN D 727 -12.79 -37.59 -21.29
CA GLN D 727 -11.87 -37.62 -20.15
C GLN D 727 -10.95 -36.43 -20.26
N LEU D 728 -10.87 -35.62 -19.22
CA LEU D 728 -10.00 -34.44 -19.29
C LEU D 728 -8.93 -34.51 -18.20
N LEU D 729 -7.66 -34.43 -18.62
CA LEU D 729 -6.47 -34.51 -17.79
C LEU D 729 -5.70 -33.18 -17.77
N GLY D 730 -5.26 -32.77 -16.59
CA GLY D 730 -4.50 -31.54 -16.40
C GLY D 730 -3.57 -31.64 -15.22
N SER D 731 -2.55 -30.76 -15.16
CA SER D 731 -1.56 -30.68 -14.07
C SER D 731 -1.07 -29.25 -13.91
N GLY D 732 -0.54 -28.93 -12.73
CA GLY D 732 -0.03 -27.60 -12.42
C GLY D 732 -1.08 -26.51 -12.60
N SER D 733 -0.64 -25.34 -13.08
CA SER D 733 -1.48 -24.16 -13.29
C SER D 733 -2.55 -24.35 -14.37
N ILE D 734 -2.35 -25.28 -15.30
CA ILE D 734 -3.27 -25.53 -16.43
C ILE D 734 -4.48 -26.41 -16.00
N LEU D 735 -4.43 -27.10 -14.85
CA LEU D 735 -5.57 -27.93 -14.40
C LEU D 735 -6.85 -27.10 -14.27
N ARG D 736 -6.81 -25.92 -13.60
CA ARG D 736 -7.98 -25.06 -13.42
C ARG D 736 -8.57 -24.63 -14.77
N HIS D 737 -7.71 -24.57 -15.80
CA HIS D 737 -8.10 -24.21 -17.16
C HIS D 737 -8.74 -25.40 -17.86
N VAL D 738 -8.36 -26.67 -17.52
CA VAL D 738 -9.05 -27.82 -18.12
C VAL D 738 -10.42 -27.98 -17.40
N ARG D 739 -10.47 -27.70 -16.08
CA ARG D 739 -11.67 -27.74 -15.23
C ARG D 739 -12.73 -26.71 -15.71
N GLU D 740 -12.26 -25.54 -16.19
CA GLU D 740 -13.04 -24.45 -16.78
C GLU D 740 -13.64 -24.95 -18.09
N ALA D 741 -12.81 -25.64 -18.90
CA ALA D 741 -13.19 -26.24 -20.17
C ALA D 741 -14.23 -27.34 -19.99
N ALA D 742 -14.18 -28.06 -18.84
CA ALA D 742 -15.11 -29.13 -18.47
C ALA D 742 -16.51 -28.58 -18.23
N GLU D 743 -16.60 -27.35 -17.66
CA GLU D 743 -17.85 -26.64 -17.38
C GLU D 743 -18.46 -26.16 -18.70
N ILE D 744 -17.62 -25.67 -19.63
CA ILE D 744 -18.01 -25.18 -20.97
C ILE D 744 -18.61 -26.34 -21.77
N LEU D 745 -17.90 -27.49 -21.84
CA LEU D 745 -18.33 -28.68 -22.56
C LEU D 745 -19.70 -29.18 -22.07
N ALA D 746 -19.95 -29.11 -20.75
CA ALA D 746 -21.20 -29.52 -20.12
C ALA D 746 -22.35 -28.52 -20.34
N LYS D 747 -22.11 -27.22 -20.05
CA LYS D 747 -23.12 -26.16 -20.15
C LYS D 747 -23.48 -25.82 -21.59
N ASP D 748 -22.48 -25.54 -22.43
CA ASP D 748 -22.70 -25.13 -23.81
C ASP D 748 -22.87 -26.29 -24.79
N TYR D 749 -22.24 -27.46 -24.57
CA TYR D 749 -22.34 -28.52 -25.57
C TYR D 749 -23.02 -29.82 -25.07
N GLY D 750 -23.35 -29.89 -23.77
CA GLY D 750 -24.00 -31.04 -23.16
C GLY D 750 -23.13 -32.27 -23.08
N VAL D 751 -21.80 -32.06 -23.07
CA VAL D 751 -20.79 -33.11 -23.04
C VAL D 751 -20.32 -33.31 -21.59
N GLY D 752 -20.55 -34.52 -21.09
CA GLY D 752 -20.14 -34.91 -19.75
C GLY D 752 -18.68 -35.26 -19.73
N SER D 753 -18.06 -35.30 -18.53
CA SER D 753 -16.63 -35.62 -18.45
C SER D 753 -16.19 -36.14 -17.10
N ASP D 754 -15.04 -36.84 -17.12
CA ASP D 754 -14.32 -37.32 -15.95
C ASP D 754 -13.07 -36.44 -15.90
N VAL D 755 -12.99 -35.57 -14.88
CA VAL D 755 -11.87 -34.63 -14.73
C VAL D 755 -10.82 -35.28 -13.80
N TYR D 756 -9.55 -35.32 -14.26
CA TYR D 756 -8.43 -35.92 -13.53
C TYR D 756 -7.28 -34.95 -13.27
N SER D 757 -6.79 -34.96 -12.03
CA SER D 757 -5.60 -34.20 -11.63
C SER D 757 -4.42 -35.13 -11.76
N VAL D 758 -3.50 -34.82 -12.69
CA VAL D 758 -2.31 -35.65 -12.92
C VAL D 758 -1.15 -35.02 -12.13
N THR D 759 -0.85 -35.57 -10.93
CA THR D 759 0.22 -35.08 -10.08
C THR D 759 1.62 -35.44 -10.64
N SER D 760 1.73 -36.55 -11.42
CA SER D 760 3.00 -36.98 -12.02
C SER D 760 2.80 -37.80 -13.27
N PHE D 761 2.98 -37.20 -14.46
CA PHE D 761 2.87 -37.95 -15.71
C PHE D 761 4.04 -38.94 -15.85
N THR D 762 5.21 -38.57 -15.28
CA THR D 762 6.46 -39.34 -15.32
C THR D 762 6.31 -40.63 -14.51
N GLU D 763 5.81 -40.55 -13.26
CA GLU D 763 5.63 -41.74 -12.42
C GLU D 763 4.60 -42.70 -13.03
N LEU D 764 3.60 -42.16 -13.76
CA LEU D 764 2.59 -42.95 -14.45
C LEU D 764 3.20 -43.64 -15.68
N ALA D 765 4.09 -42.95 -16.41
CA ALA D 765 4.77 -43.53 -17.58
C ALA D 765 5.72 -44.63 -17.12
N ARG D 766 6.49 -44.40 -16.02
CA ARG D 766 7.40 -45.38 -15.43
C ARG D 766 6.64 -46.63 -14.98
N ASP D 767 5.50 -46.44 -14.28
CA ASP D 767 4.62 -47.54 -13.83
C ASP D 767 4.12 -48.35 -15.04
N GLY D 768 3.73 -47.66 -16.10
CA GLY D 768 3.24 -48.26 -17.33
C GLY D 768 4.31 -49.09 -18.01
N GLN D 769 5.51 -48.51 -18.16
CA GLN D 769 6.70 -49.14 -18.74
C GLN D 769 7.10 -50.41 -17.99
N ASP D 770 6.95 -50.37 -16.64
CA ASP D 770 7.25 -51.48 -15.74
C ASP D 770 6.28 -52.63 -15.93
N CYS D 771 4.96 -52.34 -16.01
CA CYS D 771 3.90 -53.33 -16.20
C CYS D 771 4.03 -54.00 -17.55
N GLU D 772 4.30 -53.22 -18.61
CA GLU D 772 4.48 -53.77 -19.96
C GLU D 772 5.76 -54.60 -20.07
N ARG D 773 6.85 -54.19 -19.37
CA ARG D 773 8.10 -54.96 -19.34
C ARG D 773 7.83 -56.33 -18.70
N TRP D 774 7.10 -56.33 -17.56
CA TRP D 774 6.72 -57.52 -16.82
C TRP D 774 5.87 -58.43 -17.71
N ASN D 775 4.79 -57.88 -18.32
CA ASN D 775 3.89 -58.60 -19.22
C ASN D 775 4.64 -59.27 -20.38
N MET D 776 5.66 -58.59 -20.93
CA MET D 776 6.50 -59.12 -22.01
C MET D 776 7.27 -60.35 -21.53
N LEU D 777 7.92 -60.25 -20.35
CA LEU D 777 8.77 -61.29 -19.76
C LEU D 777 7.99 -62.40 -19.04
N HIS D 778 6.65 -62.24 -18.89
CA HIS D 778 5.79 -63.21 -18.23
C HIS D 778 4.56 -63.53 -19.16
N PRO D 779 4.79 -64.20 -20.33
CA PRO D 779 3.68 -64.46 -21.27
C PRO D 779 2.64 -65.49 -20.81
N LEU D 780 3.02 -66.37 -19.87
CA LEU D 780 2.12 -67.42 -19.38
C LEU D 780 1.25 -66.95 -18.20
N GLU D 781 1.47 -65.72 -17.70
CA GLU D 781 0.72 -65.14 -16.59
C GLU D 781 -0.21 -64.02 -17.07
N THR D 782 -1.33 -63.80 -16.33
CA THR D 782 -2.33 -62.79 -16.64
C THR D 782 -1.66 -61.41 -16.66
N PRO D 783 -1.87 -60.60 -17.73
CA PRO D 783 -1.18 -59.31 -17.82
C PRO D 783 -1.56 -58.33 -16.71
N ARG D 784 -0.57 -57.56 -16.27
CA ARG D 784 -0.71 -56.53 -15.25
C ARG D 784 -1.21 -55.25 -15.91
N VAL D 785 -2.10 -54.52 -15.23
CA VAL D 785 -2.69 -53.30 -15.76
C VAL D 785 -2.01 -52.05 -15.15
N PRO D 786 -1.44 -51.12 -15.98
CA PRO D 786 -0.83 -49.91 -15.43
C PRO D 786 -1.82 -49.09 -14.59
N TYR D 787 -1.35 -48.42 -13.51
CA TYR D 787 -2.20 -47.62 -12.62
C TYR D 787 -3.05 -46.58 -13.37
N ILE D 788 -2.50 -45.93 -14.41
CA ILE D 788 -3.25 -44.94 -15.19
C ILE D 788 -4.47 -45.65 -15.88
N ALA D 789 -4.27 -46.88 -16.42
CA ALA D 789 -5.29 -47.68 -17.09
C ALA D 789 -6.32 -48.25 -16.10
N GLN D 790 -6.01 -48.22 -14.79
CA GLN D 790 -6.91 -48.64 -13.70
C GLN D 790 -7.83 -47.48 -13.31
N VAL D 791 -7.29 -46.24 -13.26
CA VAL D 791 -8.00 -45.01 -12.89
C VAL D 791 -8.89 -44.53 -14.04
N MET D 792 -8.31 -44.44 -15.26
CA MET D 792 -8.98 -43.99 -16.48
C MET D 792 -9.88 -45.06 -17.13
N ASN D 793 -10.69 -44.63 -18.12
CA ASN D 793 -11.61 -45.47 -18.89
C ASN D 793 -11.36 -45.31 -20.41
N ASP D 794 -12.25 -45.88 -21.26
CA ASP D 794 -12.13 -45.92 -22.72
C ASP D 794 -12.59 -44.64 -23.46
N ALA D 795 -13.28 -43.70 -22.76
CA ALA D 795 -13.80 -42.45 -23.36
C ALA D 795 -12.68 -41.57 -23.95
N PRO D 796 -12.90 -40.93 -25.16
CA PRO D 796 -11.85 -40.06 -25.74
C PRO D 796 -11.30 -39.06 -24.72
N ALA D 797 -9.96 -38.94 -24.64
CA ALA D 797 -9.31 -38.09 -23.62
C ALA D 797 -8.51 -36.93 -24.22
N VAL D 798 -8.46 -35.81 -23.45
CA VAL D 798 -7.68 -34.61 -23.78
C VAL D 798 -6.82 -34.29 -22.56
N ALA D 799 -5.51 -34.06 -22.79
CA ALA D 799 -4.58 -33.69 -21.73
C ALA D 799 -3.94 -32.35 -22.06
N SER D 800 -3.78 -31.49 -21.04
CA SER D 800 -3.15 -30.18 -21.19
C SER D 800 -2.32 -29.84 -19.95
N THR D 801 -1.05 -29.45 -20.17
CA THR D 801 -0.09 -29.06 -19.13
C THR D 801 0.60 -27.75 -19.51
N ASP D 802 1.41 -27.21 -18.60
CA ASP D 802 2.18 -25.98 -18.84
C ASP D 802 3.56 -26.33 -19.44
N TYR D 803 3.79 -27.63 -19.70
CA TYR D 803 5.01 -28.21 -20.25
C TYR D 803 4.76 -28.72 -21.65
N MET D 804 5.83 -28.90 -22.44
CA MET D 804 5.75 -29.40 -23.82
C MET D 804 4.96 -30.72 -23.89
N LYS D 805 4.28 -30.94 -25.03
CA LYS D 805 3.39 -32.06 -25.32
C LYS D 805 3.94 -33.42 -24.89
N LEU D 806 5.26 -33.67 -25.02
CA LEU D 806 5.84 -34.96 -24.63
C LEU D 806 5.59 -35.29 -23.14
N PHE D 807 5.43 -34.27 -22.27
CA PHE D 807 5.17 -34.49 -20.84
C PHE D 807 3.87 -35.29 -20.63
N ALA D 808 2.83 -34.96 -21.38
CA ALA D 808 1.55 -35.65 -21.29
C ALA D 808 1.50 -36.84 -22.25
N GLU D 809 2.16 -36.74 -23.43
CA GLU D 809 2.18 -37.78 -24.45
C GLU D 809 2.88 -39.07 -24.03
N GLN D 810 3.80 -38.98 -23.04
CA GLN D 810 4.63 -40.09 -22.54
C GLN D 810 3.79 -41.26 -21.96
N VAL D 811 2.53 -41.01 -21.59
CA VAL D 811 1.66 -42.04 -21.04
C VAL D 811 0.76 -42.67 -22.14
N ARG D 812 0.85 -42.19 -23.41
CA ARG D 812 -0.01 -42.65 -24.52
C ARG D 812 -0.25 -44.17 -24.53
N THR D 813 0.81 -44.99 -24.60
CA THR D 813 0.73 -46.46 -24.66
C THR D 813 -0.18 -47.05 -23.56
N TYR D 814 -0.20 -46.42 -22.38
CA TYR D 814 -0.88 -46.89 -21.16
C TYR D 814 -2.26 -46.25 -20.92
N VAL D 815 -2.66 -45.27 -21.75
CA VAL D 815 -3.98 -44.62 -21.69
C VAL D 815 -4.99 -45.57 -22.38
N PRO D 816 -6.05 -46.04 -21.66
CA PRO D 816 -6.95 -47.04 -22.27
C PRO D 816 -7.99 -46.50 -23.28
N ALA D 817 -7.87 -45.25 -23.75
CA ALA D 817 -8.81 -44.67 -24.72
C ALA D 817 -8.29 -44.78 -26.16
N ASP D 818 -9.23 -44.83 -27.15
CA ASP D 818 -8.91 -44.91 -28.59
C ASP D 818 -8.22 -43.63 -29.05
N ASP D 819 -8.70 -42.47 -28.56
CA ASP D 819 -8.18 -41.13 -28.86
C ASP D 819 -7.62 -40.49 -27.59
N TYR D 820 -6.40 -39.94 -27.68
CA TYR D 820 -5.72 -39.24 -26.59
C TYR D 820 -4.98 -38.06 -27.18
N ARG D 821 -5.64 -36.88 -27.15
CA ARG D 821 -5.13 -35.62 -27.68
C ARG D 821 -4.40 -34.86 -26.59
N VAL D 822 -3.17 -34.45 -26.89
CA VAL D 822 -2.30 -33.76 -25.94
C VAL D 822 -2.03 -32.31 -26.39
N LEU D 823 -2.25 -31.38 -25.46
CA LEU D 823 -1.97 -29.95 -25.62
C LEU D 823 -0.77 -29.62 -24.74
N GLY D 824 0.16 -28.84 -25.27
CA GLY D 824 1.38 -28.49 -24.54
C GLY D 824 2.04 -27.21 -24.99
N THR D 825 2.97 -26.69 -24.18
CA THR D 825 3.65 -25.42 -24.41
C THR D 825 4.97 -25.55 -25.21
N ASP D 826 4.99 -26.34 -26.30
CA ASP D 826 6.17 -26.49 -27.17
C ASP D 826 6.54 -25.14 -27.80
N GLY D 827 7.82 -24.85 -27.89
CA GLY D 827 8.32 -23.60 -28.45
C GLY D 827 8.97 -22.68 -27.44
N PHE D 828 9.69 -21.65 -27.94
CA PHE D 828 10.36 -20.69 -27.08
C PHE D 828 9.37 -19.74 -26.42
N GLY D 829 9.62 -19.48 -25.14
CA GLY D 829 8.79 -18.57 -24.36
C GLY D 829 8.94 -17.12 -24.80
N ARG D 830 7.99 -16.28 -24.39
CA ARG D 830 7.97 -14.85 -24.72
C ARG D 830 7.20 -14.09 -23.65
N SER D 831 7.36 -12.76 -23.61
CA SER D 831 6.74 -11.91 -22.60
C SER D 831 5.35 -11.49 -22.99
N ASP D 832 4.36 -11.75 -22.10
CA ASP D 832 2.96 -11.32 -22.24
C ASP D 832 2.17 -11.67 -20.97
N SER D 833 0.83 -11.48 -21.00
CA SER D 833 -0.05 -11.84 -19.88
C SER D 833 -0.22 -13.35 -19.88
N ARG D 834 -0.64 -13.93 -18.75
CA ARG D 834 -0.85 -15.37 -18.65
C ARG D 834 -1.94 -15.81 -19.65
N GLU D 835 -2.98 -14.97 -19.83
CA GLU D 835 -4.10 -15.19 -20.76
C GLU D 835 -3.61 -15.30 -22.21
N ASN D 836 -2.79 -14.33 -22.65
CA ASN D 836 -2.25 -14.27 -24.01
C ASN D 836 -1.28 -15.41 -24.30
N LEU D 837 -0.45 -15.78 -23.31
CA LEU D 837 0.51 -16.88 -23.47
C LEU D 837 -0.20 -18.23 -23.57
N ARG D 838 -1.24 -18.45 -22.72
CA ARG D 838 -2.04 -19.66 -22.70
C ARG D 838 -2.81 -19.85 -24.02
N HIS D 839 -3.17 -18.74 -24.71
CA HIS D 839 -3.82 -18.84 -26.03
C HIS D 839 -2.74 -19.12 -27.09
N HIS D 840 -1.57 -18.43 -26.99
CA HIS D 840 -0.46 -18.61 -27.91
C HIS D 840 0.07 -20.04 -27.91
N PHE D 841 0.33 -20.60 -26.71
CA PHE D 841 0.87 -21.96 -26.55
C PHE D 841 -0.23 -23.02 -26.67
N GLU D 842 -1.48 -22.58 -26.94
CA GLU D 842 -2.66 -23.40 -27.23
C GLU D 842 -2.93 -24.45 -26.14
N VAL D 843 -3.07 -23.98 -24.89
CA VAL D 843 -3.28 -24.84 -23.71
C VAL D 843 -4.49 -24.41 -22.85
N ASP D 844 -5.13 -23.23 -23.13
CA ASP D 844 -6.26 -22.72 -22.34
C ASP D 844 -7.54 -23.56 -22.52
N ALA D 845 -8.60 -23.18 -21.77
CA ALA D 845 -9.91 -23.82 -21.79
C ALA D 845 -10.47 -23.92 -23.22
N SER D 846 -10.33 -22.85 -24.02
CA SER D 846 -10.83 -22.79 -25.40
C SER D 846 -10.23 -23.90 -26.28
N TYR D 847 -8.91 -24.16 -26.16
CA TYR D 847 -8.23 -25.20 -26.95
C TYR D 847 -8.58 -26.62 -26.46
N VAL D 848 -8.86 -26.77 -25.15
CA VAL D 848 -9.24 -28.07 -24.56
C VAL D 848 -10.63 -28.45 -25.07
N VAL D 849 -11.54 -27.47 -25.17
CA VAL D 849 -12.91 -27.62 -25.66
C VAL D 849 -12.88 -28.04 -27.13
N VAL D 850 -12.16 -27.31 -27.99
CA VAL D 850 -12.03 -27.60 -29.43
C VAL D 850 -11.39 -29.00 -29.65
N ALA D 851 -10.46 -29.41 -28.78
CA ALA D 851 -9.80 -30.72 -28.86
C ALA D 851 -10.78 -31.84 -28.52
N ALA D 852 -11.63 -31.63 -27.50
CA ALA D 852 -12.63 -32.59 -27.03
C ALA D 852 -13.75 -32.78 -28.05
N LEU D 853 -14.34 -31.66 -28.56
CA LEU D 853 -15.41 -31.69 -29.56
C LEU D 853 -14.95 -32.39 -30.83
N GLY D 854 -13.71 -32.13 -31.24
CA GLY D 854 -13.09 -32.71 -32.42
C GLY D 854 -13.03 -34.23 -32.42
N GLU D 855 -12.87 -34.84 -31.22
CA GLU D 855 -12.81 -36.30 -31.01
C GLU D 855 -14.20 -36.89 -31.19
N LEU D 856 -15.22 -36.24 -30.59
CA LEU D 856 -16.62 -36.66 -30.64
C LEU D 856 -17.17 -36.50 -32.05
N ALA D 857 -16.68 -35.51 -32.83
CA ALA D 857 -17.09 -35.30 -34.22
C ALA D 857 -16.54 -36.41 -35.11
N LYS D 858 -15.31 -36.90 -34.80
CA LYS D 858 -14.65 -38.02 -35.49
C LYS D 858 -15.43 -39.32 -35.23
N ARG D 859 -15.92 -39.48 -33.97
CA ARG D 859 -16.73 -40.62 -33.51
C ARG D 859 -18.16 -40.54 -34.06
N GLY D 860 -18.52 -39.39 -34.64
CA GLY D 860 -19.84 -39.12 -35.21
C GLY D 860 -20.90 -38.76 -34.18
N GLU D 861 -20.49 -38.57 -32.90
CA GLU D 861 -21.38 -38.23 -31.79
C GLU D 861 -21.92 -36.79 -31.91
N ILE D 862 -21.14 -35.87 -32.52
CA ILE D 862 -21.51 -34.48 -32.78
C ILE D 862 -21.12 -34.11 -34.21
N ASP D 863 -21.75 -33.05 -34.77
CA ASP D 863 -21.50 -32.59 -36.13
C ASP D 863 -20.13 -31.91 -36.19
N LYS D 864 -19.48 -32.00 -37.36
CA LYS D 864 -18.18 -31.39 -37.66
C LYS D 864 -18.26 -29.86 -37.61
N LYS D 865 -19.46 -29.30 -37.93
CA LYS D 865 -19.75 -27.87 -37.92
C LYS D 865 -19.68 -27.27 -36.50
N VAL D 866 -20.03 -28.03 -35.44
CA VAL D 866 -20.00 -27.57 -34.05
C VAL D 866 -18.56 -27.22 -33.65
N VAL D 867 -17.57 -28.08 -34.06
CA VAL D 867 -16.13 -27.90 -33.81
C VAL D 867 -15.61 -26.65 -34.57
N ALA D 868 -15.94 -26.52 -35.87
CA ALA D 868 -15.53 -25.39 -36.70
C ALA D 868 -16.13 -24.06 -36.20
N ASP D 869 -17.36 -24.13 -35.63
CA ASP D 869 -18.04 -22.97 -35.05
C ASP D 869 -17.39 -22.58 -33.71
N ALA D 870 -16.97 -23.58 -32.89
CA ALA D 870 -16.28 -23.36 -31.63
C ALA D 870 -14.93 -22.62 -31.84
N ILE D 871 -14.16 -23.01 -32.88
CA ILE D 871 -12.88 -22.39 -33.27
C ILE D 871 -13.09 -20.88 -33.47
N ALA D 872 -14.16 -20.50 -34.21
CA ALA D 872 -14.52 -19.11 -34.47
C ALA D 872 -14.99 -18.41 -33.19
N LYS D 873 -15.91 -19.05 -32.44
CA LYS D 873 -16.49 -18.58 -31.18
C LYS D 873 -15.40 -18.25 -30.14
N PHE D 874 -14.36 -19.11 -30.03
CA PHE D 874 -13.28 -18.96 -29.05
C PHE D 874 -12.07 -18.17 -29.59
N ASN D 875 -12.23 -17.53 -30.77
CA ASN D 875 -11.23 -16.72 -31.45
C ASN D 875 -9.90 -17.49 -31.59
N ILE D 876 -9.97 -18.72 -32.13
CA ILE D 876 -8.80 -19.55 -32.36
C ILE D 876 -8.36 -19.39 -33.84
N ASP D 877 -7.09 -18.99 -34.06
CA ASP D 877 -6.52 -18.86 -35.40
C ASP D 877 -5.99 -20.24 -35.79
N ALA D 878 -6.79 -20.98 -36.58
CA ALA D 878 -6.49 -22.33 -37.04
C ALA D 878 -5.23 -22.41 -37.93
N ASP D 879 -4.82 -21.28 -38.56
CA ASP D 879 -3.69 -21.27 -39.46
C ASP D 879 -2.47 -20.47 -38.93
N LYS D 880 -2.42 -20.18 -37.62
CA LYS D 880 -1.26 -19.49 -37.03
C LYS D 880 -0.10 -20.49 -37.02
N VAL D 881 1.15 -19.99 -37.03
CA VAL D 881 2.33 -20.86 -37.03
C VAL D 881 2.38 -21.70 -35.74
N ASN D 882 2.87 -22.96 -35.87
CA ASN D 882 3.04 -23.88 -34.73
C ASN D 882 3.87 -23.18 -33.66
N PRO D 883 3.37 -23.05 -32.41
CA PRO D 883 4.15 -22.36 -31.35
C PRO D 883 5.62 -22.80 -31.25
N ARG D 884 5.95 -24.07 -31.63
CA ARG D 884 7.32 -24.58 -31.63
C ARG D 884 8.19 -23.82 -32.63
N LEU D 885 7.60 -23.44 -33.77
CA LEU D 885 8.27 -22.73 -34.85
C LEU D 885 8.15 -21.19 -34.74
N ALA D 886 7.22 -20.69 -33.89
CA ALA D 886 7.00 -19.25 -33.65
C ALA D 886 8.21 -18.58 -32.97
N VAL E 1 -29.31 -15.79 -16.14
CA VAL E 1 -29.75 -15.55 -17.52
C VAL E 1 -29.13 -14.22 -18.01
N HIS E 2 -28.22 -14.30 -19.03
CA HIS E 2 -27.49 -13.15 -19.58
C HIS E 2 -27.98 -12.83 -21.01
N ALA E 3 -28.54 -11.61 -21.19
CA ALA E 3 -29.06 -11.11 -22.47
C ALA E 3 -29.01 -9.58 -22.50
N THR E 4 -28.95 -8.98 -23.72
CA THR E 4 -28.94 -7.52 -23.91
C THR E 4 -30.38 -6.96 -23.66
N PRO E 5 -30.58 -5.66 -23.28
CA PRO E 5 -31.95 -5.16 -23.04
C PRO E 5 -32.82 -5.18 -24.28
N LEU E 6 -32.19 -5.34 -25.47
CA LEU E 6 -32.86 -5.46 -26.77
C LEU E 6 -33.48 -6.87 -26.89
N ILE E 7 -32.71 -7.92 -26.53
CA ILE E 7 -33.12 -9.33 -26.56
C ILE E 7 -34.15 -9.60 -25.44
N ARG E 8 -34.00 -8.92 -24.29
CA ARG E 8 -34.92 -9.04 -23.15
C ARG E 8 -36.28 -8.45 -23.52
N ARG E 9 -36.30 -7.32 -24.27
CA ARG E 9 -37.48 -6.61 -24.79
C ARG E 9 -38.14 -7.43 -25.91
N LEU E 10 -37.33 -8.12 -26.74
CA LEU E 10 -37.78 -8.97 -27.84
C LEU E 10 -38.51 -10.21 -27.30
N ALA E 11 -37.98 -10.77 -26.20
CA ALA E 11 -38.54 -11.95 -25.53
C ALA E 11 -39.88 -11.63 -24.84
N ARG E 12 -40.06 -10.39 -24.32
CA ARG E 12 -41.31 -10.00 -23.65
C ARG E 12 -42.44 -9.74 -24.68
N GLU E 13 -42.06 -9.25 -25.89
CA GLU E 13 -43.00 -8.98 -27.00
C GLU E 13 -43.57 -10.28 -27.60
N PHE E 14 -42.71 -11.30 -27.77
CA PHE E 14 -43.06 -12.59 -28.38
C PHE E 14 -43.41 -13.66 -27.34
N GLY E 15 -43.35 -13.31 -26.06
CA GLY E 15 -43.67 -14.20 -24.95
C GLY E 15 -42.70 -15.35 -24.80
N VAL E 16 -41.40 -15.08 -25.00
CA VAL E 16 -40.31 -16.04 -24.92
C VAL E 16 -39.70 -15.97 -23.52
N ASN E 17 -39.56 -17.13 -22.84
CA ASN E 17 -38.92 -17.19 -21.52
C ASN E 17 -37.43 -17.44 -21.74
N LEU E 18 -36.58 -16.40 -21.52
CA LEU E 18 -35.13 -16.48 -21.76
C LEU E 18 -34.41 -17.47 -20.83
N ALA E 19 -35.11 -18.03 -19.82
CA ALA E 19 -34.57 -19.06 -18.92
C ALA E 19 -34.66 -20.44 -19.59
N LYS E 20 -35.49 -20.55 -20.66
CA LYS E 20 -35.74 -21.78 -21.42
C LYS E 20 -34.93 -21.86 -22.75
N VAL E 21 -34.06 -20.86 -23.03
CA VAL E 21 -33.24 -20.82 -24.24
C VAL E 21 -31.73 -20.72 -23.85
N LYS E 22 -30.87 -21.51 -24.53
CA LYS E 22 -29.43 -21.53 -24.31
C LYS E 22 -28.73 -20.48 -25.18
N GLY E 23 -27.88 -19.68 -24.55
CA GLY E 23 -27.13 -18.61 -25.20
C GLY E 23 -25.77 -19.04 -25.72
N THR E 24 -25.49 -18.74 -27.00
CA THR E 24 -24.22 -19.05 -27.67
C THR E 24 -23.47 -17.75 -28.05
N GLY E 25 -23.56 -16.75 -27.17
CA GLY E 25 -22.92 -15.45 -27.34
C GLY E 25 -21.48 -15.40 -26.89
N ARG E 26 -21.01 -14.19 -26.52
CA ARG E 26 -19.63 -13.96 -26.07
C ARG E 26 -19.34 -14.71 -24.77
N LYS E 27 -20.12 -14.43 -23.71
CA LYS E 27 -19.95 -15.10 -22.41
C LYS E 27 -21.28 -15.79 -22.04
N GLY E 28 -21.81 -16.53 -23.00
CA GLY E 28 -23.07 -17.28 -22.86
C GLY E 28 -24.28 -16.38 -22.98
N ARG E 29 -24.11 -15.22 -23.64
CA ARG E 29 -25.17 -14.25 -23.86
C ARG E 29 -26.20 -14.78 -24.86
N ILE E 30 -27.51 -14.62 -24.54
CA ILE E 30 -28.58 -15.06 -25.44
C ILE E 30 -28.69 -14.00 -26.55
N LEU E 31 -28.38 -14.42 -27.80
CA LEU E 31 -28.40 -13.59 -29.01
C LEU E 31 -29.79 -13.60 -29.69
N ARG E 32 -29.94 -12.85 -30.80
CA ARG E 32 -31.20 -12.78 -31.56
C ARG E 32 -31.47 -14.12 -32.25
N GLU E 33 -30.40 -14.77 -32.76
CA GLU E 33 -30.41 -16.06 -33.45
C GLU E 33 -30.86 -17.20 -32.53
N ASP E 34 -30.47 -17.12 -31.23
CA ASP E 34 -30.81 -18.12 -30.18
C ASP E 34 -32.32 -18.14 -29.92
N VAL E 35 -32.96 -16.95 -29.82
CA VAL E 35 -34.39 -16.75 -29.59
C VAL E 35 -35.16 -17.18 -30.87
N GLN E 36 -34.56 -16.96 -32.06
CA GLN E 36 -35.13 -17.35 -33.34
C GLN E 36 -35.22 -18.89 -33.43
N ALA E 37 -34.12 -19.59 -33.03
CA ALA E 37 -34.01 -21.05 -33.02
C ALA E 37 -35.02 -21.70 -32.05
N TYR E 38 -35.30 -21.03 -30.92
CA TYR E 38 -36.23 -21.47 -29.87
C TYR E 38 -37.69 -21.34 -30.37
N VAL E 39 -38.02 -20.21 -31.06
CA VAL E 39 -39.35 -19.95 -31.60
C VAL E 39 -39.63 -20.95 -32.75
N LYS E 40 -38.63 -21.19 -33.63
CA LYS E 40 -38.69 -22.14 -34.76
C LYS E 40 -39.04 -23.58 -34.31
N GLU E 41 -38.42 -24.04 -33.20
CA GLU E 41 -38.64 -25.38 -32.63
C GLU E 41 -40.00 -25.51 -31.94
N ALA E 42 -40.50 -24.41 -31.33
CA ALA E 42 -41.79 -24.35 -30.62
C ALA E 42 -42.99 -24.39 -31.59
N ILE E 43 -42.80 -23.90 -32.85
CA ILE E 43 -43.82 -23.89 -33.92
C ILE E 43 -44.06 -25.34 -34.39
N LYS E 44 -42.98 -26.17 -34.41
CA LYS E 44 -43.00 -27.59 -34.79
C LYS E 44 -43.89 -28.43 -33.84
N ARG E 45 -44.12 -27.92 -32.61
CA ARG E 45 -45.00 -28.52 -31.60
C ARG E 45 -46.46 -28.09 -31.90
N ALA E 46 -47.06 -28.71 -32.94
CA ALA E 46 -48.41 -28.42 -33.40
C ALA E 46 -49.18 -29.70 -33.71
N VAL F 1 69.67 12.22 -1.19
CA VAL F 1 70.56 11.14 -0.75
C VAL F 1 69.77 9.81 -0.72
N HIS F 2 70.15 8.86 -1.61
CA HIS F 2 69.50 7.54 -1.72
C HIS F 2 70.40 6.45 -1.16
N ALA F 3 69.85 5.69 -0.19
CA ALA F 3 70.48 4.57 0.50
C ALA F 3 69.42 3.63 1.06
N THR F 4 69.82 2.38 1.29
CA THR F 4 68.98 1.32 1.84
C THR F 4 68.77 1.56 3.37
N PRO F 5 67.66 1.09 4.03
CA PRO F 5 67.53 1.33 5.48
C PRO F 5 68.61 0.64 6.32
N LEU F 6 69.30 -0.36 5.72
CA LEU F 6 70.42 -1.10 6.31
C LEU F 6 71.67 -0.20 6.29
N ILE F 7 71.94 0.47 5.15
CA ILE F 7 73.08 1.38 4.95
C ILE F 7 72.86 2.68 5.76
N ARG F 8 71.60 3.13 5.89
CA ARG F 8 71.23 4.31 6.67
C ARG F 8 71.46 4.07 8.16
N ARG F 9 71.13 2.86 8.67
CA ARG F 9 71.35 2.51 10.08
C ARG F 9 72.85 2.25 10.34
N LEU F 10 73.59 1.68 9.32
CA LEU F 10 75.04 1.42 9.39
C LEU F 10 75.79 2.74 9.54
N ALA F 11 75.34 3.78 8.80
CA ALA F 11 75.91 5.12 8.81
C ALA F 11 75.65 5.83 10.15
N ARG F 12 74.50 5.54 10.77
CA ARG F 12 74.09 6.10 12.06
C ARG F 12 74.97 5.56 13.20
N GLU F 13 75.30 4.25 13.15
CA GLU F 13 76.11 3.51 14.13
C GLU F 13 77.59 3.94 14.12
N PHE F 14 78.16 4.18 12.92
CA PHE F 14 79.56 4.54 12.71
C PHE F 14 79.76 6.06 12.58
N GLY F 15 78.67 6.81 12.64
CA GLY F 15 78.68 8.28 12.55
C GLY F 15 79.12 8.78 11.19
N VAL F 16 78.65 8.11 10.12
CA VAL F 16 78.95 8.43 8.72
C VAL F 16 77.81 9.30 8.16
N ASN F 17 78.16 10.46 7.56
CA ASN F 17 77.16 11.34 6.95
C ASN F 17 77.03 10.93 5.49
N LEU F 18 75.86 10.34 5.15
CA LEU F 18 75.50 9.80 3.83
C LEU F 18 75.49 10.89 2.72
N ALA F 19 75.52 12.19 3.11
CA ALA F 19 75.56 13.33 2.18
C ALA F 19 77.01 13.62 1.74
N LYS F 20 78.00 13.08 2.47
CA LYS F 20 79.44 13.26 2.24
C LYS F 20 80.09 12.07 1.48
N VAL F 21 79.31 11.04 1.09
CA VAL F 21 79.82 9.86 0.35
C VAL F 21 79.00 9.66 -0.96
N LYS F 22 79.73 9.45 -2.08
CA LYS F 22 79.16 9.25 -3.42
C LYS F 22 78.72 7.80 -3.61
N GLY F 23 77.48 7.61 -4.06
CA GLY F 23 76.87 6.30 -4.30
C GLY F 23 77.00 5.79 -5.72
N THR F 24 77.57 4.58 -5.86
CA THR F 24 77.81 3.92 -7.15
C THR F 24 76.89 2.68 -7.31
N GLY F 25 75.66 2.79 -6.81
CA GLY F 25 74.67 1.73 -6.87
C GLY F 25 73.86 1.68 -8.15
N ARG F 26 72.65 1.13 -8.06
CA ARG F 26 71.72 0.96 -9.18
C ARG F 26 71.28 2.32 -9.74
N LYS F 27 70.67 3.19 -8.89
CA LYS F 27 70.23 4.52 -9.30
C LYS F 27 70.94 5.57 -8.42
N GLY F 28 72.26 5.41 -8.27
CA GLY F 28 73.11 6.27 -7.45
C GLY F 28 72.96 5.98 -5.97
N ARG F 29 72.51 4.75 -5.63
CA ARG F 29 72.29 4.26 -4.26
C ARG F 29 73.63 4.06 -3.56
N ILE F 30 73.76 4.58 -2.32
CA ILE F 30 74.99 4.41 -1.55
C ILE F 30 74.99 2.97 -1.01
N LEU F 31 75.97 2.16 -1.47
CA LEU F 31 76.16 0.75 -1.12
C LEU F 31 77.02 0.58 0.14
N ARG F 32 77.24 -0.67 0.57
CA ARG F 32 78.07 -0.99 1.75
C ARG F 32 79.55 -0.67 1.45
N GLU F 33 80.00 -0.96 0.21
CA GLU F 33 81.36 -0.74 -0.28
C GLU F 33 81.71 0.75 -0.32
N ASP F 34 80.72 1.62 -0.66
CA ASP F 34 80.86 3.08 -0.75
C ASP F 34 81.18 3.68 0.63
N VAL F 35 80.46 3.22 1.68
CA VAL F 35 80.63 3.64 3.09
C VAL F 35 81.97 3.11 3.62
N GLN F 36 82.38 1.90 3.17
CA GLN F 36 83.65 1.28 3.54
C GLN F 36 84.82 2.11 3.02
N ALA F 37 84.73 2.55 1.73
CA ALA F 37 85.74 3.38 1.05
C ALA F 37 85.91 4.76 1.72
N TYR F 38 84.80 5.34 2.22
CA TYR F 38 84.73 6.63 2.89
C TYR F 38 85.39 6.55 4.28
N VAL F 39 85.11 5.45 5.04
CA VAL F 39 85.66 5.21 6.38
C VAL F 39 87.17 4.96 6.25
N LYS F 40 87.60 4.15 5.25
CA LYS F 40 89.01 3.81 4.97
C LYS F 40 89.87 5.07 4.70
N GLU F 41 89.33 6.05 3.93
CA GLU F 41 90.03 7.30 3.60
C GLU F 41 90.11 8.25 4.80
N ALA F 42 89.07 8.24 5.67
CA ALA F 42 88.99 9.10 6.87
C ALA F 42 89.97 8.65 7.97
N ILE F 43 90.33 7.34 8.02
CA ILE F 43 91.28 6.74 8.97
C ILE F 43 92.70 7.25 8.63
N LYS F 44 93.00 7.42 7.32
CA LYS F 44 94.28 7.92 6.79
C LYS F 44 94.59 9.35 7.27
N ARG F 45 93.53 10.10 7.66
CA ARG F 45 93.61 11.46 8.21
C ARG F 45 93.91 11.34 9.73
N ALA F 46 95.18 11.02 10.07
CA ALA F 46 95.64 10.84 11.45
C ALA F 46 97.01 11.48 11.65
#